data_5O5C
#
_entry.id   5O5C
#
_cell.length_a   269.791
_cell.length_b   269.791
_cell.length_c   56.194
_cell.angle_alpha   90.00
_cell.angle_beta   90.00
_cell.angle_gamma   120.00
#
_symmetry.space_group_name_H-M   'P 32'
#
loop_
_entity.id
_entity.type
_entity.pdbx_description
1 polymer 'Putative decarboxylase involved in desferrioxamine biosynthesis'
2 non-polymer "PYRIDOXAL-5'-PHOSPHATE"
3 water water
#
_entity_poly.entity_id   1
_entity_poly.type   'polypeptide(L)'
_entity_poly.pdbx_seq_one_letter_code
;GAMVPGSQTSPVSALPPDCGTGNPHDFIFNDHQLSAWARQTEQVLALMTETVKGVEKPFSGILPHELAREFSGVDLDQSL
GSNEAALEELKKLYLRDAVWFHHPKYVAHLNCPVVLPSLLAEQIMAAVNSSVDTWDQSAGGTLIEQKVIDWTLSRIGLPA
GADGIFTSGGTQSNLMAMLLARDSWCAAHHPGHLIKHRGLPHDAAKWRVFTSKLSHFSIQKSMAILGLGYDAVIPVDYDE
RYRMDVDCLKQEVQRCLQQGLIPVAVVATSGTTDFGSIDPLGAISELCKHHGMWMHVDAAYGCGLLVSESHRPRLAGIEK
ADSVTVDYHKSFFQTVSCGAFFVRDKHHLSHVTHHADYLNPLSAQQEGTPNLVNKSIQTTRRFDALKMWLTLRVSGPMAL
GNAFDDILALTQIAHQLLNAHPAIEVLHVPELTTQIFRYVPRPGMNDALTDEINTNIRKAVFRSGNAVIAGTKVNGRQYL
KFTLLNPNTTAADIEDVIALIVHYGREQVRGPAVTTAPL
;
_entity_poly.pdbx_strand_id   A,B,C,D,E,F
#
loop_
_chem_comp.id
_chem_comp.type
_chem_comp.name
_chem_comp.formula
PLP non-polymer PYRIDOXAL-5'-PHOSPHATE 'C8 H10 N O6 P'
#
# COMPACT_ATOMS: atom_id res chain seq x y z
N HIS A 25 -32.56 -18.64 -1.34
CA HIS A 25 -33.18 -17.64 -2.29
C HIS A 25 -34.04 -18.34 -3.33
N ASP A 26 -35.18 -18.75 -2.78
CA ASP A 26 -36.25 -19.56 -3.26
C ASP A 26 -36.93 -19.13 -4.55
N PHE A 27 -37.10 -17.82 -4.74
CA PHE A 27 -37.77 -17.24 -5.89
C PHE A 27 -36.94 -17.13 -7.19
N ILE A 28 -35.62 -17.45 -7.19
CA ILE A 28 -34.77 -17.29 -8.38
C ILE A 28 -35.09 -18.38 -9.41
N PHE A 29 -35.42 -18.02 -10.65
CA PHE A 29 -35.64 -19.06 -11.70
C PHE A 29 -34.34 -19.82 -11.97
N ASN A 30 -34.34 -21.15 -11.81
CA ASN A 30 -33.17 -22.01 -12.10
C ASN A 30 -33.52 -23.49 -12.02
N ASP A 31 -32.53 -24.37 -12.06
CA ASP A 31 -32.76 -25.81 -11.98
C ASP A 31 -33.60 -26.24 -10.80
N HIS A 32 -33.29 -25.72 -9.59
CA HIS A 32 -34.04 -26.14 -8.39
C HIS A 32 -35.51 -25.67 -8.34
N GLN A 33 -35.86 -24.61 -9.08
CA GLN A 33 -37.24 -24.07 -9.06
C GLN A 33 -38.07 -24.39 -10.31
N LEU A 34 -37.73 -25.44 -11.05
CA LEU A 34 -38.44 -25.76 -12.28
C LEU A 34 -39.83 -26.32 -12.03
N SER A 35 -40.00 -27.09 -10.97
CA SER A 35 -41.35 -27.60 -10.65
C SER A 35 -42.25 -26.43 -10.24
N ALA A 36 -41.72 -25.49 -9.45
CA ALA A 36 -42.48 -24.31 -9.07
C ALA A 36 -42.84 -23.45 -10.29
N TRP A 37 -41.92 -23.35 -11.26
CA TRP A 37 -42.21 -22.65 -12.50
C TRP A 37 -43.45 -23.27 -13.17
N ALA A 38 -43.38 -24.58 -13.41
CA ALA A 38 -44.49 -25.36 -14.03
C ALA A 38 -45.86 -25.29 -13.34
N ARG A 39 -45.85 -25.28 -12.01
CA ARG A 39 -47.07 -25.20 -11.21
C ARG A 39 -47.75 -23.86 -11.35
N GLN A 40 -46.94 -22.79 -11.33
CA GLN A 40 -47.40 -21.42 -11.53
C GLN A 40 -47.82 -21.17 -12.99
N THR A 41 -47.15 -21.81 -13.94
CA THR A 41 -47.52 -21.67 -15.35
C THR A 41 -48.91 -22.24 -15.60
N GLU A 42 -49.15 -23.42 -15.03
CA GLU A 42 -50.48 -24.05 -15.01
C GLU A 42 -51.51 -23.18 -14.31
N GLN A 43 -51.11 -22.46 -13.28
CA GLN A 43 -52.08 -21.60 -12.57
C GLN A 43 -52.57 -20.49 -13.51
N VAL A 44 -51.65 -19.82 -14.19
CA VAL A 44 -52.00 -18.74 -15.07
C VAL A 44 -52.86 -19.26 -16.24
N LEU A 45 -52.54 -20.45 -16.78
CA LEU A 45 -53.32 -21.04 -17.85
C LEU A 45 -54.74 -21.27 -17.38
N ALA A 46 -54.91 -21.82 -16.19
CA ALA A 46 -56.28 -21.96 -15.59
C ALA A 46 -56.96 -20.58 -15.46
N LEU A 47 -56.29 -19.61 -14.85
CA LEU A 47 -56.86 -18.26 -14.63
C LEU A 47 -57.24 -17.54 -15.94
N MET A 48 -56.33 -17.56 -16.90
CA MET A 48 -56.53 -16.95 -18.22
C MET A 48 -57.60 -17.61 -19.08
N THR A 49 -57.69 -18.94 -19.00
CA THR A 49 -58.74 -19.67 -19.74
C THR A 49 -60.10 -19.19 -19.21
N GLU A 50 -60.25 -19.24 -17.88
CA GLU A 50 -61.49 -18.82 -17.21
C GLU A 50 -61.80 -17.40 -17.69
N THR A 51 -60.81 -16.52 -17.59
CA THR A 51 -61.03 -15.10 -17.92
C THR A 51 -61.47 -14.83 -19.35
N VAL A 52 -60.73 -15.40 -20.30
CA VAL A 52 -60.99 -15.18 -21.72
C VAL A 52 -62.31 -15.82 -22.14
N LYS A 53 -62.64 -16.98 -21.58
CA LYS A 53 -63.93 -17.63 -21.82
C LYS A 53 -65.10 -16.72 -21.48
N GLY A 54 -65.05 -16.08 -20.30
CA GLY A 54 -66.07 -15.13 -19.83
C GLY A 54 -66.03 -13.70 -20.37
N VAL A 55 -65.11 -13.39 -21.30
CA VAL A 55 -65.11 -12.08 -21.98
C VAL A 55 -66.25 -12.06 -23.01
N GLU A 56 -67.25 -11.24 -22.74
CA GLU A 56 -68.48 -11.17 -23.59
C GLU A 56 -68.56 -9.87 -24.37
N LYS A 57 -67.79 -8.87 -23.94
CA LYS A 57 -67.58 -7.60 -24.65
C LYS A 57 -66.10 -7.13 -24.51
N PRO A 58 -65.63 -6.21 -25.39
CA PRO A 58 -64.22 -5.78 -25.41
C PRO A 58 -63.78 -4.88 -24.24
N PHE A 59 -64.69 -4.25 -23.53
CA PHE A 59 -64.33 -3.43 -22.37
C PHE A 59 -65.51 -3.35 -21.42
N SER A 60 -65.26 -2.99 -20.15
CA SER A 60 -66.28 -2.92 -19.13
C SER A 60 -66.98 -1.54 -19.05
N GLY A 61 -66.35 -0.53 -19.57
CA GLY A 61 -66.91 0.79 -19.57
C GLY A 61 -66.43 1.61 -18.42
N ILE A 62 -65.62 1.03 -17.54
CA ILE A 62 -65.25 1.72 -16.33
C ILE A 62 -64.41 2.95 -16.57
N LEU A 63 -64.69 3.97 -15.77
CA LEU A 63 -63.93 5.20 -15.87
C LEU A 63 -62.64 5.12 -15.02
N PRO A 64 -61.68 6.02 -15.31
CA PRO A 64 -60.44 5.99 -14.54
C PRO A 64 -60.65 6.28 -13.04
N HIS A 65 -61.36 7.33 -12.72
CA HIS A 65 -61.63 7.65 -11.33
C HIS A 65 -62.32 6.52 -10.58
N GLU A 66 -63.10 5.67 -11.28
CA GLU A 66 -63.83 4.54 -10.70
C GLU A 66 -62.91 3.40 -10.29
N LEU A 67 -62.11 2.91 -11.24
CA LEU A 67 -61.18 1.81 -10.97
C LEU A 67 -60.13 2.26 -9.98
N ALA A 68 -59.75 3.54 -10.03
CA ALA A 68 -58.77 4.09 -9.04
C ALA A 68 -59.20 3.88 -7.57
N ARG A 69 -60.51 3.96 -7.31
CA ARG A 69 -61.05 3.83 -5.97
C ARG A 69 -60.75 2.48 -5.36
N GLU A 70 -60.56 1.46 -6.19
CA GLU A 70 -60.08 0.17 -5.72
C GLU A 70 -58.55 0.13 -5.51
N PHE A 71 -57.81 0.77 -6.39
CA PHE A 71 -56.36 0.70 -6.39
C PHE A 71 -55.65 1.21 -5.17
N SER A 72 -56.15 2.29 -4.61
CA SER A 72 -55.57 2.84 -3.40
C SER A 72 -55.74 1.90 -2.16
N GLY A 73 -56.64 0.91 -2.24
CA GLY A 73 -56.74 -0.16 -1.24
C GLY A 73 -55.58 -1.17 -1.23
N VAL A 74 -54.49 -0.85 -1.95
CA VAL A 74 -53.36 -1.73 -2.12
C VAL A 74 -52.13 -0.97 -1.58
N ASP A 75 -51.34 -1.64 -0.75
CA ASP A 75 -50.11 -1.09 -0.20
C ASP A 75 -48.98 -1.99 -0.67
N LEU A 76 -48.11 -1.44 -1.48
CA LEU A 76 -47.11 -2.21 -2.17
C LEU A 76 -45.96 -2.73 -1.22
N ASP A 77 -45.74 -2.03 -0.10
CA ASP A 77 -44.84 -2.49 0.98
C ASP A 77 -45.35 -3.71 1.82
N GLN A 78 -46.62 -4.07 1.64
CA GLN A 78 -47.26 -5.14 2.42
C GLN A 78 -47.81 -6.21 1.46
N GLY A 81 -49.27 -12.39 -0.09
CA GLY A 81 -47.88 -12.84 -0.31
C GLY A 81 -47.71 -14.25 -0.90
N SER A 82 -48.61 -14.65 -1.81
CA SER A 82 -48.32 -15.71 -2.77
C SER A 82 -48.91 -15.40 -4.16
N ASN A 83 -48.62 -16.30 -5.10
CA ASN A 83 -49.19 -16.24 -6.46
C ASN A 83 -50.72 -16.21 -6.45
N GLU A 84 -51.31 -17.26 -5.88
CA GLU A 84 -52.79 -17.44 -5.81
C GLU A 84 -53.49 -16.20 -5.28
N ALA A 85 -52.99 -15.61 -4.20
CA ALA A 85 -53.55 -14.35 -3.67
C ALA A 85 -53.27 -13.18 -4.63
N ALA A 86 -52.06 -13.13 -5.19
CA ALA A 86 -51.70 -12.03 -6.12
C ALA A 86 -52.56 -12.07 -7.39
N LEU A 87 -52.76 -13.27 -7.92
CA LEU A 87 -53.58 -13.45 -9.12
C LEU A 87 -55.05 -13.21 -8.83
N GLU A 88 -55.50 -13.51 -7.61
CA GLU A 88 -56.91 -13.24 -7.23
C GLU A 88 -57.16 -11.75 -7.21
N GLU A 89 -56.23 -11.03 -6.58
CA GLU A 89 -56.26 -9.59 -6.60
C GLU A 89 -56.19 -9.04 -8.02
N LEU A 90 -55.38 -9.66 -8.89
CA LEU A 90 -55.15 -9.14 -10.25
C LEU A 90 -56.41 -9.22 -11.11
N LYS A 91 -57.29 -10.16 -10.77
CA LYS A 91 -58.61 -10.29 -11.38
C LYS A 91 -59.38 -9.00 -11.42
N LYS A 92 -59.48 -8.30 -10.28
CA LYS A 92 -60.34 -7.11 -10.14
C LYS A 92 -59.69 -5.81 -10.52
N LEU A 93 -58.38 -5.73 -10.31
CA LEU A 93 -57.60 -4.54 -10.60
C LEU A 93 -57.05 -4.48 -12.02
N TYR A 94 -56.97 -5.61 -12.72
CA TYR A 94 -56.43 -5.63 -14.08
C TYR A 94 -57.26 -6.33 -15.14
N LEU A 95 -57.56 -7.60 -14.91
CA LEU A 95 -58.26 -8.45 -15.88
C LEU A 95 -59.73 -8.03 -16.09
N ARG A 96 -60.38 -7.67 -15.00
CA ARG A 96 -61.75 -7.24 -15.02
C ARG A 96 -62.04 -6.17 -16.06
N ASP A 97 -61.23 -5.14 -16.08
CA ASP A 97 -61.52 -3.95 -16.83
C ASP A 97 -60.54 -3.75 -17.98
N ALA A 98 -59.79 -4.80 -18.31
CA ALA A 98 -58.83 -4.73 -19.44
C ALA A 98 -59.56 -4.51 -20.77
N VAL A 99 -58.88 -3.83 -21.70
CA VAL A 99 -59.38 -3.73 -23.07
C VAL A 99 -58.90 -5.00 -23.78
N TRP A 100 -59.83 -5.75 -24.39
CA TRP A 100 -59.58 -7.08 -24.92
C TRP A 100 -59.55 -7.03 -26.40
N PHE A 101 -58.34 -7.05 -26.94
CA PHE A 101 -58.11 -6.76 -28.32
C PHE A 101 -58.44 -7.92 -29.23
N HIS A 102 -58.55 -9.12 -28.62
CA HIS A 102 -58.93 -10.32 -29.31
C HIS A 102 -60.40 -10.28 -29.66
N HIS A 103 -61.17 -9.52 -28.87
CA HIS A 103 -62.61 -9.52 -28.98
C HIS A 103 -62.98 -8.77 -30.24
N PRO A 104 -63.84 -9.37 -31.10
CA PRO A 104 -64.14 -8.88 -32.44
C PRO A 104 -64.72 -7.49 -32.52
N LYS A 105 -65.27 -6.96 -31.43
CA LYS A 105 -65.82 -5.60 -31.34
C LYS A 105 -64.86 -4.58 -30.77
N TYR A 106 -63.64 -4.98 -30.43
CA TYR A 106 -62.53 -4.02 -30.43
C TYR A 106 -62.13 -3.54 -31.84
N VAL A 107 -62.50 -2.33 -32.24
CA VAL A 107 -62.27 -1.82 -33.60
C VAL A 107 -61.74 -0.40 -33.63
N ALA A 108 -60.78 -0.13 -32.75
CA ALA A 108 -60.37 1.24 -32.42
C ALA A 108 -59.01 1.63 -32.99
N HIS A 109 -57.91 1.35 -32.28
CA HIS A 109 -56.62 1.78 -32.73
C HIS A 109 -56.00 0.57 -33.39
N LEU A 110 -54.72 0.68 -33.66
CA LEU A 110 -53.96 -0.41 -34.23
C LEU A 110 -53.42 -1.42 -33.22
N ASN A 111 -54.29 -2.05 -32.44
CA ASN A 111 -53.91 -3.12 -31.49
C ASN A 111 -54.44 -4.45 -32.00
N CYS A 112 -53.58 -5.18 -32.70
CA CYS A 112 -53.91 -6.44 -33.30
C CYS A 112 -54.04 -7.57 -32.32
N PRO A 113 -54.92 -8.50 -32.65
CA PRO A 113 -54.83 -9.76 -31.97
C PRO A 113 -53.43 -10.30 -32.10
N VAL A 114 -53.14 -11.27 -31.25
CA VAL A 114 -51.83 -11.85 -31.20
C VAL A 114 -51.89 -13.33 -31.61
N VAL A 115 -50.90 -13.77 -32.41
CA VAL A 115 -50.70 -15.17 -32.78
C VAL A 115 -49.94 -16.06 -31.72
N LEU A 116 -50.34 -17.30 -31.67
CA LEU A 116 -49.79 -18.25 -30.71
C LEU A 116 -48.27 -18.50 -30.71
N PRO A 117 -47.60 -18.49 -31.88
CA PRO A 117 -46.12 -18.57 -31.84
C PRO A 117 -45.41 -17.39 -31.16
N SER A 118 -46.10 -16.26 -31.11
CA SER A 118 -45.59 -15.05 -30.46
C SER A 118 -45.62 -15.25 -28.96
N LEU A 119 -46.69 -15.85 -28.47
CA LEU A 119 -46.77 -16.30 -27.08
C LEU A 119 -45.77 -17.40 -26.76
N LEU A 120 -45.55 -18.30 -27.72
CA LEU A 120 -44.54 -19.36 -27.59
C LEU A 120 -43.17 -18.74 -27.31
N ALA A 121 -42.79 -17.77 -28.13
CA ALA A 121 -41.52 -17.06 -28.03
C ALA A 121 -41.39 -16.31 -26.73
N GLU A 122 -42.42 -15.59 -26.32
CA GLU A 122 -42.40 -14.89 -25.03
C GLU A 122 -42.16 -15.80 -23.84
N GLN A 123 -42.77 -17.00 -23.81
CA GLN A 123 -42.62 -17.91 -22.68
C GLN A 123 -41.16 -18.36 -22.51
N ILE A 124 -40.51 -18.58 -23.62
CA ILE A 124 -39.11 -18.97 -23.64
C ILE A 124 -38.20 -17.79 -23.32
N MET A 125 -38.52 -16.63 -23.89
CA MET A 125 -37.74 -15.42 -23.72
C MET A 125 -37.60 -15.05 -22.24
N ALA A 126 -38.74 -15.16 -21.50
CA ALA A 126 -38.85 -14.96 -20.05
C ALA A 126 -37.91 -15.89 -19.25
N ALA A 127 -37.77 -17.11 -19.73
CA ALA A 127 -37.01 -18.13 -18.97
C ALA A 127 -35.54 -17.90 -19.18
N VAL A 128 -35.11 -17.76 -20.44
CA VAL A 128 -33.73 -17.57 -20.80
C VAL A 128 -33.23 -16.14 -20.66
N ASN A 129 -34.06 -15.15 -21.07
CA ASN A 129 -33.81 -13.74 -20.84
C ASN A 129 -32.54 -13.22 -21.46
N SER A 130 -32.28 -13.56 -22.71
CA SER A 130 -31.05 -13.09 -23.35
C SER A 130 -31.19 -11.61 -23.64
N SER A 131 -30.07 -10.94 -23.72
CA SER A 131 -29.99 -9.55 -24.11
C SER A 131 -29.17 -9.56 -25.37
N VAL A 132 -29.80 -9.21 -26.50
CA VAL A 132 -29.27 -9.49 -27.83
C VAL A 132 -28.44 -8.33 -28.44
N ASP A 133 -28.07 -7.41 -27.59
CA ASP A 133 -27.11 -6.38 -27.93
C ASP A 133 -25.66 -6.88 -28.10
N THR A 134 -25.35 -8.05 -27.55
CA THR A 134 -24.00 -8.59 -27.66
C THR A 134 -24.07 -10.08 -27.88
N TRP A 135 -23.10 -10.62 -28.60
CA TRP A 135 -22.99 -12.08 -28.71
C TRP A 135 -22.82 -12.70 -27.34
N ASP A 136 -22.02 -12.09 -26.46
CA ASP A 136 -21.84 -12.78 -25.14
C ASP A 136 -23.04 -12.77 -24.14
N GLN A 137 -24.17 -12.20 -24.54
CA GLN A 137 -25.36 -12.23 -23.71
C GLN A 137 -26.57 -12.87 -24.44
N SER A 138 -26.32 -13.49 -25.59
CA SER A 138 -27.36 -14.13 -26.39
C SER A 138 -26.89 -15.22 -27.37
N ALA A 139 -25.63 -15.29 -27.77
CA ALA A 139 -25.23 -16.40 -28.68
C ALA A 139 -26.12 -16.51 -29.95
N GLY A 140 -26.89 -17.59 -30.10
CA GLY A 140 -27.79 -17.72 -31.22
C GLY A 140 -28.91 -16.70 -31.30
N GLY A 141 -29.21 -15.99 -30.21
CA GLY A 141 -30.20 -14.92 -30.22
C GLY A 141 -29.85 -13.85 -31.24
N THR A 142 -28.55 -13.52 -31.26
CA THR A 142 -27.94 -12.58 -32.16
C THR A 142 -28.13 -12.97 -33.66
N LEU A 143 -27.85 -14.24 -33.95
CA LEU A 143 -27.93 -14.76 -35.30
C LEU A 143 -29.41 -14.91 -35.77
N ILE A 144 -30.29 -15.42 -34.91
CA ILE A 144 -31.74 -15.46 -35.20
C ILE A 144 -32.27 -14.06 -35.54
N GLU A 145 -31.82 -13.05 -34.80
CA GLU A 145 -32.26 -11.72 -35.11
C GLU A 145 -31.75 -11.33 -36.51
N GLN A 146 -30.46 -11.53 -36.75
CA GLN A 146 -29.90 -11.19 -38.05
C GLN A 146 -30.67 -11.94 -39.17
N LYS A 147 -31.09 -13.17 -38.90
CA LYS A 147 -31.98 -13.95 -39.81
C LYS A 147 -33.35 -13.37 -40.13
N VAL A 148 -34.02 -12.82 -39.11
CA VAL A 148 -35.29 -12.16 -39.33
C VAL A 148 -35.11 -10.82 -40.02
N ILE A 149 -34.07 -10.06 -39.67
CA ILE A 149 -33.74 -8.83 -40.41
C ILE A 149 -33.43 -9.06 -41.91
N ASP A 150 -32.65 -10.08 -42.22
CA ASP A 150 -32.29 -10.37 -43.62
C ASP A 150 -33.51 -10.73 -44.43
N TRP A 151 -34.34 -11.59 -43.87
CA TRP A 151 -35.62 -11.98 -44.49
C TRP A 151 -36.55 -10.77 -44.75
N THR A 152 -36.69 -9.90 -43.76
CA THR A 152 -37.61 -8.76 -43.94
C THR A 152 -37.02 -7.88 -45.04
N LEU A 153 -35.71 -7.73 -44.96
CA LEU A 153 -34.94 -7.05 -45.99
C LEU A 153 -35.21 -7.60 -47.40
N SER A 154 -35.22 -8.93 -47.54
CA SER A 154 -35.55 -9.54 -48.83
C SER A 154 -36.96 -9.18 -49.29
N ARG A 155 -37.91 -9.06 -48.34
CA ARG A 155 -39.29 -8.77 -48.66
C ARG A 155 -39.47 -7.33 -49.07
N ILE A 156 -38.75 -6.43 -48.39
CA ILE A 156 -38.77 -5.04 -48.74
C ILE A 156 -38.08 -4.84 -50.09
N GLY A 157 -37.07 -5.66 -50.36
CA GLY A 157 -36.23 -5.51 -51.57
C GLY A 157 -35.19 -4.40 -51.55
N LEU A 158 -34.63 -4.09 -50.38
CA LEU A 158 -33.47 -3.20 -50.35
C LEU A 158 -32.26 -3.91 -50.99
N PRO A 159 -31.29 -3.15 -51.51
CA PRO A 159 -30.11 -3.79 -52.14
C PRO A 159 -29.14 -4.45 -51.13
N ALA A 160 -28.08 -5.03 -51.69
CA ALA A 160 -27.07 -5.85 -50.96
C ALA A 160 -26.59 -5.37 -49.58
N GLY A 161 -25.89 -4.23 -49.53
CA GLY A 161 -25.38 -3.73 -48.25
C GLY A 161 -26.40 -3.06 -47.32
N ALA A 162 -27.67 -3.38 -47.49
CA ALA A 162 -28.73 -3.00 -46.55
C ALA A 162 -28.56 -3.74 -45.20
N ASP A 163 -29.06 -3.14 -44.11
CA ASP A 163 -29.12 -3.84 -42.83
C ASP A 163 -30.26 -3.28 -41.99
N GLY A 164 -30.45 -3.85 -40.80
CA GLY A 164 -31.46 -3.44 -39.87
C GLY A 164 -31.32 -3.93 -38.47
N ILE A 165 -32.18 -3.40 -37.60
CA ILE A 165 -32.13 -3.70 -36.17
C ILE A 165 -33.51 -3.63 -35.56
N PHE A 166 -33.82 -4.56 -34.67
CA PHE A 166 -34.98 -4.46 -33.87
C PHE A 166 -34.84 -3.27 -32.89
N THR A 167 -35.94 -2.62 -32.64
CA THR A 167 -36.03 -1.43 -31.82
C THR A 167 -37.22 -1.72 -30.91
N SER A 168 -37.53 -0.79 -30.02
CA SER A 168 -38.73 -0.86 -29.18
C SER A 168 -40.06 -0.63 -29.90
N GLY A 169 -40.01 0.00 -31.08
CA GLY A 169 -41.18 0.23 -31.86
C GLY A 169 -40.98 1.32 -32.90
N GLY A 170 -42.05 1.61 -33.64
CA GLY A 170 -42.05 2.65 -34.65
C GLY A 170 -41.51 4.02 -34.30
N THR A 171 -41.80 4.50 -33.11
CA THR A 171 -41.30 5.76 -32.63
C THR A 171 -39.76 5.83 -32.61
N GLN A 172 -39.14 4.82 -32.00
CA GLN A 172 -37.69 4.76 -31.92
C GLN A 172 -37.12 4.53 -33.34
N SER A 173 -37.84 3.72 -34.11
CA SER A 173 -37.43 3.42 -35.46
C SER A 173 -37.36 4.72 -36.29
N ASN A 174 -38.33 5.62 -36.11
CA ASN A 174 -38.43 6.88 -36.83
C ASN A 174 -37.42 7.89 -36.28
N LEU A 175 -37.13 7.83 -34.99
CA LEU A 175 -35.99 8.60 -34.42
C LEU A 175 -34.71 8.17 -35.08
N MET A 176 -34.50 6.88 -35.21
CA MET A 176 -33.35 6.41 -35.96
C MET A 176 -33.28 6.99 -37.39
N ALA A 177 -34.39 6.93 -38.14
CA ALA A 177 -34.48 7.53 -39.50
C ALA A 177 -34.02 8.98 -39.59
N MET A 178 -34.50 9.82 -38.66
CA MET A 178 -34.25 11.21 -38.70
C MET A 178 -32.87 11.56 -38.14
N LEU A 179 -32.34 10.70 -37.24
CA LEU A 179 -30.97 10.77 -36.77
C LEU A 179 -30.01 10.57 -37.94
N LEU A 180 -30.23 9.50 -38.70
CA LEU A 180 -29.43 9.18 -39.88
C LEU A 180 -29.61 10.17 -41.02
N ALA A 181 -30.83 10.63 -41.30
CA ALA A 181 -30.92 11.64 -42.34
C ALA A 181 -30.08 12.87 -41.94
N ARG A 182 -30.20 13.26 -40.67
CA ARG A 182 -29.47 14.43 -40.11
C ARG A 182 -27.95 14.28 -40.18
N ASP A 183 -27.45 13.18 -39.61
CA ASP A 183 -26.00 12.92 -39.52
C ASP A 183 -25.36 12.59 -40.88
N SER A 184 -26.06 11.86 -41.73
CA SER A 184 -25.51 11.54 -43.06
C SER A 184 -25.40 12.83 -43.93
N TRP A 185 -26.44 13.66 -43.89
CA TRP A 185 -26.45 14.95 -44.59
C TRP A 185 -25.25 15.77 -44.16
N CYS A 186 -25.07 15.91 -42.85
CA CYS A 186 -23.90 16.66 -42.35
C CYS A 186 -22.53 16.07 -42.75
N ALA A 187 -22.37 14.76 -42.72
CA ALA A 187 -21.06 14.15 -43.08
C ALA A 187 -20.72 14.38 -44.57
N ALA A 188 -21.76 14.30 -45.40
CA ALA A 188 -21.60 14.45 -46.82
C ALA A 188 -21.35 15.90 -47.23
N HIS A 189 -21.99 16.86 -46.55
CA HIS A 189 -21.82 18.27 -46.89
C HIS A 189 -20.78 19.02 -46.10
N HIS A 190 -20.50 18.61 -44.87
CA HIS A 190 -19.46 19.25 -44.10
C HIS A 190 -18.37 18.20 -43.93
N PRO A 191 -17.47 18.09 -44.94
CA PRO A 191 -16.50 16.99 -44.92
C PRO A 191 -15.78 16.91 -43.58
N GLY A 192 -15.71 15.69 -43.05
CA GLY A 192 -15.15 15.43 -41.72
C GLY A 192 -15.74 16.21 -40.54
N HIS A 193 -16.98 16.68 -40.66
CA HIS A 193 -17.73 17.23 -39.53
C HIS A 193 -18.72 16.16 -39.23
N LEU A 194 -18.45 15.35 -38.21
CA LEU A 194 -19.42 14.37 -37.73
C LEU A 194 -20.13 14.94 -36.47
N ILE A 195 -21.45 15.03 -36.54
CA ILE A 195 -22.32 15.58 -35.50
C ILE A 195 -22.17 14.78 -34.19
N LYS A 196 -22.04 13.48 -34.35
CA LYS A 196 -21.63 12.57 -33.31
C LYS A 196 -20.66 13.22 -32.31
N HIS A 197 -19.61 13.83 -32.84
CA HIS A 197 -18.55 14.44 -32.02
C HIS A 197 -18.78 15.90 -31.68
N ARG A 198 -19.08 16.68 -32.72
CA ARG A 198 -18.99 18.12 -32.66
C ARG A 198 -20.33 18.79 -32.38
N GLY A 199 -21.44 18.03 -32.43
CA GLY A 199 -22.79 18.59 -32.35
C GLY A 199 -23.23 19.18 -33.68
N LEU A 200 -24.31 19.95 -33.69
CA LEU A 200 -24.88 20.47 -34.97
C LEU A 200 -23.97 21.53 -35.60
N PRO A 201 -23.73 21.42 -36.92
CA PRO A 201 -22.97 22.46 -37.60
C PRO A 201 -23.76 23.75 -37.80
N HIS A 202 -23.00 24.76 -38.17
CA HIS A 202 -23.41 26.16 -38.40
C HIS A 202 -24.77 26.28 -39.13
N ASP A 203 -24.95 25.57 -40.26
CA ASP A 203 -26.17 25.75 -41.12
C ASP A 203 -27.43 24.93 -40.73
N ALA A 204 -27.44 24.26 -39.57
CA ALA A 204 -28.44 23.22 -39.26
C ALA A 204 -29.86 23.72 -38.99
N ALA A 205 -29.98 24.91 -38.41
CA ALA A 205 -31.26 25.58 -38.31
C ALA A 205 -31.95 25.82 -39.67
N LYS A 206 -31.23 25.69 -40.77
CA LYS A 206 -31.83 25.76 -42.08
C LYS A 206 -32.41 24.43 -42.59
N TRP A 207 -31.98 23.30 -42.05
CA TRP A 207 -32.35 21.99 -42.61
C TRP A 207 -33.84 21.75 -42.45
N ARG A 208 -34.44 21.06 -43.43
CA ARG A 208 -35.87 20.83 -43.46
C ARG A 208 -36.22 19.40 -43.86
N VAL A 209 -37.27 18.90 -43.22
CA VAL A 209 -37.77 17.60 -43.54
C VAL A 209 -39.19 17.77 -43.92
N PHE A 210 -39.60 17.06 -44.96
CA PHE A 210 -40.96 17.13 -45.48
C PHE A 210 -41.77 15.84 -45.24
N THR A 211 -42.97 16.00 -44.72
CA THR A 211 -43.84 14.86 -44.48
C THR A 211 -45.26 15.22 -44.79
N SER A 212 -46.10 14.24 -44.87
CA SER A 212 -47.53 14.48 -45.03
C SER A 212 -48.12 15.06 -43.72
N LYS A 213 -49.23 15.80 -43.88
CA LYS A 213 -50.00 16.28 -42.76
C LYS A 213 -50.68 15.17 -42.02
N LEU A 214 -50.75 13.99 -42.61
CA LEU A 214 -51.32 12.82 -41.94
C LEU A 214 -50.27 11.84 -41.48
N SER A 215 -49.00 12.24 -41.56
CA SER A 215 -47.86 11.52 -41.05
C SER A 215 -47.98 11.40 -39.57
N HIS A 216 -47.29 10.41 -39.03
CA HIS A 216 -47.29 10.18 -37.63
C HIS A 216 -46.48 11.20 -36.85
N PHE A 217 -47.03 11.63 -35.73
CA PHE A 217 -46.39 12.62 -34.86
C PHE A 217 -44.99 12.25 -34.33
N SER A 218 -44.55 11.00 -34.44
CA SER A 218 -43.20 10.63 -34.05
C SER A 218 -42.16 11.43 -34.86
N ILE A 219 -42.53 11.86 -36.07
CA ILE A 219 -41.60 12.63 -36.90
C ILE A 219 -41.22 13.91 -36.19
N GLN A 220 -42.21 14.74 -35.91
CA GLN A 220 -41.95 16.02 -35.24
C GLN A 220 -41.22 15.79 -33.90
N LYS A 221 -41.69 14.83 -33.11
CA LYS A 221 -41.05 14.47 -31.80
C LYS A 221 -39.58 14.11 -31.97
N SER A 222 -39.26 13.33 -32.99
CA SER A 222 -37.85 13.04 -33.24
C SER A 222 -37.05 14.33 -33.51
N MET A 223 -37.60 15.24 -34.32
CA MET A 223 -36.90 16.45 -34.68
C MET A 223 -36.72 17.34 -33.42
N ALA A 224 -37.66 17.33 -32.51
CA ALA A 224 -37.51 18.03 -31.22
C ALA A 224 -36.30 17.45 -30.46
N ILE A 225 -36.25 16.13 -30.36
CA ILE A 225 -35.15 15.41 -29.68
C ILE A 225 -33.85 15.77 -30.35
N LEU A 226 -33.84 15.70 -31.68
CA LEU A 226 -32.63 15.91 -32.48
C LEU A 226 -32.09 17.36 -32.41
N GLY A 227 -32.80 18.22 -31.70
CA GLY A 227 -32.42 19.61 -31.57
C GLY A 227 -32.75 20.54 -32.71
N LEU A 228 -33.59 20.11 -33.64
CA LEU A 228 -33.97 20.92 -34.80
C LEU A 228 -35.36 21.51 -34.63
N GLY A 229 -36.22 20.84 -33.87
CA GLY A 229 -37.53 21.39 -33.49
C GLY A 229 -38.64 21.04 -34.45
N TYR A 230 -39.89 21.14 -34.02
CA TYR A 230 -41.04 20.98 -34.93
C TYR A 230 -40.93 21.91 -36.14
N ASP A 231 -40.23 23.04 -36.01
CA ASP A 231 -40.03 23.98 -37.14
C ASP A 231 -39.31 23.39 -38.32
N ALA A 232 -38.46 22.39 -38.08
CA ALA A 232 -37.71 21.81 -39.14
C ALA A 232 -38.57 20.83 -39.95
N VAL A 233 -39.86 20.66 -39.59
CA VAL A 233 -40.75 19.82 -40.34
C VAL A 233 -41.69 20.67 -41.19
N ILE A 234 -41.76 20.38 -42.49
CA ILE A 234 -42.64 21.08 -43.39
C ILE A 234 -43.79 20.12 -43.75
N PRO A 235 -44.99 20.37 -43.24
CA PRO A 235 -46.10 19.47 -43.63
C PRO A 235 -46.56 19.66 -45.09
N VAL A 236 -46.83 18.55 -45.78
CA VAL A 236 -47.16 18.54 -47.18
C VAL A 236 -48.62 18.11 -47.33
N ASP A 237 -49.35 18.84 -48.17
CA ASP A 237 -50.74 18.53 -48.44
C ASP A 237 -50.92 17.18 -49.11
N TYR A 238 -52.08 16.61 -48.84
CA TYR A 238 -52.48 15.32 -49.36
C TYR A 238 -53.52 15.42 -50.49
N ASP A 239 -53.62 14.34 -51.24
CA ASP A 239 -54.58 14.02 -52.30
C ASP A 239 -56.01 13.90 -51.85
N GLU A 240 -56.87 13.78 -52.87
CA GLU A 240 -58.25 13.32 -52.72
C GLU A 240 -58.41 11.93 -52.08
N ARG A 241 -57.36 11.11 -52.10
CA ARG A 241 -57.39 9.85 -51.36
C ARG A 241 -56.44 9.89 -50.16
N TYR A 242 -56.18 11.08 -49.62
CA TYR A 242 -55.35 11.25 -48.44
C TYR A 242 -53.93 10.64 -48.53
N ARG A 243 -53.42 10.49 -49.76
CA ARG A 243 -52.02 10.27 -50.04
C ARG A 243 -51.38 11.61 -50.19
N MET A 244 -50.15 11.75 -49.70
CA MET A 244 -49.35 12.96 -49.91
C MET A 244 -49.26 13.29 -51.38
N ASP A 245 -49.30 14.58 -51.71
CA ASP A 245 -49.39 15.04 -53.10
C ASP A 245 -48.03 15.49 -53.59
N VAL A 246 -47.48 14.75 -54.52
CA VAL A 246 -46.10 14.99 -54.94
C VAL A 246 -45.95 16.34 -55.67
N ASP A 247 -47.02 16.85 -56.27
CA ASP A 247 -46.97 18.20 -56.84
C ASP A 247 -46.91 19.26 -55.68
N CYS A 248 -47.63 19.05 -54.59
CA CYS A 248 -47.45 19.88 -53.36
C CYS A 248 -46.09 19.61 -52.67
N LEU A 249 -45.54 18.43 -52.82
CA LEU A 249 -44.18 18.20 -52.28
C LEU A 249 -43.16 19.03 -53.04
N LYS A 250 -43.20 18.90 -54.37
CA LYS A 250 -42.35 19.68 -55.27
C LYS A 250 -42.36 21.17 -54.90
N GLN A 251 -43.57 21.71 -54.75
CA GLN A 251 -43.77 23.13 -54.45
C GLN A 251 -43.30 23.55 -53.05
N GLU A 252 -43.39 22.67 -52.05
CA GLU A 252 -42.74 22.90 -50.74
C GLU A 252 -41.22 22.88 -50.82
N VAL A 253 -40.65 21.96 -51.57
CA VAL A 253 -39.17 21.90 -51.74
C VAL A 253 -38.66 23.15 -52.44
N GLN A 254 -39.38 23.52 -53.48
CA GLN A 254 -39.01 24.65 -54.33
C GLN A 254 -39.21 25.98 -53.56
N ARG A 255 -40.29 26.10 -52.79
CA ARG A 255 -40.47 27.24 -51.85
C ARG A 255 -39.42 27.31 -50.74
N CYS A 256 -39.11 26.15 -50.17
CA CYS A 256 -38.02 26.02 -49.21
C CYS A 256 -36.68 26.46 -49.83
N LEU A 257 -36.40 26.00 -51.06
CA LEU A 257 -35.14 26.39 -51.73
C LEU A 257 -35.06 27.89 -51.91
N GLN A 258 -36.16 28.48 -52.34
CA GLN A 258 -36.24 29.90 -52.56
C GLN A 258 -36.10 30.75 -51.25
N GLN A 259 -36.48 30.22 -50.10
CA GLN A 259 -36.17 30.90 -48.81
C GLN A 259 -34.71 30.68 -48.37
N GLY A 260 -33.92 29.94 -49.17
CA GLY A 260 -32.52 29.56 -48.86
C GLY A 260 -32.31 28.52 -47.77
N LEU A 261 -33.39 27.87 -47.32
CA LEU A 261 -33.33 26.78 -46.38
C LEU A 261 -32.91 25.53 -47.14
N ILE A 262 -32.70 24.41 -46.45
CA ILE A 262 -32.04 23.25 -47.05
C ILE A 262 -32.93 22.02 -46.93
N PRO A 263 -33.45 21.54 -48.07
CA PRO A 263 -34.19 20.28 -48.10
C PRO A 263 -33.28 19.10 -47.82
N VAL A 264 -33.61 18.28 -46.81
CA VAL A 264 -32.73 17.16 -46.40
C VAL A 264 -33.40 15.80 -46.45
N ALA A 265 -34.69 15.79 -46.18
CA ALA A 265 -35.36 14.51 -46.10
C ALA A 265 -36.84 14.60 -46.34
N VAL A 266 -37.35 13.48 -46.82
CA VAL A 266 -38.77 13.28 -46.92
C VAL A 266 -39.14 12.02 -46.19
N VAL A 267 -40.25 12.10 -45.44
CA VAL A 267 -40.84 10.95 -44.84
C VAL A 267 -42.08 10.61 -45.67
N ALA A 268 -42.03 9.47 -46.37
CA ALA A 268 -43.21 8.83 -46.94
C ALA A 268 -43.84 7.83 -45.99
N THR A 269 -45.17 7.90 -45.83
CA THR A 269 -45.93 6.95 -45.04
C THR A 269 -46.70 5.98 -45.93
N SER A 270 -46.18 4.76 -45.98
CA SER A 270 -46.84 3.65 -46.64
C SER A 270 -47.90 3.06 -45.72
N GLY A 271 -48.83 3.88 -45.27
CA GLY A 271 -49.90 3.47 -44.39
C GLY A 271 -50.09 4.42 -43.21
N THR A 272 -50.82 5.51 -43.42
CA THR A 272 -51.04 6.54 -42.43
C THR A 272 -51.93 5.97 -41.34
N THR A 273 -51.70 6.44 -40.13
CA THR A 273 -52.32 5.87 -38.94
C THR A 273 -53.82 5.93 -38.99
N ASP A 274 -54.32 7.05 -39.50
CA ASP A 274 -55.73 7.33 -39.59
C ASP A 274 -56.34 6.78 -40.85
N PHE A 275 -55.81 7.10 -42.02
CA PHE A 275 -56.50 6.72 -43.26
C PHE A 275 -56.08 5.39 -43.88
N GLY A 276 -54.94 4.85 -43.42
CA GLY A 276 -54.35 3.68 -44.07
C GLY A 276 -53.95 4.01 -45.49
N SER A 277 -53.62 5.28 -45.76
CA SER A 277 -53.26 5.71 -47.08
C SER A 277 -51.75 5.63 -47.26
N ILE A 278 -51.39 5.31 -48.51
CA ILE A 278 -50.03 5.03 -48.96
C ILE A 278 -49.58 6.20 -49.85
N ASP A 279 -48.60 6.96 -49.38
CA ASP A 279 -47.95 7.99 -50.16
C ASP A 279 -47.23 7.41 -51.35
N PRO A 280 -47.04 8.18 -52.45
CA PRO A 280 -46.61 7.58 -53.71
C PRO A 280 -45.14 7.42 -53.71
N LEU A 281 -44.70 6.22 -53.37
CA LEU A 281 -43.32 6.01 -53.01
C LEU A 281 -42.45 6.26 -54.22
N GLY A 282 -42.87 5.69 -55.35
CA GLY A 282 -42.15 5.81 -56.59
C GLY A 282 -41.78 7.25 -56.90
N ALA A 283 -42.78 8.12 -56.88
CA ALA A 283 -42.56 9.51 -57.29
C ALA A 283 -41.88 10.35 -56.19
N ILE A 284 -42.08 10.01 -54.93
CA ILE A 284 -41.31 10.72 -53.86
C ILE A 284 -39.81 10.40 -53.99
N SER A 285 -39.48 9.14 -54.23
CA SER A 285 -38.08 8.78 -54.44
C SER A 285 -37.40 9.52 -55.58
N GLU A 286 -38.09 9.67 -56.70
CA GLU A 286 -37.53 10.44 -57.82
C GLU A 286 -37.21 11.88 -57.41
N LEU A 287 -38.08 12.51 -56.63
CA LEU A 287 -37.82 13.86 -56.09
C LEU A 287 -36.62 13.93 -55.11
N CYS A 288 -36.55 12.97 -54.19
CA CYS A 288 -35.45 12.93 -53.23
C CYS A 288 -34.11 12.82 -53.99
N LYS A 289 -34.03 11.87 -54.90
CA LYS A 289 -32.79 11.61 -55.66
C LYS A 289 -32.40 12.83 -56.48
N HIS A 290 -33.36 13.51 -57.07
CA HIS A 290 -33.11 14.80 -57.73
C HIS A 290 -32.53 15.90 -56.80
N HIS A 291 -32.90 15.88 -55.52
CA HIS A 291 -32.38 16.87 -54.57
C HIS A 291 -31.29 16.33 -53.64
N GLY A 292 -30.95 15.05 -53.78
CA GLY A 292 -30.04 14.39 -52.84
C GLY A 292 -30.58 14.37 -51.42
N MET A 293 -31.91 14.18 -51.26
CA MET A 293 -32.52 14.00 -49.95
C MET A 293 -32.59 12.54 -49.57
N TRP A 294 -32.70 12.37 -48.28
CA TRP A 294 -32.88 11.13 -47.67
C TRP A 294 -34.36 10.72 -47.77
N MET A 295 -34.65 9.51 -48.25
CA MET A 295 -36.04 9.02 -48.25
C MET A 295 -36.30 8.01 -47.11
N HIS A 296 -37.11 8.39 -46.11
CA HIS A 296 -37.62 7.45 -45.12
C HIS A 296 -39.04 6.93 -45.40
N VAL A 297 -39.21 5.62 -45.51
CA VAL A 297 -40.58 5.01 -45.56
C VAL A 297 -40.99 4.53 -44.14
N ASP A 298 -42.03 5.18 -43.58
CA ASP A 298 -42.63 4.76 -42.32
C ASP A 298 -43.72 3.80 -42.71
N ALA A 299 -43.40 2.51 -42.59
CA ALA A 299 -44.36 1.45 -42.85
C ALA A 299 -44.85 0.70 -41.62
N ALA A 300 -44.87 1.36 -40.46
CA ALA A 300 -45.27 0.74 -39.20
C ALA A 300 -46.57 -0.08 -39.30
N TYR A 301 -47.51 0.48 -40.04
CA TYR A 301 -48.79 -0.15 -40.30
C TYR A 301 -48.79 -0.91 -41.63
N GLY A 302 -48.36 -0.24 -42.71
CA GLY A 302 -48.39 -0.78 -44.10
C GLY A 302 -47.41 -1.90 -44.45
N CYS A 303 -46.56 -2.28 -43.49
CA CYS A 303 -45.69 -3.45 -43.55
C CYS A 303 -46.44 -4.75 -43.68
N GLY A 304 -47.66 -4.84 -43.19
CA GLY A 304 -48.46 -6.04 -43.34
C GLY A 304 -48.56 -6.54 -44.76
N LEU A 305 -48.37 -5.62 -45.72
CA LEU A 305 -48.45 -5.93 -47.13
C LEU A 305 -47.29 -6.75 -47.60
N LEU A 306 -46.15 -6.68 -46.88
CA LEU A 306 -44.97 -7.48 -47.20
C LEU A 306 -45.20 -8.99 -47.28
N VAL A 307 -46.22 -9.51 -46.60
CA VAL A 307 -46.51 -10.98 -46.58
C VAL A 307 -47.73 -11.39 -47.39
N SER A 308 -48.41 -10.43 -48.01
CA SER A 308 -49.62 -10.71 -48.78
C SER A 308 -49.25 -11.07 -50.22
N GLU A 309 -49.82 -12.19 -50.68
CA GLU A 309 -49.62 -12.68 -52.05
C GLU A 309 -49.92 -11.57 -53.08
N SER A 310 -51.12 -11.01 -52.98
CA SER A 310 -51.61 -10.14 -54.04
C SER A 310 -51.53 -8.65 -53.73
N HIS A 311 -51.47 -8.26 -52.46
CA HIS A 311 -51.43 -6.84 -52.13
C HIS A 311 -50.01 -6.23 -52.07
N ARG A 312 -48.95 -7.05 -51.97
CA ARG A 312 -47.54 -6.55 -51.99
C ARG A 312 -47.25 -5.45 -53.04
N PRO A 313 -47.68 -5.65 -54.32
CA PRO A 313 -47.48 -4.60 -55.33
C PRO A 313 -47.96 -3.18 -54.96
N ARG A 314 -48.88 -3.04 -54.03
CA ARG A 314 -49.33 -1.69 -53.62
C ARG A 314 -48.29 -0.94 -52.75
N LEU A 315 -47.22 -1.63 -52.39
CA LEU A 315 -46.18 -1.06 -51.62
C LEU A 315 -44.98 -0.81 -52.55
N ALA A 316 -45.15 -1.07 -53.84
CA ALA A 316 -44.07 -0.85 -54.81
C ALA A 316 -43.54 0.61 -54.70
N GLY A 317 -42.22 0.74 -54.78
CA GLY A 317 -41.48 1.97 -54.48
C GLY A 317 -40.72 1.95 -53.14
N ILE A 318 -41.13 1.08 -52.20
CA ILE A 318 -40.50 0.99 -50.86
C ILE A 318 -39.04 0.62 -50.95
N GLU A 319 -38.74 -0.17 -51.98
CA GLU A 319 -37.41 -0.63 -52.29
C GLU A 319 -36.44 0.47 -52.65
N LYS A 320 -36.92 1.63 -53.06
CA LYS A 320 -36.08 2.78 -53.36
C LYS A 320 -35.70 3.59 -52.11
N ALA A 321 -36.13 3.16 -50.92
CA ALA A 321 -35.93 3.94 -49.68
C ALA A 321 -34.51 3.96 -49.17
N ASP A 322 -34.16 5.01 -48.45
CA ASP A 322 -32.89 5.03 -47.71
C ASP A 322 -33.11 4.35 -46.34
N SER A 323 -34.28 4.54 -45.71
CA SER A 323 -34.63 3.69 -44.54
C SER A 323 -36.09 3.29 -44.48
N VAL A 324 -36.35 2.28 -43.67
CA VAL A 324 -37.72 1.82 -43.44
C VAL A 324 -38.05 1.46 -41.98
N THR A 325 -39.22 1.91 -41.53
CA THR A 325 -39.77 1.47 -40.25
C THR A 325 -40.82 0.43 -40.46
N VAL A 326 -40.70 -0.67 -39.70
CA VAL A 326 -41.70 -1.78 -39.68
C VAL A 326 -42.09 -2.10 -38.21
N ASP A 327 -43.40 -2.24 -37.94
CA ASP A 327 -43.96 -2.72 -36.65
C ASP A 327 -44.63 -4.05 -36.77
N TYR A 328 -43.97 -5.09 -36.27
CA TYR A 328 -44.51 -6.42 -36.22
C TYR A 328 -45.69 -6.46 -35.22
N HIS A 329 -45.58 -5.72 -34.13
CA HIS A 329 -46.70 -5.54 -33.18
C HIS A 329 -47.89 -4.72 -33.66
N LYS A 330 -48.00 -4.35 -34.93
CA LYS A 330 -49.20 -3.72 -35.50
C LYS A 330 -49.86 -4.64 -36.54
N SER A 331 -49.08 -5.07 -37.54
CA SER A 331 -49.64 -5.80 -38.69
C SER A 331 -49.16 -7.25 -38.87
N PHE A 332 -48.39 -7.77 -37.92
CA PHE A 332 -47.91 -9.14 -37.96
C PHE A 332 -48.35 -9.96 -36.78
N PHE A 333 -49.27 -9.42 -35.98
CA PHE A 333 -49.88 -10.17 -34.88
C PHE A 333 -48.88 -10.66 -33.84
N GLN A 334 -47.90 -9.84 -33.58
CA GLN A 334 -46.83 -10.12 -32.63
C GLN A 334 -47.13 -9.28 -31.44
N THR A 335 -46.81 -9.78 -30.25
CA THR A 335 -47.01 -9.03 -29.00
C THR A 335 -46.03 -7.85 -28.94
N VAL A 336 -46.47 -6.81 -28.26
CA VAL A 336 -45.60 -5.64 -27.91
C VAL A 336 -44.48 -6.08 -26.94
N SER A 337 -43.19 -5.86 -27.23
CA SER A 337 -42.68 -5.04 -28.31
C SER A 337 -42.20 -5.92 -29.48
N CYS A 338 -42.38 -5.43 -30.70
CA CYS A 338 -41.85 -6.10 -31.91
C CYS A 338 -41.81 -5.15 -33.12
N GLY A 339 -40.65 -4.55 -33.34
CA GLY A 339 -40.47 -3.58 -34.35
C GLY A 339 -39.08 -3.68 -34.89
N ALA A 340 -38.88 -3.11 -36.07
CA ALA A 340 -37.52 -3.00 -36.63
C ALA A 340 -37.28 -1.79 -37.51
N PHE A 341 -35.99 -1.43 -37.64
CA PHE A 341 -35.48 -0.30 -38.43
C PHE A 341 -34.55 -0.84 -39.53
N PHE A 342 -34.69 -0.28 -40.74
CA PHE A 342 -33.93 -0.80 -41.89
C PHE A 342 -33.30 0.34 -42.65
N VAL A 343 -32.05 0.13 -43.07
CA VAL A 343 -31.31 1.07 -43.91
C VAL A 343 -30.85 0.44 -45.22
N ARG A 344 -30.88 1.23 -46.28
CA ARG A 344 -30.42 0.84 -47.60
C ARG A 344 -28.89 0.58 -47.65
N ASP A 345 -28.17 1.41 -46.91
CA ASP A 345 -26.73 1.42 -46.82
C ASP A 345 -26.30 1.36 -45.33
N LYS A 346 -25.88 0.18 -44.91
CA LYS A 346 -25.39 -0.10 -43.53
C LYS A 346 -24.37 0.89 -42.94
N HIS A 347 -23.53 1.50 -43.78
CA HIS A 347 -22.45 2.37 -43.27
C HIS A 347 -23.05 3.58 -42.55
N HIS A 348 -24.31 3.92 -42.88
CA HIS A 348 -25.02 5.00 -42.19
C HIS A 348 -25.32 4.65 -40.72
N LEU A 349 -25.39 3.37 -40.39
CA LEU A 349 -25.53 2.94 -38.98
C LEU A 349 -24.26 3.24 -38.17
N SER A 350 -23.20 3.70 -38.82
CA SER A 350 -21.96 4.10 -38.12
C SER A 350 -22.15 5.30 -37.19
N HIS A 351 -23.13 6.16 -37.46
CA HIS A 351 -23.38 7.35 -36.62
C HIS A 351 -23.82 7.05 -35.19
N VAL A 352 -24.40 5.87 -35.07
CA VAL A 352 -24.97 5.37 -33.82
C VAL A 352 -23.94 4.58 -32.97
N THR A 353 -22.84 4.14 -33.59
CA THR A 353 -21.76 3.38 -32.90
C THR A 353 -20.94 4.31 -31.99
N THR A 369 -16.61 -10.78 -33.72
CA THR A 369 -17.71 -10.96 -32.77
C THR A 369 -18.94 -10.16 -33.24
N PRO A 370 -20.07 -10.85 -33.53
CA PRO A 370 -21.31 -10.19 -33.97
C PRO A 370 -22.02 -9.51 -32.83
N ASN A 371 -21.72 -8.21 -32.67
CA ASN A 371 -22.35 -7.37 -31.66
C ASN A 371 -23.36 -6.42 -32.30
N LEU A 372 -24.66 -6.64 -32.06
CA LEU A 372 -25.75 -5.88 -32.71
C LEU A 372 -25.95 -4.48 -32.17
N VAL A 373 -25.31 -4.23 -31.02
CA VAL A 373 -25.33 -2.96 -30.41
C VAL A 373 -24.59 -1.89 -31.27
N ASN A 374 -23.77 -2.30 -32.24
CA ASN A 374 -23.05 -1.37 -33.16
C ASN A 374 -23.97 -0.62 -34.15
N LYS A 375 -25.22 -1.13 -34.26
CA LYS A 375 -26.31 -0.58 -35.06
C LYS A 375 -27.55 -0.06 -34.26
N SER A 376 -27.47 -0.03 -32.93
CA SER A 376 -28.61 0.35 -32.07
C SER A 376 -28.36 1.64 -31.28
N ILE A 377 -29.45 2.27 -30.86
CA ILE A 377 -29.38 3.36 -29.87
C ILE A 377 -29.90 2.89 -28.50
N GLN A 378 -30.19 1.59 -28.40
CA GLN A 378 -30.45 0.96 -27.15
C GLN A 378 -29.18 0.20 -26.80
N THR A 379 -29.01 -0.14 -25.54
CA THR A 379 -27.94 -1.05 -25.05
C THR A 379 -28.61 -2.40 -24.71
N THR A 380 -28.82 -2.79 -23.42
CA THR A 380 -29.57 -3.99 -23.07
C THR A 380 -30.89 -4.03 -23.88
N ARG A 381 -31.13 -5.15 -24.56
CA ARG A 381 -32.34 -5.27 -25.44
C ARG A 381 -32.76 -6.74 -25.52
N ARG A 382 -34.02 -6.98 -25.37
CA ARG A 382 -34.57 -8.33 -25.34
C ARG A 382 -34.71 -8.90 -26.73
N PHE A 383 -34.87 -10.21 -26.76
CA PHE A 383 -34.93 -11.05 -27.95
C PHE A 383 -36.29 -11.06 -28.65
N ASP A 384 -36.78 -9.88 -29.04
CA ASP A 384 -38.10 -9.75 -29.71
C ASP A 384 -38.17 -10.44 -31.07
N ALA A 385 -37.01 -10.58 -31.69
CA ALA A 385 -36.88 -11.29 -32.95
C ALA A 385 -37.30 -12.76 -32.88
N LEU A 386 -37.24 -13.39 -31.71
CA LEU A 386 -37.75 -14.78 -31.57
C LEU A 386 -39.21 -14.92 -31.94
N LYS A 387 -39.99 -13.86 -31.74
CA LYS A 387 -41.42 -13.89 -32.00
C LYS A 387 -41.66 -14.05 -33.49
N MET A 388 -40.91 -13.26 -34.24
CA MET A 388 -40.99 -13.29 -35.70
C MET A 388 -40.39 -14.60 -36.29
N TRP A 389 -39.27 -15.04 -35.69
CA TRP A 389 -38.63 -16.31 -36.02
C TRP A 389 -39.57 -17.48 -35.79
N LEU A 390 -40.14 -17.57 -34.59
CA LEU A 390 -41.02 -18.66 -34.35
C LEU A 390 -42.30 -18.56 -35.20
N THR A 391 -42.84 -17.36 -35.42
CA THR A 391 -44.05 -17.25 -36.20
C THR A 391 -43.78 -17.83 -37.60
N LEU A 392 -42.71 -17.39 -38.25
CA LEU A 392 -42.31 -17.86 -39.57
C LEU A 392 -41.99 -19.37 -39.63
N ARG A 393 -41.17 -19.85 -38.72
CA ARG A 393 -40.91 -21.29 -38.56
C ARG A 393 -42.19 -22.12 -38.45
N VAL A 394 -43.08 -21.74 -37.51
CA VAL A 394 -44.31 -22.47 -37.21
C VAL A 394 -45.50 -22.28 -38.19
N SER A 395 -45.94 -21.04 -38.38
CA SER A 395 -47.02 -20.73 -39.28
C SER A 395 -46.42 -20.40 -40.66
N GLY A 396 -47.16 -20.48 -41.74
CA GLY A 396 -46.56 -19.86 -42.97
C GLY A 396 -46.31 -18.34 -42.83
N PRO A 397 -45.19 -17.80 -43.37
CA PRO A 397 -45.27 -16.40 -43.87
C PRO A 397 -46.53 -16.16 -44.69
N MET A 398 -46.93 -17.19 -45.42
CA MET A 398 -48.21 -17.19 -46.13
C MET A 398 -49.45 -17.12 -45.23
N ALA A 399 -49.45 -17.77 -44.06
CA ALA A 399 -50.53 -17.64 -43.07
C ALA A 399 -50.65 -16.25 -42.40
N LEU A 400 -49.63 -15.39 -42.53
CA LEU A 400 -49.72 -13.97 -42.09
C LEU A 400 -50.43 -13.10 -43.13
N GLY A 401 -50.07 -13.33 -44.38
CA GLY A 401 -50.71 -12.70 -45.51
C GLY A 401 -52.14 -13.13 -45.66
N ASN A 402 -52.46 -14.41 -45.43
CA ASN A 402 -53.85 -14.83 -45.51
C ASN A 402 -54.75 -14.04 -44.56
N ALA A 403 -54.26 -13.78 -43.33
CA ALA A 403 -55.01 -13.04 -42.30
C ALA A 403 -55.15 -11.58 -42.63
N PHE A 404 -54.08 -11.03 -43.19
CA PHE A 404 -54.04 -9.63 -43.51
C PHE A 404 -54.96 -9.34 -44.71
N ASP A 405 -54.84 -10.18 -45.72
CA ASP A 405 -55.81 -10.22 -46.84
C ASP A 405 -57.27 -10.31 -46.44
N ASP A 406 -57.60 -11.11 -45.43
CA ASP A 406 -58.97 -11.15 -44.95
C ASP A 406 -59.37 -9.83 -44.28
N ILE A 407 -58.51 -9.31 -43.41
CA ILE A 407 -58.81 -8.05 -42.78
C ILE A 407 -58.95 -6.94 -43.85
N LEU A 408 -58.15 -6.95 -44.91
CA LEU A 408 -58.32 -5.98 -46.01
C LEU A 408 -59.67 -6.16 -46.74
N ALA A 409 -60.07 -7.41 -46.98
CA ALA A 409 -61.43 -7.70 -47.54
C ALA A 409 -62.54 -7.18 -46.62
N LEU A 410 -62.44 -7.49 -45.34
CA LEU A 410 -63.46 -7.11 -44.35
C LEU A 410 -63.65 -5.58 -44.22
N THR A 411 -62.56 -4.82 -44.41
CA THR A 411 -62.58 -3.34 -44.44
C THR A 411 -63.34 -2.73 -45.66
N GLN A 412 -63.25 -3.41 -46.79
CA GLN A 412 -64.03 -3.04 -48.01
C GLN A 412 -65.54 -3.19 -47.82
N ILE A 413 -65.92 -4.17 -47.02
CA ILE A 413 -67.31 -4.42 -46.64
C ILE A 413 -67.75 -3.42 -45.60
N ALA A 414 -66.87 -3.10 -44.66
CA ALA A 414 -67.19 -2.12 -43.62
C ALA A 414 -67.41 -0.75 -44.22
N HIS A 415 -66.64 -0.44 -45.27
CA HIS A 415 -66.83 0.79 -46.07
C HIS A 415 -68.13 0.81 -46.88
N GLN A 416 -68.55 -0.35 -47.35
CA GLN A 416 -69.82 -0.46 -48.10
C GLN A 416 -70.92 -0.18 -47.11
N LEU A 417 -70.86 -0.79 -45.92
CA LEU A 417 -71.91 -0.68 -44.88
C LEU A 417 -71.99 0.68 -44.23
N LEU A 418 -70.83 1.33 -44.08
CA LEU A 418 -70.76 2.74 -43.67
C LEU A 418 -71.36 3.69 -44.70
N ASN A 419 -70.94 3.55 -45.96
CA ASN A 419 -71.43 4.37 -47.08
C ASN A 419 -72.97 4.20 -47.18
N ALA A 420 -73.46 2.95 -47.12
CA ALA A 420 -74.92 2.67 -47.21
C ALA A 420 -75.72 3.43 -46.20
N HIS A 421 -75.19 3.56 -44.98
CA HIS A 421 -75.95 4.22 -43.94
C HIS A 421 -76.08 5.69 -44.34
N PRO A 422 -77.33 6.18 -44.45
CA PRO A 422 -77.56 7.59 -44.73
C PRO A 422 -77.08 8.51 -43.61
N ALA A 423 -77.12 8.05 -42.36
CA ALA A 423 -76.59 8.88 -41.24
C ALA A 423 -75.05 8.93 -41.10
N ILE A 424 -74.34 8.03 -41.78
CA ILE A 424 -72.86 8.05 -41.71
C ILE A 424 -72.19 8.72 -42.93
N GLU A 425 -71.29 9.69 -42.70
CA GLU A 425 -70.49 10.25 -43.79
C GLU A 425 -69.15 9.53 -43.77
N VAL A 426 -68.80 8.90 -44.89
CA VAL A 426 -67.49 8.25 -45.08
C VAL A 426 -66.60 9.13 -45.93
N LEU A 427 -65.30 9.10 -45.64
CA LEU A 427 -64.34 9.98 -46.29
C LEU A 427 -63.59 9.31 -47.42
N HIS A 428 -63.49 7.99 -47.43
CA HIS A 428 -62.50 7.34 -48.27
C HIS A 428 -62.74 5.85 -48.43
N VAL A 429 -62.39 5.32 -49.60
CA VAL A 429 -62.34 3.89 -49.80
C VAL A 429 -61.03 3.42 -49.11
N PRO A 430 -61.11 2.36 -48.27
CA PRO A 430 -59.96 1.80 -47.52
C PRO A 430 -58.82 1.36 -48.37
N GLU A 431 -57.72 2.02 -48.19
CA GLU A 431 -56.50 1.67 -48.80
C GLU A 431 -55.87 0.55 -47.96
N LEU A 432 -56.22 0.48 -46.69
CA LEU A 432 -55.67 -0.53 -45.82
C LEU A 432 -56.83 -1.08 -44.99
N THR A 433 -56.81 -0.87 -43.69
CA THR A 433 -57.63 -1.58 -42.80
C THR A 433 -58.45 -0.65 -41.94
N THR A 434 -58.35 0.63 -42.26
CA THR A 434 -58.94 1.64 -41.48
C THR A 434 -60.06 2.30 -42.32
N GLN A 435 -61.00 2.88 -41.60
CA GLN A 435 -62.04 3.70 -42.17
C GLN A 435 -62.42 4.84 -41.21
N ILE A 436 -62.18 6.06 -41.68
CA ILE A 436 -62.54 7.29 -41.03
C ILE A 436 -63.91 7.78 -41.54
N PHE A 437 -64.79 8.07 -40.60
CA PHE A 437 -66.18 8.40 -40.90
C PHE A 437 -66.72 9.19 -39.71
N ARG A 438 -67.90 9.78 -39.89
CA ARG A 438 -68.59 10.47 -38.82
C ARG A 438 -70.09 10.48 -38.97
N TYR A 439 -70.75 10.63 -37.84
CA TYR A 439 -72.18 10.68 -37.80
C TYR A 439 -72.66 12.12 -38.05
N VAL A 440 -73.47 12.29 -39.11
CA VAL A 440 -73.98 13.60 -39.53
C VAL A 440 -75.54 13.53 -39.59
N PRO A 441 -76.24 14.02 -38.55
CA PRO A 441 -77.72 13.95 -38.45
C PRO A 441 -78.55 14.78 -39.46
N LEU A 449 -71.04 21.59 -33.41
CA LEU A 449 -72.03 20.76 -32.80
C LEU A 449 -71.91 19.31 -33.24
N THR A 450 -71.81 19.11 -34.55
CA THR A 450 -71.52 17.80 -35.15
C THR A 450 -70.18 17.18 -34.68
N ASP A 451 -69.16 18.02 -34.47
CA ASP A 451 -67.94 17.60 -33.78
C ASP A 451 -68.24 17.11 -32.37
N GLU A 452 -69.08 17.86 -31.66
CA GLU A 452 -69.40 17.51 -30.27
C GLU A 452 -70.19 16.22 -30.16
N ILE A 453 -71.12 15.99 -31.08
CA ILE A 453 -71.95 14.77 -31.13
C ILE A 453 -71.12 13.49 -31.34
N ASN A 454 -70.15 13.57 -32.24
CA ASN A 454 -69.28 12.41 -32.52
C ASN A 454 -68.30 12.11 -31.41
N THR A 455 -67.77 13.14 -30.77
CA THR A 455 -66.89 12.97 -29.63
C THR A 455 -67.65 12.30 -28.46
N ASN A 456 -68.91 12.69 -28.28
CA ASN A 456 -69.77 12.02 -27.27
C ASN A 456 -70.23 10.62 -27.67
N ILE A 457 -70.51 10.37 -28.96
CA ILE A 457 -70.69 8.96 -29.37
C ILE A 457 -69.48 8.04 -29.00
N ARG A 458 -68.28 8.44 -29.34
CA ARG A 458 -67.13 7.58 -29.03
C ARG A 458 -67.04 7.25 -27.54
N LYS A 459 -67.30 8.26 -26.72
CA LYS A 459 -67.27 8.13 -25.28
C LYS A 459 -68.43 7.25 -24.74
N ALA A 460 -69.62 7.40 -25.30
CA ALA A 460 -70.80 6.65 -24.86
C ALA A 460 -70.58 5.18 -25.18
N VAL A 461 -70.09 4.92 -26.38
CA VAL A 461 -69.77 3.58 -26.82
C VAL A 461 -68.77 2.92 -25.84
N PHE A 462 -67.69 3.66 -25.50
CA PHE A 462 -66.59 3.16 -24.62
C PHE A 462 -67.21 2.89 -23.27
N ARG A 463 -68.09 3.75 -22.81
CA ARG A 463 -68.76 3.58 -21.52
C ARG A 463 -69.77 2.39 -21.45
N SER A 464 -70.37 2.04 -22.58
CA SER A 464 -71.14 0.79 -22.67
C SER A 464 -70.23 -0.47 -22.73
N GLY A 465 -69.04 -0.30 -23.30
CA GLY A 465 -68.12 -1.39 -23.46
C GLY A 465 -68.49 -2.46 -24.47
N ASN A 466 -69.56 -2.25 -25.27
CA ASN A 466 -70.01 -3.22 -26.29
C ASN A 466 -69.18 -3.16 -27.54
N ALA A 467 -68.39 -2.11 -27.67
CA ALA A 467 -67.50 -1.94 -28.76
C ALA A 467 -66.44 -0.96 -28.31
N VAL A 468 -65.36 -0.93 -29.05
CA VAL A 468 -64.38 0.12 -28.85
C VAL A 468 -64.02 0.68 -30.21
N ILE A 469 -64.24 1.97 -30.30
CA ILE A 469 -64.04 2.74 -31.49
C ILE A 469 -63.07 3.85 -31.15
N ALA A 470 -62.46 4.36 -32.19
CA ALA A 470 -61.42 5.37 -32.04
C ALA A 470 -61.95 6.66 -32.67
N GLY A 471 -61.10 7.67 -32.75
CA GLY A 471 -61.51 8.90 -33.37
C GLY A 471 -60.30 9.70 -33.70
N THR A 472 -60.52 10.77 -34.41
CA THR A 472 -59.45 11.51 -35.00
C THR A 472 -59.98 12.78 -35.52
N LYS A 473 -59.09 13.64 -35.96
CA LYS A 473 -59.47 14.98 -36.32
C LYS A 473 -58.85 15.24 -37.68
N VAL A 474 -59.67 15.56 -38.68
CA VAL A 474 -59.23 15.88 -40.03
C VAL A 474 -59.74 17.27 -40.34
N ASN A 475 -58.83 18.15 -40.77
CA ASN A 475 -59.15 19.53 -41.11
C ASN A 475 -59.90 20.30 -40.03
N GLY A 476 -59.51 20.08 -38.78
CA GLY A 476 -60.20 20.69 -37.62
C GLY A 476 -61.65 20.29 -37.37
N ARG A 477 -62.05 19.08 -37.80
CA ARG A 477 -63.39 18.53 -37.54
C ARG A 477 -63.19 17.18 -36.88
N GLN A 478 -64.16 16.74 -36.05
CA GLN A 478 -63.99 15.51 -35.25
C GLN A 478 -64.64 14.37 -35.99
N TYR A 479 -63.84 13.32 -36.24
CA TYR A 479 -64.32 12.14 -36.90
C TYR A 479 -64.11 10.91 -36.06
N LEU A 480 -64.93 9.92 -36.35
CA LEU A 480 -64.75 8.59 -35.76
C LEU A 480 -63.88 7.67 -36.60
N LYS A 481 -63.45 6.60 -35.98
CA LYS A 481 -62.49 5.72 -36.64
C LYS A 481 -62.74 4.27 -36.30
N PHE A 482 -62.77 3.45 -37.36
CA PHE A 482 -62.73 2.00 -37.28
C PHE A 482 -61.36 1.57 -37.74
N THR A 483 -60.68 0.72 -36.99
CA THR A 483 -59.57 -0.03 -37.60
C THR A 483 -59.69 -1.51 -37.31
N LEU A 484 -59.62 -2.28 -38.39
CA LEU A 484 -59.92 -3.70 -38.39
C LEU A 484 -58.66 -4.53 -38.47
N LEU A 485 -58.24 -5.08 -37.35
CA LEU A 485 -57.07 -5.98 -37.33
C LEU A 485 -57.39 -7.43 -36.99
N ASN A 486 -58.65 -7.73 -36.73
CA ASN A 486 -59.06 -9.08 -36.36
C ASN A 486 -59.73 -9.80 -37.55
N PRO A 487 -59.09 -10.90 -38.07
CA PRO A 487 -59.73 -11.75 -39.09
C PRO A 487 -61.12 -12.32 -38.74
N ASN A 488 -61.42 -12.42 -37.44
CA ASN A 488 -62.68 -13.00 -36.97
C ASN A 488 -63.78 -11.98 -36.70
N THR A 489 -63.53 -10.72 -37.00
CA THR A 489 -64.61 -9.78 -37.03
C THR A 489 -65.40 -10.13 -38.30
N THR A 490 -66.72 -10.27 -38.10
CA THR A 490 -67.70 -10.50 -39.16
C THR A 490 -68.46 -9.22 -39.54
N ALA A 491 -69.11 -9.29 -40.70
CA ALA A 491 -70.08 -8.29 -41.15
C ALA A 491 -71.08 -7.93 -40.07
N ALA A 492 -71.62 -8.95 -39.42
CA ALA A 492 -72.61 -8.77 -38.36
C ALA A 492 -72.08 -8.01 -37.15
N ASP A 493 -70.79 -8.18 -36.86
CA ASP A 493 -70.13 -7.37 -35.81
C ASP A 493 -70.09 -5.89 -36.24
N ILE A 494 -69.77 -5.67 -37.50
CA ILE A 494 -69.58 -4.33 -38.03
C ILE A 494 -70.95 -3.67 -38.10
N GLU A 495 -71.98 -4.43 -38.46
CA GLU A 495 -73.35 -3.93 -38.42
C GLU A 495 -73.76 -3.61 -36.98
N ASP A 496 -73.34 -4.43 -36.03
CA ASP A 496 -73.69 -4.16 -34.64
C ASP A 496 -73.06 -2.83 -34.13
N VAL A 497 -71.81 -2.59 -34.47
CA VAL A 497 -71.08 -1.41 -34.00
C VAL A 497 -71.62 -0.08 -34.61
N ILE A 498 -72.06 -0.12 -35.86
CA ILE A 498 -72.69 1.03 -36.52
C ILE A 498 -74.02 1.39 -35.85
N ALA A 499 -74.76 0.41 -35.35
CA ALA A 499 -76.08 0.68 -34.78
C ALA A 499 -75.90 1.34 -33.44
N LEU A 500 -74.86 0.90 -32.73
CA LEU A 500 -74.48 1.50 -31.49
C LEU A 500 -74.06 2.93 -31.73
N ILE A 501 -73.27 3.14 -32.78
CA ILE A 501 -72.80 4.47 -33.12
C ILE A 501 -74.02 5.39 -33.41
N VAL A 502 -74.94 4.87 -34.21
CA VAL A 502 -76.15 5.61 -34.61
C VAL A 502 -77.13 5.82 -33.45
N HIS A 503 -77.33 4.80 -32.63
CA HIS A 503 -78.15 4.91 -31.42
C HIS A 503 -77.68 6.00 -30.46
N TYR A 504 -76.40 5.96 -30.06
CA TYR A 504 -75.90 7.06 -29.18
C TYR A 504 -75.96 8.39 -29.87
N GLY A 505 -75.70 8.45 -31.18
CA GLY A 505 -75.79 9.70 -31.91
C GLY A 505 -77.21 10.25 -31.90
N ARG A 506 -78.19 9.44 -32.28
CA ARG A 506 -79.61 9.83 -32.21
C ARG A 506 -80.00 10.33 -30.81
N GLU A 507 -79.51 9.63 -29.76
CA GLU A 507 -79.61 10.10 -28.38
C GLU A 507 -79.00 11.49 -28.08
N GLN A 508 -77.97 11.89 -28.82
CA GLN A 508 -77.40 13.26 -28.70
C GLN A 508 -78.35 14.29 -29.26
N VAL A 509 -78.91 14.01 -30.44
CA VAL A 509 -79.76 14.97 -31.11
C VAL A 509 -81.09 15.01 -30.40
N ARG A 510 -81.72 13.86 -30.25
CA ARG A 510 -83.08 13.77 -29.75
C ARG A 510 -83.06 14.03 -28.23
N GLY A 511 -82.07 13.48 -27.54
CA GLY A 511 -82.00 13.52 -26.07
C GLY A 511 -82.62 12.34 -25.32
N PRO A 512 -83.39 11.48 -26.02
CA PRO A 512 -84.57 10.72 -25.59
C PRO A 512 -85.13 11.08 -24.21
N PRO B 24 -60.61 -20.02 -40.69
CA PRO B 24 -60.90 -19.48 -39.37
C PRO B 24 -59.65 -18.98 -38.65
N HIS B 25 -58.47 -19.02 -39.27
CA HIS B 25 -57.25 -18.43 -38.74
C HIS B 25 -56.89 -18.95 -37.35
N ASP B 26 -56.67 -20.27 -37.31
CA ASP B 26 -56.35 -21.06 -36.10
C ASP B 26 -55.18 -20.57 -35.27
N PHE B 27 -54.31 -19.74 -35.86
CA PHE B 27 -53.13 -19.28 -35.18
C PHE B 27 -53.37 -18.17 -34.14
N ILE B 28 -54.58 -17.56 -34.16
CA ILE B 28 -54.93 -16.39 -33.34
C ILE B 28 -55.31 -16.74 -31.89
N PHE B 29 -54.68 -16.03 -30.96
CA PHE B 29 -55.10 -16.13 -29.59
C PHE B 29 -56.50 -15.56 -29.41
N ASN B 30 -57.41 -16.41 -28.94
CA ASN B 30 -58.77 -16.03 -28.62
C ASN B 30 -59.42 -17.21 -27.89
N ASP B 31 -60.76 -17.17 -27.71
CA ASP B 31 -61.49 -18.19 -26.94
C ASP B 31 -61.39 -19.59 -27.58
N HIS B 32 -61.52 -19.67 -28.91
CA HIS B 32 -61.39 -20.93 -29.68
C HIS B 32 -60.07 -21.65 -29.42
N GLN B 33 -59.01 -20.86 -29.23
CA GLN B 33 -57.63 -21.35 -29.23
C GLN B 33 -57.01 -21.56 -27.86
N LEU B 34 -57.82 -21.53 -26.80
CA LEU B 34 -57.31 -21.56 -25.43
C LEU B 34 -56.63 -22.93 -25.12
N SER B 35 -57.17 -24.01 -25.68
CA SER B 35 -56.63 -25.34 -25.44
C SER B 35 -55.35 -25.55 -26.23
N ALA B 36 -55.30 -25.05 -27.48
CA ALA B 36 -54.06 -25.05 -28.25
C ALA B 36 -52.97 -24.18 -27.55
N TRP B 37 -53.35 -23.10 -26.90
CA TRP B 37 -52.41 -22.32 -26.13
C TRP B 37 -51.81 -23.16 -25.00
N ALA B 38 -52.67 -23.83 -24.20
CA ALA B 38 -52.18 -24.47 -22.97
C ALA B 38 -51.30 -25.69 -23.25
N ARG B 39 -51.58 -26.39 -24.36
CA ARG B 39 -50.77 -27.56 -24.76
C ARG B 39 -49.40 -27.13 -25.30
N GLN B 40 -49.40 -26.03 -26.04
CA GLN B 40 -48.12 -25.44 -26.49
C GLN B 40 -47.33 -25.00 -25.25
N THR B 41 -48.02 -24.50 -24.24
CA THR B 41 -47.30 -24.02 -23.04
C THR B 41 -46.78 -25.23 -22.27
N GLU B 42 -47.56 -26.31 -22.28
CA GLU B 42 -47.12 -27.58 -21.72
C GLU B 42 -45.88 -28.16 -22.41
N GLN B 43 -45.83 -28.10 -23.73
CA GLN B 43 -44.64 -28.53 -24.46
C GLN B 43 -43.38 -27.73 -24.09
N VAL B 44 -43.48 -26.40 -24.01
CA VAL B 44 -42.28 -25.58 -23.72
C VAL B 44 -41.76 -25.80 -22.29
N LEU B 45 -42.67 -25.98 -21.33
CA LEU B 45 -42.28 -26.36 -19.97
C LEU B 45 -41.50 -27.70 -19.94
N ALA B 46 -41.97 -28.68 -20.72
CA ALA B 46 -41.25 -29.97 -20.88
C ALA B 46 -39.87 -29.75 -21.54
N LEU B 47 -39.83 -28.98 -22.62
CA LEU B 47 -38.59 -28.66 -23.30
C LEU B 47 -37.62 -27.81 -22.46
N MET B 48 -38.13 -26.84 -21.70
CA MET B 48 -37.27 -25.98 -20.87
C MET B 48 -36.84 -26.71 -19.60
N THR B 49 -37.73 -27.46 -18.98
CA THR B 49 -37.34 -28.34 -17.87
C THR B 49 -36.20 -29.31 -18.18
N GLU B 50 -36.31 -30.04 -19.29
CA GLU B 50 -35.18 -30.85 -19.77
C GLU B 50 -33.94 -30.03 -20.09
N THR B 51 -34.13 -28.89 -20.76
CA THR B 51 -33.01 -28.06 -21.14
C THR B 51 -32.34 -27.53 -19.88
N VAL B 52 -33.07 -26.85 -19.00
CA VAL B 52 -32.45 -26.28 -17.81
C VAL B 52 -31.78 -27.39 -16.94
N LYS B 53 -32.41 -28.58 -16.77
CA LYS B 53 -31.76 -29.67 -15.96
C LYS B 53 -30.43 -30.17 -16.53
N GLY B 54 -30.26 -30.12 -17.85
CA GLY B 54 -28.99 -30.52 -18.48
C GLY B 54 -27.98 -29.39 -18.74
N VAL B 55 -28.20 -28.23 -18.14
CA VAL B 55 -27.19 -27.18 -18.09
C VAL B 55 -26.17 -27.49 -17.01
N GLU B 56 -24.97 -27.87 -17.43
CA GLU B 56 -23.85 -28.15 -16.52
C GLU B 56 -22.88 -26.96 -16.39
N LYS B 57 -23.12 -25.93 -17.20
CA LYS B 57 -22.16 -24.86 -17.29
C LYS B 57 -22.84 -23.71 -18.01
N PRO B 58 -22.35 -22.49 -17.78
CA PRO B 58 -23.00 -21.28 -18.25
C PRO B 58 -22.96 -21.05 -19.73
N PHE B 59 -22.02 -21.66 -20.44
CA PHE B 59 -21.91 -21.51 -21.89
C PHE B 59 -21.29 -22.79 -22.50
N SER B 60 -21.39 -22.96 -23.80
CA SER B 60 -20.81 -24.10 -24.49
C SER B 60 -19.40 -23.85 -25.02
N GLY B 61 -18.98 -22.60 -25.14
CA GLY B 61 -17.73 -22.23 -25.80
C GLY B 61 -17.79 -21.99 -27.30
N ILE B 62 -18.89 -22.36 -27.95
CA ILE B 62 -18.94 -22.28 -29.40
C ILE B 62 -18.60 -20.84 -29.87
N LEU B 63 -17.94 -20.73 -31.02
CA LEU B 63 -17.60 -19.41 -31.60
C LEU B 63 -18.70 -18.94 -32.59
N PRO B 64 -18.88 -17.62 -32.78
CA PRO B 64 -19.89 -17.10 -33.71
C PRO B 64 -19.82 -17.70 -35.11
N HIS B 65 -18.63 -17.80 -35.68
CA HIS B 65 -18.47 -18.49 -36.96
C HIS B 65 -18.90 -19.97 -36.89
N GLU B 66 -18.62 -20.68 -35.79
CA GLU B 66 -19.06 -22.09 -35.70
C GLU B 66 -20.59 -22.16 -35.73
N LEU B 67 -21.25 -21.29 -34.97
CA LEU B 67 -22.70 -21.33 -34.93
C LEU B 67 -23.33 -20.86 -36.25
N ALA B 68 -22.74 -19.85 -36.90
CA ALA B 68 -23.29 -19.33 -38.17
C ALA B 68 -23.37 -20.42 -39.24
N ARG B 69 -22.50 -21.45 -39.12
CA ARG B 69 -22.59 -22.62 -40.01
C ARG B 69 -23.94 -23.27 -40.00
N GLU B 70 -24.59 -23.33 -38.83
CA GLU B 70 -25.92 -23.93 -38.78
C GLU B 70 -27.06 -23.00 -39.16
N PHE B 71 -26.78 -21.71 -39.37
CA PHE B 71 -27.80 -20.77 -39.79
C PHE B 71 -27.88 -20.63 -41.31
N SER B 72 -26.90 -21.19 -42.03
CA SER B 72 -26.65 -20.70 -43.34
C SER B 72 -27.74 -21.26 -44.28
N GLY B 73 -28.14 -22.52 -44.18
CA GLY B 73 -29.24 -23.04 -45.03
C GLY B 73 -30.67 -22.97 -44.50
N VAL B 74 -30.91 -22.21 -43.42
CA VAL B 74 -32.26 -21.98 -42.94
C VAL B 74 -32.90 -20.89 -43.77
N ASP B 75 -34.11 -21.16 -44.19
CA ASP B 75 -34.73 -20.26 -45.13
C ASP B 75 -36.11 -19.93 -44.63
N LEU B 76 -36.27 -18.70 -44.18
CA LEU B 76 -37.47 -18.29 -43.43
C LEU B 76 -38.75 -18.20 -44.23
N ASP B 77 -38.66 -18.32 -45.54
CA ASP B 77 -39.85 -18.53 -46.34
C ASP B 77 -40.43 -19.96 -46.24
N GLN B 78 -39.96 -20.78 -45.30
CA GLN B 78 -40.58 -22.10 -45.04
C GLN B 78 -41.08 -22.31 -43.63
N GLY B 81 -43.32 -26.76 -40.43
CA GLY B 81 -43.36 -27.69 -39.31
C GLY B 81 -44.02 -27.04 -38.09
N SER B 82 -44.84 -27.78 -37.39
CA SER B 82 -45.51 -27.29 -36.22
C SER B 82 -44.53 -26.84 -35.13
N ASN B 83 -45.09 -26.50 -34.00
CA ASN B 83 -44.33 -26.17 -32.80
C ASN B 83 -43.23 -27.19 -32.50
N GLU B 84 -43.56 -28.48 -32.58
CA GLU B 84 -42.66 -29.58 -32.21
C GLU B 84 -41.43 -29.54 -33.10
N ALA B 85 -41.61 -29.37 -34.41
CA ALA B 85 -40.50 -29.15 -35.36
C ALA B 85 -39.70 -27.85 -35.18
N ALA B 86 -40.35 -26.71 -34.97
CA ALA B 86 -39.58 -25.43 -34.75
C ALA B 86 -38.76 -25.54 -33.47
N LEU B 87 -39.37 -26.08 -32.42
CA LEU B 87 -38.76 -26.24 -31.10
C LEU B 87 -37.59 -27.22 -31.09
N GLU B 88 -37.71 -28.27 -31.89
CA GLU B 88 -36.57 -29.18 -32.17
C GLU B 88 -35.36 -28.47 -32.82
N GLU B 89 -35.65 -27.62 -33.81
CA GLU B 89 -34.65 -26.76 -34.42
C GLU B 89 -34.15 -25.66 -33.47
N LEU B 90 -35.01 -25.17 -32.57
CA LEU B 90 -34.64 -24.12 -31.62
C LEU B 90 -33.66 -24.63 -30.63
N LYS B 91 -33.91 -25.88 -30.18
CA LYS B 91 -32.98 -26.63 -29.36
C LYS B 91 -31.58 -26.49 -29.82
N LYS B 92 -31.34 -26.67 -31.10
CA LYS B 92 -29.98 -26.63 -31.60
C LYS B 92 -29.47 -25.23 -31.89
N LEU B 93 -30.31 -24.34 -32.43
CA LEU B 93 -29.88 -23.00 -32.86
C LEU B 93 -29.76 -21.92 -31.75
N TYR B 94 -30.32 -22.19 -30.60
CA TYR B 94 -30.48 -21.18 -29.60
C TYR B 94 -30.13 -21.71 -28.24
N LEU B 95 -30.87 -22.75 -27.79
CA LEU B 95 -30.75 -23.24 -26.41
C LEU B 95 -29.43 -23.93 -26.18
N ARG B 96 -28.92 -24.62 -27.22
CA ARG B 96 -27.72 -25.38 -27.14
C ARG B 96 -26.57 -24.50 -26.61
N ASP B 97 -26.40 -23.32 -27.21
CA ASP B 97 -25.27 -22.47 -26.93
C ASP B 97 -25.63 -21.19 -26.19
N ALA B 98 -26.84 -21.09 -25.64
CA ALA B 98 -27.28 -19.90 -24.93
C ALA B 98 -26.29 -19.60 -23.82
N VAL B 99 -26.18 -18.33 -23.47
CA VAL B 99 -25.52 -17.97 -22.25
C VAL B 99 -26.54 -18.07 -21.10
N TRP B 100 -26.30 -19.00 -20.18
CA TRP B 100 -27.19 -19.26 -19.04
C TRP B 100 -26.90 -18.43 -17.84
N PHE B 101 -27.63 -17.31 -17.73
CA PHE B 101 -27.33 -16.39 -16.63
C PHE B 101 -27.66 -16.97 -15.25
N HIS B 102 -28.58 -17.94 -15.20
CA HIS B 102 -28.96 -18.57 -13.93
C HIS B 102 -27.85 -19.42 -13.35
N HIS B 103 -26.90 -19.80 -14.18
CA HIS B 103 -25.84 -20.66 -13.71
C HIS B 103 -24.93 -19.87 -12.76
N PRO B 104 -24.61 -20.43 -11.57
CA PRO B 104 -23.64 -19.79 -10.67
C PRO B 104 -22.30 -19.34 -11.25
N LYS B 105 -21.85 -19.97 -12.33
CA LYS B 105 -20.54 -19.59 -12.87
C LYS B 105 -20.58 -18.54 -14.00
N TYR B 106 -21.78 -17.96 -14.24
CA TYR B 106 -21.94 -16.76 -15.02
C TYR B 106 -21.73 -15.59 -14.08
N VAL B 107 -20.57 -14.96 -14.19
CA VAL B 107 -20.16 -13.90 -13.27
C VAL B 107 -19.54 -12.81 -14.15
N ALA B 108 -20.18 -12.50 -15.29
CA ALA B 108 -19.60 -11.59 -16.30
C ALA B 108 -20.13 -10.17 -16.29
N HIS B 109 -21.21 -9.88 -17.00
CA HIS B 109 -21.78 -8.54 -17.14
C HIS B 109 -22.95 -8.38 -16.17
N LEU B 110 -23.73 -7.33 -16.37
CA LEU B 110 -24.88 -7.04 -15.52
C LEU B 110 -26.17 -7.75 -15.92
N ASN B 111 -26.04 -9.07 -16.12
CA ASN B 111 -27.20 -9.94 -16.38
C ASN B 111 -27.59 -10.72 -15.16
N CYS B 112 -28.70 -10.31 -14.54
CA CYS B 112 -29.15 -10.94 -13.34
C CYS B 112 -29.92 -12.26 -13.58
N PRO B 113 -29.82 -13.21 -12.65
CA PRO B 113 -30.91 -14.19 -12.68
C PRO B 113 -32.26 -13.53 -12.45
N VAL B 114 -33.27 -14.19 -12.94
CA VAL B 114 -34.59 -13.65 -12.89
C VAL B 114 -35.34 -14.41 -11.80
N VAL B 115 -36.35 -13.75 -11.20
CA VAL B 115 -37.31 -14.34 -10.26
C VAL B 115 -38.66 -14.71 -10.90
N LEU B 116 -39.26 -15.75 -10.30
CA LEU B 116 -40.52 -16.37 -10.75
C LEU B 116 -41.67 -15.41 -10.99
N PRO B 117 -41.91 -14.43 -10.08
CA PRO B 117 -42.99 -13.49 -10.40
C PRO B 117 -42.80 -12.62 -11.62
N SER B 118 -41.56 -12.54 -12.13
CA SER B 118 -41.28 -11.86 -13.37
C SER B 118 -41.77 -12.67 -14.56
N LEU B 119 -41.52 -13.98 -14.51
CA LEU B 119 -42.05 -14.89 -15.54
C LEU B 119 -43.58 -15.00 -15.46
N LEU B 120 -44.10 -15.04 -14.24
CA LEU B 120 -45.55 -14.96 -14.01
C LEU B 120 -46.14 -13.79 -14.81
N ALA B 121 -45.53 -12.60 -14.68
CA ALA B 121 -45.99 -11.38 -15.40
C ALA B 121 -45.85 -11.46 -16.94
N GLU B 122 -44.73 -11.95 -17.43
CA GLU B 122 -44.55 -12.08 -18.87
C GLU B 122 -45.60 -13.02 -19.47
N GLN B 123 -45.93 -14.09 -18.76
CA GLN B 123 -46.93 -15.03 -19.26
C GLN B 123 -48.33 -14.40 -19.48
N ILE B 124 -48.72 -13.59 -18.50
CA ILE B 124 -49.99 -12.88 -18.53
C ILE B 124 -49.96 -11.80 -19.63
N MET B 125 -48.87 -11.04 -19.61
CA MET B 125 -48.57 -10.02 -20.58
C MET B 125 -48.60 -10.46 -22.05
N ALA B 126 -48.13 -11.67 -22.32
CA ALA B 126 -48.21 -12.27 -23.63
C ALA B 126 -49.66 -12.54 -24.06
N ALA B 127 -50.56 -12.76 -23.11
CA ALA B 127 -51.95 -13.06 -23.45
C ALA B 127 -52.78 -11.80 -23.68
N VAL B 128 -52.69 -10.82 -22.76
CA VAL B 128 -53.44 -9.60 -22.83
C VAL B 128 -52.83 -8.59 -23.77
N ASN B 129 -51.48 -8.52 -23.84
CA ASN B 129 -50.78 -7.61 -24.76
C ASN B 129 -51.30 -6.14 -24.60
N SER B 130 -51.49 -5.70 -23.36
CA SER B 130 -51.85 -4.28 -23.14
C SER B 130 -50.75 -3.33 -23.61
N SER B 131 -51.11 -2.24 -24.26
CA SER B 131 -50.19 -1.09 -24.49
C SER B 131 -50.44 0.04 -23.50
N VAL B 132 -49.45 0.35 -22.65
CA VAL B 132 -49.64 1.28 -21.53
C VAL B 132 -49.32 2.75 -21.83
N ASP B 133 -49.27 3.10 -23.11
CA ASP B 133 -49.21 4.47 -23.53
C ASP B 133 -50.53 5.21 -23.23
N THR B 134 -51.66 4.54 -23.38
CA THR B 134 -52.94 5.19 -23.11
C THR B 134 -53.87 4.37 -22.26
N TRP B 135 -54.75 5.06 -21.59
CA TRP B 135 -55.73 4.35 -20.75
C TRP B 135 -56.61 3.41 -21.62
N ASP B 136 -56.93 3.86 -22.81
CA ASP B 136 -57.84 3.07 -23.69
C ASP B 136 -57.18 1.85 -24.37
N GLN B 137 -55.92 1.55 -24.05
CA GLN B 137 -55.27 0.31 -24.50
C GLN B 137 -54.75 -0.52 -23.26
N SER B 138 -54.97 -0.03 -22.07
CA SER B 138 -54.51 -0.73 -20.89
C SER B 138 -55.41 -0.76 -19.63
N ALA B 139 -56.29 0.18 -19.44
CA ALA B 139 -57.01 0.25 -18.17
C ALA B 139 -56.09 0.14 -16.94
N GLY B 140 -56.40 -0.80 -16.02
CA GLY B 140 -55.63 -1.03 -14.80
C GLY B 140 -54.13 -1.20 -14.94
N GLY B 141 -53.66 -1.49 -16.14
CA GLY B 141 -52.21 -1.49 -16.41
C GLY B 141 -51.65 -0.09 -16.23
N THR B 142 -52.45 0.91 -16.55
CA THR B 142 -52.00 2.29 -16.45
C THR B 142 -51.84 2.68 -14.99
N LEU B 143 -52.80 2.25 -14.17
CA LEU B 143 -52.80 2.55 -12.76
C LEU B 143 -51.74 1.73 -12.07
N ILE B 144 -51.59 0.45 -12.44
CA ILE B 144 -50.54 -0.40 -11.88
C ILE B 144 -49.15 0.23 -12.08
N GLU B 145 -48.85 0.64 -13.31
CA GLU B 145 -47.54 1.25 -13.54
C GLU B 145 -47.33 2.45 -12.56
N GLN B 146 -48.36 3.27 -12.42
CA GLN B 146 -48.26 4.44 -11.58
C GLN B 146 -47.93 4.08 -10.14
N LYS B 147 -48.57 3.04 -9.65
CA LYS B 147 -48.24 2.39 -8.37
C LYS B 147 -46.79 1.96 -8.25
N VAL B 148 -46.30 1.20 -9.20
CA VAL B 148 -44.89 0.86 -9.15
C VAL B 148 -43.95 2.05 -9.16
N ILE B 149 -44.22 3.02 -10.03
CA ILE B 149 -43.51 4.25 -10.09
C ILE B 149 -43.49 5.02 -8.77
N ASP B 150 -44.68 5.20 -8.21
CA ASP B 150 -44.86 5.94 -6.94
C ASP B 150 -44.16 5.20 -5.82
N TRP B 151 -44.31 3.87 -5.74
CA TRP B 151 -43.54 3.08 -4.77
C TRP B 151 -42.02 3.27 -4.93
N THR B 152 -41.54 3.30 -6.18
CA THR B 152 -40.11 3.54 -6.40
C THR B 152 -39.72 4.93 -5.92
N LEU B 153 -40.51 5.90 -6.27
CA LEU B 153 -40.19 7.27 -5.87
C LEU B 153 -40.15 7.44 -4.32
N SER B 154 -41.02 6.70 -3.63
CA SER B 154 -40.97 6.62 -2.17
C SER B 154 -39.66 6.10 -1.63
N ARG B 155 -39.01 5.20 -2.37
CA ARG B 155 -37.76 4.61 -1.91
C ARG B 155 -36.60 5.49 -2.23
N ILE B 156 -36.69 6.23 -3.35
CA ILE B 156 -35.63 7.20 -3.69
C ILE B 156 -35.65 8.36 -2.72
N GLY B 157 -36.86 8.75 -2.32
CA GLY B 157 -37.06 9.90 -1.42
C GLY B 157 -37.29 11.22 -2.14
N LEU B 158 -37.58 11.18 -3.43
CA LEU B 158 -37.90 12.42 -4.15
C LEU B 158 -39.16 13.13 -3.56
N PRO B 159 -39.22 14.45 -3.65
CA PRO B 159 -40.33 15.15 -2.97
C PRO B 159 -41.69 14.97 -3.66
N ALA B 160 -42.69 15.59 -3.04
CA ALA B 160 -44.09 15.47 -3.40
C ALA B 160 -44.43 15.48 -4.90
N GLY B 161 -44.14 16.56 -5.63
CA GLY B 161 -44.54 16.61 -7.09
C GLY B 161 -43.71 15.83 -8.12
N ALA B 162 -43.03 14.79 -7.67
CA ALA B 162 -42.24 13.93 -8.54
C ALA B 162 -43.05 12.91 -9.31
N ASP B 163 -42.44 12.39 -10.37
CA ASP B 163 -43.08 11.38 -11.22
C ASP B 163 -42.07 10.59 -12.05
N GLY B 164 -42.55 9.58 -12.76
CA GLY B 164 -41.67 8.85 -13.70
C GLY B 164 -42.38 8.00 -14.70
N ILE B 165 -41.62 7.23 -15.46
CA ILE B 165 -42.16 6.46 -16.54
C ILE B 165 -41.29 5.23 -16.80
N PHE B 166 -41.89 4.16 -17.28
CA PHE B 166 -41.12 3.02 -17.67
C PHE B 166 -40.65 3.24 -19.13
N THR B 167 -39.39 2.91 -19.36
CA THR B 167 -38.75 2.98 -20.66
C THR B 167 -38.15 1.65 -21.02
N SER B 168 -37.45 1.58 -22.17
CA SER B 168 -36.88 0.33 -22.63
C SER B 168 -35.75 -0.10 -21.78
N GLY B 169 -35.15 0.88 -21.10
CA GLY B 169 -34.05 0.63 -20.24
C GLY B 169 -33.24 1.88 -20.07
N GLY B 170 -32.09 1.63 -19.47
CA GLY B 170 -31.18 2.59 -18.95
C GLY B 170 -30.69 3.59 -19.90
N THR B 171 -30.32 3.13 -21.09
CA THR B 171 -30.03 3.97 -22.20
C THR B 171 -31.12 5.03 -22.55
N GLN B 172 -32.36 4.64 -22.72
CA GLN B 172 -33.44 5.59 -23.03
C GLN B 172 -33.74 6.48 -21.82
N SER B 173 -33.64 5.95 -20.60
CA SER B 173 -33.79 6.82 -19.41
C SER B 173 -32.72 7.95 -19.36
N ASN B 174 -31.47 7.58 -19.69
CA ASN B 174 -30.36 8.55 -19.74
C ASN B 174 -30.56 9.53 -20.86
N LEU B 175 -31.16 9.09 -21.97
CA LEU B 175 -31.48 10.05 -23.04
C LEU B 175 -32.52 11.06 -22.54
N MET B 176 -33.52 10.57 -21.81
CA MET B 176 -34.60 11.46 -21.38
C MET B 176 -34.03 12.45 -20.39
N ALA B 177 -33.09 11.99 -19.54
CA ALA B 177 -32.40 12.85 -18.57
C ALA B 177 -31.61 14.02 -19.18
N MET B 178 -30.84 13.73 -20.23
CA MET B 178 -30.10 14.80 -20.87
C MET B 178 -31.03 15.69 -21.73
N LEU B 179 -32.15 15.12 -22.20
CA LEU B 179 -33.11 15.83 -22.97
C LEU B 179 -33.78 16.92 -22.08
N LEU B 180 -34.27 16.49 -20.92
CA LEU B 180 -34.85 17.36 -19.94
C LEU B 180 -33.83 18.38 -19.45
N ALA B 181 -32.61 17.98 -19.16
CA ALA B 181 -31.58 18.95 -18.70
C ALA B 181 -31.36 20.00 -19.73
N ARG B 182 -31.11 19.59 -20.97
CA ARG B 182 -31.02 20.46 -22.12
C ARG B 182 -32.23 21.37 -22.23
N ASP B 183 -33.43 20.80 -22.39
CA ASP B 183 -34.63 21.64 -22.56
C ASP B 183 -35.02 22.50 -21.39
N SER B 184 -34.93 21.98 -20.17
CA SER B 184 -35.22 22.87 -18.99
C SER B 184 -34.28 24.06 -18.84
N TRP B 185 -33.01 23.87 -19.20
CA TRP B 185 -32.02 24.93 -19.15
C TRP B 185 -32.39 25.98 -20.16
N CYS B 186 -32.67 25.56 -21.40
CA CYS B 186 -33.11 26.49 -22.42
C CYS B 186 -34.34 27.33 -22.02
N ALA B 187 -35.30 26.73 -21.31
CA ALA B 187 -36.54 27.47 -20.87
C ALA B 187 -36.37 28.49 -19.74
N ALA B 188 -35.33 28.31 -18.93
CA ALA B 188 -35.11 29.17 -17.81
C ALA B 188 -34.20 30.30 -18.24
N HIS B 189 -33.36 30.08 -19.27
CA HIS B 189 -32.35 31.06 -19.70
C HIS B 189 -32.64 31.80 -21.01
N HIS B 190 -33.57 31.29 -21.83
CA HIS B 190 -34.03 32.03 -23.01
C HIS B 190 -35.56 32.06 -22.95
N PRO B 191 -36.13 33.12 -22.33
CA PRO B 191 -37.56 33.39 -22.17
C PRO B 191 -38.46 32.87 -23.27
N GLY B 192 -39.32 31.90 -22.93
CA GLY B 192 -40.21 31.24 -23.91
C GLY B 192 -39.59 30.93 -25.26
N HIS B 193 -38.33 30.48 -25.27
CA HIS B 193 -37.68 29.87 -26.44
C HIS B 193 -37.63 28.38 -26.13
N LEU B 194 -38.62 27.63 -26.61
CA LEU B 194 -38.71 26.19 -26.31
C LEU B 194 -38.10 25.32 -27.40
N ILE B 195 -37.09 24.55 -27.02
CA ILE B 195 -36.33 23.73 -27.97
C ILE B 195 -37.26 22.87 -28.83
N LYS B 196 -38.28 22.30 -28.18
CA LYS B 196 -39.30 21.43 -28.81
C LYS B 196 -39.86 21.96 -30.12
N HIS B 197 -40.14 23.25 -30.11
CA HIS B 197 -40.62 23.94 -31.26
C HIS B 197 -39.53 24.48 -32.22
N ARG B 198 -38.53 25.15 -31.67
CA ARG B 198 -37.66 26.01 -32.46
C ARG B 198 -36.29 25.43 -32.67
N GLY B 199 -36.06 24.26 -32.08
CA GLY B 199 -34.74 23.72 -32.01
C GLY B 199 -33.88 24.61 -31.15
N LEU B 200 -32.56 24.47 -31.35
CA LEU B 200 -31.55 24.86 -30.40
C LEU B 200 -31.22 26.32 -30.55
N PRO B 201 -31.11 27.04 -29.40
CA PRO B 201 -30.81 28.45 -29.47
C PRO B 201 -29.33 28.69 -29.78
N HIS B 202 -29.05 29.94 -30.10
CA HIS B 202 -27.75 30.33 -30.61
C HIS B 202 -26.62 29.80 -29.74
N ASP B 203 -26.75 29.93 -28.42
CA ASP B 203 -25.66 29.59 -27.53
C ASP B 203 -25.58 28.11 -27.03
N ALA B 204 -26.29 27.16 -27.65
CA ALA B 204 -26.21 25.71 -27.33
C ALA B 204 -24.83 25.07 -27.49
N ALA B 205 -24.10 25.48 -28.51
CA ALA B 205 -22.79 24.91 -28.67
C ALA B 205 -21.89 25.13 -27.42
N LYS B 206 -22.26 26.04 -26.52
CA LYS B 206 -21.41 26.29 -25.34
C LYS B 206 -21.76 25.37 -24.17
N TRP B 207 -22.93 24.73 -24.19
CA TRP B 207 -23.43 24.01 -23.02
C TRP B 207 -22.55 22.82 -22.72
N ARG B 208 -22.29 22.58 -21.45
CA ARG B 208 -21.43 21.48 -21.06
C ARG B 208 -22.07 20.65 -19.99
N VAL B 209 -21.91 19.34 -20.13
CA VAL B 209 -22.34 18.33 -19.14
C VAL B 209 -21.12 17.66 -18.53
N PHE B 210 -21.16 17.41 -17.24
CA PHE B 210 -20.02 16.82 -16.55
C PHE B 210 -20.38 15.41 -16.12
N THR B 211 -19.48 14.48 -16.41
CA THR B 211 -19.61 13.10 -15.95
C THR B 211 -18.28 12.53 -15.60
N SER B 212 -18.31 11.49 -14.78
CA SER B 212 -17.11 10.71 -14.47
C SER B 212 -16.60 10.00 -15.73
N LYS B 213 -15.29 9.94 -15.90
CA LYS B 213 -14.67 9.08 -16.91
C LYS B 213 -15.16 7.62 -16.84
N LEU B 214 -15.64 7.15 -15.67
CA LEU B 214 -16.24 5.83 -15.53
C LEU B 214 -17.75 5.74 -15.64
N SER B 215 -18.36 6.82 -16.15
CA SER B 215 -19.78 6.91 -16.52
C SER B 215 -20.08 5.97 -17.62
N HIS B 216 -21.35 5.59 -17.71
CA HIS B 216 -21.77 4.72 -18.81
C HIS B 216 -21.76 5.53 -20.14
N PHE B 217 -21.42 4.90 -21.27
CA PHE B 217 -21.30 5.58 -22.57
C PHE B 217 -22.62 6.12 -23.17
N SER B 218 -23.75 5.61 -22.69
CA SER B 218 -25.09 6.21 -23.00
C SER B 218 -25.24 7.73 -22.84
N ILE B 219 -24.52 8.31 -21.86
CA ILE B 219 -24.44 9.77 -21.67
C ILE B 219 -23.93 10.51 -22.91
N GLN B 220 -22.72 10.20 -23.33
CA GLN B 220 -22.15 10.64 -24.59
C GLN B 220 -23.00 10.30 -25.85
N LYS B 221 -23.54 9.09 -25.96
CA LYS B 221 -24.45 8.71 -27.06
C LYS B 221 -25.67 9.60 -27.05
N SER B 222 -26.19 9.89 -25.86
CA SER B 222 -27.38 10.70 -25.73
C SER B 222 -27.12 12.15 -26.20
N MET B 223 -25.98 12.72 -25.83
CA MET B 223 -25.60 14.09 -26.27
C MET B 223 -25.32 14.13 -27.77
N ALA B 224 -24.89 13.01 -28.37
CA ALA B 224 -24.87 12.92 -29.86
C ALA B 224 -26.20 13.08 -30.49
N ILE B 225 -27.15 12.30 -29.97
CA ILE B 225 -28.48 12.35 -30.43
C ILE B 225 -29.10 13.77 -30.25
N LEU B 226 -28.84 14.40 -29.11
CA LEU B 226 -29.41 15.68 -28.82
C LEU B 226 -28.80 16.81 -29.59
N GLY B 227 -27.86 16.56 -30.49
CA GLY B 227 -27.32 17.61 -31.30
C GLY B 227 -26.24 18.44 -30.70
N LEU B 228 -25.69 17.98 -29.55
CA LEU B 228 -24.58 18.65 -28.89
C LEU B 228 -23.24 17.93 -29.00
N GLY B 229 -23.26 16.62 -29.25
CA GLY B 229 -22.07 15.90 -29.61
C GLY B 229 -21.31 15.49 -28.37
N TYR B 230 -20.41 14.51 -28.50
CA TYR B 230 -19.58 14.06 -27.37
C TYR B 230 -18.76 15.23 -26.76
N ASP B 231 -18.42 16.23 -27.56
CA ASP B 231 -17.70 17.43 -27.09
C ASP B 231 -18.45 18.20 -25.99
N ALA B 232 -19.76 17.99 -25.85
CA ALA B 232 -20.48 18.74 -24.83
C ALA B 232 -20.30 18.11 -23.45
N VAL B 233 -19.62 16.97 -23.39
CA VAL B 233 -19.50 16.18 -22.19
C VAL B 233 -18.07 16.39 -21.77
N ILE B 234 -17.88 16.87 -20.54
CA ILE B 234 -16.57 17.03 -19.92
C ILE B 234 -16.35 15.86 -18.92
N PRO B 235 -15.43 14.93 -19.24
CA PRO B 235 -15.09 13.83 -18.34
C PRO B 235 -14.28 14.31 -17.14
N VAL B 236 -14.68 13.88 -15.95
CA VAL B 236 -14.13 14.30 -14.70
C VAL B 236 -13.39 13.13 -14.06
N ASP B 237 -12.18 13.41 -13.57
CA ASP B 237 -11.30 12.37 -13.05
C ASP B 237 -12.00 11.69 -11.89
N TYR B 238 -11.60 10.47 -11.64
CA TYR B 238 -12.10 9.71 -10.49
C TYR B 238 -11.05 9.61 -9.38
N ASP B 239 -11.55 9.34 -8.17
CA ASP B 239 -10.82 8.95 -6.95
C ASP B 239 -9.97 7.73 -7.09
N GLU B 240 -9.17 7.51 -6.05
CA GLU B 240 -8.49 6.25 -5.78
C GLU B 240 -9.45 5.10 -5.39
N ARG B 241 -10.67 5.43 -4.94
CA ARG B 241 -11.80 4.46 -4.92
C ARG B 241 -12.76 4.50 -6.14
N TYR B 242 -12.26 5.06 -7.25
CA TYR B 242 -12.97 5.10 -8.51
C TYR B 242 -14.34 5.83 -8.52
N ARG B 243 -14.53 6.68 -7.51
CA ARG B 243 -15.62 7.64 -7.41
C ARG B 243 -15.19 8.94 -8.00
N MET B 244 -16.13 9.61 -8.68
CA MET B 244 -15.89 10.92 -9.19
C MET B 244 -15.35 11.90 -8.13
N ASP B 245 -14.28 12.61 -8.47
CA ASP B 245 -13.64 13.54 -7.54
C ASP B 245 -14.24 14.93 -7.63
N VAL B 246 -14.88 15.37 -6.56
CA VAL B 246 -15.63 16.62 -6.58
C VAL B 246 -14.76 17.85 -6.68
N ASP B 247 -13.55 17.79 -6.10
CA ASP B 247 -12.47 18.79 -6.34
C ASP B 247 -12.20 18.93 -7.83
N CYS B 248 -12.09 17.79 -8.51
CA CYS B 248 -11.83 17.82 -9.95
C CYS B 248 -13.05 18.38 -10.72
N LEU B 249 -14.27 18.10 -10.22
CA LEU B 249 -15.51 18.64 -10.84
C LEU B 249 -15.49 20.17 -10.74
N LYS B 250 -15.19 20.66 -9.52
CA LYS B 250 -15.10 22.10 -9.22
C LYS B 250 -14.16 22.72 -10.25
N GLN B 251 -12.97 22.14 -10.34
CA GLN B 251 -11.95 22.57 -11.32
C GLN B 251 -12.47 22.55 -12.76
N GLU B 252 -13.21 21.51 -13.11
CA GLU B 252 -13.78 21.45 -14.49
C GLU B 252 -14.82 22.50 -14.76
N VAL B 253 -15.69 22.74 -13.78
CA VAL B 253 -16.73 23.74 -13.92
C VAL B 253 -16.12 25.14 -14.08
N GLN B 254 -15.05 25.42 -13.32
CA GLN B 254 -14.35 26.70 -13.32
C GLN B 254 -13.50 26.91 -14.59
N ARG B 255 -12.83 25.87 -15.07
CA ARG B 255 -12.13 25.94 -16.37
C ARG B 255 -13.11 26.18 -17.50
N CYS B 256 -14.26 25.52 -17.39
CA CYS B 256 -15.33 25.69 -18.34
C CYS B 256 -15.84 27.15 -18.31
N LEU B 257 -15.98 27.71 -17.12
CA LEU B 257 -16.45 29.11 -17.00
C LEU B 257 -15.41 30.16 -17.49
N GLN B 258 -14.12 29.79 -17.49
CA GLN B 258 -13.06 30.68 -17.98
C GLN B 258 -12.87 30.54 -19.50
N GLN B 259 -13.46 29.53 -20.12
CA GLN B 259 -13.46 29.42 -21.57
C GLN B 259 -14.70 30.14 -22.20
N GLY B 260 -15.57 30.71 -21.37
CA GLY B 260 -16.88 31.24 -21.81
C GLY B 260 -17.99 30.20 -22.00
N LEU B 261 -17.68 28.95 -21.63
CA LEU B 261 -18.61 27.83 -21.79
C LEU B 261 -19.56 27.80 -20.57
N ILE B 262 -20.68 27.11 -20.75
CA ILE B 262 -21.81 27.24 -19.85
C ILE B 262 -22.07 25.86 -19.21
N PRO B 263 -21.90 25.74 -17.88
CA PRO B 263 -22.18 24.45 -17.26
C PRO B 263 -23.67 24.31 -17.05
N VAL B 264 -24.18 23.17 -17.50
CA VAL B 264 -25.63 22.94 -17.58
C VAL B 264 -26.07 21.74 -16.72
N ALA B 265 -25.22 20.72 -16.63
CA ALA B 265 -25.56 19.52 -15.90
C ALA B 265 -24.39 18.63 -15.49
N VAL B 266 -24.65 17.92 -14.41
CA VAL B 266 -23.78 16.87 -13.93
C VAL B 266 -24.47 15.48 -13.89
N VAL B 267 -23.85 14.48 -14.50
CA VAL B 267 -24.26 13.12 -14.29
C VAL B 267 -23.42 12.49 -13.22
N ALA B 268 -24.11 12.08 -12.15
CA ALA B 268 -23.56 11.30 -11.03
C ALA B 268 -24.03 9.89 -11.16
N THR B 269 -23.07 8.95 -11.14
CA THR B 269 -23.32 7.55 -11.27
C THR B 269 -23.20 6.85 -9.90
N SER B 270 -24.36 6.35 -9.44
CA SER B 270 -24.47 5.68 -8.16
C SER B 270 -24.34 4.19 -8.40
N GLY B 271 -23.15 3.81 -8.89
CA GLY B 271 -22.86 2.45 -9.32
C GLY B 271 -22.33 2.41 -10.73
N THR B 272 -21.02 2.66 -10.87
CA THR B 272 -20.40 2.61 -12.18
C THR B 272 -20.45 1.16 -12.69
N THR B 273 -20.62 1.02 -14.00
CA THR B 273 -20.77 -0.30 -14.64
C THR B 273 -19.60 -1.25 -14.35
N ASP B 274 -18.37 -0.76 -14.44
CA ASP B 274 -17.21 -1.59 -14.19
C ASP B 274 -16.85 -1.82 -12.71
N PHE B 275 -16.79 -0.74 -11.91
CA PHE B 275 -16.27 -0.73 -10.52
C PHE B 275 -17.37 -0.82 -9.46
N GLY B 276 -18.62 -0.54 -9.86
CA GLY B 276 -19.72 -0.50 -8.91
C GLY B 276 -19.59 0.62 -7.92
N SER B 277 -18.86 1.65 -8.32
CA SER B 277 -18.46 2.72 -7.43
C SER B 277 -19.61 3.74 -7.45
N ILE B 278 -19.79 4.44 -6.35
CA ILE B 278 -20.90 5.35 -6.11
C ILE B 278 -20.23 6.71 -6.02
N ASP B 279 -20.53 7.58 -6.99
CA ASP B 279 -20.09 8.99 -6.93
C ASP B 279 -20.70 9.66 -5.63
N PRO B 280 -20.07 10.75 -5.14
CA PRO B 280 -20.52 11.42 -3.85
C PRO B 280 -21.71 12.28 -4.14
N LEU B 281 -22.89 11.80 -3.80
CA LEU B 281 -24.11 12.42 -4.30
C LEU B 281 -24.33 13.77 -3.67
N GLY B 282 -24.22 13.81 -2.34
CA GLY B 282 -24.33 15.04 -1.58
C GLY B 282 -23.45 16.17 -2.06
N ALA B 283 -22.17 15.93 -2.21
CA ALA B 283 -21.26 16.96 -2.70
C ALA B 283 -21.59 17.45 -4.13
N ILE B 284 -21.86 16.51 -5.04
CA ILE B 284 -22.27 16.87 -6.38
C ILE B 284 -23.50 17.76 -6.41
N SER B 285 -24.47 17.48 -5.55
CA SER B 285 -25.75 18.18 -5.51
C SER B 285 -25.60 19.63 -4.99
N GLU B 286 -24.65 19.85 -4.07
CA GLU B 286 -24.28 21.22 -3.61
C GLU B 286 -23.59 22.03 -4.76
N LEU B 287 -22.66 21.41 -5.46
CA LEU B 287 -22.06 22.08 -6.59
C LEU B 287 -23.12 22.44 -7.64
N CYS B 288 -23.96 21.45 -7.96
CA CYS B 288 -25.03 21.69 -8.91
C CYS B 288 -25.92 22.88 -8.54
N LYS B 289 -26.46 22.92 -7.33
CA LYS B 289 -27.34 24.01 -6.94
C LYS B 289 -26.62 25.38 -7.01
N HIS B 290 -25.37 25.41 -6.52
CA HIS B 290 -24.56 26.61 -6.58
C HIS B 290 -24.45 27.16 -8.01
N HIS B 291 -24.38 26.29 -9.01
CA HIS B 291 -24.23 26.76 -10.40
C HIS B 291 -25.51 26.57 -11.23
N GLY B 292 -26.65 26.42 -10.56
CA GLY B 292 -27.96 26.15 -11.24
C GLY B 292 -28.10 24.91 -12.11
N MET B 293 -27.26 23.92 -11.88
CA MET B 293 -27.17 22.77 -12.80
C MET B 293 -28.16 21.66 -12.49
N TRP B 294 -28.51 20.89 -13.51
CA TRP B 294 -29.38 19.75 -13.38
C TRP B 294 -28.52 18.63 -12.79
N MET B 295 -29.02 17.97 -11.75
CA MET B 295 -28.39 16.76 -11.25
C MET B 295 -29.15 15.53 -11.70
N HIS B 296 -28.46 14.71 -12.47
CA HIS B 296 -29.01 13.44 -12.85
C HIS B 296 -28.25 12.34 -12.14
N VAL B 297 -28.98 11.47 -11.44
CA VAL B 297 -28.34 10.29 -10.84
C VAL B 297 -28.56 9.09 -11.74
N ASP B 298 -27.49 8.54 -12.30
CA ASP B 298 -27.57 7.27 -13.05
C ASP B 298 -27.44 6.13 -12.06
N ALA B 299 -28.56 5.50 -11.76
CA ALA B 299 -28.61 4.43 -10.77
C ALA B 299 -28.92 3.05 -11.38
N ALA B 300 -28.53 2.85 -12.61
CA ALA B 300 -29.07 1.74 -13.36
C ALA B 300 -28.73 0.45 -12.63
N TYR B 301 -27.50 0.40 -12.13
CA TYR B 301 -27.00 -0.72 -11.38
C TYR B 301 -27.30 -0.50 -9.91
N GLY B 302 -26.98 0.68 -9.43
CA GLY B 302 -27.07 0.98 -7.98
C GLY B 302 -28.43 0.90 -7.31
N CYS B 303 -29.50 1.06 -8.09
CA CYS B 303 -30.87 1.07 -7.58
C CYS B 303 -31.22 -0.17 -6.71
N GLY B 304 -30.48 -1.26 -6.85
CA GLY B 304 -30.66 -2.41 -5.96
C GLY B 304 -30.62 -2.06 -4.46
N LEU B 305 -29.89 -1.00 -4.11
CA LEU B 305 -29.74 -0.60 -2.72
C LEU B 305 -31.00 0.05 -2.15
N LEU B 306 -31.95 0.43 -3.02
CA LEU B 306 -33.24 0.98 -2.59
C LEU B 306 -34.07 -0.01 -1.83
N VAL B 307 -33.75 -1.30 -1.97
CA VAL B 307 -34.43 -2.38 -1.21
C VAL B 307 -33.58 -3.06 -0.11
N SER B 308 -32.40 -2.53 0.20
CA SER B 308 -31.53 -3.15 1.21
C SER B 308 -31.79 -2.52 2.59
N GLU B 309 -32.16 -3.38 3.53
CA GLU B 309 -32.35 -3.04 4.96
C GLU B 309 -31.25 -2.15 5.52
N SER B 310 -29.99 -2.48 5.22
CA SER B 310 -28.82 -1.84 5.85
C SER B 310 -28.02 -0.94 4.92
N HIS B 311 -27.97 -1.28 3.63
CA HIS B 311 -27.13 -0.62 2.69
C HIS B 311 -27.76 0.61 2.06
N ARG B 312 -29.08 0.73 2.13
CA ARG B 312 -29.82 1.93 1.60
C ARG B 312 -29.12 3.27 1.88
N PRO B 313 -28.58 3.45 3.12
CA PRO B 313 -27.80 4.69 3.38
C PRO B 313 -26.65 4.94 2.43
N ARG B 314 -26.16 3.92 1.73
CA ARG B 314 -25.07 4.14 0.80
C ARG B 314 -25.49 4.91 -0.47
N LEU B 315 -26.79 5.04 -0.70
CA LEU B 315 -27.36 5.89 -1.76
C LEU B 315 -27.81 7.30 -1.28
N ALA B 316 -27.62 7.62 -0.01
CA ALA B 316 -28.00 8.98 0.50
C ALA B 316 -27.40 10.13 -0.31
N GLY B 317 -28.25 11.08 -0.66
CA GLY B 317 -27.92 12.11 -1.61
C GLY B 317 -28.65 11.91 -2.95
N ILE B 318 -29.17 10.70 -3.20
CA ILE B 318 -30.01 10.40 -4.37
C ILE B 318 -31.33 11.17 -4.29
N GLU B 319 -31.80 11.44 -3.07
CA GLU B 319 -33.06 12.17 -2.87
C GLU B 319 -32.98 13.62 -3.32
N LYS B 320 -31.78 14.11 -3.57
CA LYS B 320 -31.54 15.46 -4.02
C LYS B 320 -31.58 15.61 -5.57
N ALA B 321 -31.46 14.53 -6.30
CA ALA B 321 -31.40 14.55 -7.78
C ALA B 321 -32.54 15.34 -8.47
N ASP B 322 -32.28 15.87 -9.66
CA ASP B 322 -33.38 16.40 -10.51
C ASP B 322 -34.01 15.26 -11.31
N SER B 323 -33.16 14.29 -11.75
CA SER B 323 -33.61 12.99 -12.30
C SER B 323 -32.83 11.77 -11.86
N VAL B 324 -33.44 10.60 -12.05
CA VAL B 324 -32.87 9.33 -11.62
C VAL B 324 -33.23 8.26 -12.66
N THR B 325 -32.22 7.51 -13.07
CA THR B 325 -32.45 6.33 -13.88
C THR B 325 -32.25 5.06 -13.05
N VAL B 326 -33.13 4.12 -13.28
CA VAL B 326 -33.23 2.89 -12.50
C VAL B 326 -33.42 1.68 -13.42
N ASP B 327 -32.62 0.59 -13.26
CA ASP B 327 -32.82 -0.67 -14.06
C ASP B 327 -33.21 -1.84 -13.20
N TYR B 328 -34.50 -2.22 -13.28
CA TYR B 328 -35.01 -3.33 -12.54
C TYR B 328 -34.54 -4.61 -13.17
N HIS B 329 -34.25 -4.52 -14.48
CA HIS B 329 -33.67 -5.64 -15.22
C HIS B 329 -32.15 -5.91 -15.06
N LYS B 330 -31.42 -5.07 -14.28
CA LYS B 330 -30.10 -5.43 -13.67
C LYS B 330 -30.10 -5.83 -12.18
N SER B 331 -30.75 -5.04 -11.33
CA SER B 331 -30.63 -5.23 -9.91
C SER B 331 -31.85 -5.69 -9.17
N PHE B 332 -32.99 -5.78 -9.85
CA PHE B 332 -34.21 -6.33 -9.26
C PHE B 332 -34.66 -7.67 -9.82
N PHE B 333 -33.76 -8.44 -10.46
CA PHE B 333 -34.11 -9.83 -10.96
C PHE B 333 -35.37 -9.90 -11.85
N GLN B 334 -35.61 -8.83 -12.61
CA GLN B 334 -36.69 -8.75 -13.58
C GLN B 334 -36.20 -8.94 -14.97
N THR B 335 -36.98 -9.61 -15.78
CA THR B 335 -36.62 -9.87 -17.18
C THR B 335 -36.48 -8.53 -17.95
N VAL B 336 -35.70 -8.56 -19.02
CA VAL B 336 -35.59 -7.43 -19.94
C VAL B 336 -36.88 -7.37 -20.76
N SER B 337 -37.56 -6.23 -20.92
CA SER B 337 -37.23 -4.88 -20.45
C SER B 337 -37.96 -4.56 -19.13
N CYS B 338 -37.23 -3.92 -18.24
CA CYS B 338 -37.79 -3.44 -17.01
C CYS B 338 -36.87 -2.35 -16.46
N GLY B 339 -37.24 -1.13 -16.74
CA GLY B 339 -36.49 -0.01 -16.32
C GLY B 339 -37.32 1.21 -16.45
N ALA B 340 -36.91 2.22 -15.72
CA ALA B 340 -37.68 3.42 -15.55
C ALA B 340 -36.84 4.64 -15.27
N PHE B 341 -37.44 5.79 -15.60
CA PHE B 341 -36.85 7.14 -15.50
C PHE B 341 -37.68 8.01 -14.56
N PHE B 342 -37.03 8.71 -13.64
CA PHE B 342 -37.69 9.48 -12.63
C PHE B 342 -37.27 10.92 -12.65
N VAL B 343 -38.23 11.84 -12.45
CA VAL B 343 -37.96 13.29 -12.30
C VAL B 343 -38.39 13.88 -10.92
N ARG B 344 -37.67 14.89 -10.45
CA ARG B 344 -38.00 15.55 -9.20
C ARG B 344 -39.31 16.34 -9.37
N ASP B 345 -39.46 16.97 -10.53
CA ASP B 345 -40.56 17.85 -10.87
C ASP B 345 -41.20 17.47 -12.20
N LYS B 346 -42.42 16.95 -12.10
CA LYS B 346 -43.16 16.38 -13.22
C LYS B 346 -43.38 17.34 -14.35
N HIS B 347 -43.37 18.63 -14.07
CA HIS B 347 -43.50 19.63 -15.11
C HIS B 347 -42.40 19.58 -16.15
N HIS B 348 -41.21 19.02 -15.84
CA HIS B 348 -40.14 18.98 -16.81
C HIS B 348 -40.46 17.96 -17.89
N LEU B 349 -41.24 16.93 -17.55
CA LEU B 349 -41.70 15.93 -18.49
C LEU B 349 -42.53 16.58 -19.59
N SER B 350 -43.10 17.76 -19.33
CA SER B 350 -43.81 18.47 -20.40
C SER B 350 -42.92 18.61 -21.66
N HIS B 351 -41.59 18.75 -21.52
CA HIS B 351 -40.77 18.84 -22.75
C HIS B 351 -40.94 17.62 -23.71
N VAL B 352 -41.38 16.47 -23.22
CA VAL B 352 -41.53 15.30 -24.08
C VAL B 352 -42.93 15.12 -24.74
N THR B 353 -43.97 15.78 -24.23
CA THR B 353 -45.33 15.65 -24.83
C THR B 353 -45.68 16.80 -25.78
N GLY B 368 -60.07 13.87 -17.24
CA GLY B 368 -59.26 13.13 -16.29
C GLY B 368 -58.77 11.78 -16.77
N THR B 369 -58.56 11.63 -18.08
CA THR B 369 -58.00 10.40 -18.65
C THR B 369 -56.46 10.26 -18.46
N PRO B 370 -56.00 9.28 -17.63
CA PRO B 370 -54.56 9.04 -17.51
C PRO B 370 -53.90 8.39 -18.74
N ASN B 371 -53.21 9.21 -19.52
CA ASN B 371 -52.36 8.78 -20.63
C ASN B 371 -50.86 8.92 -20.39
N LEU B 372 -50.17 7.81 -20.13
CA LEU B 372 -48.74 7.87 -19.78
C LEU B 372 -47.84 8.27 -20.93
N VAL B 373 -48.30 8.08 -22.18
CA VAL B 373 -47.61 8.62 -23.37
C VAL B 373 -47.20 10.10 -23.19
N ASN B 374 -47.97 10.87 -22.41
CA ASN B 374 -47.61 12.28 -22.22
C ASN B 374 -46.23 12.48 -21.55
N LYS B 375 -45.72 11.48 -20.83
CA LYS B 375 -44.39 11.51 -20.19
C LYS B 375 -43.27 10.67 -20.87
N SER B 376 -43.56 10.14 -22.04
CA SER B 376 -42.74 9.10 -22.66
C SER B 376 -42.23 9.63 -23.95
N ILE B 377 -41.06 9.12 -24.39
CA ILE B 377 -40.54 9.29 -25.73
C ILE B 377 -40.79 8.07 -26.63
N GLN B 378 -41.52 7.07 -26.12
CA GLN B 378 -42.08 6.00 -26.92
C GLN B 378 -43.58 6.28 -27.16
N THR B 379 -44.15 5.53 -28.09
CA THR B 379 -45.56 5.48 -28.26
C THR B 379 -46.12 4.14 -27.72
N THR B 380 -46.40 3.17 -28.56
CA THR B 380 -46.76 1.86 -28.13
C THR B 380 -45.74 1.28 -27.13
N ARG B 381 -46.22 0.84 -25.99
CA ARG B 381 -45.35 0.39 -24.94
C ARG B 381 -45.98 -0.74 -24.14
N ARG B 382 -45.19 -1.75 -23.87
CA ARG B 382 -45.63 -2.97 -23.22
C ARG B 382 -45.66 -2.80 -21.70
N PHE B 383 -46.44 -3.62 -21.03
CA PHE B 383 -46.75 -3.48 -19.61
C PHE B 383 -45.64 -4.03 -18.70
N ASP B 384 -44.46 -3.43 -18.82
CA ASP B 384 -43.28 -3.90 -18.09
C ASP B 384 -43.45 -3.81 -16.58
N ALA B 385 -44.21 -2.82 -16.17
CA ALA B 385 -44.52 -2.64 -14.76
C ALA B 385 -45.18 -3.84 -14.10
N LEU B 386 -45.84 -4.72 -14.86
CA LEU B 386 -46.48 -5.92 -14.25
C LEU B 386 -45.48 -6.81 -13.55
N LYS B 387 -44.23 -6.74 -14.02
CA LYS B 387 -43.15 -7.54 -13.51
C LYS B 387 -42.75 -7.12 -12.11
N MET B 388 -42.58 -5.81 -11.89
CA MET B 388 -42.25 -5.27 -10.60
C MET B 388 -43.49 -5.35 -9.74
N TRP B 389 -44.67 -5.27 -10.35
CA TRP B 389 -45.90 -5.31 -9.59
C TRP B 389 -46.16 -6.68 -9.00
N LEU B 390 -46.05 -7.69 -9.84
CA LEU B 390 -46.23 -9.05 -9.34
C LEU B 390 -45.08 -9.52 -8.46
N THR B 391 -43.86 -9.01 -8.66
CA THR B 391 -42.77 -9.37 -7.77
C THR B 391 -43.06 -8.89 -6.35
N LEU B 392 -43.41 -7.62 -6.20
CA LEU B 392 -43.69 -7.08 -4.88
C LEU B 392 -44.90 -7.74 -4.21
N ARG B 393 -45.95 -7.98 -5.02
CA ARG B 393 -47.13 -8.59 -4.52
C ARG B 393 -46.86 -10.03 -4.01
N VAL B 394 -46.11 -10.82 -4.77
CA VAL B 394 -45.91 -12.24 -4.45
C VAL B 394 -44.77 -12.34 -3.45
N SER B 395 -43.60 -11.87 -3.86
CA SER B 395 -42.40 -11.99 -3.10
C SER B 395 -42.35 -10.72 -2.29
N GLY B 396 -41.85 -10.74 -1.07
CA GLY B 396 -41.60 -9.40 -0.44
C GLY B 396 -40.76 -8.40 -1.31
N PRO B 397 -40.88 -7.09 -1.05
CA PRO B 397 -39.75 -6.19 -1.25
C PRO B 397 -38.51 -6.61 -0.41
N MET B 398 -38.74 -7.16 0.79
CA MET B 398 -37.62 -7.64 1.64
C MET B 398 -36.98 -8.91 1.05
N ALA B 399 -37.74 -9.69 0.30
CA ALA B 399 -37.14 -10.79 -0.45
C ALA B 399 -36.09 -10.27 -1.47
N LEU B 400 -36.33 -9.12 -2.12
CA LEU B 400 -35.34 -8.54 -3.05
C LEU B 400 -34.07 -8.03 -2.37
N GLY B 401 -34.27 -7.38 -1.24
CA GLY B 401 -33.20 -6.85 -0.42
C GLY B 401 -32.33 -7.90 0.18
N ASN B 402 -32.93 -9.04 0.54
CA ASN B 402 -32.22 -10.20 1.10
C ASN B 402 -31.28 -10.76 0.07
N ALA B 403 -31.78 -10.95 -1.14
CA ALA B 403 -30.98 -11.35 -2.28
C ALA B 403 -29.84 -10.38 -2.54
N PHE B 404 -30.15 -9.09 -2.62
CA PHE B 404 -29.15 -8.11 -3.02
C PHE B 404 -28.03 -8.03 -1.97
N ASP B 405 -28.44 -7.99 -0.69
CA ASP B 405 -27.50 -8.16 0.42
C ASP B 405 -26.61 -9.34 0.38
N ASP B 406 -27.16 -10.51 0.17
CA ASP B 406 -26.33 -11.70 -0.06
C ASP B 406 -25.29 -11.57 -1.18
N ILE B 407 -25.69 -10.96 -2.29
CA ILE B 407 -24.73 -10.70 -3.39
C ILE B 407 -23.64 -9.67 -2.96
N LEU B 408 -24.03 -8.59 -2.26
CA LEU B 408 -23.01 -7.71 -1.65
C LEU B 408 -22.02 -8.44 -0.71
N ALA B 409 -22.49 -9.32 0.16
CA ALA B 409 -21.58 -10.05 1.08
C ALA B 409 -20.74 -11.06 0.28
N LEU B 410 -21.34 -11.69 -0.72
CA LEU B 410 -20.56 -12.62 -1.53
C LEU B 410 -19.36 -11.92 -2.21
N THR B 411 -19.55 -10.68 -2.71
CA THR B 411 -18.51 -9.91 -3.44
C THR B 411 -17.35 -9.52 -2.52
N GLN B 412 -17.68 -9.26 -1.25
CA GLN B 412 -16.67 -9.03 -0.20
C GLN B 412 -15.81 -10.25 0.02
N ILE B 413 -16.40 -11.43 -0.07
CA ILE B 413 -15.70 -12.69 0.02
C ILE B 413 -14.83 -12.90 -1.21
N ALA B 414 -15.34 -12.58 -2.39
CA ALA B 414 -14.53 -12.73 -3.61
C ALA B 414 -13.34 -11.76 -3.58
N HIS B 415 -13.57 -10.53 -3.13
CA HIS B 415 -12.48 -9.58 -2.96
C HIS B 415 -11.40 -10.12 -2.03
N GLN B 416 -11.84 -10.73 -0.90
CA GLN B 416 -10.93 -11.40 -0.02
C GLN B 416 -10.15 -12.48 -0.74
N LEU B 417 -10.82 -13.36 -1.47
CA LEU B 417 -10.14 -14.48 -2.17
C LEU B 417 -9.20 -14.08 -3.29
N LEU B 418 -9.57 -13.01 -4.01
CA LEU B 418 -8.77 -12.45 -5.08
C LEU B 418 -7.49 -11.81 -4.53
N ASN B 419 -7.63 -11.03 -3.46
CA ASN B 419 -6.53 -10.29 -2.85
C ASN B 419 -5.53 -11.27 -2.23
N ALA B 420 -6.05 -12.19 -1.42
CA ALA B 420 -5.30 -13.33 -0.94
C ALA B 420 -4.34 -13.96 -2.00
N HIS B 421 -4.76 -14.03 -3.26
CA HIS B 421 -3.92 -14.65 -4.29
C HIS B 421 -2.73 -13.77 -4.75
N PRO B 422 -1.44 -14.24 -4.63
CA PRO B 422 -0.23 -13.45 -5.02
C PRO B 422 -0.12 -13.11 -6.49
N ALA B 423 -0.64 -14.02 -7.33
CA ALA B 423 -0.76 -13.79 -8.77
C ALA B 423 -1.92 -12.86 -9.21
N ILE B 424 -2.91 -12.61 -8.35
CA ILE B 424 -4.02 -11.69 -8.68
C ILE B 424 -3.82 -10.31 -8.11
N GLU B 425 -3.84 -9.32 -8.99
CA GLU B 425 -3.88 -7.91 -8.62
C GLU B 425 -5.33 -7.37 -8.64
N VAL B 426 -5.82 -6.89 -7.49
CA VAL B 426 -7.19 -6.30 -7.36
C VAL B 426 -7.06 -4.80 -7.19
N LEU B 427 -8.01 -4.03 -7.72
CA LEU B 427 -7.91 -2.56 -7.75
C LEU B 427 -8.75 -1.90 -6.67
N HIS B 428 -9.71 -2.60 -6.12
CA HIS B 428 -10.64 -1.90 -5.24
C HIS B 428 -11.34 -2.87 -4.39
N VAL B 429 -11.82 -2.34 -3.28
CA VAL B 429 -12.71 -3.10 -2.45
C VAL B 429 -14.19 -2.89 -2.92
N PRO B 430 -15.00 -3.97 -2.99
CA PRO B 430 -16.28 -3.76 -3.71
C PRO B 430 -17.27 -2.86 -3.05
N GLU B 431 -17.68 -1.87 -3.80
CA GLU B 431 -18.68 -0.97 -3.35
C GLU B 431 -20.07 -1.52 -3.68
N LEU B 432 -20.11 -2.51 -4.56
CA LEU B 432 -21.32 -3.18 -4.89
C LEU B 432 -20.98 -4.60 -5.19
N THR B 433 -21.23 -5.03 -6.41
CA THR B 433 -21.28 -6.42 -6.66
C THR B 433 -20.18 -6.82 -7.67
N THR B 434 -19.30 -5.88 -7.98
CA THR B 434 -18.34 -6.01 -9.06
C THR B 434 -16.90 -5.95 -8.52
N GLN B 435 -15.98 -6.69 -9.13
CA GLN B 435 -14.57 -6.69 -8.76
C GLN B 435 -13.71 -6.62 -10.02
N ILE B 436 -12.86 -5.58 -10.15
CA ILE B 436 -11.95 -5.43 -11.25
C ILE B 436 -10.54 -5.89 -10.79
N PHE B 437 -9.98 -6.84 -11.54
CA PHE B 437 -8.73 -7.42 -11.19
C PHE B 437 -7.99 -7.89 -12.43
N ARG B 438 -6.71 -8.22 -12.28
CA ARG B 438 -5.98 -8.88 -13.36
C ARG B 438 -4.92 -9.86 -12.88
N TYR B 439 -4.57 -10.75 -13.80
CA TYR B 439 -3.54 -11.68 -13.57
C TYR B 439 -2.19 -11.03 -13.91
N VAL B 440 -1.33 -10.97 -12.92
CA VAL B 440 0.03 -10.43 -13.07
C VAL B 440 0.96 -11.59 -12.73
N PRO B 441 1.60 -12.23 -13.73
CA PRO B 441 2.49 -13.34 -13.41
C PRO B 441 3.85 -12.87 -12.88
N ASP B 447 3.75 -4.87 -19.75
CA ASP B 447 2.48 -4.16 -19.89
C ASP B 447 1.62 -4.61 -21.10
N ALA B 448 2.00 -4.23 -22.32
CA ALA B 448 1.37 -4.81 -23.52
C ALA B 448 1.42 -6.33 -23.53
N LEU B 449 2.29 -6.95 -22.71
CA LEU B 449 2.27 -8.41 -22.51
C LEU B 449 1.22 -8.84 -21.48
N THR B 450 1.17 -8.16 -20.35
CA THR B 450 0.13 -8.42 -19.36
C THR B 450 -1.27 -8.18 -19.94
N ASP B 451 -1.38 -7.25 -20.90
CA ASP B 451 -2.64 -7.06 -21.63
C ASP B 451 -3.05 -8.26 -22.47
N GLU B 452 -2.13 -8.78 -23.27
CA GLU B 452 -2.34 -9.98 -24.04
C GLU B 452 -2.71 -11.13 -23.13
N ILE B 453 -1.99 -11.27 -22.02
CA ILE B 453 -2.16 -12.43 -21.21
C ILE B 453 -3.59 -12.39 -20.61
N ASN B 454 -4.10 -11.23 -20.17
CA ASN B 454 -5.44 -11.20 -19.53
C ASN B 454 -6.59 -11.29 -20.53
N THR B 455 -6.45 -10.64 -21.68
CA THR B 455 -7.40 -10.81 -22.78
C THR B 455 -7.44 -12.23 -23.28
N ASN B 456 -6.31 -12.95 -23.30
CA ASN B 456 -6.37 -14.37 -23.62
C ASN B 456 -6.95 -15.23 -22.53
N ILE B 457 -6.79 -14.88 -21.25
CA ILE B 457 -7.45 -15.63 -20.20
C ILE B 457 -8.96 -15.57 -20.39
N ARG B 458 -9.51 -14.39 -20.57
CA ARG B 458 -11.00 -14.31 -20.74
C ARG B 458 -11.51 -15.13 -21.93
N LYS B 459 -10.78 -15.04 -23.04
CA LYS B 459 -11.14 -15.79 -24.25
C LYS B 459 -11.06 -17.29 -23.95
N ALA B 460 -10.01 -17.73 -23.27
CA ALA B 460 -9.95 -19.15 -22.93
C ALA B 460 -11.11 -19.51 -22.01
N VAL B 461 -11.36 -18.73 -20.95
CA VAL B 461 -12.42 -19.10 -19.99
C VAL B 461 -13.74 -19.26 -20.75
N PHE B 462 -14.00 -18.33 -21.67
CA PHE B 462 -15.17 -18.36 -22.52
C PHE B 462 -15.26 -19.60 -23.39
N ARG B 463 -14.18 -19.92 -24.10
CA ARG B 463 -14.11 -21.08 -24.98
C ARG B 463 -14.32 -22.40 -24.19
N SER B 464 -13.72 -22.49 -23.00
CA SER B 464 -13.94 -23.62 -22.13
C SER B 464 -15.37 -23.73 -21.66
N GLY B 465 -16.12 -22.63 -21.68
CA GLY B 465 -17.46 -22.59 -21.17
C GLY B 465 -17.63 -22.77 -19.67
N ASN B 466 -16.53 -23.03 -18.93
CA ASN B 466 -16.68 -23.50 -17.59
C ASN B 466 -17.03 -22.34 -16.67
N ALA B 467 -16.86 -21.12 -17.15
CA ALA B 467 -17.39 -19.94 -16.52
C ALA B 467 -17.45 -18.78 -17.51
N VAL B 468 -18.17 -17.74 -17.15
CA VAL B 468 -18.16 -16.53 -17.98
C VAL B 468 -17.69 -15.36 -17.15
N ILE B 469 -16.64 -14.76 -17.63
CA ILE B 469 -15.91 -13.63 -17.09
C ILE B 469 -16.12 -12.44 -18.05
N ALA B 470 -15.93 -11.22 -17.58
CA ALA B 470 -15.99 -10.03 -18.46
C ALA B 470 -14.66 -9.32 -18.40
N GLY B 471 -14.54 -8.24 -19.14
CA GLY B 471 -13.26 -7.52 -19.28
C GLY B 471 -13.52 -6.04 -19.33
N THR B 472 -12.49 -5.25 -19.05
CA THR B 472 -12.61 -3.82 -19.05
C THR B 472 -11.21 -3.22 -19.24
N LYS B 473 -11.15 -2.05 -19.87
CA LYS B 473 -9.89 -1.28 -19.90
C LYS B 473 -9.95 -0.24 -18.77
N VAL B 474 -8.87 -0.14 -17.98
CA VAL B 474 -8.73 0.85 -16.93
C VAL B 474 -7.40 1.49 -17.20
N ASN B 475 -7.45 2.76 -17.57
CA ASN B 475 -6.29 3.57 -17.95
C ASN B 475 -5.51 2.93 -19.10
N GLY B 476 -6.22 2.42 -20.09
CA GLY B 476 -5.60 1.78 -21.24
C GLY B 476 -4.94 0.42 -20.99
N ARG B 477 -5.31 -0.26 -19.91
CA ARG B 477 -4.76 -1.58 -19.58
C ARG B 477 -5.91 -2.58 -19.47
N GLN B 478 -5.68 -3.83 -19.93
CA GLN B 478 -6.73 -4.80 -19.90
C GLN B 478 -6.84 -5.36 -18.50
N TYR B 479 -8.01 -5.17 -17.89
CA TYR B 479 -8.36 -5.87 -16.66
C TYR B 479 -9.44 -6.92 -16.91
N LEU B 480 -9.59 -7.84 -15.95
CA LEU B 480 -10.68 -8.83 -15.95
C LEU B 480 -11.71 -8.35 -14.97
N LYS B 481 -12.93 -8.85 -15.10
CA LYS B 481 -13.99 -8.34 -14.27
C LYS B 481 -14.87 -9.47 -13.84
N PHE B 482 -15.26 -9.41 -12.58
CA PHE B 482 -16.29 -10.31 -12.03
C PHE B 482 -17.48 -9.43 -11.66
N THR B 483 -18.69 -9.70 -12.16
CA THR B 483 -19.88 -9.09 -11.55
C THR B 483 -20.82 -10.17 -11.00
N LEU B 484 -21.14 -10.03 -9.73
CA LEU B 484 -21.87 -11.03 -8.99
C LEU B 484 -23.34 -10.60 -8.92
N LEU B 485 -24.28 -11.33 -9.55
CA LEU B 485 -25.71 -11.03 -9.35
C LEU B 485 -26.58 -12.24 -9.00
N ASN B 486 -25.95 -13.37 -8.75
CA ASN B 486 -26.65 -14.58 -8.36
C ASN B 486 -26.43 -14.89 -6.84
N PRO B 487 -27.49 -14.77 -6.03
CA PRO B 487 -27.26 -15.02 -4.60
C PRO B 487 -27.24 -16.49 -4.17
N ASN B 488 -27.28 -17.45 -5.11
CA ASN B 488 -27.00 -18.87 -4.83
C ASN B 488 -25.53 -19.23 -5.08
N THR B 489 -24.80 -18.37 -5.77
CA THR B 489 -23.36 -18.50 -6.00
C THR B 489 -22.64 -18.54 -4.68
N THR B 490 -21.77 -19.56 -4.49
CA THR B 490 -21.03 -19.74 -3.25
C THR B 490 -19.55 -19.34 -3.36
N ALA B 491 -18.94 -19.33 -2.19
CA ALA B 491 -17.50 -19.22 -2.04
C ALA B 491 -16.79 -20.20 -2.96
N ALA B 492 -17.17 -21.47 -2.89
CA ALA B 492 -16.58 -22.52 -3.73
C ALA B 492 -16.68 -22.25 -5.25
N ASP B 493 -17.81 -21.70 -5.68
CA ASP B 493 -17.97 -21.29 -7.08
C ASP B 493 -16.96 -20.20 -7.52
N ILE B 494 -16.74 -19.21 -6.68
CA ILE B 494 -15.79 -18.14 -6.97
C ILE B 494 -14.40 -18.77 -6.96
N GLU B 495 -14.12 -19.60 -5.96
CA GLU B 495 -12.82 -20.30 -5.92
C GLU B 495 -12.54 -21.04 -7.22
N ASP B 496 -13.54 -21.76 -7.72
CA ASP B 496 -13.39 -22.47 -8.98
C ASP B 496 -12.93 -21.56 -10.12
N VAL B 497 -13.58 -20.39 -10.23
CA VAL B 497 -13.44 -19.50 -11.41
C VAL B 497 -12.06 -18.82 -11.30
N ILE B 498 -11.73 -18.39 -10.11
CA ILE B 498 -10.38 -17.92 -9.84
C ILE B 498 -9.33 -18.93 -10.30
N ALA B 499 -9.55 -20.23 -10.07
CA ALA B 499 -8.57 -21.27 -10.42
C ALA B 499 -8.45 -21.44 -11.94
N LEU B 500 -9.59 -21.33 -12.60
CA LEU B 500 -9.67 -21.26 -14.05
C LEU B 500 -8.92 -20.07 -14.63
N ILE B 501 -9.16 -18.91 -14.07
CA ILE B 501 -8.43 -17.72 -14.45
C ILE B 501 -6.91 -17.94 -14.33
N VAL B 502 -6.45 -18.42 -13.17
CA VAL B 502 -5.01 -18.67 -12.97
C VAL B 502 -4.48 -19.90 -13.75
N HIS B 503 -5.30 -20.94 -13.95
CA HIS B 503 -4.91 -22.02 -14.87
C HIS B 503 -4.59 -21.46 -16.26
N TYR B 504 -5.55 -20.76 -16.87
CA TYR B 504 -5.32 -20.23 -18.23
C TYR B 504 -4.19 -19.17 -18.29
N GLY B 505 -4.02 -18.41 -17.21
CA GLY B 505 -2.95 -17.44 -17.10
C GLY B 505 -1.62 -18.16 -17.06
N ARG B 506 -1.48 -19.10 -16.13
CA ARG B 506 -0.25 -19.89 -16.12
C ARG B 506 -0.03 -20.63 -17.45
N GLU B 507 -1.08 -21.13 -18.09
CA GLU B 507 -0.99 -21.68 -19.44
C GLU B 507 -0.44 -20.69 -20.49
N GLN B 508 -0.81 -19.42 -20.41
CA GLN B 508 -0.22 -18.42 -21.29
C GLN B 508 1.30 -18.24 -21.02
N VAL B 509 1.72 -18.29 -19.76
CA VAL B 509 3.13 -18.09 -19.36
C VAL B 509 3.92 -19.33 -19.74
N ARG B 510 3.37 -20.50 -19.43
CA ARG B 510 4.05 -21.78 -19.48
C ARG B 510 3.75 -22.60 -20.71
N GLY B 511 2.69 -22.28 -21.44
CA GLY B 511 2.39 -22.91 -22.73
C GLY B 511 1.70 -24.26 -22.89
N PRO B 512 1.52 -25.06 -21.82
CA PRO B 512 1.33 -26.53 -21.96
C PRO B 512 1.87 -27.19 -23.26
N PRO C 24 -4.72 41.80 1.04
CA PRO C 24 -4.81 42.92 1.98
C PRO C 24 -3.49 43.55 2.48
N HIS C 25 -2.36 43.28 1.82
CA HIS C 25 -1.02 43.60 2.36
C HIS C 25 -0.24 44.38 1.30
N ASP C 26 -0.84 45.51 0.95
CA ASP C 26 -0.25 46.67 0.25
C ASP C 26 1.26 46.96 0.28
N PHE C 27 2.04 46.39 1.17
CA PHE C 27 3.47 46.60 1.10
C PHE C 27 4.26 45.62 0.19
N ILE C 28 3.63 44.52 -0.25
CA ILE C 28 4.35 43.44 -0.99
C ILE C 28 4.57 43.81 -2.47
N PHE C 29 5.80 43.66 -2.97
CA PHE C 29 6.06 43.78 -4.40
C PHE C 29 5.33 42.71 -5.20
N ASN C 30 4.40 43.18 -6.02
CA ASN C 30 3.65 42.32 -6.93
C ASN C 30 2.92 43.15 -7.97
N ASP C 31 2.08 42.45 -8.72
CA ASP C 31 1.03 42.96 -9.61
C ASP C 31 0.42 44.31 -9.25
N HIS C 32 -0.23 44.35 -8.09
CA HIS C 32 -1.05 45.49 -7.67
C HIS C 32 -0.18 46.68 -7.24
N GLN C 33 1.03 46.37 -6.78
CA GLN C 33 1.95 47.38 -6.31
C GLN C 33 2.91 47.87 -7.39
N LEU C 34 2.72 47.50 -8.67
CA LEU C 34 3.61 47.98 -9.72
C LEU C 34 3.64 49.50 -9.87
N SER C 35 2.49 50.17 -9.68
CA SER C 35 2.42 51.65 -9.73
C SER C 35 3.04 52.31 -8.47
N ALA C 36 2.78 51.74 -7.30
CA ALA C 36 3.45 52.19 -6.06
C ALA C 36 4.96 52.00 -6.16
N TRP C 37 5.38 50.89 -6.76
CA TRP C 37 6.80 50.66 -7.15
C TRP C 37 7.37 51.83 -8.01
N ALA C 38 6.72 52.17 -9.13
CA ALA C 38 7.26 53.17 -10.05
C ALA C 38 7.26 54.56 -9.48
N ARG C 39 6.24 54.86 -8.69
CA ARG C 39 6.18 56.14 -8.02
C ARG C 39 7.24 56.29 -6.93
N GLN C 40 7.45 55.27 -6.10
CA GLN C 40 8.51 55.31 -5.08
C GLN C 40 9.88 55.42 -5.73
N THR C 41 10.06 54.73 -6.85
CA THR C 41 11.33 54.80 -7.55
C THR C 41 11.51 56.24 -8.11
N GLU C 42 10.44 56.84 -8.58
CA GLU C 42 10.54 58.22 -9.03
C GLU C 42 10.95 59.20 -7.92
N GLN C 43 10.37 59.04 -6.72
CA GLN C 43 10.76 59.86 -5.56
C GLN C 43 12.21 59.71 -5.16
N VAL C 44 12.73 58.48 -5.15
CA VAL C 44 14.17 58.28 -4.89
C VAL C 44 15.05 58.98 -5.94
N LEU C 45 14.77 58.78 -7.21
CA LEU C 45 15.50 59.46 -8.30
C LEU C 45 15.64 60.97 -8.12
N ALA C 46 14.54 61.62 -7.76
CA ALA C 46 14.48 63.07 -7.52
C ALA C 46 15.28 63.47 -6.28
N LEU C 47 15.00 62.78 -5.18
CA LEU C 47 15.76 62.89 -3.94
C LEU C 47 17.27 62.75 -4.13
N MET C 48 17.69 61.71 -4.85
CA MET C 48 19.14 61.42 -5.07
C MET C 48 19.77 62.35 -6.06
N THR C 49 19.00 62.80 -7.05
CA THR C 49 19.46 63.80 -8.00
C THR C 49 19.82 65.07 -7.20
N GLU C 50 18.88 65.58 -6.40
CA GLU C 50 19.12 66.75 -5.51
C GLU C 50 20.34 66.55 -4.61
N THR C 51 20.38 65.44 -3.91
CA THR C 51 21.50 65.13 -3.00
C THR C 51 22.84 65.11 -3.71
N VAL C 52 22.91 64.39 -4.83
CA VAL C 52 24.12 64.30 -5.63
C VAL C 52 24.56 65.67 -6.23
N LYS C 53 23.67 66.41 -6.95
CA LYS C 53 23.98 67.80 -7.40
C LYS C 53 24.55 68.69 -6.27
N GLY C 54 23.98 68.52 -5.06
CA GLY C 54 24.49 69.14 -3.85
C GLY C 54 25.76 68.63 -3.15
N VAL C 55 26.41 67.58 -3.67
CA VAL C 55 27.71 67.10 -3.12
C VAL C 55 28.90 67.90 -3.68
N GLU C 56 29.39 68.82 -2.89
CA GLU C 56 30.51 69.68 -3.28
C GLU C 56 31.84 69.27 -2.65
N LYS C 57 31.79 68.34 -1.69
CA LYS C 57 32.97 67.73 -1.09
C LYS C 57 32.67 66.25 -0.74
N PRO C 58 33.70 65.43 -0.57
CA PRO C 58 33.50 63.99 -0.41
C PRO C 58 32.95 63.59 0.94
N PHE C 59 32.91 64.49 1.91
CA PHE C 59 32.39 64.13 3.24
C PHE C 59 32.10 65.45 3.92
N SER C 60 31.36 65.43 5.01
CA SER C 60 31.06 66.64 5.82
C SER C 60 32.04 66.90 6.95
N GLY C 61 32.83 65.88 7.34
CA GLY C 61 33.71 65.98 8.50
C GLY C 61 33.11 65.67 9.88
N ILE C 62 31.83 65.37 9.94
CA ILE C 62 31.20 65.13 11.25
C ILE C 62 31.86 63.92 11.93
N LEU C 63 31.89 63.94 13.25
CA LEU C 63 32.47 62.87 14.07
C LEU C 63 31.34 61.93 14.51
N PRO C 64 31.69 60.69 14.87
CA PRO C 64 30.72 59.68 15.28
C PRO C 64 29.85 60.09 16.46
N HIS C 65 30.47 60.63 17.50
CA HIS C 65 29.72 61.16 18.65
C HIS C 65 28.74 62.27 18.28
N GLU C 66 29.08 63.07 17.27
CA GLU C 66 28.21 64.17 16.84
C GLU C 66 26.96 63.65 16.13
N LEU C 67 27.15 62.86 15.06
CA LEU C 67 26.04 62.27 14.32
C LEU C 67 25.16 61.38 15.17
N ALA C 68 25.77 60.72 16.14
CA ALA C 68 25.10 59.79 17.03
C ALA C 68 24.07 60.48 17.94
N ARG C 69 24.32 61.77 18.23
CA ARG C 69 23.34 62.61 18.93
C ARG C 69 21.97 62.54 18.28
N GLU C 70 21.94 62.69 16.96
CA GLU C 70 20.69 62.63 16.20
C GLU C 70 20.07 61.21 16.09
N PHE C 71 20.72 60.16 16.56
CA PHE C 71 20.13 58.80 16.48
C PHE C 71 19.45 58.45 17.81
N SER C 72 19.87 59.10 18.87
CA SER C 72 19.57 58.59 20.21
C SER C 72 18.05 58.49 20.50
N GLY C 73 17.28 59.45 19.99
CA GLY C 73 15.84 59.45 20.08
C GLY C 73 15.03 58.69 19.06
N VAL C 74 15.63 58.19 17.99
CA VAL C 74 14.89 57.32 17.06
C VAL C 74 14.57 55.98 17.76
N ASP C 75 13.33 55.55 17.58
CA ASP C 75 12.80 54.33 18.15
C ASP C 75 12.16 53.57 16.99
N LEU C 76 12.74 52.43 16.63
CA LEU C 76 12.25 51.71 15.45
C LEU C 76 10.88 50.99 15.64
N ASP C 77 10.32 50.98 16.84
CA ASP C 77 8.90 50.56 17.03
C ASP C 77 7.83 51.47 16.37
N GLN C 78 8.16 52.73 16.05
CA GLN C 78 7.29 53.64 15.25
C GLN C 78 7.70 53.59 13.76
N GLY C 81 5.16 56.64 9.42
CA GLY C 81 5.15 57.57 8.31
C GLY C 81 5.38 56.94 6.92
N SER C 82 5.09 57.72 5.90
CA SER C 82 5.21 57.34 4.51
C SER C 82 6.66 57.21 4.02
N ASN C 83 6.85 56.95 2.73
CA ASN C 83 8.22 56.99 2.16
C ASN C 83 8.85 58.37 2.35
N GLU C 84 8.04 59.38 2.01
CA GLU C 84 8.39 60.80 2.00
C GLU C 84 8.97 61.23 3.36
N ALA C 85 8.30 60.80 4.44
CA ALA C 85 8.72 61.05 5.81
C ALA C 85 10.02 60.30 6.19
N ALA C 86 10.04 58.99 5.94
CA ALA C 86 11.26 58.16 6.05
C ALA C 86 12.47 58.67 5.24
N LEU C 87 12.24 59.14 4.02
CA LEU C 87 13.36 59.61 3.17
C LEU C 87 13.81 61.02 3.64
N GLU C 88 12.87 61.93 4.01
CA GLU C 88 13.23 63.23 4.67
C GLU C 88 14.20 63.01 5.85
N GLU C 89 13.88 62.07 6.75
CA GLU C 89 14.78 61.65 7.84
C GLU C 89 16.13 61.10 7.27
N LEU C 90 16.06 60.20 6.30
CA LEU C 90 17.27 59.64 5.66
C LEU C 90 18.17 60.80 5.23
N LYS C 91 17.58 61.86 4.65
CA LYS C 91 18.35 63.04 4.21
C LYS C 91 19.34 63.47 5.24
N LYS C 92 18.90 63.49 6.50
CA LYS C 92 19.72 63.98 7.59
C LYS C 92 20.60 62.90 8.21
N LEU C 93 20.06 61.71 8.43
CA LEU C 93 20.80 60.67 9.18
C LEU C 93 21.77 59.80 8.33
N TYR C 94 21.66 59.85 7.01
CA TYR C 94 22.54 59.08 6.14
C TYR C 94 23.18 59.86 4.96
N LEU C 95 22.39 60.52 4.14
CA LEU C 95 22.87 61.23 2.95
C LEU C 95 23.75 62.44 3.21
N ARG C 96 23.46 63.13 4.32
CA ARG C 96 24.13 64.33 4.71
C ARG C 96 25.60 64.14 4.99
N ASP C 97 25.91 63.14 5.80
CA ASP C 97 27.25 62.84 6.22
C ASP C 97 27.85 61.62 5.52
N ALA C 98 27.18 61.06 4.55
CA ALA C 98 27.71 59.90 3.74
C ALA C 98 29.07 60.23 3.17
N VAL C 99 29.95 59.24 3.01
CA VAL C 99 31.23 59.44 2.31
C VAL C 99 30.91 59.16 0.86
N TRP C 100 31.17 60.16 0.00
CA TRP C 100 30.84 60.16 -1.42
C TRP C 100 31.97 59.69 -2.32
N PHE C 101 32.00 58.39 -2.57
CA PHE C 101 33.08 57.81 -3.37
C PHE C 101 33.16 58.32 -4.82
N HIS C 102 32.03 58.78 -5.38
CA HIS C 102 32.01 59.34 -6.74
C HIS C 102 32.79 60.68 -6.86
N HIS C 103 33.04 61.34 -5.72
CA HIS C 103 33.64 62.68 -5.70
C HIS C 103 35.13 62.59 -5.92
N PRO C 104 35.68 63.37 -6.86
CA PRO C 104 37.08 63.22 -7.28
C PRO C 104 38.08 63.36 -6.18
N LYS C 105 37.69 63.95 -5.03
CA LYS C 105 38.65 64.12 -3.97
C LYS C 105 38.47 63.08 -2.87
N TYR C 106 37.72 62.03 -3.16
CA TYR C 106 37.83 60.81 -2.40
C TYR C 106 38.98 60.02 -2.94
N VAL C 107 40.03 59.94 -2.16
CA VAL C 107 41.25 59.30 -2.65
C VAL C 107 41.85 58.44 -1.55
N ALA C 108 41.00 57.77 -0.76
CA ALA C 108 41.44 57.04 0.45
C ALA C 108 41.60 55.49 0.35
N HIS C 109 40.56 54.69 0.46
CA HIS C 109 40.74 53.21 0.45
C HIS C 109 40.31 52.71 -0.93
N LEU C 110 40.05 51.42 -1.04
CA LEU C 110 39.69 50.81 -2.29
C LEU C 110 38.19 50.91 -2.64
N ASN C 111 37.57 52.05 -2.37
CA ASN C 111 36.18 52.26 -2.74
C ASN C 111 36.14 52.98 -4.09
N CYS C 112 35.70 52.24 -5.11
CA CYS C 112 35.56 52.72 -6.46
C CYS C 112 34.24 53.43 -6.74
N PRO C 113 34.29 54.44 -7.62
CA PRO C 113 33.02 54.81 -8.20
C PRO C 113 32.36 53.56 -8.75
N VAL C 114 31.07 53.63 -8.98
CA VAL C 114 30.38 52.57 -9.67
C VAL C 114 29.80 52.97 -11.07
N VAL C 115 29.81 52.01 -11.99
CA VAL C 115 29.20 52.20 -13.33
C VAL C 115 27.67 51.94 -13.34
N LEU C 116 27.02 52.64 -14.25
CA LEU C 116 25.57 52.58 -14.39
C LEU C 116 24.94 51.22 -14.64
N PRO C 117 25.58 50.32 -15.43
CA PRO C 117 25.05 48.97 -15.59
C PRO C 117 24.92 48.20 -14.29
N SER C 118 25.83 48.46 -13.39
CA SER C 118 25.80 47.85 -12.09
C SER C 118 24.51 48.30 -11.38
N LEU C 119 24.24 49.60 -11.39
CA LEU C 119 22.98 50.17 -10.90
C LEU C 119 21.75 49.60 -11.65
N LEU C 120 21.87 49.44 -12.95
CA LEU C 120 20.85 48.70 -13.74
C LEU C 120 20.59 47.27 -13.17
N ALA C 121 21.66 46.52 -12.98
CA ALA C 121 21.61 45.17 -12.42
C ALA C 121 20.93 45.15 -11.05
N GLU C 122 21.38 46.00 -10.14
CA GLU C 122 20.80 46.03 -8.82
C GLU C 122 19.31 46.34 -8.81
N GLN C 123 18.85 47.18 -9.73
CA GLN C 123 17.42 47.52 -9.72
C GLN C 123 16.58 46.30 -10.15
N ILE C 124 17.04 45.57 -11.13
CA ILE C 124 16.39 44.33 -11.53
C ILE C 124 16.44 43.25 -10.44
N MET C 125 17.61 43.06 -9.85
CA MET C 125 17.80 42.11 -8.80
C MET C 125 16.87 42.29 -7.57
N ALA C 126 16.61 43.54 -7.18
CA ALA C 126 15.66 43.86 -6.11
C ALA C 126 14.19 43.38 -6.31
N ALA C 127 13.74 43.41 -7.56
CA ALA C 127 12.39 42.98 -7.91
C ALA C 127 12.29 41.47 -7.99
N VAL C 128 13.19 40.85 -8.75
CA VAL C 128 13.15 39.39 -8.96
C VAL C 128 13.69 38.58 -7.79
N ASN C 129 14.80 39.01 -7.22
CA ASN C 129 15.35 38.46 -5.97
C ASN C 129 15.66 36.98 -6.04
N SER C 130 16.29 36.64 -7.14
CA SER C 130 16.71 35.28 -7.37
C SER C 130 17.77 34.94 -6.37
N SER C 131 17.74 33.69 -5.92
CA SER C 131 18.85 33.05 -5.20
C SER C 131 19.61 32.03 -6.05
N VAL C 132 20.90 32.21 -6.29
CA VAL C 132 21.61 31.39 -7.29
C VAL C 132 22.43 30.23 -6.70
N ASP C 133 22.02 29.77 -5.55
CA ASP C 133 22.59 28.57 -5.01
C ASP C 133 22.02 27.33 -5.70
N THR C 134 20.74 27.41 -6.09
CA THR C 134 20.06 26.41 -6.91
C THR C 134 19.42 26.94 -8.22
N TRP C 135 19.42 26.07 -9.22
CA TRP C 135 18.65 26.25 -10.46
C TRP C 135 17.17 26.52 -10.13
N ASP C 136 16.61 25.74 -9.20
CA ASP C 136 15.18 25.97 -8.82
C ASP C 136 14.86 27.34 -8.09
N GLN C 137 15.86 28.17 -7.80
CA GLN C 137 15.57 29.49 -7.26
C GLN C 137 16.03 30.64 -8.16
N SER C 138 16.52 30.32 -9.35
CA SER C 138 17.14 31.30 -10.22
C SER C 138 17.03 31.11 -11.73
N ALA C 139 17.01 29.88 -12.20
CA ALA C 139 16.89 29.61 -13.66
C ALA C 139 18.07 30.15 -14.44
N GLY C 140 17.83 31.02 -15.43
CA GLY C 140 18.86 31.68 -16.18
C GLY C 140 19.95 32.36 -15.37
N GLY C 141 19.61 32.84 -14.16
CA GLY C 141 20.56 33.43 -13.24
C GLY C 141 21.71 32.51 -12.96
N THR C 142 21.41 31.22 -12.89
CA THR C 142 22.48 30.23 -12.71
C THR C 142 23.47 30.25 -13.87
N LEU C 143 22.95 30.25 -15.09
CA LEU C 143 23.75 30.12 -16.32
C LEU C 143 24.53 31.40 -16.61
N ILE C 144 23.91 32.53 -16.31
CA ILE C 144 24.57 33.86 -16.38
C ILE C 144 25.83 33.96 -15.48
N GLU C 145 25.66 33.59 -14.22
CA GLU C 145 26.80 33.57 -13.35
C GLU C 145 27.91 32.69 -13.93
N GLN C 146 27.58 31.44 -14.34
CA GLN C 146 28.58 30.55 -14.96
C GLN C 146 29.21 31.15 -16.19
N LYS C 147 28.43 31.92 -16.94
CA LYS C 147 28.95 32.65 -18.07
C LYS C 147 30.01 33.73 -17.65
N VAL C 148 29.73 34.42 -16.54
CA VAL C 148 30.63 35.40 -15.97
C VAL C 148 31.90 34.75 -15.45
N ILE C 149 31.76 33.67 -14.71
CA ILE C 149 32.87 32.92 -14.20
C ILE C 149 33.80 32.41 -15.30
N ASP C 150 33.21 31.76 -16.29
CA ASP C 150 33.98 31.28 -17.45
C ASP C 150 34.70 32.40 -18.16
N TRP C 151 34.05 33.53 -18.41
CA TRP C 151 34.71 34.69 -19.04
C TRP C 151 35.91 35.15 -18.22
N THR C 152 35.74 35.23 -16.89
CA THR C 152 36.84 35.62 -16.03
C THR C 152 37.98 34.61 -16.05
N LEU C 153 37.63 33.33 -15.97
CA LEU C 153 38.64 32.27 -16.09
C LEU C 153 39.46 32.42 -17.38
N SER C 154 38.79 32.73 -18.46
CA SER C 154 39.43 32.98 -19.75
C SER C 154 40.41 34.21 -19.75
N ARG C 155 40.14 35.21 -18.92
CA ARG C 155 41.03 36.32 -18.79
C ARG C 155 42.24 35.96 -17.92
N ILE C 156 42.05 35.14 -16.89
CA ILE C 156 43.13 34.73 -16.00
C ILE C 156 44.05 33.77 -16.74
N GLY C 157 43.47 32.92 -17.62
CA GLY C 157 44.14 31.84 -18.42
C GLY C 157 44.22 30.51 -17.67
N LEU C 158 43.32 30.27 -16.73
CA LEU C 158 43.35 29.00 -16.05
C LEU C 158 42.96 27.87 -17.05
N PRO C 159 43.55 26.70 -16.92
CA PRO C 159 43.30 25.72 -17.96
C PRO C 159 41.89 25.08 -17.92
N ALA C 160 41.64 24.25 -18.93
CA ALA C 160 40.39 23.54 -19.24
C ALA C 160 39.41 23.18 -18.10
N GLY C 161 39.83 22.33 -17.18
CA GLY C 161 38.98 21.96 -16.03
C GLY C 161 38.83 22.96 -14.85
N ALA C 162 38.92 24.26 -15.13
CA ALA C 162 38.88 25.32 -14.09
C ALA C 162 37.49 25.71 -13.76
N ASP C 163 37.26 26.26 -12.57
CA ASP C 163 35.91 26.71 -12.19
C ASP C 163 36.00 27.76 -11.07
N GLY C 164 34.85 28.32 -10.73
CA GLY C 164 34.75 29.42 -9.84
C GLY C 164 33.32 29.73 -9.44
N ILE C 165 33.18 30.62 -8.45
CA ILE C 165 31.92 30.96 -7.76
C ILE C 165 32.00 32.38 -7.22
N PHE C 166 30.90 33.07 -7.32
CA PHE C 166 30.71 34.35 -6.70
C PHE C 166 30.52 34.18 -5.18
N THR C 167 31.28 34.98 -4.43
CA THR C 167 31.28 35.01 -2.95
C THR C 167 30.94 36.40 -2.40
N SER C 168 30.92 36.58 -1.08
CA SER C 168 30.63 37.94 -0.53
C SER C 168 31.77 38.98 -0.71
N GLY C 169 32.97 38.46 -1.00
CA GLY C 169 34.10 39.29 -1.36
C GLY C 169 35.39 38.59 -1.12
N GLY C 170 36.45 39.36 -1.14
CA GLY C 170 37.80 38.80 -1.11
C GLY C 170 38.10 38.04 0.15
N THR C 171 37.61 38.55 1.30
CA THR C 171 37.78 37.84 2.56
C THR C 171 37.26 36.39 2.54
N GLN C 172 36.01 36.18 2.10
CA GLN C 172 35.47 34.81 1.96
C GLN C 172 36.24 34.01 0.88
N SER C 173 36.65 34.67 -0.18
CA SER C 173 37.35 34.01 -1.30
C SER C 173 38.69 33.48 -0.81
N ASN C 174 39.40 34.30 -0.03
CA ASN C 174 40.62 33.86 0.60
C ASN C 174 40.43 32.76 1.62
N LEU C 175 39.34 32.80 2.41
CA LEU C 175 38.95 31.71 3.29
C LEU C 175 38.75 30.42 2.53
N MET C 176 38.03 30.50 1.40
CA MET C 176 37.97 29.37 0.47
C MET C 176 39.31 28.79 0.04
N ALA C 177 40.24 29.70 -0.28
CA ALA C 177 41.58 29.33 -0.76
C ALA C 177 42.35 28.56 0.28
N MET C 178 42.34 29.07 1.52
CA MET C 178 43.01 28.42 2.59
C MET C 178 42.30 27.11 2.96
N LEU C 179 40.97 27.08 2.88
CA LEU C 179 40.23 25.85 3.07
C LEU C 179 40.64 24.76 2.06
N LEU C 180 40.58 25.09 0.76
CA LEU C 180 41.01 24.18 -0.27
C LEU C 180 42.49 23.83 -0.16
N ALA C 181 43.39 24.76 0.14
CA ALA C 181 44.82 24.39 0.38
C ALA C 181 44.97 23.34 1.47
N ARG C 182 44.37 23.61 2.64
CA ARG C 182 44.37 22.70 3.77
C ARG C 182 43.78 21.32 3.50
N ASP C 183 42.55 21.27 3.00
CA ASP C 183 41.89 19.95 2.78
C ASP C 183 42.48 19.12 1.68
N SER C 184 42.93 19.75 0.61
CA SER C 184 43.55 19.00 -0.52
C SER C 184 44.92 18.43 -0.13
N TRP C 185 45.70 19.23 0.61
CA TRP C 185 46.96 18.74 1.16
C TRP C 185 46.73 17.50 2.06
N CYS C 186 45.70 17.55 2.92
CA CYS C 186 45.41 16.41 3.81
C CYS C 186 45.03 15.15 3.02
N ALA C 187 44.22 15.33 2.00
CA ALA C 187 43.76 14.21 1.18
C ALA C 187 44.89 13.57 0.38
N ALA C 188 45.85 14.35 -0.08
CA ALA C 188 46.94 13.84 -0.89
C ALA C 188 47.97 13.14 -0.01
N HIS C 189 48.16 13.57 1.23
CA HIS C 189 49.18 13.00 2.14
C HIS C 189 48.63 12.05 3.24
N HIS C 190 47.33 12.10 3.53
CA HIS C 190 46.71 11.16 4.47
C HIS C 190 45.60 10.49 3.68
N PRO C 191 45.97 9.45 2.89
CA PRO C 191 45.01 8.84 1.99
C PRO C 191 43.86 8.28 2.80
N GLY C 192 42.65 8.52 2.30
CA GLY C 192 41.44 8.15 3.02
C GLY C 192 41.19 8.93 4.30
N HIS C 193 41.70 10.17 4.39
CA HIS C 193 41.41 11.04 5.53
C HIS C 193 40.91 12.39 5.01
N LEU C 194 39.60 12.59 5.02
CA LEU C 194 39.02 13.88 4.62
C LEU C 194 38.68 14.67 5.88
N ILE C 195 39.17 15.90 5.91
CA ILE C 195 38.97 16.81 7.03
C ILE C 195 37.49 17.18 7.22
N LYS C 196 36.77 17.26 6.11
CA LYS C 196 35.32 17.42 6.08
C LYS C 196 34.63 16.52 7.14
N HIS C 197 35.04 15.24 7.20
CA HIS C 197 34.38 14.27 8.08
C HIS C 197 35.05 14.15 9.42
N ARG C 198 36.36 14.11 9.40
CA ARG C 198 37.08 13.69 10.59
C ARG C 198 37.83 14.80 11.27
N GLY C 199 37.82 16.01 10.71
CA GLY C 199 38.65 17.09 11.25
C GLY C 199 40.14 16.91 10.96
N LEU C 200 40.94 17.75 11.62
CA LEU C 200 42.35 17.84 11.38
C LEU C 200 43.06 16.57 11.86
N PRO C 201 43.90 15.94 11.00
CA PRO C 201 44.81 14.88 11.40
C PRO C 201 45.97 15.38 12.28
N HIS C 202 46.63 14.39 12.88
CA HIS C 202 47.56 14.55 13.98
C HIS C 202 48.68 15.59 13.70
N ASP C 203 49.13 15.65 12.45
CA ASP C 203 50.22 16.55 12.01
C ASP C 203 49.80 17.94 11.51
N ALA C 204 48.55 18.36 11.78
CA ALA C 204 48.01 19.62 11.26
C ALA C 204 48.67 20.83 11.85
N ALA C 205 49.06 20.73 13.11
CA ALA C 205 49.78 21.76 13.80
C ALA C 205 51.18 22.04 13.23
N LYS C 206 51.69 21.22 12.33
CA LYS C 206 52.94 21.54 11.60
C LYS C 206 52.80 22.23 10.24
N TRP C 207 51.56 22.35 9.75
CA TRP C 207 51.34 22.90 8.41
C TRP C 207 51.56 24.39 8.42
N ARG C 208 52.22 24.91 7.39
CA ARG C 208 52.50 26.35 7.37
C ARG C 208 52.24 26.88 5.99
N VAL C 209 51.80 28.14 5.96
CA VAL C 209 51.45 28.87 4.76
C VAL C 209 52.28 30.13 4.74
N PHE C 210 52.81 30.48 3.57
CA PHE C 210 53.72 31.60 3.40
C PHE C 210 52.91 32.74 2.74
N THR C 211 53.12 33.96 3.19
CA THR C 211 52.51 35.12 2.54
C THR C 211 53.45 36.29 2.78
N SER C 212 53.31 37.37 2.02
CA SER C 212 54.05 38.59 2.27
C SER C 212 53.56 39.29 3.55
N LYS C 213 54.50 39.90 4.25
CA LYS C 213 54.22 40.85 5.32
C LYS C 213 53.20 41.90 4.90
N LEU C 214 53.08 42.15 3.61
CA LEU C 214 52.17 43.14 3.13
C LEU C 214 50.88 42.55 2.59
N SER C 215 50.71 41.23 2.74
CA SER C 215 49.46 40.58 2.30
C SER C 215 48.29 41.00 3.18
N HIS C 216 47.10 40.65 2.73
CA HIS C 216 45.89 41.09 3.40
C HIS C 216 45.66 40.27 4.65
N PHE C 217 45.11 40.89 5.68
CA PHE C 217 44.96 40.21 6.97
C PHE C 217 43.95 39.06 6.94
N SER C 218 43.09 39.05 5.91
CA SER C 218 42.17 37.94 5.68
C SER C 218 42.87 36.60 5.65
N ILE C 219 44.16 36.55 5.28
CA ILE C 219 44.90 35.28 5.23
C ILE C 219 45.03 34.74 6.64
N GLN C 220 45.50 35.59 7.55
CA GLN C 220 45.60 35.28 8.98
C GLN C 220 44.26 34.96 9.65
N LYS C 221 43.23 35.76 9.42
CA LYS C 221 41.85 35.49 9.95
C LYS C 221 41.33 34.12 9.48
N SER C 222 41.57 33.83 8.20
CA SER C 222 41.24 32.52 7.66
C SER C 222 41.90 31.39 8.41
N MET C 223 43.19 31.51 8.74
CA MET C 223 43.87 30.37 9.37
C MET C 223 43.38 30.18 10.79
N ALA C 224 43.04 31.29 11.43
CA ALA C 224 42.40 31.28 12.74
C ALA C 224 41.11 30.51 12.59
N ILE C 225 40.27 30.90 11.64
CA ILE C 225 39.01 30.24 11.47
C ILE C 225 39.23 28.74 11.19
N LEU C 226 40.17 28.39 10.29
CA LEU C 226 40.43 27.00 9.98
C LEU C 226 41.10 26.13 11.09
N GLY C 227 41.30 26.69 12.30
CA GLY C 227 41.89 26.00 13.44
C GLY C 227 43.38 25.76 13.39
N LEU C 228 44.05 26.49 12.50
CA LEU C 228 45.50 26.46 12.41
C LEU C 228 46.17 27.65 13.07
N GLY C 229 45.50 28.80 13.14
CA GLY C 229 45.93 29.91 13.97
C GLY C 229 46.81 30.90 13.22
N TYR C 230 46.97 32.12 13.77
CA TYR C 230 47.97 33.07 13.22
C TYR C 230 49.36 32.44 13.17
N ASP C 231 49.69 31.62 14.17
CA ASP C 231 50.92 30.80 14.16
C ASP C 231 51.21 29.93 12.94
N ALA C 232 50.20 29.58 12.14
CA ALA C 232 50.35 28.81 10.93
C ALA C 232 50.90 29.59 9.76
N VAL C 233 50.91 30.91 9.88
CA VAL C 233 51.30 31.78 8.78
C VAL C 233 52.72 32.25 9.08
N ILE C 234 53.63 32.02 8.14
CA ILE C 234 54.96 32.59 8.13
C ILE C 234 55.00 33.80 7.16
N PRO C 235 55.15 35.01 7.70
CA PRO C 235 55.31 36.19 6.84
C PRO C 235 56.65 36.23 6.12
N VAL C 236 56.62 36.64 4.88
CA VAL C 236 57.83 36.71 4.07
C VAL C 236 58.18 38.17 3.83
N ASP C 237 59.46 38.44 3.92
CA ASP C 237 59.94 39.77 3.69
C ASP C 237 59.77 40.18 2.20
N TYR C 238 59.56 41.48 2.02
CA TYR C 238 59.47 42.13 0.72
C TYR C 238 60.75 42.84 0.25
N ASP C 239 60.80 42.98 -1.08
CA ASP C 239 61.70 43.83 -1.86
C ASP C 239 61.78 45.26 -1.54
N GLU C 240 62.73 45.93 -2.21
CA GLU C 240 62.82 47.40 -2.26
C GLU C 240 61.66 48.07 -3.07
N ARG C 241 60.97 47.31 -3.91
CA ARG C 241 59.71 47.77 -4.54
C ARG C 241 58.42 47.17 -3.92
N TYR C 242 58.55 46.67 -2.68
CA TYR C 242 57.48 46.10 -1.86
C TYR C 242 56.76 44.85 -2.44
N ARG C 243 57.49 44.16 -3.32
CA ARG C 243 57.09 42.82 -3.79
C ARG C 243 57.71 41.74 -2.94
N MET C 244 56.95 40.70 -2.62
CA MET C 244 57.53 39.58 -1.91
C MET C 244 58.87 39.16 -2.53
N ASP C 245 59.87 39.01 -1.68
CA ASP C 245 61.20 38.58 -2.17
C ASP C 245 61.22 37.05 -2.25
N VAL C 246 61.37 36.50 -3.46
CA VAL C 246 61.32 35.03 -3.60
C VAL C 246 62.54 34.29 -3.02
N ASP C 247 63.66 35.00 -2.91
CA ASP C 247 64.82 34.50 -2.18
C ASP C 247 64.46 34.36 -0.74
N CYS C 248 63.66 35.30 -0.22
CA CYS C 248 63.30 35.27 1.19
C CYS C 248 62.32 34.10 1.46
N LEU C 249 61.47 33.80 0.47
CA LEU C 249 60.52 32.68 0.56
C LEU C 249 61.27 31.36 0.66
N LYS C 250 62.16 31.11 -0.30
CA LYS C 250 63.13 29.99 -0.23
C LYS C 250 63.77 29.86 1.14
N GLN C 251 64.24 30.98 1.70
CA GLN C 251 64.82 30.94 3.06
C GLN C 251 63.82 30.55 4.17
N GLU C 252 62.56 30.95 3.98
CA GLU C 252 61.51 30.63 4.97
C GLU C 252 61.10 29.18 4.90
N VAL C 253 60.91 28.70 3.67
CA VAL C 253 60.59 27.32 3.38
C VAL C 253 61.70 26.43 3.91
N GLN C 254 62.95 26.75 3.57
CA GLN C 254 64.06 25.98 4.07
C GLN C 254 64.05 25.88 5.59
N ARG C 255 63.89 27.00 6.30
CA ARG C 255 63.88 27.02 7.78
C ARG C 255 62.76 26.15 8.38
N CYS C 256 61.59 26.27 7.79
CA CYS C 256 60.40 25.54 8.18
C CYS C 256 60.64 24.00 8.11
N LEU C 257 61.16 23.50 6.98
CA LEU C 257 61.57 22.11 6.80
C LEU C 257 62.68 21.69 7.79
N GLN C 258 63.62 22.60 8.08
CA GLN C 258 64.67 22.30 9.07
C GLN C 258 64.12 22.21 10.49
N GLN C 259 62.98 22.85 10.72
CA GLN C 259 62.34 22.84 12.03
C GLN C 259 61.40 21.65 12.09
N GLY C 260 61.42 20.80 11.06
CA GLY C 260 60.44 19.72 10.91
C GLY C 260 59.02 20.21 10.65
N LEU C 261 58.80 21.49 10.41
CA LEU C 261 57.47 21.98 9.97
C LEU C 261 57.18 21.60 8.51
N ILE C 262 55.92 21.76 8.08
CA ILE C 262 55.51 21.27 6.78
C ILE C 262 54.93 22.40 5.94
N PRO C 263 55.54 22.69 4.79
CA PRO C 263 55.08 23.74 3.88
C PRO C 263 53.96 23.28 2.95
N VAL C 264 52.80 23.90 3.14
CA VAL C 264 51.56 23.48 2.45
C VAL C 264 51.07 24.45 1.37
N ALA C 265 51.35 25.76 1.50
CA ALA C 265 50.87 26.77 0.58
C ALA C 265 51.54 28.15 0.62
N VAL C 266 51.40 28.89 -0.49
CA VAL C 266 51.92 30.22 -0.58
C VAL C 266 50.78 31.11 -1.02
N VAL C 267 50.67 32.28 -0.41
CA VAL C 267 49.82 33.31 -0.98
C VAL C 267 50.68 34.33 -1.59
N ALA C 268 50.48 34.48 -2.90
CA ALA C 268 51.05 35.49 -3.72
C ALA C 268 49.98 36.58 -3.89
N THR C 269 50.36 37.83 -3.65
CA THR C 269 49.40 38.91 -3.80
C THR C 269 49.68 39.67 -5.08
N SER C 270 48.76 39.69 -6.04
CA SER C 270 49.01 40.45 -7.26
C SER C 270 48.41 41.84 -7.18
N GLY C 271 48.85 42.62 -6.19
CA GLY C 271 48.30 43.92 -5.87
C GLY C 271 48.00 44.06 -4.39
N THR C 272 49.02 44.40 -3.62
CA THR C 272 48.82 44.59 -2.21
C THR C 272 47.96 45.82 -1.90
N THR C 273 47.24 45.72 -0.78
CA THR C 273 46.26 46.73 -0.40
C THR C 273 46.81 48.13 -0.24
N ASP C 274 48.01 48.24 0.36
CA ASP C 274 48.67 49.52 0.60
C ASP C 274 49.57 49.94 -0.55
N PHE C 275 50.49 49.08 -0.96
CA PHE C 275 51.41 49.46 -2.06
C PHE C 275 50.92 49.29 -3.52
N GLY C 276 49.86 48.52 -3.72
CA GLY C 276 49.49 48.13 -5.05
C GLY C 276 50.62 47.33 -5.73
N SER C 277 51.48 46.69 -4.95
CA SER C 277 52.60 45.94 -5.42
C SER C 277 52.17 44.52 -5.79
N ILE C 278 52.86 44.00 -6.80
CA ILE C 278 52.55 42.73 -7.39
C ILE C 278 53.63 41.65 -7.07
N ASP C 279 53.29 40.64 -6.29
CA ASP C 279 54.33 39.63 -6.01
C ASP C 279 54.79 38.86 -7.29
N PRO C 280 56.05 38.37 -7.32
CA PRO C 280 56.56 37.77 -8.54
C PRO C 280 55.95 36.38 -8.79
N LEU C 281 54.88 36.34 -9.59
CA LEU C 281 54.02 35.16 -9.66
C LEU C 281 54.69 33.88 -10.19
N GLY C 282 55.36 34.01 -11.32
CA GLY C 282 56.12 32.93 -11.99
C GLY C 282 57.18 32.27 -11.14
N ALA C 283 58.03 33.06 -10.51
CA ALA C 283 59.00 32.49 -9.59
C ALA C 283 58.28 31.83 -8.38
N ILE C 284 57.14 32.38 -7.94
CA ILE C 284 56.47 31.80 -6.79
C ILE C 284 55.90 30.43 -7.15
N SER C 285 55.32 30.34 -8.34
CA SER C 285 54.73 29.10 -8.84
C SER C 285 55.80 28.00 -8.94
N GLU C 286 56.90 28.32 -9.63
CA GLU C 286 58.13 27.48 -9.67
C GLU C 286 58.55 26.94 -8.29
N LEU C 287 58.63 27.77 -7.26
CA LEU C 287 58.90 27.20 -5.93
C LEU C 287 57.76 26.29 -5.41
N CYS C 288 56.53 26.72 -5.59
CA CYS C 288 55.38 25.92 -5.14
C CYS C 288 55.42 24.52 -5.68
N LYS C 289 55.61 24.36 -6.99
CA LYS C 289 55.67 23.06 -7.65
C LYS C 289 56.82 22.21 -7.13
N HIS C 290 58.00 22.81 -6.99
CA HIS C 290 59.14 22.12 -6.41
C HIS C 290 58.82 21.46 -5.06
N HIS C 291 57.92 22.07 -4.29
CA HIS C 291 57.56 21.57 -2.94
C HIS C 291 56.12 21.00 -2.86
N GLY C 292 55.40 21.00 -3.97
CA GLY C 292 54.03 20.53 -3.99
C GLY C 292 53.08 21.37 -3.17
N MET C 293 53.30 22.69 -3.15
CA MET C 293 52.48 23.59 -2.31
C MET C 293 51.40 24.18 -3.19
N TRP C 294 50.27 24.48 -2.57
CA TRP C 294 49.18 25.20 -3.23
C TRP C 294 49.60 26.64 -3.46
N MET C 295 49.46 27.19 -4.67
CA MET C 295 49.61 28.63 -4.91
C MET C 295 48.28 29.39 -5.00
N HIS C 296 47.97 30.23 -4.00
CA HIS C 296 46.83 31.11 -4.14
C HIS C 296 47.27 32.51 -4.59
N VAL C 297 46.64 33.01 -5.65
CA VAL C 297 46.87 34.40 -6.00
C VAL C 297 45.74 35.29 -5.50
N ASP C 298 46.04 36.19 -4.58
CA ASP C 298 45.12 37.26 -4.19
C ASP C 298 45.19 38.47 -5.18
N ALA C 299 44.23 38.46 -6.09
CA ALA C 299 44.06 39.51 -7.04
C ALA C 299 42.90 40.42 -6.66
N ALA C 300 42.51 40.46 -5.37
CA ALA C 300 41.36 41.25 -4.99
C ALA C 300 41.46 42.63 -5.63
N TYR C 301 42.61 43.26 -5.49
CA TYR C 301 42.82 44.58 -6.06
C TYR C 301 43.31 44.51 -7.53
N GLY C 302 44.33 43.71 -7.79
CA GLY C 302 45.00 43.65 -9.08
C GLY C 302 44.26 43.12 -10.28
N CYS C 303 43.10 42.51 -10.05
CA CYS C 303 42.26 41.92 -11.10
C CYS C 303 41.83 42.91 -12.16
N GLY C 304 41.81 44.20 -11.81
CA GLY C 304 41.61 45.29 -12.79
C GLY C 304 42.44 45.21 -14.06
N LEU C 305 43.61 44.60 -13.94
CA LEU C 305 44.51 44.50 -15.08
C LEU C 305 44.03 43.45 -16.11
N LEU C 306 43.17 42.51 -15.68
CA LEU C 306 42.63 41.47 -16.55
C LEU C 306 41.95 42.08 -17.78
N VAL C 307 41.52 43.33 -17.68
CA VAL C 307 40.83 43.98 -18.77
C VAL C 307 41.64 45.05 -19.41
N SER C 308 42.87 45.26 -18.96
CA SER C 308 43.73 46.27 -19.52
C SER C 308 44.47 45.74 -20.75
N GLU C 309 44.18 46.39 -21.88
CA GLU C 309 44.91 46.21 -23.12
C GLU C 309 46.41 46.04 -22.93
N SER C 310 47.10 47.05 -22.39
CA SER C 310 48.55 47.06 -22.37
C SER C 310 49.17 46.71 -21.01
N HIS C 311 48.39 46.69 -19.93
CA HIS C 311 48.92 46.30 -18.61
C HIS C 311 48.67 44.82 -18.22
N ARG C 312 47.90 44.08 -19.01
CA ARG C 312 47.63 42.67 -18.71
C ARG C 312 48.89 41.86 -18.50
N PRO C 313 49.94 42.13 -19.30
CA PRO C 313 51.19 41.35 -19.09
C PRO C 313 51.83 41.48 -17.71
N ARG C 314 51.42 42.44 -16.89
CA ARG C 314 52.01 42.59 -15.57
C ARG C 314 51.43 41.57 -14.60
N LEU C 315 50.37 40.84 -14.96
CA LEU C 315 49.88 39.74 -14.13
C LEU C 315 50.41 38.40 -14.56
N ALA C 316 51.37 38.44 -15.52
CA ALA C 316 51.99 37.24 -16.04
C ALA C 316 52.30 36.34 -14.90
N GLY C 317 51.88 35.10 -15.02
CA GLY C 317 52.10 34.14 -14.00
C GLY C 317 50.84 33.83 -13.21
N ILE C 318 49.80 34.63 -13.37
CA ILE C 318 48.55 34.40 -12.67
C ILE C 318 47.89 33.14 -13.21
N GLU C 319 48.18 32.81 -14.50
CA GLU C 319 47.70 31.55 -15.10
C GLU C 319 48.16 30.24 -14.45
N LYS C 320 49.21 30.30 -13.63
CA LYS C 320 49.83 29.17 -13.02
C LYS C 320 49.29 28.84 -11.63
N ALA C 321 48.34 29.64 -11.13
CA ALA C 321 47.83 29.51 -9.82
C ALA C 321 46.93 28.25 -9.66
N ASP C 322 46.90 27.70 -8.45
CA ASP C 322 45.89 26.77 -8.02
C ASP C 322 44.57 27.46 -7.69
N SER C 323 44.58 28.61 -7.03
CA SER C 323 43.34 29.43 -6.85
C SER C 323 43.63 30.89 -7.07
N VAL C 324 42.55 31.63 -7.24
CA VAL C 324 42.56 33.06 -7.48
C VAL C 324 41.28 33.67 -6.90
N THR C 325 41.47 34.76 -6.16
CA THR C 325 40.43 35.66 -5.72
C THR C 325 40.46 36.98 -6.48
N VAL C 326 39.23 37.44 -6.79
CA VAL C 326 38.98 38.58 -7.62
C VAL C 326 37.84 39.40 -6.98
N ASP C 327 38.05 40.72 -6.87
CA ASP C 327 37.05 41.68 -6.39
C ASP C 327 36.58 42.68 -7.47
N TYR C 328 35.40 42.42 -8.05
CA TYR C 328 34.76 43.30 -9.03
C TYR C 328 34.35 44.59 -8.35
N HIS C 329 33.99 44.51 -7.08
CA HIS C 329 33.66 45.72 -6.30
C HIS C 329 34.83 46.56 -5.79
N LYS C 330 36.05 46.24 -6.26
CA LYS C 330 37.24 47.12 -6.12
C LYS C 330 37.68 47.66 -7.48
N SER C 331 37.84 46.77 -8.46
CA SER C 331 38.60 47.08 -9.66
C SER C 331 37.80 47.05 -10.97
N PHE C 332 36.49 46.79 -10.89
CA PHE C 332 35.63 46.71 -12.03
C PHE C 332 34.45 47.62 -11.82
N PHE C 333 34.52 48.54 -10.87
CA PHE C 333 33.48 49.57 -10.69
C PHE C 333 32.09 49.02 -10.46
N GLN C 334 32.00 47.94 -9.69
CA GLN C 334 30.71 47.32 -9.37
C GLN C 334 30.36 47.53 -7.93
N THR C 335 29.08 47.58 -7.65
CA THR C 335 28.60 47.80 -6.27
C THR C 335 28.94 46.60 -5.39
N VAL C 336 29.16 46.90 -4.12
CA VAL C 336 29.27 45.82 -3.14
C VAL C 336 27.92 45.08 -3.06
N SER C 337 27.87 43.76 -3.18
CA SER C 337 29.02 42.82 -3.29
C SER C 337 29.15 42.28 -4.69
N CYS C 338 30.38 42.05 -5.11
CA CYS C 338 30.67 41.52 -6.40
C CYS C 338 32.08 41.00 -6.39
N GLY C 339 32.22 39.74 -6.05
CA GLY C 339 33.48 39.12 -5.91
C GLY C 339 33.35 37.65 -6.23
N ALA C 340 34.46 37.11 -6.67
CA ALA C 340 34.47 35.68 -7.03
C ALA C 340 35.81 35.06 -6.67
N PHE C 341 35.75 33.74 -6.50
CA PHE C 341 36.84 32.80 -6.18
C PHE C 341 36.97 31.68 -7.22
N PHE C 342 38.19 31.39 -7.61
CA PHE C 342 38.50 30.55 -8.76
C PHE C 342 39.48 29.47 -8.42
N VAL C 343 39.27 28.26 -8.95
CA VAL C 343 40.27 27.18 -8.83
C VAL C 343 40.73 26.64 -10.19
N ARG C 344 41.99 26.22 -10.24
CA ARG C 344 42.59 25.54 -11.38
C ARG C 344 41.84 24.24 -11.67
N ASP C 345 41.57 23.45 -10.64
CA ASP C 345 40.99 22.13 -10.79
C ASP C 345 39.71 22.05 -9.98
N LYS C 346 38.56 22.13 -10.65
CA LYS C 346 37.22 22.10 -10.03
C LYS C 346 36.98 21.01 -8.95
N HIS C 347 37.68 19.88 -9.02
CA HIS C 347 37.50 18.83 -8.00
C HIS C 347 37.90 19.21 -6.62
N HIS C 348 38.72 20.25 -6.47
CA HIS C 348 39.05 20.72 -5.13
C HIS C 348 37.87 21.26 -4.38
N LEU C 349 36.91 21.81 -5.12
CA LEU C 349 35.67 22.35 -4.59
C LEU C 349 34.78 21.30 -3.98
N SER C 350 35.08 20.02 -4.22
CA SER C 350 34.31 18.97 -3.58
C SER C 350 34.49 19.01 -2.07
N HIS C 351 35.57 19.66 -1.59
CA HIS C 351 35.78 19.78 -0.16
C HIS C 351 34.73 20.65 0.55
N VAL C 352 34.00 21.44 -0.23
CA VAL C 352 33.05 22.41 0.26
C VAL C 352 31.60 21.88 0.23
N THR C 353 31.35 20.88 -0.62
CA THR C 353 30.01 20.38 -0.96
C THR C 353 29.39 19.61 0.22
N GLY C 368 20.98 16.33 -14.42
CA GLY C 368 21.81 17.47 -14.82
C GLY C 368 21.29 18.82 -14.33
N THR C 369 21.03 18.94 -13.04
CA THR C 369 20.60 20.24 -12.47
C THR C 369 21.82 21.05 -11.89
N PRO C 370 22.14 22.23 -12.50
CA PRO C 370 23.28 22.99 -12.01
C PRO C 370 22.92 23.77 -10.76
N ASN C 371 23.35 23.24 -9.61
CA ASN C 371 23.14 23.90 -8.34
C ASN C 371 24.49 24.44 -7.90
N LEU C 372 24.62 25.76 -7.96
CA LEU C 372 25.91 26.39 -7.70
C LEU C 372 26.34 26.24 -6.25
N VAL C 373 25.40 25.86 -5.37
CA VAL C 373 25.64 25.60 -3.95
C VAL C 373 26.73 24.53 -3.69
N ASN C 374 26.86 23.58 -4.62
CA ASN C 374 27.89 22.54 -4.54
C ASN C 374 29.31 23.17 -4.50
N LYS C 375 29.49 24.31 -5.14
CA LYS C 375 30.82 24.95 -5.04
C LYS C 375 30.97 26.10 -4.00
N SER C 376 29.99 26.26 -3.12
CA SER C 376 29.85 27.48 -2.24
C SER C 376 29.93 27.18 -0.74
N ILE C 377 30.42 28.15 0.06
CA ILE C 377 30.29 28.02 1.52
C ILE C 377 29.14 28.87 2.09
N GLN C 378 28.48 29.61 1.23
CA GLN C 378 27.20 30.30 1.52
C GLN C 378 26.14 29.32 1.08
N THR C 379 24.90 29.51 1.50
CA THR C 379 23.75 28.81 0.88
C THR C 379 22.91 29.86 0.09
N THR C 380 21.87 30.48 0.69
CA THR C 380 21.16 31.60 0.02
C THR C 380 22.16 32.63 -0.46
N ARG C 381 22.02 33.05 -1.70
CA ARG C 381 23.03 33.93 -2.28
C ARG C 381 22.45 34.74 -3.41
N ARG C 382 22.72 36.05 -3.43
CA ARG C 382 22.13 36.94 -4.44
C ARG C 382 22.80 36.91 -5.79
N PHE C 383 22.12 37.41 -6.82
CA PHE C 383 22.57 37.31 -8.21
C PHE C 383 23.63 38.39 -8.53
N ASP C 384 24.70 38.45 -7.76
CA ASP C 384 25.66 39.52 -7.97
C ASP C 384 26.26 39.49 -9.39
N ALA C 385 26.30 38.32 -10.01
CA ALA C 385 26.83 38.19 -11.36
C ALA C 385 26.11 39.00 -12.45
N LEU C 386 24.84 39.36 -12.21
CA LEU C 386 24.08 40.19 -13.12
C LEU C 386 24.79 41.49 -13.34
N LYS C 387 25.46 41.97 -12.29
CA LYS C 387 26.17 43.23 -12.34
C LYS C 387 27.31 43.19 -13.35
N MET C 388 28.20 42.23 -13.22
CA MET C 388 29.22 42.05 -14.24
C MET C 388 28.62 41.72 -15.60
N TRP C 389 27.63 40.82 -15.64
CA TRP C 389 26.92 40.48 -16.90
C TRP C 389 26.42 41.75 -17.63
N LEU C 390 25.58 42.58 -17.01
CA LEU C 390 25.04 43.80 -17.65
C LEU C 390 26.08 44.86 -17.94
N THR C 391 27.13 44.92 -17.12
CA THR C 391 28.30 45.75 -17.44
C THR C 391 28.98 45.33 -18.75
N LEU C 392 29.15 44.03 -18.95
CA LEU C 392 29.76 43.56 -20.16
C LEU C 392 28.76 43.68 -21.32
N ARG C 393 27.50 43.37 -21.10
CA ARG C 393 26.57 43.54 -22.20
C ARG C 393 26.47 44.96 -22.72
N VAL C 394 26.38 45.91 -21.80
CA VAL C 394 26.14 47.28 -22.12
C VAL C 394 27.38 48.04 -22.54
N SER C 395 28.31 48.23 -21.59
CA SER C 395 29.56 48.92 -21.78
C SER C 395 30.55 47.89 -22.40
N GLY C 396 31.58 48.33 -23.08
CA GLY C 396 32.61 47.28 -23.44
C GLY C 396 33.35 46.68 -22.22
N PRO C 397 33.89 45.44 -22.29
CA PRO C 397 35.05 45.08 -21.45
C PRO C 397 36.20 46.07 -21.67
N MET C 398 36.42 46.42 -22.93
CA MET C 398 37.34 47.49 -23.29
C MET C 398 37.06 48.81 -22.55
N ALA C 399 35.80 49.15 -22.35
CA ALA C 399 35.46 50.37 -21.65
C ALA C 399 35.86 50.31 -20.11
N LEU C 400 35.93 49.12 -19.55
CA LEU C 400 36.51 48.88 -18.23
C LEU C 400 38.02 49.06 -18.21
N GLY C 401 38.70 48.51 -19.21
CA GLY C 401 40.16 48.59 -19.25
C GLY C 401 40.60 50.01 -19.53
N ASN C 402 39.81 50.70 -20.33
CA ASN C 402 40.02 52.09 -20.58
C ASN C 402 40.03 52.93 -19.27
N ALA C 403 39.03 52.74 -18.42
CA ALA C 403 38.94 53.38 -17.11
C ALA C 403 40.11 53.03 -16.23
N PHE C 404 40.48 51.75 -16.22
CA PHE C 404 41.50 51.32 -15.33
C PHE C 404 42.87 51.90 -15.79
N ASP C 405 43.05 52.08 -17.10
CA ASP C 405 44.31 52.58 -17.68
C ASP C 405 44.51 54.05 -17.41
N ASP C 406 43.45 54.82 -17.50
CA ASP C 406 43.46 56.22 -17.06
C ASP C 406 43.70 56.37 -15.56
N ILE C 407 43.23 55.43 -14.74
CA ILE C 407 43.57 55.56 -13.31
C ILE C 407 45.04 55.19 -13.08
N LEU C 408 45.57 54.23 -13.81
CA LEU C 408 47.01 53.87 -13.69
C LEU C 408 47.89 55.06 -14.10
N ALA C 409 47.49 55.74 -15.18
CA ALA C 409 48.23 56.92 -15.70
C ALA C 409 48.21 58.04 -14.69
N LEU C 410 47.03 58.36 -14.21
CA LEU C 410 46.84 59.40 -13.19
C LEU C 410 47.71 59.11 -11.97
N THR C 411 47.85 57.85 -11.61
CA THR C 411 48.67 57.48 -10.46
C THR C 411 50.16 57.78 -10.65
N GLN C 412 50.65 57.62 -11.87
CA GLN C 412 52.01 57.95 -12.22
C GLN C 412 52.23 59.43 -12.11
N ILE C 413 51.20 60.21 -12.46
CA ILE C 413 51.20 61.66 -12.29
C ILE C 413 51.13 62.08 -10.80
N ALA C 414 50.35 61.36 -9.99
CA ALA C 414 50.27 61.65 -8.56
C ALA C 414 51.61 61.45 -7.89
N HIS C 415 52.34 60.39 -8.28
CA HIS C 415 53.75 60.14 -7.84
C HIS C 415 54.76 61.22 -8.23
N GLN C 416 54.66 61.74 -9.45
CA GLN C 416 55.52 62.87 -9.87
C GLN C 416 55.26 64.10 -8.99
N LEU C 417 54.01 64.43 -8.75
CA LEU C 417 53.65 65.54 -7.86
C LEU C 417 54.16 65.31 -6.41
N LEU C 418 53.88 64.13 -5.82
CA LEU C 418 54.41 63.81 -4.45
C LEU C 418 55.93 63.92 -4.32
N ASN C 419 56.62 63.26 -5.23
CA ASN C 419 58.08 63.30 -5.30
C ASN C 419 58.59 64.71 -5.52
N ALA C 420 57.90 65.48 -6.37
CA ALA C 420 58.34 66.84 -6.69
C ALA C 420 58.26 67.73 -5.46
N HIS C 421 57.30 67.46 -4.55
CA HIS C 421 57.16 68.22 -3.30
C HIS C 421 58.27 67.96 -2.30
N PRO C 422 59.12 68.97 -2.08
CA PRO C 422 60.22 68.74 -1.15
C PRO C 422 59.77 68.28 0.25
N ALA C 423 58.58 68.67 0.72
CA ALA C 423 58.10 68.21 2.04
C ALA C 423 57.48 66.82 2.06
N ILE C 424 57.26 66.22 0.90
CA ILE C 424 56.70 64.89 0.81
C ILE C 424 57.80 63.91 0.53
N GLU C 425 57.80 62.85 1.29
CA GLU C 425 58.66 61.73 1.02
C GLU C 425 57.78 60.60 0.55
N VAL C 426 58.16 60.03 -0.58
CA VAL C 426 57.47 58.97 -1.26
C VAL C 426 58.30 57.70 -1.09
N LEU C 427 57.61 56.55 -1.08
CA LEU C 427 58.27 55.25 -0.93
C LEU C 427 58.42 54.41 -2.23
N HIS C 428 57.55 54.58 -3.20
CA HIS C 428 57.50 53.65 -4.32
C HIS C 428 56.85 54.28 -5.55
N VAL C 429 57.42 53.95 -6.72
CA VAL C 429 56.73 54.09 -7.98
C VAL C 429 55.51 53.16 -7.90
N PRO C 430 54.30 53.67 -8.20
CA PRO C 430 53.10 52.86 -8.11
C PRO C 430 53.09 51.77 -9.16
N GLU C 431 52.93 50.54 -8.73
CA GLU C 431 52.67 49.44 -9.66
C GLU C 431 51.19 49.38 -10.03
N LEU C 432 50.38 50.16 -9.33
CA LEU C 432 48.95 50.08 -9.48
C LEU C 432 48.41 51.53 -9.23
N THR C 433 47.41 51.70 -8.36
CA THR C 433 46.62 52.92 -8.32
C THR C 433 46.82 53.64 -6.96
N THR C 434 47.86 53.25 -6.29
CA THR C 434 48.06 53.54 -4.90
C THR C 434 49.41 54.25 -4.79
N GLN C 435 49.54 55.08 -3.76
CA GLN C 435 50.77 55.77 -3.42
C GLN C 435 50.82 55.92 -1.89
N ILE C 436 51.95 55.52 -1.29
CA ILE C 436 52.17 55.60 0.15
C ILE C 436 53.24 56.68 0.38
N PHE C 437 52.92 57.71 1.15
CA PHE C 437 53.82 58.81 1.39
C PHE C 437 53.60 59.35 2.77
N ARG C 438 54.53 60.21 3.15
CA ARG C 438 54.39 61.01 4.36
C ARG C 438 54.97 62.43 4.29
N TYR C 439 54.42 63.28 5.12
CA TYR C 439 54.89 64.64 5.26
C TYR C 439 56.11 64.60 6.19
N VAL C 440 57.28 65.03 5.71
CA VAL C 440 58.49 65.22 6.53
C VAL C 440 58.97 66.69 6.42
N PRO C 441 59.03 67.44 7.55
CA PRO C 441 59.64 68.77 7.56
C PRO C 441 60.81 68.85 8.51
N ALA C 448 58.69 59.34 16.45
CA ALA C 448 57.33 59.38 16.97
C ALA C 448 56.60 60.69 16.73
N LEU C 449 57.34 61.77 16.50
CA LEU C 449 56.70 63.03 16.28
C LEU C 449 56.22 63.11 14.84
N THR C 450 57.02 62.57 13.92
CA THR C 450 56.66 62.60 12.52
C THR C 450 55.42 61.69 12.29
N ASP C 451 55.29 60.63 13.08
CA ASP C 451 54.10 59.78 13.05
C ASP C 451 52.87 60.54 13.49
N GLU C 452 53.01 61.33 14.55
CA GLU C 452 51.92 62.10 15.17
C GLU C 452 51.43 63.27 14.26
N ILE C 453 52.40 63.98 13.69
CA ILE C 453 52.16 64.92 12.59
C ILE C 453 51.32 64.29 11.47
N ASN C 454 51.69 63.12 10.99
CA ASN C 454 50.97 62.53 9.81
C ASN C 454 49.59 61.98 10.11
N THR C 455 49.51 61.29 11.22
CA THR C 455 48.24 60.93 11.77
C THR C 455 47.31 62.11 12.02
N ASN C 456 47.80 63.27 12.51
CA ASN C 456 46.92 64.43 12.63
C ASN C 456 46.57 65.06 11.30
N ILE C 457 47.43 64.96 10.32
CA ILE C 457 47.04 65.50 9.04
C ILE C 457 45.81 64.67 8.56
N ARG C 458 45.91 63.36 8.62
CA ARG C 458 44.78 62.48 8.16
C ARG C 458 43.45 62.93 8.71
N LYS C 459 43.45 63.02 10.02
CA LYS C 459 42.38 63.51 10.86
C LYS C 459 41.88 64.91 10.45
N ALA C 460 42.79 65.87 10.41
CA ALA C 460 42.44 67.23 10.00
C ALA C 460 41.82 67.27 8.62
N VAL C 461 42.41 66.54 7.66
CA VAL C 461 41.86 66.45 6.29
C VAL C 461 40.44 65.93 6.32
N PHE C 462 40.19 64.87 7.09
CA PHE C 462 38.86 64.24 7.22
C PHE C 462 37.89 65.21 7.87
N ARG C 463 38.30 65.88 8.95
CA ARG C 463 37.41 66.80 9.66
C ARG C 463 36.92 67.93 8.76
N SER C 464 37.77 68.40 7.84
CA SER C 464 37.43 69.44 6.87
C SER C 464 36.50 69.01 5.75
N GLY C 465 36.44 67.71 5.50
CA GLY C 465 35.65 67.19 4.43
C GLY C 465 36.06 67.49 3.00
N ASN C 466 37.14 68.26 2.79
CA ASN C 466 37.55 68.71 1.46
C ASN C 466 38.23 67.63 0.64
N ALA C 467 38.71 66.61 1.32
CA ALA C 467 39.22 65.41 0.66
C ALA C 467 39.15 64.29 1.66
N VAL C 468 39.33 63.07 1.18
CA VAL C 468 39.49 61.96 2.08
C VAL C 468 40.72 61.17 1.68
N ILE C 469 41.53 60.93 2.69
CA ILE C 469 42.88 60.45 2.60
C ILE C 469 42.88 59.20 3.48
N ALA C 470 43.82 58.28 3.23
CA ALA C 470 43.91 57.08 4.04
C ALA C 470 45.24 57.08 4.73
N GLY C 471 45.49 56.03 5.49
CA GLY C 471 46.76 55.81 6.19
C GLY C 471 47.14 54.36 6.38
N THR C 472 48.41 54.17 6.67
CA THR C 472 48.99 52.89 6.93
C THR C 472 50.18 53.01 7.86
N LYS C 473 50.52 51.90 8.48
CA LYS C 473 51.80 51.69 9.14
C LYS C 473 52.74 50.87 8.27
N VAL C 474 53.98 51.30 8.14
CA VAL C 474 54.99 50.58 7.36
C VAL C 474 56.17 50.53 8.26
N ASN C 475 56.65 49.32 8.56
CA ASN C 475 57.81 49.17 9.44
C ASN C 475 57.64 49.98 10.76
N GLY C 476 56.43 50.03 11.30
CA GLY C 476 56.16 50.80 12.53
C GLY C 476 56.36 52.31 12.45
N ARG C 477 56.10 52.91 11.28
CA ARG C 477 55.98 54.35 11.10
C ARG C 477 54.64 54.59 10.45
N GLN C 478 54.04 55.75 10.72
CA GLN C 478 52.74 56.13 10.16
C GLN C 478 52.95 56.82 8.83
N TYR C 479 52.18 56.39 7.85
CA TYR C 479 52.25 56.94 6.52
C TYR C 479 50.83 57.27 6.08
N LEU C 480 50.74 58.13 5.11
CA LEU C 480 49.46 58.49 4.51
C LEU C 480 49.37 57.70 3.23
N LYS C 481 48.19 57.68 2.63
CA LYS C 481 47.95 56.83 1.48
C LYS C 481 46.92 57.45 0.57
N PHE C 482 47.25 57.53 -0.72
CA PHE C 482 46.28 57.85 -1.74
C PHE C 482 45.93 56.56 -2.42
N THR C 483 44.65 56.31 -2.64
CA THR C 483 44.22 55.31 -3.62
C THR C 483 43.31 55.97 -4.61
N LEU C 484 43.68 55.84 -5.88
CA LEU C 484 42.98 56.47 -6.99
C LEU C 484 42.19 55.44 -7.79
N LEU C 485 40.88 55.47 -7.63
CA LEU C 485 40.04 54.60 -8.44
C LEU C 485 38.99 55.34 -9.30
N ASN C 486 39.11 56.67 -9.46
CA ASN C 486 38.17 57.51 -10.26
C ASN C 486 38.87 58.12 -11.51
N PRO C 487 38.54 57.60 -12.70
CA PRO C 487 39.20 58.03 -13.95
C PRO C 487 39.13 59.53 -14.31
N ASN C 488 38.09 60.21 -13.78
CA ASN C 488 37.81 61.63 -13.98
C ASN C 488 38.56 62.56 -13.03
N THR C 489 39.13 61.99 -11.95
CA THR C 489 40.05 62.71 -11.09
C THR C 489 41.15 63.26 -11.99
N THR C 490 41.39 64.58 -11.85
CA THR C 490 42.39 65.33 -12.61
C THR C 490 43.64 65.60 -11.75
N ALA C 491 44.75 65.96 -12.41
CA ALA C 491 45.97 66.40 -11.73
C ALA C 491 45.72 67.59 -10.79
N ALA C 492 44.92 68.54 -11.24
CA ALA C 492 44.48 69.65 -10.37
C ALA C 492 43.81 69.18 -9.06
N ASP C 493 43.01 68.11 -9.11
CA ASP C 493 42.45 67.49 -7.91
C ASP C 493 43.50 66.92 -6.97
N ILE C 494 44.45 66.17 -7.51
CA ILE C 494 45.56 65.66 -6.71
C ILE C 494 46.39 66.83 -6.15
N GLU C 495 46.62 67.88 -6.93
CA GLU C 495 47.44 69.03 -6.45
C GLU C 495 46.73 69.64 -5.24
N ASP C 496 45.42 69.85 -5.36
CA ASP C 496 44.57 70.39 -4.28
C ASP C 496 44.71 69.62 -2.96
N VAL C 497 44.64 68.30 -3.08
CA VAL C 497 44.64 67.42 -1.93
C VAL C 497 46.02 67.45 -1.28
N ILE C 498 47.06 67.37 -2.10
CA ILE C 498 48.41 67.50 -1.57
C ILE C 498 48.61 68.85 -0.85
N ALA C 499 48.10 69.92 -1.43
CA ALA C 499 48.11 71.27 -0.79
C ALA C 499 47.48 71.23 0.59
N LEU C 500 46.36 70.52 0.69
CA LEU C 500 45.65 70.34 1.98
C LEU C 500 46.49 69.54 2.99
N ILE C 501 47.17 68.52 2.48
CA ILE C 501 48.03 67.73 3.33
C ILE C 501 49.11 68.66 3.93
N VAL C 502 49.76 69.39 3.07
CA VAL C 502 50.85 70.26 3.40
C VAL C 502 50.35 71.40 4.33
N HIS C 503 49.16 71.91 4.06
CA HIS C 503 48.59 72.95 4.89
C HIS C 503 48.34 72.49 6.31
N TYR C 504 47.79 71.27 6.51
CA TYR C 504 47.58 70.82 7.89
C TYR C 504 48.90 70.41 8.57
N GLY C 505 49.87 69.92 7.81
CA GLY C 505 51.17 69.57 8.37
C GLY C 505 51.84 70.79 8.96
N ARG C 506 51.93 71.86 8.16
CA ARG C 506 52.45 73.15 8.64
C ARG C 506 51.76 73.63 9.94
N GLU C 507 50.43 73.56 10.00
CA GLU C 507 49.69 73.80 11.26
C GLU C 507 50.21 73.12 12.52
N PRO D 24 35.37 62.20 -19.32
CA PRO D 24 35.74 61.33 -20.46
C PRO D 24 35.03 59.98 -20.46
N HIS D 25 34.91 59.35 -19.29
CA HIS D 25 34.28 58.03 -19.07
C HIS D 25 32.83 58.17 -18.60
N ASP D 26 31.93 58.16 -19.60
CA ASP D 26 30.50 58.43 -19.46
C ASP D 26 29.74 57.44 -18.62
N PHE D 27 30.29 56.25 -18.44
CA PHE D 27 29.67 55.21 -17.65
C PHE D 27 29.71 55.31 -16.09
N ILE D 28 30.42 56.28 -15.52
CA ILE D 28 30.53 56.38 -14.04
C ILE D 28 29.27 57.03 -13.42
N PHE D 29 28.73 56.45 -12.36
CA PHE D 29 27.67 57.14 -11.63
C PHE D 29 28.21 58.37 -10.94
N ASN D 30 27.67 59.55 -11.29
CA ASN D 30 28.09 60.80 -10.69
C ASN D 30 27.15 61.98 -11.09
N ASP D 31 27.61 63.18 -10.82
CA ASP D 31 26.83 64.40 -10.96
C ASP D 31 26.46 64.51 -12.45
N HIS D 32 27.45 64.30 -13.32
CA HIS D 32 27.27 64.35 -14.78
C HIS D 32 26.32 63.26 -15.36
N GLN D 33 26.23 62.09 -14.72
CA GLN D 33 25.36 60.96 -15.22
C GLN D 33 23.96 60.83 -14.58
N LEU D 34 23.56 61.83 -13.80
CA LEU D 34 22.28 61.76 -13.10
C LEU D 34 21.07 61.57 -14.04
N SER D 35 21.10 62.20 -15.21
CA SER D 35 19.99 62.10 -16.16
C SER D 35 19.99 60.72 -16.83
N ALA D 36 21.16 60.19 -17.19
CA ALA D 36 21.22 58.86 -17.85
C ALA D 36 20.81 57.78 -16.82
N TRP D 37 21.09 58.05 -15.54
CA TRP D 37 20.67 57.19 -14.47
C TRP D 37 19.13 57.16 -14.37
N ALA D 38 18.51 58.32 -14.34
CA ALA D 38 17.06 58.40 -14.23
C ALA D 38 16.36 57.81 -15.50
N ARG D 39 16.97 57.97 -16.65
CA ARG D 39 16.40 57.41 -17.87
C ARG D 39 16.48 55.89 -17.96
N GLN D 40 17.63 55.29 -17.59
CA GLN D 40 17.73 53.83 -17.50
C GLN D 40 16.78 53.29 -16.42
N THR D 41 16.65 54.00 -15.31
CA THR D 41 15.79 53.52 -14.22
C THR D 41 14.36 53.54 -14.64
N GLU D 42 14.02 54.52 -15.46
CA GLU D 42 12.72 54.55 -16.11
C GLU D 42 12.54 53.40 -17.11
N GLN D 43 13.56 53.06 -17.91
CA GLN D 43 13.41 51.95 -18.88
C GLN D 43 13.17 50.61 -18.13
N VAL D 44 13.82 50.39 -16.99
CA VAL D 44 13.67 49.11 -16.26
C VAL D 44 12.32 49.01 -15.56
N LEU D 45 11.84 50.11 -14.98
CA LEU D 45 10.45 50.18 -14.51
C LEU D 45 9.43 49.74 -15.58
N ALA D 46 9.60 50.29 -16.78
CA ALA D 46 8.72 49.94 -17.88
C ALA D 46 8.87 48.45 -18.26
N LEU D 47 10.10 47.97 -18.37
CA LEU D 47 10.35 46.58 -18.78
C LEU D 47 9.82 45.66 -17.69
N MET D 48 10.11 46.00 -16.43
CA MET D 48 9.71 45.14 -15.32
C MET D 48 8.21 45.20 -15.00
N THR D 49 7.59 46.35 -15.27
CA THR D 49 6.11 46.44 -15.13
C THR D 49 5.39 45.57 -16.18
N GLU D 50 5.86 45.61 -17.43
CA GLU D 50 5.31 44.71 -18.46
C GLU D 50 5.57 43.25 -18.10
N THR D 51 6.81 42.92 -17.75
CA THR D 51 7.10 41.51 -17.43
C THR D 51 6.24 41.02 -16.25
N VAL D 52 6.18 41.78 -15.15
CA VAL D 52 5.41 41.32 -13.96
C VAL D 52 3.90 41.18 -14.24
N LYS D 53 3.35 42.12 -15.04
CA LYS D 53 1.98 42.04 -15.53
C LYS D 53 1.74 40.76 -16.33
N GLY D 54 2.73 40.36 -17.15
CA GLY D 54 2.69 39.11 -17.89
C GLY D 54 2.88 37.80 -17.15
N VAL D 55 3.26 37.84 -15.87
CA VAL D 55 3.49 36.60 -15.11
C VAL D 55 2.16 35.83 -14.79
N GLU D 56 1.92 34.76 -15.56
CA GLU D 56 0.70 33.93 -15.41
C GLU D 56 0.85 32.68 -14.58
N LYS D 57 2.08 32.40 -14.12
CA LYS D 57 2.37 31.21 -13.36
C LYS D 57 3.82 31.41 -12.86
N PRO D 58 4.19 30.77 -11.72
CA PRO D 58 5.45 31.05 -11.05
C PRO D 58 6.73 30.73 -11.86
N PHE D 59 6.64 29.88 -12.88
CA PHE D 59 7.80 29.43 -13.67
C PHE D 59 7.34 28.86 -14.99
N SER D 60 8.19 28.88 -16.00
CA SER D 60 7.86 28.36 -17.33
C SER D 60 7.98 26.87 -17.41
N GLY D 61 8.83 26.28 -16.59
CA GLY D 61 9.04 24.84 -16.64
C GLY D 61 10.17 24.44 -17.54
N ILE D 62 10.85 25.41 -18.13
CA ILE D 62 12.05 25.10 -18.92
C ILE D 62 13.12 24.28 -18.15
N LEU D 63 13.82 23.41 -18.87
CA LEU D 63 14.88 22.58 -18.28
C LEU D 63 16.20 23.27 -18.55
N PRO D 64 17.23 23.01 -17.69
CA PRO D 64 18.53 23.64 -17.86
C PRO D 64 19.10 23.53 -19.22
N HIS D 65 19.16 22.29 -19.74
CA HIS D 65 19.71 22.08 -21.07
C HIS D 65 18.94 22.84 -22.16
N GLU D 66 17.63 23.06 -21.98
CA GLU D 66 16.83 23.77 -22.97
C GLU D 66 17.22 25.23 -23.00
N LEU D 67 17.29 25.85 -21.81
CA LEU D 67 17.62 27.28 -21.73
C LEU D 67 19.08 27.57 -22.14
N ALA D 68 19.99 26.62 -21.86
CA ALA D 68 21.40 26.70 -22.26
C ALA D 68 21.58 26.79 -23.77
N ARG D 69 20.62 26.26 -24.55
CA ARG D 69 20.64 26.35 -26.00
C ARG D 69 20.64 27.80 -26.47
N GLU D 70 20.11 28.69 -25.65
CA GLU D 70 20.04 30.11 -26.00
C GLU D 70 21.30 30.89 -25.55
N PHE D 71 21.87 30.49 -24.42
CA PHE D 71 23.08 31.12 -23.89
C PHE D 71 24.35 30.90 -24.70
N SER D 72 24.37 29.86 -25.53
CA SER D 72 25.53 29.44 -26.34
C SER D 72 26.03 30.47 -27.31
N GLY D 73 25.11 31.22 -27.93
CA GLY D 73 25.46 32.26 -28.89
C GLY D 73 25.81 33.64 -28.37
N VAL D 74 25.98 33.74 -27.05
CA VAL D 74 26.33 35.00 -26.42
C VAL D 74 27.80 34.97 -26.10
N ASP D 75 28.55 35.93 -26.65
CA ASP D 75 29.97 36.07 -26.37
C ASP D 75 30.22 37.39 -25.57
N LEU D 76 30.61 37.25 -24.30
CA LEU D 76 30.78 38.40 -23.40
C LEU D 76 31.86 39.36 -23.84
N ASP D 77 32.84 38.86 -24.59
CA ASP D 77 33.74 39.75 -25.33
C ASP D 77 33.11 40.59 -26.44
N GLN D 78 31.84 40.34 -26.81
CA GLN D 78 31.15 41.13 -27.83
C GLN D 78 29.89 41.85 -27.28
N GLY D 81 25.57 46.92 -27.51
CA GLY D 81 26.19 47.87 -26.56
C GLY D 81 25.37 49.13 -26.19
N SER D 82 24.10 48.91 -25.85
CA SER D 82 23.36 49.82 -24.98
C SER D 82 22.52 49.01 -24.02
N ASN D 83 21.87 49.72 -23.12
CA ASN D 83 20.85 49.20 -22.22
C ASN D 83 19.68 48.52 -22.91
N GLU D 84 19.12 49.20 -23.90
CA GLU D 84 17.95 48.73 -24.64
C GLU D 84 18.23 47.36 -25.24
N ALA D 85 19.43 47.19 -25.79
CA ALA D 85 19.86 45.89 -26.36
C ALA D 85 20.17 44.89 -25.27
N ALA D 86 20.90 45.31 -24.27
CA ALA D 86 21.14 44.44 -23.13
C ALA D 86 19.81 44.02 -22.46
N LEU D 87 18.87 44.93 -22.33
CA LEU D 87 17.64 44.57 -21.64
C LEU D 87 16.74 43.68 -22.53
N GLU D 88 16.77 43.85 -23.85
CA GLU D 88 15.97 42.98 -24.74
C GLU D 88 16.44 41.56 -24.63
N GLU D 89 17.74 41.38 -24.74
CA GLU D 89 18.36 40.06 -24.50
C GLU D 89 17.99 39.45 -23.14
N LEU D 90 18.04 40.27 -22.10
CA LEU D 90 17.74 39.82 -20.76
C LEU D 90 16.32 39.23 -20.64
N LYS D 91 15.35 39.86 -21.31
CA LYS D 91 13.97 39.29 -21.36
C LYS D 91 14.02 37.83 -21.64
N LYS D 92 14.82 37.40 -22.62
CA LYS D 92 14.86 35.98 -23.01
C LYS D 92 15.84 35.10 -22.21
N LEU D 93 16.99 35.60 -21.85
CA LEU D 93 17.96 34.81 -21.07
C LEU D 93 17.70 34.73 -19.53
N TYR D 94 16.86 35.58 -18.97
CA TYR D 94 16.61 35.55 -17.53
C TYR D 94 15.18 35.72 -17.17
N LEU D 95 14.58 36.80 -17.63
CA LEU D 95 13.23 37.13 -17.18
C LEU D 95 12.17 36.15 -17.63
N ARG D 96 12.35 35.58 -18.83
CA ARG D 96 11.37 34.70 -19.41
C ARG D 96 11.10 33.53 -18.48
N ASP D 97 12.20 32.97 -17.98
CA ASP D 97 12.20 31.68 -17.27
C ASP D 97 12.54 31.78 -15.80
N ALA D 98 12.58 33.00 -15.27
CA ALA D 98 12.82 33.17 -13.81
C ALA D 98 11.77 32.42 -12.97
N VAL D 99 12.14 32.06 -11.74
CA VAL D 99 11.18 31.63 -10.72
C VAL D 99 10.61 32.91 -10.08
N TRP D 100 9.28 33.14 -10.16
CA TRP D 100 8.65 34.34 -9.56
C TRP D 100 8.07 34.03 -8.18
N PHE D 101 8.82 34.44 -7.15
CA PHE D 101 8.44 34.21 -5.78
C PHE D 101 7.21 34.98 -5.31
N HIS D 102 6.95 36.12 -5.92
CA HIS D 102 5.75 36.91 -5.64
C HIS D 102 4.47 36.18 -6.07
N HIS D 103 4.56 35.22 -7.00
CA HIS D 103 3.37 34.55 -7.49
C HIS D 103 2.77 33.65 -6.42
N PRO D 104 1.43 33.73 -6.18
CA PRO D 104 0.87 32.94 -5.09
C PRO D 104 1.03 31.42 -5.19
N LYS D 105 1.42 30.89 -6.35
CA LYS D 105 1.60 29.44 -6.48
C LYS D 105 3.06 29.00 -6.36
N TYR D 106 3.97 29.92 -6.12
CA TYR D 106 5.30 29.56 -5.60
C TYR D 106 5.10 29.20 -4.11
N VAL D 107 5.06 27.89 -3.82
CA VAL D 107 4.84 27.36 -2.46
C VAL D 107 5.99 26.42 -2.08
N ALA D 108 7.21 26.71 -2.55
CA ALA D 108 8.32 25.75 -2.46
C ALA D 108 9.30 25.95 -1.29
N HIS D 109 10.33 26.79 -1.47
CA HIS D 109 11.37 26.89 -0.48
C HIS D 109 11.08 28.14 0.35
N LEU D 110 12.07 28.54 1.09
CA LEU D 110 11.92 29.70 1.96
C LEU D 110 12.27 30.96 1.19
N ASN D 111 11.75 31.14 -0.02
CA ASN D 111 11.83 32.42 -0.76
C ASN D 111 10.54 33.22 -0.60
N CYS D 112 10.66 34.30 0.18
CA CYS D 112 9.58 35.20 0.47
C CYS D 112 9.41 36.23 -0.61
N PRO D 113 8.16 36.77 -0.70
CA PRO D 113 7.97 38.00 -1.44
C PRO D 113 8.75 39.08 -0.77
N VAL D 114 9.07 40.16 -1.48
CA VAL D 114 9.81 41.27 -0.90
C VAL D 114 8.84 42.42 -0.83
N VAL D 115 9.05 43.26 0.18
CA VAL D 115 8.22 44.41 0.46
C VAL D 115 8.84 45.68 -0.15
N LEU D 116 8.02 46.69 -0.42
CA LEU D 116 8.49 47.90 -1.12
C LEU D 116 9.62 48.68 -0.43
N PRO D 117 9.63 48.79 0.91
CA PRO D 117 10.77 49.49 1.45
C PRO D 117 12.12 48.88 1.21
N SER D 118 12.19 47.55 1.01
CA SER D 118 13.43 46.86 0.76
C SER D 118 14.01 47.34 -0.55
N LEU D 119 13.17 47.27 -1.57
CA LEU D 119 13.44 47.81 -2.90
C LEU D 119 13.86 49.24 -2.84
N LEU D 120 13.24 49.99 -1.95
CA LEU D 120 13.55 51.41 -1.84
C LEU D 120 15.00 51.55 -1.38
N ALA D 121 15.36 50.75 -0.37
CA ALA D 121 16.73 50.70 0.15
C ALA D 121 17.78 50.31 -0.87
N GLU D 122 17.46 49.32 -1.68
CA GLU D 122 18.40 48.74 -2.64
C GLU D 122 18.74 49.75 -3.66
N GLN D 123 17.74 50.55 -4.12
CA GLN D 123 17.97 51.64 -5.09
C GLN D 123 18.92 52.69 -4.54
N ILE D 124 18.76 53.04 -3.25
CA ILE D 124 19.67 54.05 -2.61
C ILE D 124 21.07 53.42 -2.45
N MET D 125 21.10 52.17 -2.00
CA MET D 125 22.38 51.51 -1.72
C MET D 125 23.26 51.34 -2.97
N ALA D 126 22.65 51.10 -4.14
CA ALA D 126 23.41 50.98 -5.40
C ALA D 126 24.08 52.28 -5.81
N ALA D 127 23.55 53.40 -5.33
CA ALA D 127 24.04 54.71 -5.74
C ALA D 127 25.11 55.15 -4.77
N VAL D 128 24.86 55.01 -3.46
CA VAL D 128 25.80 55.44 -2.45
C VAL D 128 26.92 54.44 -2.21
N ASN D 129 26.54 53.16 -2.09
CA ASN D 129 27.46 52.03 -2.06
C ASN D 129 28.49 52.16 -0.94
N SER D 130 27.94 52.41 0.25
CA SER D 130 28.72 52.47 1.44
C SER D 130 29.17 51.05 1.81
N SER D 131 30.42 50.94 2.23
CA SER D 131 30.91 49.74 2.91
C SER D 131 30.85 49.95 4.42
N VAL D 132 30.01 49.13 5.09
CA VAL D 132 29.72 49.23 6.52
C VAL D 132 30.68 48.59 7.49
N ASP D 133 31.83 48.19 7.02
CA ASP D 133 32.81 47.61 7.89
C ASP D 133 33.57 48.66 8.70
N THR D 134 33.60 49.91 8.21
CA THR D 134 34.22 50.99 8.95
C THR D 134 33.41 52.25 8.89
N TRP D 135 33.55 53.06 9.93
CA TRP D 135 32.97 54.39 9.92
C TRP D 135 33.40 55.23 8.72
N ASP D 136 34.68 55.21 8.34
CA ASP D 136 35.18 56.05 7.23
C ASP D 136 34.74 55.69 5.79
N GLN D 137 34.04 54.59 5.64
CA GLN D 137 33.47 54.21 4.35
C GLN D 137 31.94 54.20 4.45
N SER D 138 31.36 54.69 5.53
CA SER D 138 29.89 54.74 5.64
C SER D 138 29.22 55.79 6.53
N ALA D 139 29.95 56.37 7.48
CA ALA D 139 29.34 57.28 8.47
C ALA D 139 28.02 56.75 9.08
N GLY D 140 26.90 57.47 8.94
CA GLY D 140 25.61 57.06 9.42
C GLY D 140 25.15 55.65 9.05
N GLY D 141 25.66 55.07 7.97
CA GLY D 141 25.41 53.68 7.68
C GLY D 141 25.77 52.76 8.83
N THR D 142 26.84 53.11 9.53
CA THR D 142 27.31 52.29 10.66
C THR D 142 26.31 52.42 11.84
N LEU D 143 25.81 53.63 12.05
CA LEU D 143 24.84 53.89 13.12
C LEU D 143 23.44 53.38 12.74
N ILE D 144 23.07 53.47 11.46
CA ILE D 144 21.88 52.80 11.01
C ILE D 144 21.91 51.30 11.30
N GLU D 145 23.00 50.61 10.97
CA GLU D 145 23.10 49.20 11.27
C GLU D 145 23.05 48.94 12.77
N GLN D 146 23.84 49.66 13.55
CA GLN D 146 23.79 49.49 15.01
C GLN D 146 22.40 49.67 15.59
N LYS D 147 21.59 50.53 14.97
CA LYS D 147 20.24 50.77 15.48
C LYS D 147 19.37 49.57 15.19
N VAL D 148 19.51 48.97 14.02
CA VAL D 148 18.69 47.77 13.66
C VAL D 148 19.08 46.57 14.52
N ILE D 149 20.36 46.38 14.81
CA ILE D 149 20.84 45.29 15.62
C ILE D 149 20.30 45.44 17.04
N ASP D 150 20.31 46.65 17.57
CA ASP D 150 19.82 46.92 18.90
C ASP D 150 18.32 46.72 19.04
N TRP D 151 17.58 47.16 18.03
CA TRP D 151 16.15 46.85 17.92
C TRP D 151 15.93 45.35 17.94
N THR D 152 16.69 44.65 17.13
CA THR D 152 16.41 43.22 16.96
C THR D 152 16.71 42.50 18.29
N LEU D 153 17.80 42.90 18.98
CA LEU D 153 18.16 42.35 20.27
C LEU D 153 17.09 42.59 21.34
N SER D 154 16.42 43.76 21.31
CA SER D 154 15.33 44.03 22.26
C SER D 154 14.17 43.02 22.12
N ARG D 155 13.83 42.71 20.87
CA ARG D 155 12.84 41.69 20.56
C ARG D 155 13.26 40.30 20.97
N ILE D 156 14.52 39.91 20.75
CA ILE D 156 14.98 38.61 21.23
C ILE D 156 14.97 38.57 22.77
N GLY D 157 15.35 39.68 23.39
CA GLY D 157 15.42 39.83 24.84
C GLY D 157 16.74 39.45 25.45
N LEU D 158 17.81 39.42 24.63
CA LEU D 158 19.12 39.09 25.17
C LEU D 158 19.48 40.21 26.13
N PRO D 159 20.40 39.97 27.06
CA PRO D 159 20.63 40.97 28.10
C PRO D 159 21.59 42.09 27.66
N ALA D 160 21.72 43.06 28.55
CA ALA D 160 22.34 44.35 28.29
C ALA D 160 23.62 44.41 27.42
N GLY D 161 24.70 43.73 27.76
CA GLY D 161 25.94 43.77 26.98
C GLY D 161 26.02 42.80 25.80
N ALA D 162 24.90 42.56 25.16
CA ALA D 162 24.80 41.69 23.99
C ALA D 162 24.97 42.55 22.76
N ASP D 163 25.36 41.95 21.65
CA ASP D 163 25.62 42.70 20.40
C ASP D 163 25.31 41.83 19.20
N GLY D 164 25.31 42.44 18.03
CA GLY D 164 25.29 41.70 16.78
C GLY D 164 25.86 42.40 15.59
N ILE D 165 25.83 41.67 14.48
CA ILE D 165 26.37 42.13 13.20
C ILE D 165 25.56 41.58 12.04
N PHE D 166 25.42 42.36 10.99
CA PHE D 166 24.89 41.86 9.73
C PHE D 166 25.92 40.97 9.01
N THR D 167 25.44 39.87 8.41
CA THR D 167 26.26 38.84 7.72
C THR D 167 25.66 38.54 6.36
N SER D 168 26.19 37.58 5.57
CA SER D 168 25.63 37.29 4.28
C SER D 168 24.33 36.49 4.39
N GLY D 169 24.16 35.77 5.48
CA GLY D 169 23.00 34.86 5.59
C GLY D 169 23.22 33.94 6.75
N GLY D 170 22.24 33.07 6.94
CA GLY D 170 22.25 32.11 7.98
C GLY D 170 23.40 31.18 8.06
N THR D 171 23.95 30.79 6.92
CA THR D 171 25.11 29.93 6.87
C THR D 171 26.33 30.62 7.50
N GLN D 172 26.65 31.82 7.07
CA GLN D 172 27.68 32.56 7.72
C GLN D 172 27.40 32.80 9.23
N SER D 173 26.15 33.08 9.59
CA SER D 173 25.81 33.35 11.00
C SER D 173 26.02 32.05 11.84
N ASN D 174 25.61 30.92 11.33
CA ASN D 174 25.88 29.64 11.99
C ASN D 174 27.40 29.32 12.05
N LEU D 175 28.21 29.76 11.08
CA LEU D 175 29.68 29.57 11.18
C LEU D 175 30.26 30.36 12.35
N MET D 176 29.82 31.60 12.41
CA MET D 176 30.11 32.51 13.53
C MET D 176 29.71 31.95 14.88
N ALA D 177 28.58 31.29 14.93
CA ALA D 177 28.15 30.69 16.18
C ALA D 177 29.06 29.56 16.59
N MET D 178 29.38 28.68 15.65
CA MET D 178 30.17 27.53 16.01
C MET D 178 31.62 27.95 16.27
N LEU D 179 32.05 29.03 15.63
CA LEU D 179 33.41 29.57 15.81
C LEU D 179 33.62 30.07 17.22
N LEU D 180 32.65 30.88 17.65
CA LEU D 180 32.64 31.39 18.98
C LEU D 180 32.44 30.28 20.00
N ALA D 181 31.62 29.27 19.70
CA ALA D 181 31.42 28.15 20.63
C ALA D 181 32.77 27.43 20.87
N ARG D 182 33.45 27.09 19.78
CA ARG D 182 34.77 26.48 19.79
C ARG D 182 35.82 27.33 20.56
N ASP D 183 35.96 28.59 20.18
CA ASP D 183 37.01 29.46 20.74
C ASP D 183 36.76 29.88 22.18
N SER D 184 35.50 30.15 22.54
CA SER D 184 35.18 30.47 23.95
C SER D 184 35.35 29.24 24.85
N TRP D 185 34.99 28.07 24.36
CA TRP D 185 35.23 26.85 25.14
C TRP D 185 36.69 26.77 25.47
N CYS D 186 37.52 26.73 24.44
CA CYS D 186 38.96 26.65 24.57
C CYS D 186 39.53 27.74 25.52
N ALA D 187 39.18 29.00 25.33
CA ALA D 187 39.69 30.09 26.21
C ALA D 187 39.39 29.88 27.72
N ALA D 188 38.21 29.29 28.00
CA ALA D 188 37.75 28.93 29.32
C ALA D 188 38.47 27.70 29.90
N HIS D 189 38.83 26.73 29.06
CA HIS D 189 39.34 25.47 29.54
C HIS D 189 40.84 25.30 29.40
N HIS D 190 41.48 25.99 28.49
CA HIS D 190 42.94 25.94 28.41
C HIS D 190 43.43 27.34 28.68
N PRO D 191 44.05 27.55 29.86
CA PRO D 191 44.34 28.92 30.28
C PRO D 191 45.24 29.57 29.25
N GLY D 192 44.98 30.82 28.90
CA GLY D 192 45.78 31.51 27.90
C GLY D 192 46.16 30.68 26.68
N HIS D 193 45.25 29.87 26.16
CA HIS D 193 45.38 29.23 24.85
C HIS D 193 44.21 29.77 23.99
N LEU D 194 44.53 30.70 23.11
CA LEU D 194 43.57 31.27 22.16
C LEU D 194 43.76 30.60 20.80
N ILE D 195 42.70 30.01 20.27
CA ILE D 195 42.77 29.24 19.01
C ILE D 195 43.14 30.12 17.83
N LYS D 196 42.59 31.31 17.85
CA LYS D 196 42.90 32.35 16.91
C LYS D 196 44.42 32.52 16.73
N HIS D 197 45.22 32.33 17.78
CA HIS D 197 46.68 32.43 17.67
C HIS D 197 47.37 31.10 17.40
N ARG D 198 47.06 30.12 18.24
CA ARG D 198 47.80 28.88 18.24
C ARG D 198 47.19 27.73 17.47
N GLY D 199 45.95 27.88 16.99
CA GLY D 199 45.20 26.76 16.46
C GLY D 199 44.66 25.84 17.55
N LEU D 200 44.18 24.66 17.15
CA LEU D 200 43.49 23.77 18.07
C LEU D 200 44.38 23.18 19.19
N PRO D 201 43.86 23.15 20.41
CA PRO D 201 44.54 22.48 21.51
C PRO D 201 44.49 20.95 21.37
N HIS D 202 45.27 20.28 22.20
CA HIS D 202 45.45 18.79 22.14
C HIS D 202 44.14 17.98 22.17
N ASP D 203 43.13 18.47 22.89
CA ASP D 203 41.93 17.71 23.14
C ASP D 203 40.72 18.08 22.25
N ALA D 204 40.95 18.84 21.17
CA ALA D 204 39.85 19.35 20.33
C ALA D 204 39.08 18.30 19.53
N ALA D 205 39.76 17.21 19.22
CA ALA D 205 39.12 16.10 18.54
C ALA D 205 38.05 15.43 19.43
N LYS D 206 38.11 15.63 20.75
CA LYS D 206 37.06 15.17 21.66
C LYS D 206 35.83 16.07 21.76
N TRP D 207 35.86 17.25 21.19
CA TRP D 207 34.79 18.21 21.39
C TRP D 207 33.59 17.82 20.53
N ARG D 208 32.42 18.03 21.11
CA ARG D 208 31.13 17.57 20.53
C ARG D 208 30.07 18.62 20.67
N VAL D 209 29.35 18.81 19.55
CA VAL D 209 28.23 19.68 19.42
C VAL D 209 27.02 18.87 19.06
N PHE D 210 25.90 19.19 19.71
CA PHE D 210 24.67 18.38 19.61
C PHE D 210 23.63 19.20 18.84
N THR D 211 23.00 18.61 17.84
CA THR D 211 21.93 19.27 17.11
C THR D 211 20.87 18.29 16.80
N SER D 212 19.72 18.79 16.41
CA SER D 212 18.65 17.90 15.96
C SER D 212 19.03 17.25 14.63
N LYS D 213 18.54 16.04 14.40
CA LYS D 213 18.62 15.44 13.06
C LYS D 213 17.89 16.28 12.00
N LEU D 214 17.07 17.24 12.42
CA LEU D 214 16.38 18.13 11.48
C LEU D 214 16.97 19.54 11.38
N SER D 215 18.16 19.72 11.95
CA SER D 215 18.88 21.00 11.89
C SER D 215 19.42 21.23 10.50
N HIS D 216 19.72 22.50 10.23
CA HIS D 216 20.24 22.89 8.96
C HIS D 216 21.67 22.40 8.76
N PHE D 217 21.98 21.96 7.56
CA PHE D 217 23.29 21.36 7.29
C PHE D 217 24.43 22.35 7.48
N SER D 218 24.11 23.66 7.53
CA SER D 218 25.09 24.72 7.81
C SER D 218 25.92 24.49 9.08
N ILE D 219 25.37 23.72 10.02
CA ILE D 219 26.06 23.32 11.29
C ILE D 219 27.19 22.38 11.00
N GLN D 220 26.86 21.28 10.32
CA GLN D 220 27.84 20.29 9.88
C GLN D 220 28.90 20.96 8.99
N LYS D 221 28.48 21.75 8.02
CA LYS D 221 29.39 22.47 7.14
C LYS D 221 30.31 23.35 7.97
N SER D 222 29.75 24.07 8.93
CA SER D 222 30.57 24.92 9.76
C SER D 222 31.62 24.12 10.50
N MET D 223 31.23 22.98 11.06
CA MET D 223 32.19 22.20 11.88
C MET D 223 33.38 21.70 11.04
N ALA D 224 33.09 21.33 9.80
CA ALA D 224 34.11 20.90 8.84
C ALA D 224 35.09 22.00 8.52
N ILE D 225 34.58 23.23 8.35
CA ILE D 225 35.42 24.39 8.08
C ILE D 225 36.25 24.70 9.33
N LEU D 226 35.66 24.57 10.51
CA LEU D 226 36.36 24.76 11.78
C LEU D 226 37.44 23.72 12.13
N GLY D 227 37.63 22.67 11.31
CA GLY D 227 38.67 21.73 11.47
C GLY D 227 38.29 20.56 12.37
N LEU D 228 37.01 20.48 12.74
CA LEU D 228 36.50 19.52 13.72
C LEU D 228 35.72 18.41 13.06
N GLY D 229 35.20 18.66 11.86
CA GLY D 229 34.67 17.63 11.03
C GLY D 229 33.23 17.35 11.34
N TYR D 230 32.57 16.69 10.40
CA TYR D 230 31.22 16.19 10.66
C TYR D 230 31.12 15.31 11.90
N ASP D 231 32.12 14.44 12.16
CA ASP D 231 32.11 13.54 13.33
C ASP D 231 32.03 14.28 14.66
N ALA D 232 32.27 15.59 14.65
CA ALA D 232 32.11 16.39 15.84
C ALA D 232 30.67 16.59 16.19
N VAL D 233 29.73 16.37 15.25
CA VAL D 233 28.33 16.69 15.46
C VAL D 233 27.59 15.40 15.86
N ILE D 234 26.94 15.46 17.01
CA ILE D 234 26.03 14.40 17.45
C ILE D 234 24.57 14.80 17.12
N PRO D 235 23.96 14.16 16.11
CA PRO D 235 22.53 14.39 15.84
C PRO D 235 21.64 13.83 16.95
N VAL D 236 20.55 14.50 17.21
CA VAL D 236 19.70 14.14 18.33
C VAL D 236 18.33 13.83 17.74
N ASP D 237 17.70 12.76 18.21
CA ASP D 237 16.37 12.39 17.73
C ASP D 237 15.33 13.48 18.06
N TYR D 238 14.33 13.57 17.20
CA TYR D 238 13.21 14.42 17.36
C TYR D 238 12.01 13.67 17.92
N ASP D 239 11.10 14.45 18.48
CA ASP D 239 9.84 13.95 18.98
C ASP D 239 8.77 13.86 17.88
N GLU D 240 7.57 13.48 18.32
CA GLU D 240 6.37 13.26 17.50
C GLU D 240 5.81 14.49 16.81
N ARG D 241 6.28 15.66 17.20
CA ARG D 241 6.01 16.90 16.51
C ARG D 241 7.32 17.50 15.97
N TYR D 242 8.28 16.66 15.63
CA TYR D 242 9.52 17.03 14.98
C TYR D 242 10.41 18.07 15.72
N ARG D 243 10.21 18.18 17.05
CA ARG D 243 11.04 18.97 17.96
C ARG D 243 12.15 18.11 18.53
N MET D 244 13.36 18.66 18.69
CA MET D 244 14.41 17.92 19.36
C MET D 244 13.90 17.42 20.69
N ASP D 245 14.13 16.14 20.97
CA ASP D 245 13.64 15.50 22.20
C ASP D 245 14.76 15.69 23.26
N VAL D 246 14.44 16.43 24.32
CA VAL D 246 15.47 16.82 25.32
C VAL D 246 15.90 15.69 26.26
N ASP D 247 15.07 14.65 26.37
CA ASP D 247 15.49 13.41 27.03
C ASP D 247 16.56 12.80 26.18
N CYS D 248 16.31 12.70 24.87
CA CYS D 248 17.30 12.14 23.94
C CYS D 248 18.61 12.96 23.94
N LEU D 249 18.49 14.28 24.08
CA LEU D 249 19.69 15.15 24.23
C LEU D 249 20.41 14.79 25.54
N LYS D 250 19.66 14.67 26.62
CA LYS D 250 20.23 14.19 27.88
C LYS D 250 21.06 12.97 27.67
N GLN D 251 20.44 11.91 27.14
CA GLN D 251 21.13 10.66 26.94
C GLN D 251 22.29 10.74 25.94
N GLU D 252 22.34 11.72 25.06
CA GLU D 252 23.52 11.83 24.17
C GLU D 252 24.68 12.54 24.84
N VAL D 253 24.35 13.47 25.68
CA VAL D 253 25.33 14.13 26.49
C VAL D 253 25.99 13.09 27.36
N GLN D 254 25.18 12.32 28.09
CA GLN D 254 25.71 11.31 29.00
C GLN D 254 26.55 10.28 28.29
N ARG D 255 26.16 9.86 27.08
CA ARG D 255 26.92 8.84 26.29
C ARG D 255 28.25 9.35 25.81
N CYS D 256 28.22 10.60 25.35
CA CYS D 256 29.41 11.35 24.96
C CYS D 256 30.42 11.39 26.12
N LEU D 257 30.01 11.93 27.27
CA LEU D 257 30.85 11.91 28.48
C LEU D 257 31.35 10.49 28.78
N GLN D 258 30.46 9.49 28.67
CA GLN D 258 30.81 8.08 28.93
C GLN D 258 31.89 7.52 28.00
N GLN D 259 32.08 8.13 26.83
CA GLN D 259 33.15 7.74 25.89
C GLN D 259 34.47 8.49 26.02
N GLY D 260 34.58 9.39 26.99
CA GLY D 260 35.67 10.33 27.08
C GLY D 260 35.51 11.56 26.18
N LEU D 261 34.32 11.74 25.62
CA LEU D 261 34.09 12.88 24.76
C LEU D 261 33.67 14.11 25.60
N ILE D 262 33.75 15.28 24.97
CA ILE D 262 33.57 16.52 25.71
C ILE D 262 32.45 17.34 25.09
N PRO D 263 31.32 17.49 25.82
CA PRO D 263 30.18 18.26 25.31
C PRO D 263 30.45 19.75 25.36
N VAL D 264 30.36 20.43 24.22
CA VAL D 264 30.76 21.84 24.09
C VAL D 264 29.63 22.77 23.68
N ALA D 265 28.65 22.29 22.93
CA ALA D 265 27.56 23.13 22.48
C ALA D 265 26.29 22.37 22.06
N VAL D 266 25.17 23.06 22.05
CA VAL D 266 23.93 22.56 21.50
C VAL D 266 23.37 23.60 20.57
N VAL D 267 23.02 23.19 19.36
CA VAL D 267 22.24 24.03 18.41
C VAL D 267 20.83 23.62 18.57
N ALA D 268 20.02 24.58 19.03
CA ALA D 268 18.57 24.47 19.07
C ALA D 268 18.03 25.26 17.90
N THR D 269 17.18 24.63 17.09
CA THR D 269 16.59 25.24 15.88
C THR D 269 15.17 25.69 16.16
N SER D 270 14.93 26.99 16.08
CA SER D 270 13.60 27.53 16.36
C SER D 270 12.88 27.83 15.06
N GLY D 271 12.49 26.75 14.40
CA GLY D 271 11.89 26.72 13.10
C GLY D 271 12.80 25.95 12.15
N THR D 272 12.67 24.63 12.12
CA THR D 272 13.47 23.78 11.24
C THR D 272 13.05 24.09 9.83
N THR D 273 13.96 23.88 8.89
CA THR D 273 13.80 24.21 7.48
C THR D 273 12.72 23.46 6.81
N ASP D 274 12.57 22.16 7.16
CA ASP D 274 11.52 21.37 6.59
C ASP D 274 10.28 21.52 7.41
N PHE D 275 10.34 21.26 8.71
CA PHE D 275 9.11 21.14 9.50
C PHE D 275 8.57 22.45 10.10
N GLY D 276 9.37 23.53 10.14
CA GLY D 276 8.96 24.75 10.87
C GLY D 276 8.79 24.52 12.36
N SER D 277 9.38 23.42 12.79
CA SER D 277 9.25 22.99 14.14
C SER D 277 10.30 23.69 15.04
N ILE D 278 9.89 24.02 16.26
CA ILE D 278 10.65 24.78 17.21
C ILE D 278 11.17 23.86 18.33
N ASP D 279 12.49 23.64 18.39
CA ASP D 279 13.05 22.88 19.54
C ASP D 279 12.70 23.55 20.90
N PRO D 280 12.64 22.77 22.02
CA PRO D 280 12.28 23.34 23.35
C PRO D 280 13.42 24.13 24.00
N LEU D 281 13.34 25.43 23.86
CA LEU D 281 14.46 26.30 24.14
C LEU D 281 14.77 26.42 25.62
N GLY D 282 13.72 26.51 26.44
CA GLY D 282 13.89 26.64 27.91
C GLY D 282 14.61 25.43 28.48
N ALA D 283 14.22 24.25 28.02
CA ALA D 283 14.79 23.02 28.54
C ALA D 283 16.17 22.77 27.95
N ILE D 284 16.40 23.20 26.71
CA ILE D 284 17.71 23.00 26.13
C ILE D 284 18.71 23.85 26.91
N SER D 285 18.28 25.07 27.27
CA SER D 285 19.07 26.01 27.99
C SER D 285 19.44 25.53 29.34
N GLU D 286 18.46 25.00 30.07
CA GLU D 286 18.72 24.34 31.35
C GLU D 286 19.79 23.27 31.27
N LEU D 287 19.75 22.48 30.20
CA LEU D 287 20.73 21.42 30.06
C LEU D 287 22.10 22.03 29.74
N CYS D 288 22.11 23.08 28.93
CA CYS D 288 23.36 23.72 28.56
C CYS D 288 24.02 24.36 29.78
N LYS D 289 23.22 25.01 30.60
CA LYS D 289 23.70 25.60 31.86
C LYS D 289 24.38 24.57 32.75
N HIS D 290 23.71 23.43 32.95
CA HIS D 290 24.24 22.29 33.73
C HIS D 290 25.60 21.77 33.26
N HIS D 291 25.85 21.75 31.94
CA HIS D 291 27.12 21.25 31.42
C HIS D 291 28.12 22.34 30.98
N GLY D 292 27.87 23.60 31.30
CA GLY D 292 28.65 24.73 30.77
C GLY D 292 28.77 24.81 29.26
N MET D 293 27.70 24.41 28.56
CA MET D 293 27.68 24.38 27.10
C MET D 293 27.09 25.65 26.47
N TRP D 294 27.62 25.97 25.27
CA TRP D 294 27.16 27.09 24.41
C TRP D 294 25.79 26.71 23.86
N MET D 295 24.79 27.52 24.17
CA MET D 295 23.52 27.39 23.48
C MET D 295 23.40 28.39 22.35
N HIS D 296 23.31 27.86 21.12
CA HIS D 296 23.04 28.64 19.93
C HIS D 296 21.64 28.38 19.49
N VAL D 297 20.91 29.44 19.18
CA VAL D 297 19.59 29.32 18.59
C VAL D 297 19.57 29.75 17.14
N ASP D 298 19.22 28.83 16.28
CA ASP D 298 19.13 29.13 14.87
C ASP D 298 17.68 29.53 14.58
N ALA D 299 17.49 30.82 14.42
CA ALA D 299 16.19 31.38 14.18
C ALA D 299 16.11 31.89 12.73
N ALA D 300 16.85 31.27 11.82
CA ALA D 300 16.91 31.80 10.45
C ALA D 300 15.52 31.92 9.91
N TYR D 301 14.72 30.90 10.14
CA TYR D 301 13.33 30.90 9.68
C TYR D 301 12.38 31.46 10.74
N GLY D 302 12.51 30.92 11.96
CA GLY D 302 11.55 31.25 13.02
C GLY D 302 11.64 32.65 13.60
N CYS D 303 12.57 33.47 13.13
CA CYS D 303 12.72 34.85 13.59
C CYS D 303 11.52 35.71 13.23
N GLY D 304 10.73 35.31 12.24
CA GLY D 304 9.52 36.04 11.89
C GLY D 304 8.56 36.30 13.02
N LEU D 305 8.56 35.39 13.97
CA LEU D 305 7.75 35.51 15.14
C LEU D 305 8.14 36.62 16.11
N LEU D 306 9.34 37.18 15.94
CA LEU D 306 9.77 38.30 16.73
C LEU D 306 8.91 39.55 16.54
N VAL D 307 8.21 39.65 15.42
CA VAL D 307 7.33 40.75 15.16
C VAL D 307 5.86 40.35 15.21
N SER D 308 5.53 39.19 15.79
CA SER D 308 4.13 38.76 15.80
C SER D 308 3.57 39.02 17.17
N GLU D 309 2.66 39.97 17.26
CA GLU D 309 1.84 40.16 18.47
C GLU D 309 1.47 38.89 19.23
N SER D 310 0.72 37.99 18.61
CA SER D 310 0.18 36.85 19.31
C SER D 310 1.07 35.62 19.25
N HIS D 311 2.05 35.53 18.36
CA HIS D 311 2.84 34.29 18.29
C HIS D 311 4.20 34.37 18.90
N ARG D 312 4.65 35.57 19.30
CA ARG D 312 5.93 35.82 20.00
C ARG D 312 6.21 34.82 21.09
N PRO D 313 5.20 34.54 21.98
CA PRO D 313 5.47 33.69 23.12
C PRO D 313 5.98 32.33 22.72
N ARG D 314 5.79 31.95 21.47
CA ARG D 314 6.19 30.64 20.98
C ARG D 314 7.66 30.53 20.79
N LEU D 315 8.36 31.65 20.71
CA LEU D 315 9.83 31.70 20.77
C LEU D 315 10.34 31.87 22.21
N ALA D 316 9.49 31.58 23.19
CA ALA D 316 9.87 31.69 24.62
C ALA D 316 11.07 30.77 24.88
N GLY D 317 12.11 31.37 25.46
CA GLY D 317 13.37 30.72 25.78
C GLY D 317 14.52 31.21 24.91
N ILE D 318 14.23 31.84 23.76
CA ILE D 318 15.26 32.36 22.88
C ILE D 318 16.16 33.32 23.65
N GLU D 319 15.53 34.07 24.57
CA GLU D 319 16.20 35.03 25.41
C GLU D 319 17.35 34.45 26.21
N LYS D 320 17.42 33.13 26.37
CA LYS D 320 18.51 32.47 27.13
C LYS D 320 19.70 32.04 26.25
N ALA D 321 19.60 32.25 24.95
CA ALA D 321 20.65 31.81 24.04
C ALA D 321 22.00 32.51 24.33
N ASP D 322 23.09 31.79 24.09
CA ASP D 322 24.45 32.35 23.95
C ASP D 322 24.66 33.04 22.60
N SER D 323 24.04 32.51 21.54
CA SER D 323 23.93 33.18 20.24
C SER D 323 22.63 32.85 19.48
N VAL D 324 22.31 33.74 18.56
CA VAL D 324 21.14 33.62 17.68
C VAL D 324 21.43 34.05 16.24
N THR D 325 21.00 33.22 15.30
CA THR D 325 20.99 33.54 13.87
C THR D 325 19.59 33.93 13.44
N VAL D 326 19.51 34.98 12.62
CA VAL D 326 18.30 35.62 12.19
C VAL D 326 18.39 35.93 10.68
N ASP D 327 17.45 35.39 9.87
CA ASP D 327 17.32 35.66 8.41
C ASP D 327 16.13 36.57 8.03
N TYR D 328 16.46 37.85 7.91
CA TYR D 328 15.48 38.84 7.51
C TYR D 328 15.04 38.49 6.10
N HIS D 329 15.95 38.03 5.24
CA HIS D 329 15.57 37.60 3.92
C HIS D 329 14.76 36.29 3.80
N LYS D 330 14.43 35.64 4.89
CA LYS D 330 13.43 34.55 4.90
C LYS D 330 12.08 35.00 5.42
N SER D 331 12.08 35.60 6.60
CA SER D 331 10.87 35.84 7.32
C SER D 331 10.48 37.29 7.53
N PHE D 332 11.33 38.22 7.06
CA PHE D 332 11.02 39.66 7.13
C PHE D 332 10.82 40.31 5.76
N PHE D 333 10.59 39.50 4.71
CA PHE D 333 10.26 39.99 3.39
C PHE D 333 11.26 41.04 2.85
N GLN D 334 12.52 40.86 3.20
CA GLN D 334 13.62 41.67 2.73
C GLN D 334 14.34 40.85 1.66
N THR D 335 14.79 41.58 0.64
CA THR D 335 15.73 41.16 -0.36
C THR D 335 17.02 40.50 0.14
N VAL D 336 17.54 39.53 -0.64
CA VAL D 336 18.84 38.88 -0.40
C VAL D 336 19.91 39.90 -0.77
N SER D 337 20.93 40.14 0.07
CA SER D 337 21.16 39.51 1.37
C SER D 337 20.66 40.40 2.55
N CYS D 338 20.15 39.74 3.56
CA CYS D 338 19.75 40.47 4.75
C CYS D 338 19.57 39.54 5.89
N GLY D 339 20.59 39.49 6.74
CA GLY D 339 20.73 38.50 7.73
C GLY D 339 21.64 38.98 8.82
N ALA D 340 21.43 38.44 10.02
CA ALA D 340 22.30 38.79 11.14
C ALA D 340 22.55 37.70 12.16
N PHE D 341 23.69 37.88 12.86
CA PHE D 341 24.18 37.06 13.98
C PHE D 341 24.26 37.92 15.26
N PHE D 342 23.88 37.33 16.40
CA PHE D 342 23.71 38.05 17.65
C PHE D 342 24.41 37.20 18.70
N VAL D 343 25.03 37.86 19.68
CA VAL D 343 25.59 37.16 20.87
C VAL D 343 25.08 37.80 22.16
N ARG D 344 24.94 36.94 23.18
CA ARG D 344 24.57 37.32 24.55
C ARG D 344 25.60 38.27 25.16
N ASP D 345 26.87 38.00 24.86
CA ASP D 345 27.99 38.70 25.42
C ASP D 345 28.97 39.12 24.30
N LYS D 346 28.97 40.43 24.01
CA LYS D 346 29.78 41.02 22.93
C LYS D 346 31.22 40.66 22.98
N HIS D 347 31.74 40.39 24.18
CA HIS D 347 33.14 40.03 24.39
C HIS D 347 33.55 38.78 23.63
N HIS D 348 32.61 37.87 23.37
CA HIS D 348 32.96 36.69 22.56
C HIS D 348 33.33 37.04 21.08
N LEU D 349 32.88 38.20 20.60
CA LEU D 349 33.19 38.59 19.20
C LEU D 349 34.65 38.92 19.11
N SER D 350 35.25 39.27 20.22
CA SER D 350 36.68 39.48 20.20
C SER D 350 37.45 38.33 19.50
N HIS D 351 36.90 37.10 19.48
CA HIS D 351 37.64 35.96 18.86
C HIS D 351 37.80 36.06 17.33
N VAL D 352 37.00 36.91 16.74
CA VAL D 352 36.97 37.19 15.29
C VAL D 352 37.82 38.40 14.89
N THR D 353 38.17 39.27 15.85
CA THR D 353 38.79 40.59 15.53
C THR D 353 40.30 40.54 15.39
N GLU D 367 39.61 56.68 20.17
CA GLU D 367 38.99 57.88 19.61
C GLU D 367 37.48 57.70 19.57
N GLY D 368 37.03 56.48 19.81
CA GLY D 368 35.64 56.13 19.71
C GLY D 368 35.10 56.10 18.29
N THR D 369 35.93 55.63 17.34
CA THR D 369 35.49 55.37 15.96
C THR D 369 34.72 54.04 15.94
N PRO D 370 33.39 54.04 15.63
CA PRO D 370 32.65 52.78 15.55
C PRO D 370 32.90 51.98 14.26
N ASN D 371 33.81 51.00 14.29
CA ASN D 371 34.13 50.12 13.14
C ASN D 371 33.55 48.72 13.32
N LEU D 372 32.49 48.39 12.59
CA LEU D 372 31.77 47.15 12.76
C LEU D 372 32.53 45.91 12.28
N VAL D 373 33.58 46.09 11.47
CA VAL D 373 34.51 44.99 11.06
C VAL D 373 35.08 44.17 12.24
N ASN D 374 35.24 44.84 13.38
CA ASN D 374 35.65 44.17 14.62
C ASN D 374 34.69 43.06 15.10
N LYS D 375 33.47 43.02 14.56
CA LYS D 375 32.46 41.99 14.92
C LYS D 375 32.17 41.00 13.79
N SER D 376 32.92 41.03 12.68
CA SER D 376 32.59 40.35 11.44
C SER D 376 33.76 39.54 10.88
N ILE D 377 33.44 38.51 10.08
CA ILE D 377 34.44 37.68 9.34
C ILE D 377 34.46 37.98 7.82
N GLN D 378 33.77 39.05 7.44
CA GLN D 378 33.88 39.65 6.12
C GLN D 378 34.56 40.99 6.35
N THR D 379 35.20 41.51 5.32
CA THR D 379 35.74 42.88 5.39
C THR D 379 34.77 43.82 4.62
N THR D 380 34.96 44.10 3.32
CA THR D 380 33.99 44.92 2.54
C THR D 380 32.59 44.32 2.64
N ARG D 381 31.59 45.14 2.86
CA ARG D 381 30.30 44.64 3.26
C ARG D 381 29.25 45.68 2.95
N ARG D 382 28.18 45.26 2.32
CA ARG D 382 27.16 46.22 1.89
C ARG D 382 26.23 46.60 3.00
N PHE D 383 25.50 47.68 2.76
CA PHE D 383 24.61 48.28 3.73
C PHE D 383 23.24 47.60 3.69
N ASP D 384 23.22 46.29 3.98
CA ASP D 384 21.95 45.55 4.01
C ASP D 384 20.99 46.02 5.07
N ALA D 385 21.51 46.51 6.20
CA ALA D 385 20.67 47.06 7.26
C ALA D 385 19.70 48.20 6.82
N LEU D 386 20.07 48.95 5.78
CA LEU D 386 19.20 50.00 5.24
C LEU D 386 17.83 49.46 4.85
N LYS D 387 17.81 48.23 4.35
CA LYS D 387 16.55 47.54 4.05
C LYS D 387 15.64 47.36 5.26
N MET D 388 16.22 46.88 6.38
CA MET D 388 15.44 46.74 7.61
C MET D 388 15.10 48.12 8.24
N TRP D 389 16.06 49.02 8.19
CA TRP D 389 15.87 50.42 8.55
C TRP D 389 14.65 51.01 7.84
N LEU D 390 14.71 51.13 6.51
CA LEU D 390 13.59 51.73 5.75
C LEU D 390 12.27 50.97 5.90
N THR D 391 12.34 49.65 6.06
CA THR D 391 11.14 48.84 6.27
C THR D 391 10.42 49.20 7.57
N LEU D 392 11.21 49.37 8.63
CA LEU D 392 10.71 49.78 9.97
C LEU D 392 10.22 51.24 10.01
N ARG D 393 10.91 52.14 9.30
CA ARG D 393 10.49 53.54 9.23
C ARG D 393 9.23 53.78 8.39
N VAL D 394 9.09 53.03 7.29
CA VAL D 394 8.01 53.24 6.34
C VAL D 394 6.79 52.41 6.74
N SER D 395 6.93 51.09 6.69
CA SER D 395 5.92 50.19 7.25
C SER D 395 6.33 50.11 8.71
N GLY D 396 5.43 49.78 9.61
CA GLY D 396 5.89 49.52 11.00
C GLY D 396 6.54 48.16 11.07
N PRO D 397 7.06 47.78 12.25
CA PRO D 397 7.27 46.35 12.51
C PRO D 397 5.93 45.59 12.63
N MET D 398 4.87 46.27 13.07
CA MET D 398 3.55 45.63 13.13
C MET D 398 2.99 45.27 11.74
N ALA D 399 3.40 46.01 10.70
CA ALA D 399 3.05 45.66 9.31
C ALA D 399 3.70 44.34 8.85
N LEU D 400 4.88 44.01 9.40
CA LEU D 400 5.52 42.73 9.14
C LEU D 400 4.84 41.61 9.92
N GLY D 401 4.59 41.85 11.20
CA GLY D 401 3.87 40.89 12.05
C GLY D 401 2.49 40.57 11.57
N ASN D 402 1.83 41.56 10.97
CA ASN D 402 0.54 41.32 10.31
C ASN D 402 0.69 40.31 9.20
N ALA D 403 1.69 40.52 8.32
CA ALA D 403 1.92 39.65 7.16
C ALA D 403 2.16 38.25 7.61
N PHE D 404 3.09 38.13 8.55
CA PHE D 404 3.55 36.85 9.04
C PHE D 404 2.42 36.10 9.76
N ASP D 405 1.64 36.80 10.61
CA ASP D 405 0.36 36.32 11.21
C ASP D 405 -0.57 35.66 10.23
N ASP D 406 -0.75 36.32 9.09
CA ASP D 406 -1.62 35.85 8.01
C ASP D 406 -1.05 34.63 7.31
N ILE D 407 0.27 34.59 7.14
CA ILE D 407 0.91 33.45 6.54
C ILE D 407 0.82 32.25 7.51
N LEU D 408 1.04 32.42 8.81
CA LEU D 408 0.77 31.31 9.77
C LEU D 408 -0.68 30.80 9.68
N ALA D 409 -1.65 31.70 9.60
CA ALA D 409 -3.05 31.24 9.56
C ALA D 409 -3.29 30.49 8.25
N LEU D 410 -2.85 31.04 7.13
CA LEU D 410 -2.95 30.33 5.85
C LEU D 410 -2.35 28.90 5.85
N THR D 411 -1.26 28.71 6.58
CA THR D 411 -0.64 27.36 6.73
C THR D 411 -1.55 26.42 7.53
N GLN D 412 -2.24 26.95 8.56
CA GLN D 412 -3.21 26.16 9.30
C GLN D 412 -4.28 25.71 8.31
N ILE D 413 -4.78 26.62 7.46
CA ILE D 413 -5.81 26.24 6.49
C ILE D 413 -5.27 25.16 5.60
N ALA D 414 -4.05 25.32 5.10
CA ALA D 414 -3.48 24.40 4.12
C ALA D 414 -3.37 23.01 4.69
N HIS D 415 -3.03 22.93 5.98
CA HIS D 415 -2.94 21.69 6.71
C HIS D 415 -4.30 21.03 6.85
N GLN D 416 -5.30 21.86 7.18
CA GLN D 416 -6.68 21.41 7.19
C GLN D 416 -7.04 20.81 5.81
N LEU D 417 -6.65 21.45 4.71
CA LEU D 417 -6.94 20.89 3.37
C LEU D 417 -6.19 19.60 3.04
N LEU D 418 -4.92 19.54 3.43
CA LEU D 418 -4.11 18.35 3.13
C LEU D 418 -4.56 17.17 3.98
N ASN D 419 -4.95 17.43 5.24
CA ASN D 419 -5.41 16.35 6.13
C ASN D 419 -6.75 15.80 5.58
N ALA D 420 -7.66 16.69 5.18
CA ALA D 420 -8.93 16.27 4.57
C ALA D 420 -8.72 15.33 3.39
N HIS D 421 -7.67 15.54 2.58
CA HIS D 421 -7.51 14.73 1.36
C HIS D 421 -7.15 13.27 1.71
N PRO D 422 -8.01 12.30 1.32
CA PRO D 422 -7.76 10.91 1.72
C PRO D 422 -6.53 10.29 1.06
N ALA D 423 -6.11 10.84 -0.08
CA ALA D 423 -4.89 10.45 -0.73
C ALA D 423 -3.63 11.12 -0.16
N ILE D 424 -3.74 12.17 0.64
CA ILE D 424 -2.58 12.88 1.13
C ILE D 424 -2.35 12.53 2.61
N GLU D 425 -1.17 11.96 2.86
CA GLU D 425 -0.65 11.79 4.22
C GLU D 425 0.17 13.02 4.65
N VAL D 426 -0.23 13.63 5.76
CA VAL D 426 0.44 14.78 6.36
C VAL D 426 1.12 14.36 7.67
N LEU D 427 2.24 15.01 8.00
CA LEU D 427 3.07 14.59 9.14
C LEU D 427 2.87 15.39 10.40
N HIS D 428 2.49 16.65 10.28
CA HIS D 428 2.56 17.52 11.43
C HIS D 428 1.60 18.66 11.23
N VAL D 429 1.14 19.19 12.35
CA VAL D 429 0.38 20.39 12.35
C VAL D 429 1.46 21.47 12.21
N PRO D 430 1.20 22.54 11.43
CA PRO D 430 2.26 23.51 11.23
C PRO D 430 2.51 24.34 12.46
N GLU D 431 3.77 24.35 12.89
CA GLU D 431 4.24 25.22 13.94
C GLU D 431 4.62 26.54 13.28
N LEU D 432 4.90 26.56 11.99
CA LEU D 432 5.17 27.81 11.30
C LEU D 432 4.46 27.79 9.93
N THR D 433 5.22 27.95 8.87
CA THR D 433 4.65 28.31 7.60
C THR D 433 4.78 27.15 6.59
N THR D 434 5.21 26.00 7.08
CA THR D 434 5.66 24.90 6.26
C THR D 434 4.75 23.69 6.48
N GLN D 435 4.58 22.87 5.46
CA GLN D 435 3.84 21.62 5.60
C GLN D 435 4.48 20.47 4.83
N ILE D 436 4.80 19.40 5.55
CA ILE D 436 5.44 18.22 4.97
C ILE D 436 4.39 17.12 4.87
N PHE D 437 4.26 16.59 3.66
CA PHE D 437 3.21 15.63 3.35
C PHE D 437 3.69 14.78 2.18
N ARG D 438 2.92 13.76 1.83
CA ARG D 438 3.18 12.95 0.66
C ARG D 438 1.93 12.28 0.11
N TYR D 439 1.96 12.05 -1.19
CA TYR D 439 0.91 11.37 -1.92
C TYR D 439 1.08 9.84 -1.74
N VAL D 440 0.06 9.20 -1.15
CA VAL D 440 0.01 7.75 -0.88
C VAL D 440 -1.29 7.16 -1.44
N PRO D 441 -1.26 6.55 -2.64
CA PRO D 441 -2.50 6.03 -3.26
C PRO D 441 -3.11 4.75 -2.63
N ALA D 448 9.31 2.83 -1.26
CA ALA D 448 10.25 2.75 -2.39
C ALA D 448 9.55 3.07 -3.73
N LEU D 449 8.35 2.52 -3.92
CA LEU D 449 7.48 2.91 -5.03
C LEU D 449 6.83 4.23 -4.67
N THR D 450 6.31 4.32 -3.45
CA THR D 450 5.76 5.59 -2.99
C THR D 450 6.78 6.76 -3.07
N ASP D 451 8.07 6.48 -2.82
CA ASP D 451 9.13 7.52 -2.98
C ASP D 451 9.25 8.06 -4.38
N GLU D 452 9.30 7.16 -5.36
CA GLU D 452 9.44 7.56 -6.77
C GLU D 452 8.19 8.26 -7.33
N ILE D 453 7.00 7.85 -6.90
CA ILE D 453 5.77 8.54 -7.29
C ILE D 453 5.89 10.02 -6.85
N ASN D 454 6.36 10.26 -5.63
CA ASN D 454 6.35 11.58 -5.06
C ASN D 454 7.45 12.48 -5.64
N THR D 455 8.60 11.89 -5.92
CA THR D 455 9.70 12.57 -6.58
C THR D 455 9.28 12.98 -8.01
N ASN D 456 8.63 12.08 -8.73
CA ASN D 456 8.08 12.45 -10.08
C ASN D 456 6.90 13.47 -10.04
N ILE D 457 6.10 13.52 -8.98
CA ILE D 457 5.12 14.61 -8.86
C ILE D 457 5.83 15.98 -8.87
N ARG D 458 6.87 16.11 -8.05
CA ARG D 458 7.56 17.36 -7.90
C ARG D 458 8.04 17.80 -9.29
N LYS D 459 8.82 16.93 -9.93
CA LYS D 459 9.30 17.14 -11.28
C LYS D 459 8.25 17.60 -12.30
N ALA D 460 7.15 16.85 -12.35
CA ALA D 460 6.04 17.20 -13.21
C ALA D 460 5.43 18.53 -12.87
N VAL D 461 5.22 18.81 -11.57
CA VAL D 461 4.59 20.10 -11.27
C VAL D 461 5.45 21.28 -11.82
N PHE D 462 6.78 21.13 -11.69
CA PHE D 462 7.81 22.13 -12.00
C PHE D 462 7.90 22.31 -13.51
N ARG D 463 7.89 21.18 -14.21
CA ARG D 463 7.84 21.12 -15.69
C ARG D 463 6.61 21.83 -16.22
N SER D 464 5.45 21.58 -15.58
CA SER D 464 4.21 22.29 -15.91
C SER D 464 4.29 23.80 -15.67
N GLY D 465 5.06 24.17 -14.65
CA GLY D 465 5.16 25.55 -14.27
C GLY D 465 3.97 26.17 -13.59
N ASN D 466 2.89 25.42 -13.32
CA ASN D 466 1.65 25.97 -12.71
C ASN D 466 1.71 26.11 -11.22
N ALA D 467 2.78 25.56 -10.66
CA ALA D 467 3.11 25.80 -9.29
C ALA D 467 4.59 25.38 -9.17
N VAL D 468 5.20 25.80 -8.08
CA VAL D 468 6.49 25.28 -7.66
C VAL D 468 6.35 24.82 -6.22
N ILE D 469 6.71 23.56 -6.04
CA ILE D 469 6.68 22.85 -4.79
C ILE D 469 8.09 22.38 -4.46
N ALA D 470 8.32 22.00 -3.21
CA ALA D 470 9.58 21.48 -2.75
C ALA D 470 9.44 20.00 -2.33
N GLY D 471 10.54 19.47 -1.81
CA GLY D 471 10.62 18.09 -1.46
C GLY D 471 11.71 17.91 -0.46
N THR D 472 11.63 16.80 0.21
CA THR D 472 12.50 16.53 1.31
C THR D 472 12.40 15.06 1.70
N LYS D 473 13.49 14.55 2.27
CA LYS D 473 13.56 13.20 2.85
C LYS D 473 13.36 13.18 4.35
N VAL D 474 12.53 12.28 4.89
CA VAL D 474 12.49 12.05 6.35
C VAL D 474 12.43 10.56 6.62
N ASN D 475 13.22 10.16 7.61
CA ASN D 475 13.62 8.77 7.79
C ASN D 475 13.91 7.97 6.51
N GLY D 476 14.61 8.59 5.58
CA GLY D 476 14.89 7.98 4.27
C GLY D 476 13.75 7.84 3.29
N ARG D 477 12.57 8.39 3.58
CA ARG D 477 11.48 8.40 2.63
C ARG D 477 11.32 9.78 2.00
N GLN D 478 10.87 9.78 0.73
CA GLN D 478 10.59 11.00 -0.02
C GLN D 478 9.23 11.62 0.25
N TYR D 479 9.27 12.89 0.65
CA TYR D 479 8.07 13.65 0.94
C TYR D 479 8.10 14.86 0.07
N LEU D 480 6.91 15.43 -0.14
CA LEU D 480 6.75 16.75 -0.69
C LEU D 480 6.67 17.81 0.41
N LYS D 481 6.75 19.07 -0.03
CA LYS D 481 6.87 20.23 0.85
C LYS D 481 6.18 21.48 0.27
N PHE D 482 5.29 22.00 1.10
CA PHE D 482 4.73 23.32 0.97
C PHE D 482 5.43 24.21 1.98
N THR D 483 6.02 25.29 1.48
CA THR D 483 6.46 26.45 2.28
C THR D 483 5.63 27.69 1.82
N LEU D 484 4.93 28.29 2.76
CA LEU D 484 4.09 29.46 2.50
C LEU D 484 4.67 30.75 3.07
N LEU D 485 5.05 31.68 2.22
CA LEU D 485 5.51 32.98 2.71
C LEU D 485 4.80 34.15 2.11
N ASN D 486 3.76 33.91 1.33
CA ASN D 486 3.08 34.97 0.60
C ASN D 486 1.76 35.21 1.26
N PRO D 487 1.56 36.41 1.85
CA PRO D 487 0.33 36.61 2.61
C PRO D 487 -0.91 36.84 1.77
N ASN D 488 -0.74 37.02 0.47
CA ASN D 488 -1.81 37.17 -0.51
C ASN D 488 -2.16 35.85 -1.24
N THR D 489 -1.51 34.74 -0.89
CA THR D 489 -1.93 33.41 -1.31
C THR D 489 -3.24 33.06 -0.57
N THR D 490 -4.18 32.43 -1.28
CA THR D 490 -5.51 32.14 -0.77
C THR D 490 -5.70 30.65 -0.59
N ALA D 491 -6.79 30.31 0.10
CA ALA D 491 -7.24 28.94 0.17
C ALA D 491 -7.48 28.37 -1.23
N ALA D 492 -8.05 29.17 -2.12
CA ALA D 492 -8.24 28.78 -3.51
C ALA D 492 -6.94 28.30 -4.18
N ASP D 493 -5.88 29.09 -4.04
CA ASP D 493 -4.59 28.77 -4.67
C ASP D 493 -4.04 27.42 -4.17
N ILE D 494 -4.26 27.16 -2.89
CA ILE D 494 -3.76 25.98 -2.23
C ILE D 494 -4.51 24.74 -2.70
N GLU D 495 -5.83 24.87 -2.90
CA GLU D 495 -6.60 23.77 -3.48
C GLU D 495 -6.12 23.50 -4.87
N ASP D 496 -5.76 24.53 -5.64
CA ASP D 496 -5.30 24.32 -7.04
C ASP D 496 -3.97 23.56 -7.08
N VAL D 497 -3.12 23.77 -6.07
CA VAL D 497 -1.85 23.11 -6.04
C VAL D 497 -2.04 21.65 -5.60
N ILE D 498 -2.89 21.41 -4.63
CA ILE D 498 -3.08 20.04 -4.14
C ILE D 498 -3.68 19.21 -5.26
N ALA D 499 -4.55 19.83 -6.07
CA ALA D 499 -5.22 19.11 -7.17
C ALA D 499 -4.23 18.79 -8.27
N LEU D 500 -3.22 19.65 -8.44
CA LEU D 500 -2.14 19.41 -9.37
C LEU D 500 -1.29 18.25 -8.92
N ILE D 501 -0.96 18.25 -7.62
CA ILE D 501 -0.18 17.20 -7.00
C ILE D 501 -0.88 15.85 -7.14
N VAL D 502 -2.16 15.84 -6.88
CA VAL D 502 -2.98 14.63 -7.02
C VAL D 502 -3.11 14.18 -8.48
N HIS D 503 -3.28 15.12 -9.38
CA HIS D 503 -3.37 14.79 -10.78
C HIS D 503 -2.09 14.07 -11.27
N TYR D 504 -0.92 14.67 -11.04
CA TYR D 504 0.36 14.02 -11.44
C TYR D 504 0.61 12.74 -10.69
N GLY D 505 0.13 12.68 -9.46
CA GLY D 505 0.26 11.49 -8.65
C GLY D 505 -0.53 10.35 -9.29
N ARG D 506 -1.81 10.56 -9.55
CA ARG D 506 -2.65 9.55 -10.24
C ARG D 506 -2.09 9.15 -11.59
N GLU D 507 -1.54 10.14 -12.32
CA GLU D 507 -0.89 9.94 -13.63
C GLU D 507 0.28 8.93 -13.53
N GLN D 508 1.03 8.99 -12.43
CA GLN D 508 2.08 8.03 -12.06
C GLN D 508 1.56 6.62 -11.81
N VAL D 509 0.46 6.48 -11.08
CA VAL D 509 -0.12 5.19 -10.74
C VAL D 509 -0.82 4.59 -11.96
N ARG D 510 -1.65 5.42 -12.59
CA ARG D 510 -2.51 4.99 -13.69
C ARG D 510 -1.75 4.99 -15.02
N GLY D 511 -0.65 5.74 -15.13
CA GLY D 511 0.01 5.93 -16.41
C GLY D 511 -0.74 6.93 -17.27
N PRO D 512 -0.05 7.86 -17.96
CA PRO D 512 -0.72 8.71 -18.94
C PRO D 512 -1.36 7.92 -20.07
N HIS E 25 17.47 1.46 50.95
CA HIS E 25 16.68 0.37 51.63
C HIS E 25 17.57 -0.85 51.71
N ASP E 26 18.38 -0.82 52.75
CA ASP E 26 19.50 -1.74 52.94
C ASP E 26 19.02 -3.15 53.23
N PHE E 27 17.71 -3.38 53.47
CA PHE E 27 17.21 -4.76 53.57
C PHE E 27 16.87 -5.47 52.24
N ILE E 28 16.98 -4.85 51.12
CA ILE E 28 16.57 -5.56 49.85
C ILE E 28 17.70 -6.47 49.35
N PHE E 29 17.36 -7.69 48.94
CA PHE E 29 18.30 -8.50 48.19
C PHE E 29 18.62 -7.90 46.83
N ASN E 30 19.87 -7.48 46.65
CA ASN E 30 20.37 -6.99 45.36
C ASN E 30 21.92 -6.95 45.34
N ASP E 31 22.49 -6.29 44.35
CA ASP E 31 23.95 -6.29 44.14
C ASP E 31 24.65 -5.69 45.37
N HIS E 32 24.09 -4.58 45.90
CA HIS E 32 24.61 -3.90 47.11
C HIS E 32 24.57 -4.76 48.38
N GLN E 33 23.64 -5.71 48.50
CA GLN E 33 23.51 -6.58 49.68
C GLN E 33 24.07 -7.97 49.54
N LEU E 34 24.82 -8.25 48.46
CA LEU E 34 25.41 -9.57 48.28
C LEU E 34 26.30 -10.00 49.45
N SER E 35 27.14 -9.10 49.95
CA SER E 35 28.00 -9.39 51.11
C SER E 35 27.20 -9.62 52.40
N ALA E 36 26.17 -8.84 52.65
CA ALA E 36 25.41 -9.06 53.88
C ALA E 36 24.65 -10.40 53.75
N TRP E 37 24.24 -10.72 52.53
CA TRP E 37 23.64 -12.03 52.24
C TRP E 37 24.56 -13.17 52.65
N ALA E 38 25.78 -13.16 52.12
CA ALA E 38 26.76 -14.21 52.41
C ALA E 38 27.01 -14.33 53.89
N ARG E 39 27.18 -13.20 54.57
CA ARG E 39 27.49 -13.23 56.01
C ARG E 39 26.36 -13.82 56.85
N GLN E 40 25.13 -13.44 56.53
CA GLN E 40 23.96 -14.00 57.21
C GLN E 40 23.84 -15.49 56.89
N THR E 41 24.19 -15.88 55.66
CA THR E 41 24.07 -17.28 55.30
C THR E 41 25.12 -18.09 56.03
N GLU E 42 26.31 -17.49 56.25
CA GLU E 42 27.34 -18.12 57.11
C GLU E 42 26.97 -18.23 58.61
N GLN E 43 26.26 -17.24 59.14
CA GLN E 43 25.76 -17.31 60.49
C GLN E 43 24.70 -18.42 60.65
N VAL E 44 23.81 -18.57 59.70
CA VAL E 44 22.82 -19.65 59.78
C VAL E 44 23.49 -21.02 59.72
N LEU E 45 24.44 -21.18 58.79
CA LEU E 45 25.31 -22.34 58.74
C LEU E 45 25.93 -22.69 60.08
N ALA E 46 26.60 -21.74 60.74
CA ALA E 46 27.13 -21.95 62.11
C ALA E 46 26.05 -22.33 63.13
N LEU E 47 24.95 -21.57 63.15
CA LEU E 47 23.84 -21.84 64.07
C LEU E 47 23.19 -23.22 63.89
N MET E 48 22.90 -23.60 62.64
CA MET E 48 22.27 -24.88 62.35
C MET E 48 23.26 -26.05 62.54
N THR E 49 24.50 -25.85 62.15
CA THR E 49 25.54 -26.85 62.46
C THR E 49 25.57 -27.27 63.96
N GLU E 50 25.73 -26.29 64.87
CA GLU E 50 25.61 -26.46 66.33
C GLU E 50 24.31 -27.11 66.78
N THR E 51 23.16 -26.64 66.28
CA THR E 51 21.91 -27.23 66.71
C THR E 51 21.81 -28.69 66.22
N VAL E 52 22.10 -28.95 64.94
CA VAL E 52 22.05 -30.32 64.42
C VAL E 52 23.04 -31.31 65.14
N LYS E 53 24.22 -30.85 65.50
CA LYS E 53 25.14 -31.71 66.28
C LYS E 53 24.58 -32.02 67.68
N GLY E 54 23.86 -31.06 68.27
CA GLY E 54 23.24 -31.22 69.58
C GLY E 54 21.94 -32.02 69.64
N VAL E 55 21.32 -32.33 68.51
CA VAL E 55 20.08 -33.13 68.43
C VAL E 55 20.37 -34.57 68.83
N GLU E 56 19.91 -34.94 70.02
CA GLU E 56 20.11 -36.29 70.56
C GLU E 56 18.87 -37.17 70.49
N LYS E 57 17.71 -36.54 70.33
CA LYS E 57 16.49 -37.26 70.19
C LYS E 57 15.61 -36.54 69.20
N PRO E 58 14.59 -37.20 68.68
CA PRO E 58 13.82 -36.54 67.61
C PRO E 58 12.94 -35.35 68.07
N PHE E 59 12.72 -35.19 69.37
CA PHE E 59 11.80 -34.17 69.90
C PHE E 59 12.03 -33.98 71.38
N SER E 60 11.64 -32.82 71.90
CA SER E 60 11.83 -32.52 73.32
C SER E 60 10.73 -33.05 74.22
N GLY E 61 9.54 -33.24 73.69
CA GLY E 61 8.48 -33.67 74.51
C GLY E 61 7.65 -32.53 75.06
N ILE E 62 8.02 -31.29 74.74
CA ILE E 62 7.30 -30.10 75.22
C ILE E 62 5.86 -30.10 74.68
N LEU E 63 4.93 -29.66 75.53
CA LEU E 63 3.54 -29.56 75.21
C LEU E 63 3.23 -28.18 74.68
N PRO E 64 2.14 -28.08 73.87
CA PRO E 64 1.80 -26.80 73.26
C PRO E 64 1.56 -25.75 74.33
N HIS E 65 0.85 -26.11 75.40
CA HIS E 65 0.69 -25.11 76.48
C HIS E 65 1.99 -24.65 77.12
N GLU E 66 2.99 -25.55 77.17
CA GLU E 66 4.30 -25.22 77.74
C GLU E 66 5.10 -24.26 76.89
N LEU E 67 5.21 -24.51 75.58
CA LEU E 67 5.96 -23.61 74.68
C LEU E 67 5.26 -22.29 74.50
N ALA E 68 3.93 -22.31 74.54
CA ALA E 68 3.12 -21.10 74.50
C ALA E 68 3.55 -20.05 75.55
N ARG E 69 4.08 -20.46 76.72
CA ARG E 69 4.52 -19.53 77.78
C ARG E 69 5.64 -18.64 77.27
N GLU E 70 6.56 -19.26 76.53
CA GLU E 70 7.72 -18.57 75.94
C GLU E 70 7.29 -17.56 74.87
N PHE E 71 6.25 -17.90 74.11
CA PHE E 71 5.75 -17.03 73.03
C PHE E 71 4.96 -15.80 73.53
N SER E 72 4.40 -15.86 74.74
CA SER E 72 3.72 -14.72 75.34
C SER E 72 4.63 -13.47 75.47
N GLY E 73 5.93 -13.66 75.72
CA GLY E 73 6.88 -12.55 75.88
C GLY E 73 7.41 -11.87 74.61
N VAL E 74 6.69 -12.02 73.49
CA VAL E 74 7.19 -11.56 72.18
C VAL E 74 6.14 -10.76 71.50
N ASP E 75 6.49 -9.53 71.13
CA ASP E 75 5.61 -8.59 70.45
C ASP E 75 6.17 -8.18 69.06
N LEU E 76 5.56 -8.68 67.99
CA LEU E 76 6.09 -8.48 66.63
C LEU E 76 6.22 -7.00 66.18
N ASP E 77 5.51 -6.06 66.85
CA ASP E 77 5.69 -4.61 66.57
C ASP E 77 6.98 -4.04 67.17
N GLN E 78 7.60 -4.83 68.03
CA GLN E 78 8.89 -4.47 68.68
C GLN E 78 10.08 -5.36 68.16
N GLY E 81 16.03 -6.16 66.65
CA GLY E 81 16.24 -5.80 65.23
C GLY E 81 17.68 -6.01 64.60
N SER E 82 18.29 -7.17 64.84
CA SER E 82 19.41 -7.72 64.00
C SER E 82 19.18 -9.22 63.75
N ASN E 83 19.91 -9.83 62.81
CA ASN E 83 19.89 -11.29 62.56
C ASN E 83 20.28 -12.10 63.79
N GLU E 84 21.37 -11.62 64.37
CA GLU E 84 22.06 -12.26 65.48
C GLU E 84 21.07 -12.52 66.59
N ALA E 85 20.33 -11.48 67.02
CA ALA E 85 19.28 -11.58 68.05
C ALA E 85 18.03 -12.36 67.60
N ALA E 86 17.59 -12.08 66.39
CA ALA E 86 16.54 -12.88 65.78
C ALA E 86 16.85 -14.38 65.87
N LEU E 87 18.07 -14.77 65.52
CA LEU E 87 18.42 -16.18 65.49
C LEU E 87 18.60 -16.78 66.85
N GLU E 88 19.09 -15.99 67.80
CA GLU E 88 19.17 -16.43 69.20
C GLU E 88 17.79 -16.66 69.71
N GLU E 89 16.83 -15.77 69.38
CA GLU E 89 15.47 -15.95 69.88
C GLU E 89 14.86 -17.15 69.21
N LEU E 90 15.20 -17.34 67.92
CA LEU E 90 14.79 -18.53 67.20
C LEU E 90 15.25 -19.88 67.85
N LYS E 91 16.51 -19.96 68.30
CA LYS E 91 17.00 -21.16 69.03
C LYS E 91 16.00 -21.73 69.99
N LYS E 92 15.32 -20.83 70.71
CA LYS E 92 14.42 -21.19 71.76
C LYS E 92 12.96 -21.36 71.29
N LEU E 93 12.49 -20.47 70.42
CA LEU E 93 11.08 -20.49 70.05
C LEU E 93 10.78 -21.62 69.06
N TYR E 94 11.81 -22.11 68.35
CA TYR E 94 11.64 -23.05 67.23
C TYR E 94 12.62 -24.24 67.23
N LEU E 95 13.93 -23.98 67.22
CA LEU E 95 14.92 -25.05 67.06
C LEU E 95 14.93 -26.02 68.26
N ARG E 96 14.74 -25.48 69.45
CA ARG E 96 14.73 -26.28 70.65
C ARG E 96 13.77 -27.46 70.65
N ASP E 97 12.55 -27.18 70.24
CA ASP E 97 11.49 -28.12 70.38
C ASP E 97 11.01 -28.60 69.06
N ALA E 98 11.79 -28.36 68.00
CA ALA E 98 11.38 -28.67 66.63
C ALA E 98 11.31 -30.19 66.47
N VAL E 99 10.51 -30.70 65.54
CA VAL E 99 10.46 -32.12 65.29
C VAL E 99 11.52 -32.37 64.24
N TRP E 100 12.49 -33.24 64.58
CA TRP E 100 13.72 -33.46 63.76
C TRP E 100 13.58 -34.71 62.95
N PHE E 101 13.08 -34.58 61.73
CA PHE E 101 12.78 -35.76 60.93
C PHE E 101 14.00 -36.52 60.44
N HIS E 102 15.18 -35.90 60.55
CA HIS E 102 16.40 -36.57 60.12
C HIS E 102 16.81 -37.62 61.13
N HIS E 103 16.32 -37.49 62.34
CA HIS E 103 16.82 -38.29 63.40
C HIS E 103 16.27 -39.69 63.18
N PRO E 104 17.10 -40.74 63.40
CA PRO E 104 16.61 -42.07 63.01
C PRO E 104 15.44 -42.60 63.85
N LYS E 105 15.19 -42.04 65.03
CA LYS E 105 14.02 -42.40 65.84
C LYS E 105 12.72 -41.63 65.57
N TYR E 106 12.75 -40.69 64.63
CA TYR E 106 11.51 -40.19 64.03
C TYR E 106 11.04 -41.26 63.06
N VAL E 107 9.94 -41.93 63.46
CA VAL E 107 9.33 -43.03 62.71
C VAL E 107 7.81 -42.91 62.71
N ALA E 108 7.26 -41.69 62.53
CA ALA E 108 5.81 -41.41 62.78
C ALA E 108 4.92 -41.30 61.52
N HIS E 109 4.95 -40.16 60.82
CA HIS E 109 4.15 -39.92 59.63
C HIS E 109 5.10 -39.97 58.43
N LEU E 110 4.63 -39.52 57.29
CA LEU E 110 5.42 -39.47 56.10
C LEU E 110 6.26 -38.20 55.99
N ASN E 111 7.16 -37.95 56.95
CA ASN E 111 8.06 -36.78 56.90
C ASN E 111 9.44 -37.34 56.70
N CYS E 112 9.84 -37.34 55.43
CA CYS E 112 11.08 -37.88 54.99
C CYS E 112 12.24 -36.97 55.29
N PRO E 113 13.42 -37.56 55.52
CA PRO E 113 14.59 -36.70 55.51
C PRO E 113 14.77 -36.16 54.08
N VAL E 114 15.53 -35.10 53.94
CA VAL E 114 15.73 -34.38 52.70
C VAL E 114 17.14 -34.51 52.26
N VAL E 115 17.29 -34.54 50.92
CA VAL E 115 18.59 -34.62 50.30
C VAL E 115 19.20 -33.24 50.00
N LEU E 116 20.54 -33.21 50.02
CA LEU E 116 21.31 -31.97 49.82
C LEU E 116 21.09 -31.17 48.55
N PRO E 117 20.81 -31.82 47.38
CA PRO E 117 20.41 -31.01 46.23
C PRO E 117 19.05 -30.30 46.31
N SER E 118 18.18 -30.78 47.19
CA SER E 118 16.92 -30.09 47.45
C SER E 118 17.24 -28.74 48.12
N LEU E 119 18.08 -28.77 49.14
CA LEU E 119 18.53 -27.57 49.85
C LEU E 119 19.31 -26.67 48.91
N LEU E 120 20.06 -27.28 48.00
CA LEU E 120 20.78 -26.51 46.99
C LEU E 120 19.79 -25.70 46.18
N ALA E 121 18.74 -26.35 45.70
CA ALA E 121 17.65 -25.70 44.97
C ALA E 121 16.96 -24.59 45.74
N GLU E 122 16.62 -24.84 47.01
CA GLU E 122 15.97 -23.81 47.82
C GLU E 122 16.82 -22.57 47.95
N GLN E 123 18.15 -22.71 48.13
CA GLN E 123 19.05 -21.55 48.32
C GLN E 123 19.02 -20.62 47.07
N ILE E 124 19.02 -21.22 45.90
CA ILE E 124 19.03 -20.50 44.67
C ILE E 124 17.65 -19.89 44.42
N MET E 125 16.61 -20.63 44.80
CA MET E 125 15.24 -20.21 44.56
C MET E 125 14.85 -18.95 45.32
N ALA E 126 15.26 -18.90 46.59
CA ALA E 126 15.03 -17.76 47.49
C ALA E 126 15.65 -16.46 46.94
N ALA E 127 16.72 -16.59 46.18
CA ALA E 127 17.48 -15.45 45.68
C ALA E 127 16.96 -14.97 44.31
N VAL E 128 16.57 -15.90 43.43
CA VAL E 128 16.08 -15.54 42.07
C VAL E 128 14.60 -15.36 42.17
N ASN E 129 13.95 -16.27 42.89
CA ASN E 129 12.51 -16.10 43.27
C ASN E 129 11.60 -16.02 42.06
N SER E 130 11.87 -16.88 41.08
CA SER E 130 11.07 -16.93 39.88
C SER E 130 9.63 -17.41 40.20
N SER E 131 8.65 -16.89 39.47
CA SER E 131 7.29 -17.43 39.48
C SER E 131 7.05 -18.19 38.14
N VAL E 132 6.78 -19.50 38.24
CA VAL E 132 6.70 -20.37 37.12
C VAL E 132 5.30 -20.53 36.52
N ASP E 133 4.43 -19.57 36.74
CA ASP E 133 3.16 -19.57 36.16
C ASP E 133 3.23 -19.04 34.73
N THR E 134 4.18 -18.15 34.48
CA THR E 134 4.41 -17.62 33.14
C THR E 134 5.85 -17.61 32.79
N TRP E 135 6.05 -17.63 31.48
CA TRP E 135 7.36 -17.57 30.94
C TRP E 135 8.03 -16.23 31.27
N ASP E 136 7.26 -15.13 31.22
CA ASP E 136 7.81 -13.79 31.53
C ASP E 136 8.22 -13.51 32.99
N GLN E 137 7.96 -14.47 33.90
CA GLN E 137 8.44 -14.39 35.30
C GLN E 137 9.43 -15.54 35.65
N SER E 138 9.81 -16.37 34.68
CA SER E 138 10.67 -17.53 34.94
C SER E 138 11.69 -17.96 33.86
N ALA E 139 11.42 -17.67 32.60
CA ALA E 139 12.28 -18.14 31.49
C ALA E 139 12.53 -19.63 31.61
N GLY E 140 13.78 -20.04 31.80
CA GLY E 140 14.13 -21.46 31.85
C GLY E 140 13.52 -22.23 33.01
N GLY E 141 13.02 -21.52 34.00
CA GLY E 141 12.21 -22.14 35.06
C GLY E 141 11.07 -22.90 34.48
N THR E 142 10.32 -22.24 33.58
CA THR E 142 9.22 -22.87 32.85
C THR E 142 9.69 -24.19 32.18
N LEU E 143 10.84 -24.11 31.51
CA LEU E 143 11.40 -25.25 30.72
C LEU E 143 11.89 -26.42 31.59
N ILE E 144 12.55 -26.07 32.71
CA ILE E 144 13.01 -27.01 33.72
C ILE E 144 11.86 -27.84 34.25
N GLU E 145 10.83 -27.15 34.73
CA GLU E 145 9.59 -27.79 35.13
C GLU E 145 9.06 -28.76 34.07
N GLN E 146 8.88 -28.32 32.84
CA GLN E 146 8.37 -29.23 31.79
C GLN E 146 9.23 -30.51 31.64
N LYS E 147 10.54 -30.33 31.73
CA LYS E 147 11.52 -31.42 31.70
C LYS E 147 11.33 -32.43 32.84
N VAL E 148 11.09 -31.93 34.04
CA VAL E 148 10.90 -32.82 35.20
C VAL E 148 9.58 -33.58 35.07
N ILE E 149 8.56 -32.87 34.61
CA ILE E 149 7.26 -33.42 34.38
C ILE E 149 7.25 -34.50 33.26
N ASP E 150 7.92 -34.20 32.17
CA ASP E 150 8.14 -35.19 31.08
C ASP E 150 8.96 -36.41 31.50
N TRP E 151 9.95 -36.20 32.37
CA TRP E 151 10.69 -37.31 32.97
C TRP E 151 9.78 -38.17 33.87
N THR E 152 8.93 -37.50 34.62
CA THR E 152 8.09 -38.20 35.53
C THR E 152 7.10 -39.01 34.77
N LEU E 153 6.59 -38.47 33.67
CA LEU E 153 5.62 -39.11 32.82
C LEU E 153 6.21 -40.31 32.18
N SER E 154 7.49 -40.24 31.78
CA SER E 154 8.17 -41.41 31.18
C SER E 154 8.34 -42.54 32.20
N ARG E 155 8.47 -42.23 33.48
CA ARG E 155 8.65 -43.26 34.49
C ARG E 155 7.32 -43.91 34.81
N ILE E 156 6.28 -43.08 34.88
CA ILE E 156 4.91 -43.57 35.00
C ILE E 156 4.48 -44.41 33.76
N GLY E 157 4.97 -44.02 32.57
CA GLY E 157 4.62 -44.72 31.33
C GLY E 157 3.32 -44.25 30.68
N LEU E 158 2.86 -43.04 31.04
CA LEU E 158 1.59 -42.58 30.47
C LEU E 158 1.90 -42.42 28.98
N PRO E 159 0.86 -42.41 28.13
CA PRO E 159 1.08 -42.39 26.67
C PRO E 159 1.29 -40.99 26.15
N ALA E 160 1.71 -40.94 24.90
CA ALA E 160 2.26 -39.78 24.19
C ALA E 160 1.76 -38.41 24.60
N GLY E 161 0.50 -38.09 24.35
CA GLY E 161 -0.06 -36.77 24.66
C GLY E 161 -0.42 -36.49 26.15
N ALA E 162 0.30 -37.10 27.06
CA ALA E 162 0.17 -36.86 28.51
C ALA E 162 0.88 -35.60 28.91
N ASP E 163 0.45 -35.01 30.03
CA ASP E 163 1.13 -33.80 30.56
C ASP E 163 0.98 -33.71 32.09
N GLY E 164 1.54 -32.68 32.72
CA GLY E 164 1.42 -32.55 34.17
C GLY E 164 1.83 -31.20 34.61
N ILE E 165 1.55 -30.89 35.89
CA ILE E 165 1.89 -29.62 36.50
C ILE E 165 2.34 -29.87 37.96
N PHE E 166 3.29 -29.09 38.43
CA PHE E 166 3.64 -29.05 39.82
C PHE E 166 2.58 -28.29 40.63
N THR E 167 2.13 -28.89 41.73
CA THR E 167 1.16 -28.28 42.62
C THR E 167 1.78 -28.18 43.98
N SER E 168 1.02 -27.66 44.95
CA SER E 168 1.49 -27.54 46.34
C SER E 168 1.50 -28.86 47.12
N GLY E 169 0.90 -29.90 46.60
CA GLY E 169 1.09 -31.23 47.16
C GLY E 169 -0.07 -32.13 46.84
N GLY E 170 -0.05 -33.31 47.43
CA GLY E 170 -1.06 -34.33 47.16
C GLY E 170 -2.53 -33.95 47.22
N THR E 171 -2.89 -33.14 48.24
CA THR E 171 -4.20 -32.63 48.41
C THR E 171 -4.64 -31.81 47.19
N GLN E 172 -3.86 -30.81 46.78
CA GLN E 172 -4.23 -30.04 45.59
C GLN E 172 -4.34 -30.96 44.34
N SER E 173 -3.41 -31.89 44.24
CA SER E 173 -3.33 -32.78 43.06
C SER E 173 -4.58 -33.63 42.91
N ASN E 174 -5.06 -34.09 44.05
CA ASN E 174 -6.28 -34.85 44.17
C ASN E 174 -7.51 -34.01 43.96
N LEU E 175 -7.44 -32.73 44.33
CA LEU E 175 -8.50 -31.80 43.89
C LEU E 175 -8.51 -31.68 42.36
N MET E 176 -7.35 -31.52 41.75
CA MET E 176 -7.31 -31.50 40.29
C MET E 176 -7.96 -32.75 39.67
N ALA E 177 -7.57 -33.93 40.17
CA ALA E 177 -8.04 -35.22 39.70
C ALA E 177 -9.54 -35.24 39.68
N MET E 178 -10.16 -34.83 40.80
CA MET E 178 -11.61 -34.94 40.88
C MET E 178 -12.31 -33.87 40.10
N LEU E 179 -11.70 -32.68 40.00
CA LEU E 179 -12.25 -31.58 39.19
C LEU E 179 -12.39 -32.05 37.71
N LEU E 180 -11.29 -32.60 37.20
CA LEU E 180 -11.24 -33.13 35.83
C LEU E 180 -12.18 -34.33 35.55
N ALA E 181 -12.23 -35.28 36.48
CA ALA E 181 -13.22 -36.37 36.35
C ALA E 181 -14.61 -35.77 36.28
N ARG E 182 -14.90 -34.89 37.21
CA ARG E 182 -16.16 -34.13 37.18
C ARG E 182 -16.40 -33.45 35.82
N ASP E 183 -15.55 -32.51 35.42
CA ASP E 183 -15.85 -31.71 34.23
C ASP E 183 -15.73 -32.46 32.91
N SER E 184 -14.88 -33.50 32.82
CA SER E 184 -14.79 -34.23 31.55
C SER E 184 -16.03 -35.09 31.33
N TRP E 185 -16.59 -35.61 32.43
CA TRP E 185 -17.77 -36.50 32.38
C TRP E 185 -18.96 -35.69 31.89
N CYS E 186 -19.17 -34.55 32.54
CA CYS E 186 -20.16 -33.60 32.09
C CYS E 186 -20.03 -33.26 30.61
N ALA E 187 -18.81 -32.97 30.13
CA ALA E 187 -18.65 -32.61 28.70
C ALA E 187 -19.03 -33.76 27.79
N ALA E 188 -18.62 -34.97 28.16
CA ALA E 188 -18.90 -36.15 27.38
C ALA E 188 -20.40 -36.44 27.38
N HIS E 189 -21.10 -36.17 28.46
CA HIS E 189 -22.47 -36.63 28.64
C HIS E 189 -23.55 -35.55 28.46
N HIS E 190 -23.24 -34.29 28.72
CA HIS E 190 -24.14 -33.17 28.46
C HIS E 190 -23.51 -32.30 27.39
N PRO E 191 -23.62 -32.75 26.11
CA PRO E 191 -22.88 -32.12 24.99
C PRO E 191 -22.95 -30.60 25.01
N GLY E 192 -21.80 -29.95 24.85
CA GLY E 192 -21.72 -28.49 24.94
C GLY E 192 -22.14 -27.83 26.26
N HIS E 193 -22.09 -28.57 27.38
CA HIS E 193 -22.35 -28.01 28.73
C HIS E 193 -21.06 -28.11 29.51
N LEU E 194 -20.32 -27.00 29.56
CA LEU E 194 -19.11 -26.93 30.41
C LEU E 194 -19.51 -26.31 31.72
N ILE E 195 -19.12 -27.02 32.76
CA ILE E 195 -19.32 -26.62 34.16
C ILE E 195 -18.56 -25.37 34.53
N LYS E 196 -17.36 -25.27 33.96
CA LYS E 196 -16.55 -24.08 33.96
C LYS E 196 -17.42 -22.80 33.81
N HIS E 197 -18.30 -22.80 32.83
CA HIS E 197 -19.14 -21.63 32.53
C HIS E 197 -20.46 -21.67 33.25
N ARG E 198 -21.11 -22.81 33.16
CA ARG E 198 -22.55 -22.89 33.56
C ARG E 198 -22.82 -23.53 34.91
N GLY E 199 -21.78 -24.10 35.51
CA GLY E 199 -21.92 -24.87 36.76
C GLY E 199 -22.48 -26.27 36.54
N LEU E 200 -22.80 -26.92 37.65
CA LEU E 200 -23.22 -28.29 37.67
C LEU E 200 -24.50 -28.45 36.83
N PRO E 201 -24.60 -29.53 36.06
CA PRO E 201 -25.83 -29.83 35.31
C PRO E 201 -26.90 -30.43 36.23
N HIS E 202 -28.04 -30.73 35.60
CA HIS E 202 -29.31 -31.13 36.25
C HIS E 202 -29.19 -32.38 37.14
N ASP E 203 -28.33 -33.30 36.73
CA ASP E 203 -28.18 -34.62 37.34
C ASP E 203 -26.92 -34.82 38.20
N ALA E 204 -26.12 -33.78 38.44
CA ALA E 204 -24.81 -33.96 39.09
C ALA E 204 -24.87 -34.62 40.47
N ALA E 205 -25.90 -34.30 41.26
CA ALA E 205 -26.16 -35.03 42.52
C ALA E 205 -26.17 -36.59 42.38
N LYS E 206 -26.38 -37.14 41.20
CA LYS E 206 -26.39 -38.57 41.05
C LYS E 206 -24.99 -39.14 40.95
N TRP E 207 -24.00 -38.30 40.70
CA TRP E 207 -22.67 -38.73 40.29
C TRP E 207 -21.93 -39.34 41.44
N ARG E 208 -21.19 -40.41 41.17
CA ARG E 208 -20.55 -41.15 42.24
C ARG E 208 -19.12 -41.56 41.98
N VAL E 209 -18.32 -41.41 43.03
CA VAL E 209 -16.92 -41.74 43.00
C VAL E 209 -16.64 -42.81 44.04
N PHE E 210 -15.84 -43.77 43.61
CA PHE E 210 -15.53 -44.94 44.42
C PHE E 210 -14.09 -44.83 44.86
N THR E 211 -13.88 -45.16 46.10
CA THR E 211 -12.57 -45.16 46.65
C THR E 211 -12.46 -46.23 47.71
N SER E 212 -11.22 -46.55 48.11
CA SER E 212 -11.00 -47.45 49.24
C SER E 212 -11.36 -46.75 50.57
N LYS E 213 -11.91 -47.50 51.51
CA LYS E 213 -12.06 -46.98 52.91
C LYS E 213 -10.73 -46.54 53.51
N LEU E 214 -9.63 -47.08 53.04
CA LEU E 214 -8.26 -46.63 53.44
C LEU E 214 -7.63 -45.63 52.50
N SER E 215 -8.43 -44.99 51.63
CA SER E 215 -7.99 -43.86 50.80
C SER E 215 -7.67 -42.68 51.62
N HIS E 216 -7.02 -41.69 51.01
CA HIS E 216 -6.71 -40.41 51.69
C HIS E 216 -7.91 -39.43 51.76
N PHE E 217 -8.13 -38.83 52.93
CA PHE E 217 -9.34 -38.01 53.15
C PHE E 217 -9.43 -36.82 52.23
N SER E 218 -8.35 -36.51 51.50
CA SER E 218 -8.38 -35.44 50.54
C SER E 218 -9.38 -35.73 49.41
N ILE E 219 -9.68 -37.01 49.14
CA ILE E 219 -10.69 -37.36 48.12
C ILE E 219 -12.05 -36.83 48.55
N GLN E 220 -12.46 -37.06 49.80
CA GLN E 220 -13.68 -36.48 50.34
C GLN E 220 -13.71 -34.95 50.39
N LYS E 221 -12.68 -34.35 50.94
CA LYS E 221 -12.60 -32.88 51.01
C LYS E 221 -12.67 -32.29 49.61
N SER E 222 -12.08 -32.96 48.61
CA SER E 222 -12.13 -32.51 47.26
C SER E 222 -13.54 -32.44 46.73
N MET E 223 -14.34 -33.46 47.02
CA MET E 223 -15.72 -33.54 46.49
C MET E 223 -16.64 -32.51 47.13
N ALA E 224 -16.38 -32.20 48.41
CA ALA E 224 -17.08 -31.11 49.11
C ALA E 224 -16.82 -29.80 48.45
N ILE E 225 -15.57 -29.55 48.11
CA ILE E 225 -15.22 -28.32 47.49
C ILE E 225 -15.95 -28.17 46.14
N LEU E 226 -15.93 -29.25 45.35
CA LEU E 226 -16.52 -29.30 44.01
C LEU E 226 -18.05 -29.33 44.01
N GLY E 227 -18.67 -29.14 45.18
CA GLY E 227 -20.08 -28.97 45.29
C GLY E 227 -20.89 -30.24 45.27
N LEU E 228 -20.21 -31.38 45.39
CA LEU E 228 -20.85 -32.68 45.24
C LEU E 228 -21.05 -33.43 46.53
N GLY E 229 -20.31 -33.07 47.59
CA GLY E 229 -20.58 -33.60 48.90
C GLY E 229 -19.78 -34.84 49.23
N TYR E 230 -19.64 -35.14 50.52
CA TYR E 230 -19.01 -36.42 50.95
C TYR E 230 -19.92 -37.56 50.49
N ASP E 231 -21.25 -37.33 50.44
CA ASP E 231 -22.24 -38.33 49.89
C ASP E 231 -21.89 -38.85 48.50
N ALA E 232 -21.17 -38.09 47.69
CA ALA E 232 -20.88 -38.54 46.34
C ALA E 232 -19.81 -39.62 46.38
N VAL E 233 -19.17 -39.84 47.52
CA VAL E 233 -18.12 -40.82 47.65
C VAL E 233 -18.73 -42.11 48.21
N ILE E 234 -18.46 -43.21 47.53
CA ILE E 234 -18.81 -44.54 47.96
C ILE E 234 -17.51 -45.28 48.39
N PRO E 235 -17.27 -45.35 49.70
CA PRO E 235 -16.12 -46.15 50.19
C PRO E 235 -16.30 -47.62 49.83
N VAL E 236 -15.25 -48.22 49.29
CA VAL E 236 -15.20 -49.62 48.94
C VAL E 236 -14.32 -50.40 49.95
N ASP E 237 -14.80 -51.55 50.38
CA ASP E 237 -14.07 -52.46 51.26
C ASP E 237 -12.74 -53.09 50.71
N TYR E 238 -11.83 -53.33 51.65
CA TYR E 238 -10.47 -53.81 51.33
C TYR E 238 -10.31 -55.29 51.65
N ASP E 239 -9.37 -55.91 50.96
CA ASP E 239 -8.83 -57.24 51.22
C ASP E 239 -8.17 -57.45 52.53
N GLU E 240 -7.83 -58.71 52.72
CA GLU E 240 -6.93 -59.19 53.78
C GLU E 240 -5.50 -58.55 53.78
N ARG E 241 -5.05 -57.97 52.68
CA ARG E 241 -3.81 -57.12 52.64
C ARG E 241 -4.08 -55.57 52.54
N TYR E 242 -5.29 -55.15 52.91
CA TYR E 242 -5.67 -53.72 52.89
C TYR E 242 -5.62 -53.07 51.49
N ARG E 243 -5.69 -53.91 50.44
CA ARG E 243 -5.89 -53.48 49.06
C ARG E 243 -7.36 -53.47 48.70
N MET E 244 -7.83 -52.43 48.00
CA MET E 244 -9.24 -52.43 47.58
C MET E 244 -9.62 -53.76 46.95
N ASP E 245 -10.74 -54.34 47.41
CA ASP E 245 -11.30 -55.57 46.84
C ASP E 245 -12.12 -55.29 45.54
N VAL E 246 -11.74 -55.94 44.47
CA VAL E 246 -12.29 -55.57 43.17
C VAL E 246 -13.73 -55.99 43.03
N ASP E 247 -14.06 -57.17 43.58
CA ASP E 247 -15.41 -57.70 43.56
C ASP E 247 -16.26 -56.75 44.39
N CYS E 248 -15.70 -56.23 45.48
CA CYS E 248 -16.46 -55.23 46.23
C CYS E 248 -16.72 -54.03 45.31
N LEU E 249 -15.80 -53.71 44.41
CA LEU E 249 -15.97 -52.47 43.64
C LEU E 249 -17.12 -52.71 42.69
N LYS E 250 -17.02 -53.77 41.87
CA LYS E 250 -18.09 -54.24 40.99
C LYS E 250 -19.42 -54.13 41.68
N GLN E 251 -19.51 -54.69 42.88
CA GLN E 251 -20.74 -54.65 43.68
C GLN E 251 -21.25 -53.25 44.08
N GLU E 252 -20.37 -52.32 44.44
CA GLU E 252 -20.81 -50.94 44.70
C GLU E 252 -21.26 -50.31 43.43
N VAL E 253 -20.50 -50.55 42.36
CA VAL E 253 -20.89 -50.04 41.06
C VAL E 253 -22.26 -50.54 40.70
N GLN E 254 -22.52 -51.84 40.89
CA GLN E 254 -23.84 -52.38 40.55
C GLN E 254 -24.94 -51.77 41.38
N ARG E 255 -24.68 -51.57 42.67
CA ARG E 255 -25.70 -51.07 43.60
C ARG E 255 -26.02 -49.62 43.33
N CYS E 256 -24.97 -48.84 43.01
CA CYS E 256 -25.10 -47.51 42.51
C CYS E 256 -25.90 -47.54 41.20
N LEU E 257 -25.54 -48.42 40.26
CA LEU E 257 -26.33 -48.58 39.05
C LEU E 257 -27.81 -48.99 39.30
N GLN E 258 -28.10 -49.76 40.34
CA GLN E 258 -29.49 -50.18 40.62
C GLN E 258 -30.29 -49.10 41.32
N GLN E 259 -29.63 -48.18 42.03
CA GLN E 259 -30.32 -47.07 42.70
C GLN E 259 -30.59 -45.86 41.82
N GLY E 260 -30.29 -45.94 40.53
CA GLY E 260 -30.41 -44.80 39.64
C GLY E 260 -29.20 -43.88 39.62
N LEU E 261 -28.16 -44.21 40.38
CA LEU E 261 -26.99 -43.32 40.48
C LEU E 261 -25.98 -43.57 39.33
N ILE E 262 -25.09 -42.62 39.13
CA ILE E 262 -24.19 -42.66 38.00
C ILE E 262 -22.72 -42.73 38.40
N PRO E 263 -22.06 -43.87 38.08
CA PRO E 263 -20.65 -44.05 38.37
C PRO E 263 -19.71 -43.26 37.42
N VAL E 264 -18.92 -42.39 38.01
CA VAL E 264 -18.15 -41.45 37.23
C VAL E 264 -16.65 -41.68 37.37
N ALA E 265 -16.19 -42.13 38.54
CA ALA E 265 -14.73 -42.25 38.75
C ALA E 265 -14.34 -43.27 39.82
N VAL E 266 -13.12 -43.75 39.75
CA VAL E 266 -12.53 -44.58 40.76
C VAL E 266 -11.15 -44.05 41.10
N VAL E 267 -10.94 -43.85 42.40
CA VAL E 267 -9.61 -43.57 42.95
C VAL E 267 -9.00 -44.84 43.43
N ALA E 268 -7.88 -45.21 42.81
CA ALA E 268 -7.06 -46.28 43.27
C ALA E 268 -5.89 -45.66 44.01
N THR E 269 -5.63 -46.15 45.21
CA THR E 269 -4.48 -45.70 45.96
C THR E 269 -3.29 -46.61 45.79
N SER E 270 -2.23 -46.10 45.15
CA SER E 270 -1.02 -46.86 44.96
C SER E 270 -0.05 -46.64 46.14
N GLY E 271 -0.53 -46.93 47.35
CA GLY E 271 0.20 -46.79 48.59
C GLY E 271 -0.63 -45.99 49.59
N THR E 272 -1.42 -46.68 50.40
CA THR E 272 -2.27 -46.00 51.39
C THR E 272 -1.46 -45.35 52.51
N THR E 273 -1.96 -44.25 53.03
CA THR E 273 -1.25 -43.49 54.04
C THR E 273 -0.89 -44.33 55.26
N ASP E 274 -1.84 -45.13 55.75
CA ASP E 274 -1.56 -45.99 56.91
C ASP E 274 -0.84 -47.24 56.57
N PHE E 275 -1.41 -48.02 55.68
CA PHE E 275 -0.88 -49.33 55.37
C PHE E 275 0.24 -49.46 54.37
N GLY E 276 0.42 -48.43 53.54
CA GLY E 276 1.32 -48.53 52.44
C GLY E 276 0.84 -49.59 51.45
N SER E 277 -0.47 -49.89 51.48
CA SER E 277 -1.00 -50.90 50.59
C SER E 277 -1.25 -50.30 49.21
N ILE E 278 -1.10 -51.14 48.20
CA ILE E 278 -1.25 -50.78 46.80
C ILE E 278 -2.51 -51.44 46.25
N ASP E 279 -3.48 -50.63 45.93
CA ASP E 279 -4.65 -51.15 45.17
C ASP E 279 -4.30 -51.83 43.81
N PRO E 280 -5.16 -52.78 43.32
CA PRO E 280 -4.85 -53.63 42.16
C PRO E 280 -5.18 -52.87 40.92
N LEU E 281 -4.16 -52.29 40.33
CA LEU E 281 -4.36 -51.21 39.38
C LEU E 281 -4.91 -51.69 38.06
N GLY E 282 -4.38 -52.80 37.56
CA GLY E 282 -4.89 -53.40 36.35
C GLY E 282 -6.36 -53.77 36.41
N ALA E 283 -6.79 -54.43 37.47
CA ALA E 283 -8.22 -54.76 37.55
C ALA E 283 -9.07 -53.50 37.59
N ILE E 284 -8.61 -52.47 38.31
CA ILE E 284 -9.46 -51.27 38.49
C ILE E 284 -9.63 -50.54 37.15
N SER E 285 -8.61 -50.53 36.30
CA SER E 285 -8.71 -49.88 34.98
C SER E 285 -9.70 -50.63 34.12
N GLU E 286 -9.57 -51.95 34.08
CA GLU E 286 -10.52 -52.79 33.30
C GLU E 286 -11.99 -52.47 33.69
N LEU E 287 -12.28 -52.46 34.99
CA LEU E 287 -13.63 -52.08 35.39
C LEU E 287 -13.94 -50.64 34.98
N CYS E 288 -12.99 -49.72 35.12
CA CYS E 288 -13.25 -48.33 34.74
C CYS E 288 -13.63 -48.18 33.27
N LYS E 289 -12.88 -48.84 32.38
CA LYS E 289 -13.10 -48.73 30.95
C LYS E 289 -14.46 -49.31 30.53
N HIS E 290 -14.83 -50.44 31.13
CA HIS E 290 -16.19 -50.99 30.94
C HIS E 290 -17.26 -49.98 31.24
N HIS E 291 -17.10 -49.28 32.35
CA HIS E 291 -18.08 -48.27 32.76
C HIS E 291 -17.81 -46.87 32.18
N GLY E 292 -16.68 -46.68 31.49
CA GLY E 292 -16.30 -45.35 30.99
C GLY E 292 -16.01 -44.37 32.13
N MET E 293 -15.39 -44.86 33.20
CA MET E 293 -15.05 -43.99 34.34
C MET E 293 -13.60 -43.53 34.28
N TRP E 294 -13.35 -42.45 35.00
CA TRP E 294 -12.04 -41.87 35.15
C TRP E 294 -11.27 -42.68 36.21
N MET E 295 -10.07 -43.14 35.89
CA MET E 295 -9.19 -43.78 36.88
C MET E 295 -8.16 -42.78 37.38
N HIS E 296 -8.24 -42.43 38.66
CA HIS E 296 -7.24 -41.59 39.26
C HIS E 296 -6.37 -42.47 40.15
N VAL E 297 -5.08 -42.48 39.91
CA VAL E 297 -4.18 -43.22 40.80
C VAL E 297 -3.61 -42.22 41.77
N ASP E 298 -3.86 -42.38 43.07
CA ASP E 298 -3.19 -41.59 44.09
C ASP E 298 -1.91 -42.28 44.51
N ALA E 299 -0.81 -41.72 43.99
CA ALA E 299 0.51 -42.26 44.23
C ALA E 299 1.35 -41.33 45.10
N ALA E 300 0.66 -40.46 45.89
CA ALA E 300 1.36 -39.53 46.72
C ALA E 300 2.48 -40.19 47.49
N TYR E 301 2.23 -41.37 48.03
CA TYR E 301 3.30 -42.11 48.79
C TYR E 301 4.11 -43.15 47.97
N GLY E 302 3.37 -43.87 47.13
CA GLY E 302 3.91 -44.98 46.34
C GLY E 302 4.66 -44.64 45.06
N CYS E 303 4.61 -43.38 44.66
CA CYS E 303 5.54 -42.83 43.62
C CYS E 303 7.05 -43.07 43.84
N GLY E 304 7.49 -43.28 45.07
CA GLY E 304 8.87 -43.69 45.35
C GLY E 304 9.37 -44.94 44.61
N LEU E 305 8.43 -45.84 44.34
CA LEU E 305 8.70 -47.01 43.55
C LEU E 305 9.05 -46.71 42.09
N LEU E 306 8.69 -45.53 41.59
CA LEU E 306 9.06 -45.13 40.21
C LEU E 306 10.53 -45.08 39.91
N VAL E 307 11.38 -45.07 40.94
CA VAL E 307 12.83 -45.05 40.78
C VAL E 307 13.52 -46.27 41.37
N SER E 308 12.77 -47.16 42.02
CA SER E 308 13.34 -48.46 42.40
C SER E 308 13.62 -49.33 41.17
N GLU E 309 14.89 -49.71 41.03
CA GLU E 309 15.30 -50.84 40.17
C GLU E 309 14.31 -52.00 40.20
N SER E 310 14.21 -52.66 41.33
CA SER E 310 13.53 -53.95 41.37
C SER E 310 12.08 -53.81 41.83
N HIS E 311 11.71 -52.69 42.45
CA HIS E 311 10.33 -52.60 42.95
C HIS E 311 9.37 -51.93 42.00
N ARG E 312 9.87 -51.23 40.99
CA ARG E 312 9.02 -50.61 39.98
C ARG E 312 7.85 -51.52 39.54
N PRO E 313 8.09 -52.80 39.22
CA PRO E 313 6.92 -53.62 38.81
C PRO E 313 5.72 -53.65 39.73
N ARG E 314 5.89 -53.33 41.01
CA ARG E 314 4.80 -53.30 41.96
C ARG E 314 3.78 -52.18 41.67
N LEU E 315 4.13 -51.21 40.82
CA LEU E 315 3.23 -50.19 40.28
C LEU E 315 2.75 -50.50 38.85
N ALA E 316 2.83 -51.76 38.41
CA ALA E 316 2.30 -52.14 37.13
C ALA E 316 0.80 -51.87 37.17
N GLY E 317 0.34 -51.14 36.15
CA GLY E 317 -1.08 -50.82 36.01
C GLY E 317 -1.27 -49.32 36.11
N ILE E 318 -0.32 -48.64 36.75
CA ILE E 318 -0.33 -47.16 36.90
C ILE E 318 -0.34 -46.47 35.56
N GLU E 319 0.36 -47.03 34.58
CA GLU E 319 0.36 -46.48 33.20
C GLU E 319 -0.98 -46.39 32.51
N LYS E 320 -1.99 -47.07 33.04
CA LYS E 320 -3.32 -47.09 32.51
C LYS E 320 -4.19 -45.96 33.02
N ALA E 321 -3.70 -45.18 33.96
CA ALA E 321 -4.51 -44.20 34.67
C ALA E 321 -4.84 -43.01 33.79
N ASP E 322 -5.97 -42.36 34.07
CA ASP E 322 -6.38 -41.11 33.44
C ASP E 322 -5.72 -39.89 34.15
N SER E 323 -5.52 -40.03 35.47
CA SER E 323 -4.63 -39.14 36.23
C SER E 323 -3.79 -39.83 37.34
N VAL E 324 -2.78 -39.12 37.77
CA VAL E 324 -1.84 -39.59 38.82
C VAL E 324 -1.37 -38.44 39.68
N THR E 325 -1.43 -38.67 40.98
CA THR E 325 -0.88 -37.75 41.98
C THR E 325 0.43 -38.31 42.44
N VAL E 326 1.46 -37.44 42.52
CA VAL E 326 2.83 -37.71 42.97
C VAL E 326 3.36 -36.66 44.00
N ASP E 327 3.78 -37.12 45.19
CA ASP E 327 4.51 -36.27 46.19
C ASP E 327 6.01 -36.54 46.27
N TYR E 328 6.78 -35.64 45.67
CA TYR E 328 8.22 -35.71 45.78
C TYR E 328 8.65 -35.45 47.24
N HIS E 329 7.90 -34.55 47.91
CA HIS E 329 8.06 -34.30 49.33
C HIS E 329 7.65 -35.48 50.28
N LYS E 330 7.18 -36.63 49.78
CA LYS E 330 7.01 -37.83 50.60
C LYS E 330 8.07 -38.88 50.33
N SER E 331 8.22 -39.24 49.04
CA SER E 331 9.06 -40.38 48.65
C SER E 331 10.32 -40.10 47.81
N PHE E 332 10.56 -38.84 47.49
CA PHE E 332 11.74 -38.45 46.74
C PHE E 332 12.71 -37.60 47.55
N PHE E 333 12.49 -37.51 48.87
CA PHE E 333 13.38 -36.79 49.81
C PHE E 333 13.59 -35.30 49.49
N GLN E 334 12.54 -34.68 48.99
CA GLN E 334 12.62 -33.26 48.65
C GLN E 334 11.96 -32.49 49.74
N THR E 335 12.39 -31.25 50.00
CA THR E 335 11.69 -30.35 50.92
C THR E 335 10.24 -30.01 50.49
N VAL E 336 9.40 -29.72 51.48
CA VAL E 336 8.05 -29.19 51.27
C VAL E 336 8.19 -27.77 50.72
N SER E 337 7.59 -27.45 49.59
CA SER E 337 6.58 -28.20 48.85
C SER E 337 7.17 -28.75 47.53
N CYS E 338 6.75 -29.90 47.12
CA CYS E 338 7.27 -30.51 45.91
C CYS E 338 6.36 -31.67 45.55
N GLY E 339 5.47 -31.41 44.62
CA GLY E 339 4.50 -32.37 44.23
C GLY E 339 3.98 -31.97 42.90
N ALA E 340 3.41 -32.95 42.21
CA ALA E 340 2.89 -32.80 40.88
C ALA E 340 1.68 -33.66 40.57
N PHE E 341 0.86 -33.19 39.60
CA PHE E 341 -0.34 -33.84 39.11
C PHE E 341 -0.18 -34.18 37.60
N PHE E 342 -0.61 -35.37 37.17
CA PHE E 342 -0.41 -35.82 35.80
C PHE E 342 -1.71 -36.30 35.19
N VAL E 343 -1.83 -36.06 33.90
CA VAL E 343 -3.03 -36.47 33.12
C VAL E 343 -2.62 -37.24 31.86
N ARG E 344 -3.44 -38.22 31.49
CA ARG E 344 -3.13 -39.10 30.38
C ARG E 344 -3.32 -38.30 29.08
N ASP E 345 -4.28 -37.38 29.10
CA ASP E 345 -4.68 -36.60 27.99
C ASP E 345 -4.77 -35.13 28.37
N LYS E 346 -3.75 -34.40 27.92
CA LYS E 346 -3.51 -32.99 28.18
C LYS E 346 -4.73 -32.12 27.91
N HIS E 347 -5.52 -32.46 26.92
CA HIS E 347 -6.73 -31.66 26.66
C HIS E 347 -7.71 -31.51 27.85
N HIS E 348 -7.73 -32.47 28.79
CA HIS E 348 -8.65 -32.35 29.95
C HIS E 348 -8.18 -31.22 30.92
N LEU E 349 -6.95 -30.81 30.85
CA LEU E 349 -6.49 -29.64 31.61
C LEU E 349 -7.10 -28.34 31.13
N SER E 350 -7.61 -28.30 29.90
CA SER E 350 -8.31 -27.11 29.43
C SER E 350 -9.46 -26.64 30.35
N HIS E 351 -9.98 -27.52 31.21
CA HIS E 351 -11.06 -27.14 32.20
C HIS E 351 -10.66 -26.17 33.32
N VAL E 352 -9.35 -26.09 33.54
CA VAL E 352 -8.72 -25.27 34.56
C VAL E 352 -8.28 -23.86 34.10
N THR E 353 -8.18 -23.63 32.79
CA THR E 353 -7.81 -22.33 32.25
C THR E 353 -8.57 -22.12 30.97
N SER E 376 -2.73 -25.05 35.37
CA SER E 376 -2.67 -24.84 36.86
C SER E 376 -3.95 -24.38 37.48
N ILE E 377 -4.25 -24.80 38.74
CA ILE E 377 -5.20 -24.02 39.59
C ILE E 377 -4.58 -23.01 40.53
N GLN E 378 -3.27 -22.79 40.45
CA GLN E 378 -2.65 -21.71 41.19
C GLN E 378 -2.35 -20.64 40.15
N THR E 379 -2.00 -19.44 40.60
CA THR E 379 -1.43 -18.42 39.74
C THR E 379 0.04 -18.31 40.09
N THR E 380 0.48 -17.34 40.91
CA THR E 380 1.87 -17.23 41.35
C THR E 380 2.28 -18.57 41.95
N ARG E 381 3.38 -19.14 41.44
CA ARG E 381 3.89 -20.41 41.94
C ARG E 381 5.42 -20.45 41.86
N ARG E 382 6.01 -21.02 42.88
CA ARG E 382 7.46 -21.10 43.00
C ARG E 382 8.11 -22.26 42.28
N PHE E 383 9.40 -22.14 42.08
CA PHE E 383 10.13 -22.99 41.22
C PHE E 383 10.49 -24.25 42.01
N ASP E 384 9.48 -24.95 42.49
CA ASP E 384 9.72 -26.16 43.27
C ASP E 384 10.39 -27.31 42.47
N ALA E 385 10.17 -27.31 41.17
CA ALA E 385 10.78 -28.27 40.22
C ALA E 385 12.30 -28.27 40.13
N LEU E 386 12.92 -27.13 40.47
CA LEU E 386 14.35 -27.04 40.69
C LEU E 386 14.94 -28.06 41.66
N LYS E 387 14.13 -28.48 42.61
CA LYS E 387 14.54 -29.41 43.58
C LYS E 387 14.66 -30.83 42.97
N MET E 388 13.70 -31.20 42.15
CA MET E 388 13.77 -32.43 41.37
C MET E 388 14.86 -32.36 40.26
N TRP E 389 15.00 -31.20 39.62
CA TRP E 389 16.04 -30.97 38.62
C TRP E 389 17.44 -31.16 39.20
N LEU E 390 17.74 -30.53 40.35
CA LEU E 390 19.08 -30.60 40.94
C LEU E 390 19.36 -31.91 41.65
N THR E 391 18.32 -32.59 42.10
CA THR E 391 18.45 -33.90 42.63
C THR E 391 18.82 -34.91 41.55
N LEU E 392 18.17 -34.83 40.40
CA LEU E 392 18.47 -35.68 39.28
C LEU E 392 19.82 -35.36 38.62
N ARG E 393 20.16 -34.09 38.53
CA ARG E 393 21.42 -33.67 37.96
C ARG E 393 22.65 -34.04 38.86
N VAL E 394 22.60 -33.79 40.17
CA VAL E 394 23.78 -33.93 41.04
C VAL E 394 23.99 -35.39 41.41
N SER E 395 23.03 -35.93 42.15
CA SER E 395 23.11 -37.30 42.62
C SER E 395 22.25 -38.07 41.68
N GLY E 396 22.45 -39.37 41.51
CA GLY E 396 21.62 -40.05 40.50
C GLY E 396 20.15 -40.23 40.90
N PRO E 397 19.22 -40.34 39.93
CA PRO E 397 17.96 -41.11 40.11
C PRO E 397 18.16 -42.51 40.71
N MET E 398 19.29 -43.13 40.42
CA MET E 398 19.64 -44.39 41.06
C MET E 398 19.86 -44.23 42.56
N ALA E 399 20.43 -43.10 42.98
CA ALA E 399 20.69 -42.86 44.39
C ALA E 399 19.37 -42.64 45.17
N LEU E 400 18.30 -42.20 44.51
CA LEU E 400 16.97 -42.13 45.15
C LEU E 400 16.40 -43.54 45.33
N GLY E 401 16.49 -44.34 44.26
CA GLY E 401 16.13 -45.75 44.25
C GLY E 401 16.81 -46.55 45.34
N ASN E 402 18.10 -46.31 45.49
CA ASN E 402 18.88 -47.01 46.52
C ASN E 402 18.36 -46.75 47.94
N ALA E 403 18.05 -45.49 48.20
CA ALA E 403 17.59 -45.06 49.49
C ALA E 403 16.22 -45.61 49.75
N PHE E 404 15.36 -45.64 48.72
CA PHE E 404 14.01 -46.16 48.85
C PHE E 404 14.02 -47.68 49.05
N ASP E 405 14.87 -48.38 48.31
CA ASP E 405 15.12 -49.82 48.53
C ASP E 405 15.58 -50.16 49.95
N ASP E 406 16.50 -49.38 50.50
CA ASP E 406 16.96 -49.63 51.86
C ASP E 406 15.88 -49.40 52.92
N ILE E 407 14.98 -48.47 52.69
CA ILE E 407 13.93 -48.23 53.64
C ILE E 407 12.89 -49.36 53.53
N LEU E 408 12.58 -49.85 52.32
CA LEU E 408 11.74 -51.09 52.18
C LEU E 408 12.33 -52.26 52.92
N ALA E 409 13.66 -52.46 52.84
CA ALA E 409 14.29 -53.65 53.47
C ALA E 409 14.28 -53.43 54.99
N LEU E 410 14.59 -52.21 55.42
CA LEU E 410 14.53 -51.89 56.82
C LEU E 410 13.10 -52.10 57.41
N THR E 411 12.06 -51.86 56.62
CA THR E 411 10.68 -52.11 57.05
C THR E 411 10.35 -53.62 57.15
N GLN E 412 10.94 -54.43 56.29
CA GLN E 412 10.77 -55.90 56.38
C GLN E 412 11.30 -56.40 57.72
N ILE E 413 12.46 -55.87 58.12
CA ILE E 413 13.02 -56.17 59.41
C ILE E 413 12.05 -55.73 60.53
N ALA E 414 11.58 -54.49 60.50
CA ALA E 414 10.78 -54.02 61.63
C ALA E 414 9.55 -54.92 61.85
N HIS E 415 9.01 -55.45 60.78
CA HIS E 415 7.83 -56.28 60.84
C HIS E 415 8.12 -57.54 61.55
N GLN E 416 9.30 -58.13 61.27
CA GLN E 416 9.81 -59.34 61.95
C GLN E 416 10.03 -59.11 63.47
N LEU E 417 10.58 -57.94 63.82
CA LEU E 417 10.77 -57.59 65.24
C LEU E 417 9.45 -57.37 66.01
N LEU E 418 8.45 -56.75 65.35
CA LEU E 418 7.08 -56.55 65.92
C LEU E 418 6.37 -57.89 66.00
N ASN E 419 6.39 -58.60 64.88
CA ASN E 419 5.77 -59.89 64.83
C ASN E 419 6.34 -60.81 65.93
N ALA E 420 7.67 -60.93 66.03
CA ALA E 420 8.30 -61.75 67.10
C ALA E 420 7.87 -61.38 68.52
N HIS E 421 7.66 -60.08 68.80
CA HIS E 421 7.27 -59.63 70.17
C HIS E 421 5.87 -60.15 70.68
N PRO E 422 5.85 -60.95 71.76
CA PRO E 422 4.55 -61.60 72.10
C PRO E 422 3.43 -60.64 72.47
N ALA E 423 3.73 -59.45 72.96
CA ALA E 423 2.70 -58.49 73.29
C ALA E 423 2.40 -57.52 72.13
N ILE E 424 3.04 -57.67 70.96
CA ILE E 424 2.69 -56.82 69.80
C ILE E 424 1.84 -57.58 68.77
N GLU E 425 0.66 -57.06 68.47
CA GLU E 425 -0.14 -57.55 67.34
C GLU E 425 0.12 -56.70 66.09
N VAL E 426 0.55 -57.33 64.99
CA VAL E 426 0.81 -56.62 63.73
C VAL E 426 -0.22 -57.05 62.67
N LEU E 427 -0.77 -56.11 61.91
CA LEU E 427 -1.85 -56.47 60.96
C LEU E 427 -1.39 -56.90 59.60
N HIS E 428 -0.17 -56.62 59.23
CA HIS E 428 0.18 -56.80 57.81
C HIS E 428 1.65 -56.87 57.63
N VAL E 429 2.02 -57.51 56.53
CA VAL E 429 3.40 -57.56 56.12
C VAL E 429 3.54 -56.31 55.24
N PRO E 430 4.55 -55.47 55.51
CA PRO E 430 4.65 -54.15 54.86
C PRO E 430 4.83 -54.24 53.35
N GLU E 431 4.02 -53.46 52.66
CA GLU E 431 4.02 -53.39 51.22
C GLU E 431 4.87 -52.22 50.81
N LEU E 432 4.95 -51.17 51.63
CA LEU E 432 5.90 -50.12 51.43
C LEU E 432 6.72 -49.95 52.71
N THR E 433 6.64 -48.80 53.35
CA THR E 433 7.57 -48.48 54.43
C THR E 433 6.88 -48.32 55.81
N THR E 434 5.63 -48.72 55.87
CA THR E 434 4.83 -48.45 57.03
C THR E 434 4.49 -49.77 57.69
N GLN E 435 4.20 -49.69 59.00
CA GLN E 435 3.73 -50.80 59.77
C GLN E 435 2.69 -50.41 60.84
N ILE E 436 1.52 -51.03 60.76
CA ILE E 436 0.42 -50.79 61.65
C ILE E 436 0.37 -51.96 62.62
N PHE E 437 0.38 -51.62 63.91
CA PHE E 437 0.41 -52.61 64.97
C PHE E 437 -0.12 -52.02 66.26
N ARG E 438 -0.31 -52.89 67.26
CA ARG E 438 -0.71 -52.45 68.57
C ARG E 438 -0.26 -53.31 69.72
N TYR E 439 -0.22 -52.69 70.90
CA TYR E 439 0.11 -53.39 72.13
C TYR E 439 -1.16 -54.00 72.73
N VAL E 440 -1.12 -55.30 72.92
CA VAL E 440 -2.20 -56.09 73.47
C VAL E 440 -1.57 -56.88 74.67
N PRO E 441 -1.82 -56.42 75.91
CA PRO E 441 -1.16 -57.06 77.09
C PRO E 441 -1.53 -58.52 77.33
N ALA E 448 -12.26 -51.14 74.30
CA ALA E 448 -11.96 -49.73 74.52
C ALA E 448 -10.81 -49.48 75.50
N LEU E 449 -10.45 -50.48 76.29
CA LEU E 449 -9.37 -50.30 77.26
C LEU E 449 -8.06 -50.51 76.55
N THR E 450 -8.01 -51.49 75.66
CA THR E 450 -6.82 -51.65 74.80
C THR E 450 -6.59 -50.41 73.89
N ASP E 451 -7.67 -49.80 73.38
CA ASP E 451 -7.58 -48.52 72.62
C ASP E 451 -6.91 -47.45 73.46
N GLU E 452 -7.45 -47.25 74.65
CA GLU E 452 -6.98 -46.25 75.60
C GLU E 452 -5.50 -46.47 76.00
N ILE E 453 -5.13 -47.71 76.32
CA ILE E 453 -3.71 -48.08 76.49
C ILE E 453 -2.82 -47.60 75.30
N ASN E 454 -3.23 -47.89 74.07
CA ASN E 454 -2.41 -47.62 72.91
C ASN E 454 -2.26 -46.13 72.58
N THR E 455 -3.33 -45.37 72.80
CA THR E 455 -3.30 -43.95 72.60
C THR E 455 -2.46 -43.28 73.65
N ASN E 456 -2.46 -43.78 74.90
CA ASN E 456 -1.57 -43.20 75.90
C ASN E 456 -0.12 -43.66 75.69
N ILE E 457 0.11 -44.83 75.08
CA ILE E 457 1.48 -45.19 74.70
C ILE E 457 2.05 -44.13 73.72
N ARG E 458 1.31 -43.80 72.67
CA ARG E 458 1.77 -42.76 71.74
C ARG E 458 2.03 -41.39 72.41
N LYS E 459 1.17 -41.06 73.35
CA LYS E 459 1.30 -39.80 74.09
C LYS E 459 2.54 -39.82 75.03
N ALA E 460 2.77 -40.96 75.67
CA ALA E 460 3.93 -41.07 76.55
C ALA E 460 5.21 -41.10 75.75
N VAL E 461 5.21 -41.81 74.63
CA VAL E 461 6.42 -41.83 73.78
C VAL E 461 6.83 -40.43 73.41
N PHE E 462 5.84 -39.70 72.90
CA PHE E 462 6.03 -38.32 72.47
C PHE E 462 6.57 -37.47 73.63
N ARG E 463 5.89 -37.54 74.77
CA ARG E 463 6.28 -36.74 75.94
C ARG E 463 7.76 -36.94 76.26
N SER E 464 8.21 -38.19 76.25
CA SER E 464 9.61 -38.52 76.49
C SER E 464 10.53 -37.96 75.44
N GLY E 465 10.01 -37.85 74.20
CA GLY E 465 10.76 -37.40 73.05
C GLY E 465 11.91 -38.29 72.61
N ASN E 466 12.00 -39.50 73.16
CA ASN E 466 13.01 -40.47 72.75
C ASN E 466 12.71 -41.11 71.41
N ALA E 467 11.49 -40.93 70.92
CA ALA E 467 11.09 -41.39 69.58
C ALA E 467 9.78 -40.73 69.25
N VAL E 468 9.43 -40.75 67.98
CA VAL E 468 8.12 -40.28 67.54
C VAL E 468 7.42 -41.37 66.70
N ILE E 469 6.21 -41.68 67.16
CA ILE E 469 5.36 -42.80 66.78
C ILE E 469 4.08 -42.16 66.25
N ALA E 470 3.33 -42.87 65.40
CA ALA E 470 2.07 -42.34 64.90
C ALA E 470 0.97 -43.30 65.35
N GLY E 471 -0.24 -42.93 65.01
CA GLY E 471 -1.41 -43.76 65.33
C GLY E 471 -2.46 -43.54 64.28
N THR E 472 -3.42 -44.45 64.32
CA THR E 472 -4.53 -44.44 63.39
C THR E 472 -5.64 -45.33 63.90
N LYS E 473 -6.81 -45.25 63.26
CA LYS E 473 -7.94 -46.13 63.55
C LYS E 473 -8.18 -47.16 62.45
N VAL E 474 -8.42 -48.42 62.82
CA VAL E 474 -8.72 -49.43 61.81
C VAL E 474 -9.88 -50.25 62.32
N ASN E 475 -10.97 -50.24 61.54
CA ASN E 475 -12.23 -50.84 61.95
C ASN E 475 -12.70 -50.37 63.33
N GLY E 476 -12.49 -49.09 63.63
CA GLY E 476 -12.81 -48.54 64.93
C GLY E 476 -11.95 -48.92 66.15
N ARG E 477 -10.78 -49.54 65.92
CA ARG E 477 -9.82 -49.80 67.00
C ARG E 477 -8.59 -48.89 66.88
N GLN E 478 -7.90 -48.64 67.98
CA GLN E 478 -6.77 -47.74 67.92
C GLN E 478 -5.50 -48.55 67.70
N TYR E 479 -4.71 -48.11 66.74
CA TYR E 479 -3.45 -48.75 66.46
C TYR E 479 -2.39 -47.72 66.51
N LEU E 480 -1.17 -48.22 66.72
CA LEU E 480 0.06 -47.47 66.57
C LEU E 480 0.61 -47.68 65.15
N LYS E 481 1.47 -46.77 64.74
CA LYS E 481 1.98 -46.74 63.36
C LYS E 481 3.44 -46.39 63.39
N PHE E 482 4.23 -47.18 62.68
CA PHE E 482 5.61 -46.85 62.33
C PHE E 482 5.63 -46.53 60.87
N THR E 483 6.16 -45.38 60.48
CA THR E 483 6.61 -45.22 59.08
C THR E 483 8.09 -44.85 59.05
N LEU E 484 8.82 -45.61 58.23
CA LEU E 484 10.28 -45.54 58.09
C LEU E 484 10.62 -44.90 56.77
N LEU E 485 11.06 -43.65 56.80
CA LEU E 485 11.52 -42.97 55.59
C LEU E 485 13.02 -42.68 55.61
N ASN E 486 13.74 -43.10 56.65
CA ASN E 486 15.16 -42.78 56.82
C ASN E 486 16.05 -44.01 56.59
N PRO E 487 16.92 -43.98 55.55
CA PRO E 487 17.92 -45.03 55.27
C PRO E 487 18.93 -45.28 56.41
N ASN E 488 19.19 -44.30 57.27
CA ASN E 488 20.12 -44.46 58.41
C ASN E 488 19.50 -44.92 59.74
N THR E 489 18.22 -45.26 59.72
CA THR E 489 17.59 -45.92 60.84
C THR E 489 18.14 -47.36 60.79
N THR E 490 18.55 -47.91 61.94
CA THR E 490 19.00 -49.31 62.06
C THR E 490 18.04 -50.14 62.90
N ALA E 491 18.18 -51.45 62.83
CA ALA E 491 17.43 -52.38 63.68
C ALA E 491 17.57 -52.10 65.17
N ALA E 492 18.75 -51.63 65.60
CA ALA E 492 18.97 -51.36 67.00
C ALA E 492 18.02 -50.27 67.46
N ASP E 493 17.88 -49.17 66.71
CA ASP E 493 16.93 -48.13 67.16
C ASP E 493 15.45 -48.53 66.95
N ILE E 494 15.14 -49.44 66.03
CA ILE E 494 13.78 -50.03 65.98
C ILE E 494 13.48 -50.84 67.27
N GLU E 495 14.43 -51.66 67.68
CA GLU E 495 14.35 -52.38 68.94
C GLU E 495 14.16 -51.40 70.08
N ASP E 496 14.92 -50.32 70.08
CA ASP E 496 14.78 -49.30 71.13
C ASP E 496 13.36 -48.72 71.18
N VAL E 497 12.76 -48.45 70.03
CA VAL E 497 11.40 -47.82 70.06
C VAL E 497 10.34 -48.83 70.52
N ILE E 498 10.46 -50.07 70.06
CA ILE E 498 9.58 -51.15 70.47
C ILE E 498 9.60 -51.37 71.99
N ALA E 499 10.81 -51.36 72.55
CA ALA E 499 11.03 -51.41 73.98
C ALA E 499 10.38 -50.25 74.73
N LEU E 500 10.49 -49.05 74.18
CA LEU E 500 9.78 -47.87 74.77
C LEU E 500 8.27 -48.07 74.73
N ILE E 501 7.76 -48.52 73.59
CA ILE E 501 6.34 -48.77 73.42
C ILE E 501 5.85 -49.81 74.46
N VAL E 502 6.58 -50.91 74.59
CA VAL E 502 6.18 -52.00 75.49
C VAL E 502 6.29 -51.51 76.93
N HIS E 503 7.28 -50.65 77.23
CA HIS E 503 7.46 -50.11 78.61
C HIS E 503 6.25 -49.30 78.95
N TYR E 504 5.88 -48.39 78.07
CA TYR E 504 4.76 -47.53 78.39
C TYR E 504 3.44 -48.31 78.37
N GLY E 505 3.39 -49.36 77.58
CA GLY E 505 2.21 -50.24 77.54
C GLY E 505 2.08 -51.03 78.84
N ARG E 506 3.21 -51.54 79.32
CA ARG E 506 3.27 -52.15 80.64
C ARG E 506 2.99 -51.13 81.71
N GLU E 507 3.52 -49.91 81.59
CA GLU E 507 3.29 -48.89 82.62
C GLU E 507 1.79 -48.60 82.76
N GLN E 508 1.07 -48.61 81.64
CA GLN E 508 -0.38 -48.45 81.61
C GLN E 508 -1.17 -49.56 82.35
N VAL E 509 -0.89 -50.83 82.05
CA VAL E 509 -1.55 -51.98 82.72
C VAL E 509 -1.15 -52.09 84.18
N ARG E 510 0.13 -51.81 84.46
CA ARG E 510 0.74 -52.07 85.77
C ARG E 510 0.62 -50.86 86.70
N GLY E 511 0.44 -49.68 86.12
CA GLY E 511 0.18 -48.45 86.87
C GLY E 511 1.49 -47.76 87.16
N PRO F 24 45.84 -71.48 6.06
CA PRO F 24 44.59 -71.40 6.80
C PRO F 24 43.54 -70.67 5.92
N HIS F 25 42.82 -69.67 6.44
CA HIS F 25 42.01 -68.79 5.58
C HIS F 25 42.41 -67.37 5.92
N ASP F 26 43.63 -67.03 5.47
CA ASP F 26 44.29 -65.70 5.58
C ASP F 26 43.40 -64.48 5.24
N PHE F 27 42.43 -64.61 4.34
CA PHE F 27 41.54 -63.46 4.06
C PHE F 27 40.50 -63.00 5.11
N ILE F 28 40.21 -63.77 6.13
CA ILE F 28 39.16 -63.34 7.10
C ILE F 28 39.69 -62.16 7.92
N PHE F 29 38.88 -61.12 8.14
CA PHE F 29 39.27 -60.05 9.05
C PHE F 29 39.18 -60.60 10.46
N ASN F 30 40.29 -60.53 11.16
CA ASN F 30 40.36 -61.00 12.52
C ASN F 30 41.75 -60.68 13.12
N ASP F 31 41.97 -61.13 14.34
CA ASP F 31 43.15 -60.77 15.10
C ASP F 31 44.45 -61.14 14.35
N HIS F 32 44.53 -62.32 13.71
CA HIS F 32 45.73 -62.71 12.91
C HIS F 32 45.89 -61.79 11.68
N GLN F 33 44.77 -61.24 11.23
CA GLN F 33 44.78 -60.48 9.98
C GLN F 33 44.90 -59.00 10.17
N LEU F 34 45.03 -58.53 11.42
CA LEU F 34 45.18 -57.11 11.75
C LEU F 34 46.34 -56.36 11.10
N SER F 35 47.48 -57.03 10.92
CA SER F 35 48.64 -56.41 10.25
C SER F 35 48.40 -56.27 8.76
N ALA F 36 47.80 -57.28 8.16
CA ALA F 36 47.54 -57.21 6.71
C ALA F 36 46.44 -56.14 6.40
N TRP F 37 45.56 -55.89 7.37
CA TRP F 37 44.55 -54.83 7.24
C TRP F 37 45.15 -53.45 7.24
N ALA F 38 46.07 -53.20 8.17
CA ALA F 38 46.74 -51.92 8.27
C ALA F 38 47.52 -51.68 7.00
N ARG F 39 48.21 -52.72 6.53
CA ARG F 39 49.00 -52.61 5.30
C ARG F 39 48.19 -52.32 4.05
N GLN F 40 47.10 -53.06 3.86
CA GLN F 40 46.22 -52.83 2.69
C GLN F 40 45.52 -51.46 2.77
N THR F 41 45.18 -51.04 3.98
CA THR F 41 44.62 -49.72 4.21
C THR F 41 45.63 -48.65 3.85
N GLU F 42 46.93 -48.95 4.08
CA GLU F 42 47.98 -47.98 3.77
C GLU F 42 48.13 -47.79 2.26
N GLN F 43 48.07 -48.88 1.52
CA GLN F 43 48.12 -48.90 0.06
C GLN F 43 46.97 -48.08 -0.60
N VAL F 44 45.76 -48.23 -0.10
CA VAL F 44 44.61 -47.41 -0.56
C VAL F 44 44.74 -45.91 -0.23
N LEU F 45 45.04 -45.56 1.01
CA LEU F 45 45.48 -44.18 1.32
C LEU F 45 46.42 -43.57 0.26
N ALA F 46 47.51 -44.28 -0.02
CA ALA F 46 48.55 -43.81 -0.95
C ALA F 46 47.98 -43.68 -2.35
N LEU F 47 47.28 -44.74 -2.76
CA LEU F 47 46.69 -44.83 -4.07
C LEU F 47 45.59 -43.77 -4.25
N MET F 48 44.73 -43.60 -3.24
CA MET F 48 43.71 -42.57 -3.31
C MET F 48 44.24 -41.16 -3.22
N THR F 49 45.23 -40.95 -2.35
CA THR F 49 45.91 -39.62 -2.26
C THR F 49 46.43 -39.14 -3.63
N GLU F 50 47.16 -40.02 -4.31
CA GLU F 50 47.65 -39.83 -5.68
C GLU F 50 46.50 -39.53 -6.65
N THR F 51 45.45 -40.35 -6.57
CA THR F 51 44.33 -40.15 -7.50
C THR F 51 43.60 -38.82 -7.34
N VAL F 52 43.27 -38.46 -6.11
CA VAL F 52 42.60 -37.16 -5.82
C VAL F 52 43.49 -35.91 -6.20
N LYS F 53 44.77 -35.91 -5.80
CA LYS F 53 45.67 -34.82 -6.18
C LYS F 53 45.64 -34.65 -7.70
N GLY F 54 45.64 -35.73 -8.45
CA GLY F 54 45.54 -35.62 -9.94
C GLY F 54 44.18 -35.30 -10.57
N VAL F 55 43.10 -35.20 -9.80
CA VAL F 55 41.80 -34.80 -10.37
C VAL F 55 41.83 -33.33 -10.69
N GLU F 56 41.83 -32.99 -11.98
CA GLU F 56 41.89 -31.59 -12.46
C GLU F 56 40.56 -31.08 -12.99
N LYS F 57 39.54 -31.95 -13.00
CA LYS F 57 38.21 -31.59 -13.40
C LYS F 57 37.30 -32.72 -12.95
N PRO F 58 35.96 -32.50 -12.95
CA PRO F 58 35.06 -33.45 -12.30
C PRO F 58 34.81 -34.80 -13.00
N PHE F 59 35.18 -34.95 -14.28
CA PHE F 59 34.89 -36.18 -15.01
C PHE F 59 35.85 -36.24 -16.22
N SER F 60 36.08 -37.41 -16.81
CA SER F 60 36.93 -37.55 -18.05
C SER F 60 36.24 -37.27 -19.36
N GLY F 61 34.94 -37.54 -19.41
CA GLY F 61 34.16 -37.33 -20.63
C GLY F 61 33.93 -38.58 -21.40
N ILE F 62 34.53 -39.67 -20.94
CA ILE F 62 34.47 -40.96 -21.61
C ILE F 62 33.03 -41.34 -21.78
N LEU F 63 32.67 -41.99 -22.89
CA LEU F 63 31.28 -42.49 -23.09
C LEU F 63 31.13 -43.95 -22.62
N PRO F 64 29.90 -44.37 -22.33
CA PRO F 64 29.70 -45.72 -21.83
C PRO F 64 30.32 -46.75 -22.78
N HIS F 65 29.99 -46.61 -24.07
CA HIS F 65 30.61 -47.32 -25.22
C HIS F 65 32.09 -47.41 -25.13
N GLU F 66 32.72 -46.29 -24.81
CA GLU F 66 34.17 -46.24 -24.76
C GLU F 66 34.71 -47.01 -23.55
N LEU F 67 34.15 -46.78 -22.37
CA LEU F 67 34.62 -47.49 -21.20
C LEU F 67 34.20 -48.98 -21.24
N ALA F 68 33.08 -49.32 -21.86
CA ALA F 68 32.65 -50.76 -22.08
C ALA F 68 33.68 -51.63 -22.80
N ARG F 69 34.40 -51.03 -23.74
CA ARG F 69 35.47 -51.78 -24.45
C ARG F 69 36.50 -52.33 -23.50
N GLU F 70 36.74 -51.64 -22.40
CA GLU F 70 37.79 -52.08 -21.48
C GLU F 70 37.32 -53.12 -20.46
N PHE F 71 36.03 -53.40 -20.43
CA PHE F 71 35.46 -54.38 -19.54
C PHE F 71 35.27 -55.72 -20.27
N SER F 72 35.45 -55.72 -21.59
CA SER F 72 34.97 -56.83 -22.36
C SER F 72 35.84 -58.10 -22.10
N GLY F 73 37.13 -57.88 -21.84
CA GLY F 73 38.08 -58.95 -21.53
C GLY F 73 38.33 -59.37 -20.08
N VAL F 74 37.76 -58.69 -19.07
CA VAL F 74 37.85 -59.23 -17.71
C VAL F 74 36.86 -60.36 -17.46
N ASP F 75 37.40 -61.39 -16.87
CA ASP F 75 36.73 -62.61 -16.56
C ASP F 75 36.96 -62.78 -15.06
N LEU F 76 35.88 -62.72 -14.30
CA LEU F 76 35.97 -62.77 -12.84
C LEU F 76 36.20 -64.17 -12.27
N ASP F 77 36.47 -65.18 -13.10
CA ASP F 77 36.81 -66.51 -12.60
C ASP F 77 38.30 -66.68 -12.25
N GLN F 78 39.09 -65.61 -12.25
CA GLN F 78 40.44 -65.66 -11.63
C GLN F 78 40.93 -64.33 -11.06
N GLY F 81 45.63 -62.01 -9.06
CA GLY F 81 46.63 -61.11 -8.51
C GLY F 81 46.19 -60.67 -7.12
N SER F 82 47.08 -60.00 -6.43
CA SER F 82 46.89 -59.45 -5.11
C SER F 82 46.16 -58.08 -5.17
N ASN F 83 46.11 -57.42 -4.02
CA ASN F 83 45.58 -56.05 -3.89
C ASN F 83 46.21 -55.07 -4.86
N GLU F 84 47.52 -55.19 -4.99
CA GLU F 84 48.33 -54.31 -5.81
C GLU F 84 47.93 -54.43 -7.29
N ALA F 85 47.71 -55.64 -7.77
CA ALA F 85 47.28 -55.85 -9.13
C ALA F 85 45.76 -55.53 -9.26
N ALA F 86 44.94 -55.94 -8.30
CA ALA F 86 43.52 -55.51 -8.33
C ALA F 86 43.36 -53.98 -8.29
N LEU F 87 44.18 -53.30 -7.49
CA LEU F 87 44.11 -51.83 -7.39
C LEU F 87 44.61 -51.12 -8.65
N GLU F 88 45.65 -51.71 -9.28
CA GLU F 88 46.22 -51.17 -10.51
C GLU F 88 45.19 -51.23 -11.66
N GLU F 89 44.41 -52.33 -11.75
CA GLU F 89 43.25 -52.41 -12.65
C GLU F 89 42.15 -51.39 -12.26
N LEU F 90 41.81 -51.28 -10.95
CA LEU F 90 40.76 -50.32 -10.52
C LEU F 90 41.05 -48.83 -10.92
N LYS F 91 42.33 -48.43 -10.96
CA LYS F 91 42.70 -47.08 -11.42
C LYS F 91 42.10 -46.80 -12.76
N LYS F 92 42.19 -47.81 -13.63
CA LYS F 92 41.79 -47.67 -15.02
C LYS F 92 40.28 -47.87 -15.25
N LEU F 93 39.69 -48.91 -14.63
CA LEU F 93 38.28 -49.27 -14.88
C LEU F 93 37.25 -48.50 -14.00
N TYR F 94 37.71 -47.88 -12.93
CA TYR F 94 36.84 -47.05 -12.05
C TYR F 94 37.33 -45.65 -11.77
N LEU F 95 38.52 -45.51 -11.19
CA LEU F 95 38.99 -44.20 -10.72
C LEU F 95 39.29 -43.22 -11.85
N ARG F 96 39.78 -43.71 -12.99
CA ARG F 96 40.11 -42.85 -14.12
C ARG F 96 38.93 -41.96 -14.55
N ASP F 97 37.79 -42.62 -14.71
CA ASP F 97 36.60 -42.03 -15.30
C ASP F 97 35.47 -41.77 -14.26
N ALA F 98 35.81 -41.85 -12.97
CA ALA F 98 34.89 -41.62 -11.86
C ALA F 98 34.35 -40.22 -11.87
N VAL F 99 33.08 -40.06 -11.53
CA VAL F 99 32.53 -38.72 -11.36
C VAL F 99 32.91 -38.31 -9.93
N TRP F 100 33.69 -37.23 -9.85
CA TRP F 100 34.27 -36.63 -8.62
C TRP F 100 33.43 -35.49 -8.08
N PHE F 101 32.58 -35.87 -7.14
CA PHE F 101 31.63 -34.95 -6.54
C PHE F 101 32.24 -33.91 -5.63
N HIS F 102 33.47 -34.15 -5.18
CA HIS F 102 34.20 -33.23 -4.30
C HIS F 102 34.70 -32.02 -5.08
N HIS F 103 34.92 -32.18 -6.36
CA HIS F 103 35.38 -31.09 -7.24
C HIS F 103 34.34 -30.00 -7.40
N PRO F 104 34.75 -28.72 -7.27
CA PRO F 104 33.86 -27.56 -7.35
C PRO F 104 33.04 -27.43 -8.62
N LYS F 105 33.52 -27.98 -9.74
CA LYS F 105 32.78 -27.91 -10.95
C LYS F 105 31.74 -29.03 -11.13
N TYR F 106 31.64 -29.98 -10.19
CA TYR F 106 30.50 -30.89 -10.12
C TYR F 106 29.30 -30.13 -9.56
N VAL F 107 28.34 -29.77 -10.43
CA VAL F 107 27.18 -28.93 -10.00
C VAL F 107 25.90 -29.42 -10.60
N ALA F 108 25.73 -30.75 -10.62
CA ALA F 108 24.70 -31.45 -11.39
C ALA F 108 23.52 -31.90 -10.54
N HIS F 109 23.60 -33.09 -9.96
CA HIS F 109 22.51 -33.70 -9.20
C HIS F 109 22.81 -33.43 -7.71
N LEU F 110 22.03 -34.07 -6.87
CA LEU F 110 22.18 -33.94 -5.44
C LEU F 110 23.25 -34.92 -4.82
N ASN F 111 24.41 -35.07 -5.44
CA ASN F 111 25.58 -35.70 -4.82
C ASN F 111 26.48 -34.72 -4.08
N CYS F 112 26.38 -34.75 -2.76
CA CYS F 112 27.12 -33.77 -1.95
C CYS F 112 28.52 -34.22 -1.86
N PRO F 113 29.45 -33.29 -1.52
CA PRO F 113 30.70 -33.76 -0.95
C PRO F 113 30.40 -34.44 0.36
N VAL F 114 31.36 -35.22 0.83
CA VAL F 114 31.24 -35.92 2.11
C VAL F 114 32.27 -35.45 3.13
N VAL F 115 31.87 -35.48 4.41
CA VAL F 115 32.69 -35.00 5.50
C VAL F 115 33.48 -36.17 6.08
N LEU F 116 34.66 -35.83 6.58
CA LEU F 116 35.59 -36.78 7.13
C LEU F 116 35.08 -37.66 8.27
N PRO F 117 34.28 -37.13 9.21
CA PRO F 117 33.69 -38.07 10.17
C PRO F 117 32.85 -39.23 9.56
N SER F 118 32.29 -39.02 8.37
CA SER F 118 31.49 -40.05 7.69
C SER F 118 32.39 -41.18 7.20
N LEU F 119 33.53 -40.81 6.62
CA LEU F 119 34.59 -41.78 6.30
C LEU F 119 35.18 -42.49 7.54
N LEU F 120 35.32 -41.77 8.64
CA LEU F 120 35.70 -42.37 9.93
C LEU F 120 34.72 -43.51 10.33
N ALA F 121 33.44 -43.21 10.22
CA ALA F 121 32.37 -44.14 10.53
C ALA F 121 32.41 -45.33 9.55
N GLU F 122 32.39 -45.09 8.26
CA GLU F 122 32.54 -46.20 7.31
C GLU F 122 33.77 -47.12 7.53
N GLN F 123 34.89 -46.57 7.92
CA GLN F 123 36.06 -47.40 8.20
C GLN F 123 35.84 -48.36 9.38
N ILE F 124 35.16 -47.89 10.39
CA ILE F 124 34.91 -48.66 11.62
C ILE F 124 33.80 -49.67 11.32
N MET F 125 32.79 -49.26 10.59
CA MET F 125 31.64 -50.15 10.22
C MET F 125 32.01 -51.39 9.39
N ALA F 126 32.96 -51.22 8.49
CA ALA F 126 33.47 -52.30 7.69
C ALA F 126 34.16 -53.41 8.57
N ALA F 127 34.73 -52.98 9.69
CA ALA F 127 35.52 -53.86 10.55
C ALA F 127 34.63 -54.60 11.53
N VAL F 128 33.67 -53.89 12.13
CA VAL F 128 32.71 -54.46 13.09
C VAL F 128 31.47 -55.05 12.43
N ASN F 129 30.91 -54.35 11.46
CA ASN F 129 29.92 -54.93 10.57
C ASN F 129 28.71 -55.39 11.38
N SER F 130 28.33 -54.53 12.30
CA SER F 130 27.11 -54.73 13.09
C SER F 130 25.94 -54.71 12.16
N SER F 131 24.89 -55.43 12.55
CA SER F 131 23.58 -55.37 11.93
C SER F 131 22.56 -54.81 12.95
N VAL F 132 21.98 -53.65 12.65
CA VAL F 132 21.19 -52.91 13.62
C VAL F 132 19.69 -53.24 13.63
N ASP F 133 19.31 -54.34 13.06
CA ASP F 133 17.95 -54.87 13.15
C ASP F 133 17.58 -55.48 14.52
N THR F 134 18.56 -56.03 15.24
CA THR F 134 18.33 -56.57 16.57
C THR F 134 19.49 -56.17 17.42
N TRP F 135 19.18 -55.92 18.67
CA TRP F 135 20.19 -55.70 19.70
C TRP F 135 21.27 -56.84 19.74
N ASP F 136 20.88 -58.09 19.52
CA ASP F 136 21.86 -59.22 19.61
C ASP F 136 22.83 -59.25 18.42
N GLN F 137 22.67 -58.31 17.48
CA GLN F 137 23.61 -58.17 16.40
C GLN F 137 24.35 -56.82 16.37
N SER F 138 24.09 -55.96 17.35
CA SER F 138 24.60 -54.60 17.40
C SER F 138 24.85 -53.99 18.76
N ALA F 139 24.12 -54.38 19.79
CA ALA F 139 24.28 -53.70 21.11
C ALA F 139 24.23 -52.18 21.02
N GLY F 140 25.33 -51.51 21.33
CA GLY F 140 25.44 -50.06 21.31
C GLY F 140 25.04 -49.40 20.02
N GLY F 141 25.24 -50.09 18.90
CA GLY F 141 24.77 -49.64 17.58
C GLY F 141 23.31 -49.28 17.56
N THR F 142 22.50 -50.09 18.27
CA THR F 142 21.06 -49.92 18.38
C THR F 142 20.70 -48.65 19.14
N LEU F 143 21.36 -48.46 20.27
CA LEU F 143 21.21 -47.25 21.07
C LEU F 143 21.74 -46.03 20.32
N ILE F 144 22.80 -46.20 19.54
CA ILE F 144 23.32 -45.07 18.78
C ILE F 144 22.31 -44.56 17.72
N GLU F 145 21.70 -45.48 17.02
CA GLU F 145 20.75 -45.11 16.00
C GLU F 145 19.59 -44.43 16.71
N GLN F 146 19.15 -44.97 17.85
CA GLN F 146 18.05 -44.36 18.57
C GLN F 146 18.37 -42.95 18.99
N LYS F 147 19.63 -42.69 19.36
CA LYS F 147 20.03 -41.33 19.71
C LYS F 147 20.00 -40.37 18.49
N VAL F 148 20.48 -40.81 17.32
CA VAL F 148 20.48 -39.91 16.13
C VAL F 148 19.01 -39.62 15.73
N ILE F 149 18.19 -40.66 15.75
CA ILE F 149 16.79 -40.51 15.44
C ILE F 149 16.08 -39.52 16.34
N ASP F 150 16.30 -39.59 17.64
CA ASP F 150 15.68 -38.63 18.57
C ASP F 150 16.26 -37.26 18.39
N TRP F 151 17.58 -37.16 18.13
CA TRP F 151 18.16 -35.84 17.81
C TRP F 151 17.42 -35.25 16.58
N THR F 152 17.26 -36.04 15.53
CA THR F 152 16.60 -35.55 14.36
C THR F 152 15.10 -35.18 14.66
N LEU F 153 14.40 -36.03 15.40
CA LEU F 153 13.03 -35.72 15.82
C LEU F 153 12.91 -34.41 16.63
N SER F 154 13.92 -34.13 17.47
CA SER F 154 13.93 -32.91 18.25
C SER F 154 13.99 -31.68 17.31
N ARG F 155 14.73 -31.79 16.23
CA ARG F 155 14.87 -30.71 15.27
C ARG F 155 13.69 -30.53 14.34
N ILE F 156 13.06 -31.62 13.92
CA ILE F 156 11.86 -31.53 13.10
C ILE F 156 10.74 -30.90 13.92
N GLY F 157 10.70 -31.25 15.21
CA GLY F 157 9.76 -30.69 16.21
C GLY F 157 8.52 -31.58 16.37
N LEU F 158 8.67 -32.87 16.09
CA LEU F 158 7.53 -33.77 16.25
C LEU F 158 7.29 -34.06 17.73
N PRO F 159 6.02 -34.29 18.13
CA PRO F 159 5.75 -34.44 19.57
C PRO F 159 6.17 -35.78 20.23
N ALA F 160 5.84 -35.88 21.51
CA ALA F 160 6.28 -36.96 22.41
C ALA F 160 6.43 -38.38 21.84
N GLY F 161 5.35 -39.00 21.44
CA GLY F 161 5.37 -40.40 21.03
C GLY F 161 5.81 -40.65 19.58
N ALA F 162 6.63 -39.75 19.02
CA ALA F 162 7.13 -39.89 17.66
C ALA F 162 8.32 -40.84 17.66
N ASP F 163 8.63 -41.35 16.49
CA ASP F 163 9.78 -42.24 16.33
C ASP F 163 10.23 -42.21 14.87
N GLY F 164 11.40 -42.80 14.65
CA GLY F 164 11.87 -43.08 13.30
C GLY F 164 12.81 -44.25 13.20
N ILE F 165 13.40 -44.37 12.03
CA ILE F 165 14.21 -45.52 11.63
C ILE F 165 15.08 -45.09 10.43
N PHE F 166 16.32 -45.52 10.44
CA PHE F 166 17.20 -45.40 9.29
C PHE F 166 16.80 -46.38 8.18
N THR F 167 16.77 -45.91 6.93
CA THR F 167 16.39 -46.76 5.76
C THR F 167 17.50 -46.77 4.69
N SER F 168 17.29 -47.39 3.51
CA SER F 168 18.31 -47.32 2.43
C SER F 168 18.41 -45.94 1.78
N GLY F 169 17.31 -45.21 1.81
CA GLY F 169 17.26 -43.83 1.38
C GLY F 169 15.85 -43.36 1.16
N GLY F 170 15.74 -42.20 0.50
CA GLY F 170 14.49 -41.52 0.40
C GLY F 170 13.35 -42.26 -0.30
N THR F 171 13.71 -43.20 -1.16
CA THR F 171 12.75 -43.98 -1.87
C THR F 171 12.09 -44.96 -0.98
N GLN F 172 12.85 -45.57 -0.08
CA GLN F 172 12.30 -46.54 0.83
C GLN F 172 11.46 -45.78 1.89
N SER F 173 11.99 -44.65 2.34
CA SER F 173 11.31 -43.82 3.33
C SER F 173 9.93 -43.39 2.75
N ASN F 174 9.90 -42.98 1.46
CA ASN F 174 8.63 -42.55 0.83
C ASN F 174 7.75 -43.74 0.62
N LEU F 175 8.32 -44.93 0.43
CA LEU F 175 7.49 -46.14 0.39
C LEU F 175 6.86 -46.47 1.71
N MET F 176 7.57 -46.17 2.80
CA MET F 176 7.06 -46.42 4.14
C MET F 176 5.95 -45.46 4.41
N ALA F 177 6.15 -44.20 4.06
CA ALA F 177 5.17 -43.13 4.25
C ALA F 177 3.82 -43.50 3.61
N MET F 178 3.84 -43.91 2.37
CA MET F 178 2.62 -44.36 1.68
C MET F 178 2.06 -45.70 2.19
N LEU F 179 2.90 -46.59 2.64
CA LEU F 179 2.46 -47.79 3.22
C LEU F 179 1.64 -47.45 4.47
N LEU F 180 2.20 -46.62 5.35
CA LEU F 180 1.52 -46.22 6.58
C LEU F 180 0.27 -45.37 6.25
N ALA F 181 0.34 -44.49 5.27
CA ALA F 181 -0.86 -43.70 4.95
C ALA F 181 -2.02 -44.63 4.55
N ARG F 182 -1.73 -45.58 3.69
CA ARG F 182 -2.69 -46.62 3.24
C ARG F 182 -3.18 -47.48 4.40
N ASP F 183 -2.27 -48.05 5.17
CA ASP F 183 -2.72 -48.99 6.21
C ASP F 183 -3.42 -48.33 7.39
N SER F 184 -3.01 -47.15 7.78
CA SER F 184 -3.67 -46.37 8.84
C SER F 184 -5.09 -45.94 8.43
N TRP F 185 -5.23 -45.32 7.26
CA TRP F 185 -6.56 -45.05 6.68
C TRP F 185 -7.49 -46.27 6.76
N CYS F 186 -7.05 -47.41 6.21
CA CYS F 186 -7.87 -48.63 6.28
C CYS F 186 -8.30 -49.01 7.70
N ALA F 187 -7.37 -49.06 8.64
CA ALA F 187 -7.75 -49.52 9.98
C ALA F 187 -8.75 -48.55 10.64
N ALA F 188 -8.67 -47.25 10.32
CA ALA F 188 -9.56 -46.25 10.91
C ALA F 188 -10.94 -46.35 10.28
N HIS F 189 -11.02 -46.71 8.99
CA HIS F 189 -12.28 -46.69 8.27
C HIS F 189 -12.96 -48.02 8.04
N HIS F 190 -12.26 -49.16 8.18
CA HIS F 190 -12.85 -50.50 8.14
C HIS F 190 -12.45 -51.20 9.46
N PRO F 191 -13.28 -51.05 10.52
CA PRO F 191 -12.74 -51.46 11.83
C PRO F 191 -12.30 -52.93 11.87
N GLY F 192 -11.09 -53.19 12.32
CA GLY F 192 -10.57 -54.56 12.37
C GLY F 192 -10.40 -55.24 11.00
N HIS F 193 -10.13 -54.46 9.97
CA HIS F 193 -9.66 -54.96 8.67
C HIS F 193 -8.28 -54.39 8.57
N LEU F 194 -7.29 -55.19 8.92
CA LEU F 194 -5.90 -54.86 8.69
C LEU F 194 -5.41 -55.45 7.35
N ILE F 195 -4.87 -54.58 6.49
CA ILE F 195 -4.39 -54.92 5.17
C ILE F 195 -3.21 -55.92 5.26
N LYS F 196 -2.32 -55.67 6.22
CA LYS F 196 -1.22 -56.57 6.59
C LYS F 196 -1.64 -58.05 6.51
N HIS F 197 -2.81 -58.36 7.09
CA HIS F 197 -3.34 -59.72 7.06
C HIS F 197 -4.18 -60.02 5.82
N ARG F 198 -5.09 -59.14 5.46
CA ARG F 198 -6.18 -59.46 4.52
C ARG F 198 -6.01 -58.91 3.13
N GLY F 199 -5.08 -57.98 2.97
CA GLY F 199 -4.96 -57.29 1.72
C GLY F 199 -6.01 -56.18 1.61
N LEU F 200 -6.12 -55.65 0.42
CA LEU F 200 -6.83 -54.40 0.24
C LEU F 200 -8.35 -54.62 0.40
N PRO F 201 -9.02 -53.74 1.17
CA PRO F 201 -10.45 -53.75 1.27
C PRO F 201 -11.12 -53.35 -0.05
N HIS F 202 -12.40 -53.59 -0.10
CA HIS F 202 -13.17 -53.52 -1.33
C HIS F 202 -13.03 -52.14 -2.02
N ASP F 203 -13.02 -51.07 -1.24
CA ASP F 203 -12.95 -49.70 -1.78
C ASP F 203 -11.52 -49.07 -2.00
N ALA F 204 -10.45 -49.88 -1.93
CA ALA F 204 -9.07 -49.34 -2.09
C ALA F 204 -8.77 -48.68 -3.47
N ALA F 205 -9.47 -49.13 -4.51
CA ALA F 205 -9.36 -48.51 -5.83
C ALA F 205 -9.80 -47.03 -5.86
N LYS F 206 -10.55 -46.56 -4.87
CA LYS F 206 -10.98 -45.15 -4.83
C LYS F 206 -10.04 -44.25 -4.10
N TRP F 207 -9.07 -44.82 -3.40
CA TRP F 207 -8.21 -44.00 -2.58
C TRP F 207 -7.26 -43.14 -3.44
N ARG F 208 -7.07 -41.93 -2.97
CA ARG F 208 -6.28 -40.94 -3.69
C ARG F 208 -5.23 -40.31 -2.83
N VAL F 209 -4.07 -40.15 -3.44
CA VAL F 209 -3.03 -39.38 -2.84
C VAL F 209 -2.69 -38.22 -3.73
N PHE F 210 -2.46 -37.05 -3.12
CA PHE F 210 -2.20 -35.77 -3.81
C PHE F 210 -0.73 -35.40 -3.65
N THR F 211 -0.04 -35.08 -4.75
CA THR F 211 1.33 -34.65 -4.68
C THR F 211 1.54 -33.55 -5.71
N SER F 212 2.56 -32.73 -5.49
CA SER F 212 2.94 -31.72 -6.51
C SER F 212 3.36 -32.43 -7.83
N LYS F 213 3.09 -31.81 -8.95
CA LYS F 213 3.74 -32.30 -10.20
C LYS F 213 5.26 -32.25 -10.10
N LEU F 214 5.81 -31.52 -9.15
CA LEU F 214 7.28 -31.41 -9.04
C LEU F 214 7.89 -32.32 -7.98
N SER F 215 7.00 -33.13 -7.42
CA SER F 215 7.29 -34.19 -6.47
C SER F 215 8.21 -35.25 -7.01
N HIS F 216 8.91 -35.94 -6.12
CA HIS F 216 9.84 -36.98 -6.51
C HIS F 216 9.03 -38.22 -6.98
N PHE F 217 9.48 -38.85 -8.06
CA PHE F 217 8.75 -39.98 -8.65
C PHE F 217 8.62 -41.25 -7.71
N SER F 218 9.43 -41.33 -6.66
CA SER F 218 9.26 -42.40 -5.66
C SER F 218 7.81 -42.50 -5.13
N ILE F 219 7.06 -41.40 -5.12
CA ILE F 219 5.68 -41.40 -4.63
C ILE F 219 4.84 -42.28 -5.54
N GLN F 220 4.86 -42.01 -6.86
CA GLN F 220 4.20 -42.87 -7.87
C GLN F 220 4.68 -44.34 -7.87
N LYS F 221 5.99 -44.57 -7.88
CA LYS F 221 6.54 -45.96 -7.83
C LYS F 221 6.06 -46.66 -6.52
N SER F 222 5.90 -45.92 -5.42
CA SER F 222 5.44 -46.53 -4.15
C SER F 222 4.03 -47.02 -4.28
N MET F 223 3.15 -46.20 -4.84
CA MET F 223 1.73 -46.54 -4.98
C MET F 223 1.55 -47.76 -5.91
N ALA F 224 2.36 -47.82 -6.98
CA ALA F 224 2.48 -49.01 -7.82
C ALA F 224 2.85 -50.24 -7.01
N ILE F 225 3.93 -50.15 -6.22
CA ILE F 225 4.29 -51.28 -5.37
C ILE F 225 3.15 -51.68 -4.43
N LEU F 226 2.45 -50.70 -3.84
CA LEU F 226 1.41 -50.98 -2.84
C LEU F 226 0.06 -51.50 -3.42
N GLY F 227 -0.03 -51.63 -4.75
CA GLY F 227 -1.18 -52.24 -5.38
C GLY F 227 -2.26 -51.27 -5.79
N LEU F 228 -1.97 -49.97 -5.68
CA LEU F 228 -2.91 -48.93 -5.98
C LEU F 228 -2.66 -48.23 -7.31
N GLY F 229 -1.41 -48.25 -7.77
CA GLY F 229 -1.05 -47.78 -9.09
C GLY F 229 -0.78 -46.31 -9.23
N TYR F 230 -0.12 -45.92 -10.34
CA TYR F 230 0.03 -44.46 -10.64
C TYR F 230 -1.30 -43.68 -10.67
N ASP F 231 -2.40 -44.35 -11.07
CA ASP F 231 -3.74 -43.79 -11.07
C ASP F 231 -4.23 -43.33 -9.68
N ALA F 232 -3.72 -43.93 -8.61
CA ALA F 232 -4.03 -43.50 -7.27
C ALA F 232 -3.45 -42.13 -6.90
N VAL F 233 -2.51 -41.60 -7.70
CA VAL F 233 -1.85 -40.30 -7.48
C VAL F 233 -2.49 -39.21 -8.36
N ILE F 234 -2.89 -38.10 -7.76
CA ILE F 234 -3.42 -36.93 -8.49
C ILE F 234 -2.35 -35.84 -8.36
N PRO F 235 -1.64 -35.54 -9.42
CA PRO F 235 -0.68 -34.42 -9.44
C PRO F 235 -1.35 -33.04 -9.27
N VAL F 236 -0.78 -32.17 -8.46
CA VAL F 236 -1.37 -30.87 -8.18
C VAL F 236 -0.45 -29.86 -8.81
N ASP F 237 -1.06 -28.87 -9.46
CA ASP F 237 -0.34 -27.82 -10.10
C ASP F 237 0.48 -27.01 -9.08
N TYR F 238 1.57 -26.44 -9.56
CA TYR F 238 2.39 -25.55 -8.76
C TYR F 238 2.20 -24.09 -9.05
N ASP F 239 2.47 -23.31 -8.01
CA ASP F 239 2.75 -21.84 -8.05
C ASP F 239 3.67 -21.22 -9.10
N GLU F 240 3.68 -19.89 -9.14
CA GLU F 240 4.61 -19.09 -9.97
C GLU F 240 6.02 -19.21 -9.30
N ARG F 241 6.03 -19.68 -8.05
CA ARG F 241 7.22 -20.02 -7.30
C ARG F 241 7.50 -21.52 -7.21
N TYR F 242 6.90 -22.26 -8.15
CA TYR F 242 7.02 -23.71 -8.23
C TYR F 242 6.73 -24.46 -6.96
N ARG F 243 5.98 -23.81 -6.08
CA ARG F 243 5.43 -24.46 -4.88
C ARG F 243 4.03 -24.99 -5.18
N MET F 244 3.69 -26.12 -4.59
CA MET F 244 2.34 -26.63 -4.68
C MET F 244 1.33 -25.54 -4.34
N ASP F 245 0.36 -25.35 -5.23
CA ASP F 245 -0.67 -24.34 -5.03
C ASP F 245 -1.80 -24.96 -4.19
N VAL F 246 -2.06 -24.40 -3.03
CA VAL F 246 -3.05 -25.00 -2.14
C VAL F 246 -4.46 -24.83 -2.68
N ASP F 247 -4.67 -23.82 -3.50
CA ASP F 247 -5.93 -23.64 -4.19
C ASP F 247 -6.14 -24.75 -5.21
N CYS F 248 -5.08 -25.14 -5.90
CA CYS F 248 -5.17 -26.27 -6.78
C CYS F 248 -5.42 -27.58 -5.98
N LEU F 249 -4.91 -27.64 -4.76
CA LEU F 249 -5.17 -28.80 -3.92
C LEU F 249 -6.65 -28.85 -3.50
N LYS F 250 -7.22 -27.72 -3.07
CA LYS F 250 -8.68 -27.72 -2.77
C LYS F 250 -9.47 -28.16 -3.97
N GLN F 251 -9.08 -27.71 -5.15
CA GLN F 251 -9.76 -28.12 -6.40
C GLN F 251 -9.64 -29.62 -6.75
N GLU F 252 -8.46 -30.21 -6.57
CA GLU F 252 -8.28 -31.65 -6.87
C GLU F 252 -9.02 -32.50 -5.84
N VAL F 253 -9.01 -32.06 -4.59
CA VAL F 253 -9.64 -32.82 -3.53
C VAL F 253 -11.14 -32.83 -3.77
N GLN F 254 -11.68 -31.66 -4.11
CA GLN F 254 -13.10 -31.52 -4.41
C GLN F 254 -13.54 -32.23 -5.68
N ARG F 255 -12.77 -32.19 -6.75
CA ARG F 255 -13.04 -33.05 -7.90
C ARG F 255 -12.99 -34.56 -7.57
N CYS F 256 -12.05 -34.95 -6.72
CA CYS F 256 -11.98 -36.32 -6.24
C CYS F 256 -13.26 -36.68 -5.45
N LEU F 257 -13.67 -35.86 -4.49
CA LEU F 257 -14.93 -36.07 -3.78
C LEU F 257 -16.15 -36.09 -4.74
N GLN F 258 -16.14 -35.24 -5.78
CA GLN F 258 -17.26 -35.21 -6.73
C GLN F 258 -17.36 -36.50 -7.52
N GLN F 259 -16.21 -37.06 -7.92
CA GLN F 259 -16.16 -38.36 -8.59
C GLN F 259 -16.50 -39.60 -7.75
N GLY F 260 -16.93 -39.43 -6.48
CA GLY F 260 -17.00 -40.54 -5.55
C GLY F 260 -15.64 -41.20 -5.25
N LEU F 261 -14.55 -40.49 -5.47
CA LEU F 261 -13.26 -40.99 -4.97
C LEU F 261 -13.01 -40.50 -3.54
N ILE F 262 -12.05 -41.16 -2.85
CA ILE F 262 -11.73 -40.94 -1.44
C ILE F 262 -10.30 -40.34 -1.15
N PRO F 263 -10.21 -39.09 -0.66
CA PRO F 263 -8.91 -38.50 -0.40
C PRO F 263 -8.27 -39.09 0.87
N VAL F 264 -7.01 -39.53 0.77
CA VAL F 264 -6.36 -40.30 1.80
C VAL F 264 -5.07 -39.66 2.32
N ALA F 265 -4.33 -38.94 1.48
CA ALA F 265 -3.08 -38.37 1.91
C ALA F 265 -2.64 -37.31 0.94
N VAL F 266 -1.76 -36.44 1.40
CA VAL F 266 -1.08 -35.44 0.59
C VAL F 266 0.41 -35.61 0.90
N VAL F 267 1.24 -35.56 -0.15
CA VAL F 267 2.70 -35.40 -0.02
C VAL F 267 2.98 -33.94 -0.27
N ALA F 268 3.63 -33.31 0.70
CA ALA F 268 4.19 -31.99 0.59
C ALA F 268 5.70 -32.14 0.45
N THR F 269 6.28 -31.63 -0.63
CA THR F 269 7.71 -31.71 -0.78
C THR F 269 8.38 -30.46 -0.25
N SER F 270 9.26 -30.62 0.75
CA SER F 270 9.86 -29.49 1.42
C SER F 270 11.29 -29.28 0.90
N GLY F 271 11.33 -29.02 -0.40
CA GLY F 271 12.51 -28.97 -1.21
C GLY F 271 12.41 -29.95 -2.39
N THR F 272 11.85 -29.51 -3.52
CA THR F 272 11.74 -30.35 -4.72
C THR F 272 13.04 -30.57 -5.45
N THR F 273 13.14 -31.70 -6.12
CA THR F 273 14.42 -32.18 -6.65
C THR F 273 15.06 -31.23 -7.65
N ASP F 274 14.21 -30.62 -8.47
CA ASP F 274 14.60 -29.77 -9.54
C ASP F 274 14.65 -28.34 -9.02
N PHE F 275 13.57 -27.83 -8.48
CA PHE F 275 13.49 -26.40 -8.10
C PHE F 275 13.96 -26.08 -6.67
N GLY F 276 14.09 -27.07 -5.78
CA GLY F 276 14.42 -26.78 -4.39
C GLY F 276 13.37 -25.95 -3.69
N SER F 277 12.18 -25.98 -4.26
CA SER F 277 11.03 -25.23 -3.84
C SER F 277 10.38 -26.00 -2.73
N ILE F 278 9.81 -25.24 -1.81
CA ILE F 278 9.22 -25.72 -0.56
C ILE F 278 7.66 -25.59 -0.56
N ASP F 279 6.94 -26.70 -0.60
CA ASP F 279 5.43 -26.66 -0.57
C ASP F 279 4.91 -25.97 0.71
N PRO F 280 3.73 -25.31 0.70
CA PRO F 280 3.29 -24.57 1.90
C PRO F 280 2.75 -25.47 3.03
N LEU F 281 3.63 -25.78 3.96
CA LEU F 281 3.43 -26.92 4.87
C LEU F 281 2.28 -26.68 5.81
N GLY F 282 2.15 -25.43 6.29
CA GLY F 282 1.13 -25.04 7.24
C GLY F 282 -0.24 -25.09 6.59
N ALA F 283 -0.35 -24.66 5.33
CA ALA F 283 -1.64 -24.65 4.67
C ALA F 283 -2.06 -26.05 4.19
N ILE F 284 -1.08 -26.83 3.79
CA ILE F 284 -1.35 -28.21 3.47
C ILE F 284 -1.90 -28.98 4.69
N SER F 285 -1.28 -28.78 5.87
CA SER F 285 -1.65 -29.45 7.10
C SER F 285 -3.08 -29.20 7.46
N GLU F 286 -3.45 -27.92 7.41
CA GLU F 286 -4.82 -27.48 7.66
C GLU F 286 -5.83 -28.19 6.73
N LEU F 287 -5.53 -28.23 5.44
CA LEU F 287 -6.44 -28.92 4.51
C LEU F 287 -6.54 -30.41 4.90
N CYS F 288 -5.41 -31.01 5.24
CA CYS F 288 -5.32 -32.42 5.64
C CYS F 288 -6.17 -32.80 6.85
N LYS F 289 -5.97 -32.08 7.94
CA LYS F 289 -6.78 -32.25 9.15
C LYS F 289 -8.29 -32.19 8.83
N HIS F 290 -8.71 -31.22 8.02
CA HIS F 290 -10.15 -31.09 7.69
C HIS F 290 -10.72 -32.29 6.92
N HIS F 291 -9.89 -32.93 6.12
CA HIS F 291 -10.33 -34.10 5.36
C HIS F 291 -9.99 -35.41 5.99
N GLY F 292 -9.40 -35.37 7.20
CA GLY F 292 -8.88 -36.56 7.86
C GLY F 292 -7.74 -37.27 7.13
N MET F 293 -6.94 -36.52 6.38
CA MET F 293 -5.90 -37.10 5.50
C MET F 293 -4.57 -37.13 6.25
N TRP F 294 -3.71 -38.06 5.84
CA TRP F 294 -2.35 -38.21 6.32
C TRP F 294 -1.43 -37.16 5.67
N MET F 295 -0.56 -36.51 6.42
CA MET F 295 0.38 -35.55 5.77
C MET F 295 1.81 -36.03 5.87
N HIS F 296 2.36 -36.38 4.72
CA HIS F 296 3.74 -36.74 4.61
C HIS F 296 4.56 -35.59 4.09
N VAL F 297 5.70 -35.32 4.75
CA VAL F 297 6.61 -34.28 4.23
C VAL F 297 7.82 -34.99 3.64
N ASP F 298 7.98 -34.89 2.34
CA ASP F 298 9.19 -35.38 1.75
C ASP F 298 10.28 -34.35 1.97
N ALA F 299 11.20 -34.59 2.92
CA ALA F 299 12.28 -33.60 3.15
C ALA F 299 13.65 -34.16 2.79
N ALA F 300 13.69 -34.99 1.77
CA ALA F 300 14.92 -35.70 1.36
C ALA F 300 16.04 -34.68 1.12
N TYR F 301 15.68 -33.57 0.50
CA TYR F 301 16.62 -32.50 0.15
C TYR F 301 16.55 -31.32 1.13
N GLY F 302 15.34 -30.94 1.47
CA GLY F 302 15.21 -29.85 2.42
C GLY F 302 15.64 -30.06 3.83
N CYS F 303 15.78 -31.32 4.28
CA CYS F 303 16.25 -31.56 5.65
C CYS F 303 17.57 -30.83 6.05
N GLY F 304 18.36 -30.37 5.09
CA GLY F 304 19.50 -29.48 5.42
C GLY F 304 19.22 -28.23 6.25
N LEU F 305 17.99 -27.77 6.25
CA LEU F 305 17.68 -26.54 6.96
C LEU F 305 17.50 -26.80 8.45
N LEU F 306 17.30 -28.06 8.84
CA LEU F 306 17.19 -28.43 10.25
C LEU F 306 18.38 -28.04 11.13
N VAL F 307 19.56 -27.83 10.53
CA VAL F 307 20.74 -27.37 11.25
C VAL F 307 21.11 -25.93 10.93
N SER F 308 20.33 -25.26 10.08
CA SER F 308 20.69 -23.91 9.70
C SER F 308 20.24 -22.99 10.82
N GLU F 309 21.12 -22.13 11.26
CA GLU F 309 20.74 -21.07 12.20
C GLU F 309 19.55 -20.21 11.68
N SER F 310 19.68 -19.70 10.48
CA SER F 310 18.84 -18.61 10.01
C SER F 310 17.70 -19.13 9.14
N HIS F 311 17.92 -20.28 8.51
CA HIS F 311 16.95 -20.81 7.57
C HIS F 311 15.96 -21.86 8.08
N ARG F 312 16.18 -22.42 9.27
CA ARG F 312 15.19 -23.30 9.96
C ARG F 312 13.73 -22.88 9.78
N PRO F 313 13.40 -21.59 10.05
CA PRO F 313 11.97 -21.18 9.94
C PRO F 313 11.34 -21.34 8.53
N ARG F 314 12.15 -21.50 7.50
CA ARG F 314 11.61 -21.75 6.15
C ARG F 314 11.02 -23.15 6.06
N LEU F 315 11.39 -24.02 7.01
CA LEU F 315 10.70 -25.32 7.16
C LEU F 315 9.54 -25.28 8.17
N ALA F 316 9.02 -24.11 8.56
CA ALA F 316 7.93 -24.03 9.52
C ALA F 316 6.70 -24.77 8.98
N GLY F 317 6.03 -25.53 9.85
CA GLY F 317 4.99 -26.44 9.44
C GLY F 317 5.38 -27.92 9.30
N ILE F 318 6.68 -28.21 9.14
CA ILE F 318 7.18 -29.58 9.14
C ILE F 318 6.77 -30.30 10.41
N GLU F 319 6.75 -29.56 11.55
CA GLU F 319 6.38 -30.12 12.86
C GLU F 319 4.95 -30.70 12.88
N LYS F 320 4.11 -30.26 11.95
CA LYS F 320 2.71 -30.71 11.84
C LYS F 320 2.49 -32.00 11.04
N ALA F 321 3.57 -32.64 10.61
CA ALA F 321 3.48 -33.78 9.71
C ALA F 321 3.11 -35.09 10.44
N ASP F 322 2.45 -35.96 9.68
CA ASP F 322 2.25 -37.32 10.09
C ASP F 322 3.51 -38.19 9.86
N SER F 323 4.23 -37.94 8.79
CA SER F 323 5.55 -38.55 8.58
C SER F 323 6.48 -37.63 7.86
N VAL F 324 7.73 -38.02 7.86
CA VAL F 324 8.82 -37.22 7.28
C VAL F 324 9.92 -38.13 6.76
N THR F 325 10.26 -37.93 5.49
CA THR F 325 11.53 -38.42 4.94
C THR F 325 12.70 -37.43 5.07
N VAL F 326 13.85 -38.00 5.43
CA VAL F 326 15.12 -37.26 5.52
C VAL F 326 16.35 -37.98 4.92
N ASP F 327 17.11 -37.30 4.03
CA ASP F 327 18.36 -37.86 3.43
C ASP F 327 19.58 -37.14 3.93
N TYR F 328 20.33 -37.86 4.77
CA TYR F 328 21.59 -37.32 5.28
C TYR F 328 22.61 -37.35 4.17
N HIS F 329 22.42 -38.30 3.24
CA HIS F 329 23.25 -38.42 2.04
C HIS F 329 22.94 -37.49 0.90
N LYS F 330 22.05 -36.55 1.13
CA LYS F 330 21.84 -35.42 0.23
C LYS F 330 22.35 -34.11 0.87
N SER F 331 21.83 -33.81 2.06
CA SER F 331 22.00 -32.50 2.70
C SER F 331 22.87 -32.41 3.95
N PHE F 332 23.36 -33.54 4.43
CA PHE F 332 24.24 -33.63 5.58
C PHE F 332 25.64 -34.13 5.27
N PHE F 333 26.01 -34.21 4.00
CA PHE F 333 27.40 -34.60 3.63
C PHE F 333 27.82 -36.03 4.11
N GLN F 334 26.85 -36.90 4.18
CA GLN F 334 27.13 -38.28 4.60
C GLN F 334 27.18 -39.17 3.42
N THR F 335 28.03 -40.17 3.49
CA THR F 335 28.13 -41.11 2.33
C THR F 335 26.84 -41.90 2.19
N VAL F 336 26.60 -42.38 0.98
CA VAL F 336 25.44 -43.26 0.66
C VAL F 336 25.69 -44.64 1.28
N SER F 337 24.77 -45.25 2.00
CA SER F 337 23.42 -44.76 2.31
C SER F 337 23.37 -44.14 3.69
N CYS F 338 22.59 -43.07 3.83
CA CYS F 338 22.35 -42.48 5.14
C CYS F 338 21.06 -41.64 5.07
N GLY F 339 19.98 -42.26 5.47
CA GLY F 339 18.69 -41.63 5.34
C GLY F 339 17.80 -42.28 6.33
N ALA F 340 16.73 -41.59 6.67
CA ALA F 340 15.80 -42.04 7.71
C ALA F 340 14.35 -41.59 7.50
N PHE F 341 13.44 -42.36 8.12
CA PHE F 341 12.02 -42.15 8.10
C PHE F 341 11.46 -41.91 9.50
N PHE F 342 10.64 -40.87 9.65
CA PHE F 342 10.07 -40.39 10.89
C PHE F 342 8.53 -40.38 10.85
N VAL F 343 7.92 -40.82 11.95
CA VAL F 343 6.47 -40.76 12.17
C VAL F 343 6.08 -39.94 13.42
N ARG F 344 4.98 -39.16 13.32
CA ARG F 344 4.42 -38.44 14.46
C ARG F 344 4.05 -39.40 15.60
N ASP F 345 3.44 -40.52 15.25
CA ASP F 345 2.90 -41.49 16.17
C ASP F 345 3.51 -42.84 15.84
N LYS F 346 4.38 -43.28 16.74
CA LYS F 346 5.10 -44.53 16.64
C LYS F 346 4.22 -45.77 16.44
N HIS F 347 3.02 -45.74 16.98
CA HIS F 347 2.01 -46.78 16.78
C HIS F 347 1.69 -47.13 15.32
N HIS F 348 1.80 -46.17 14.39
CA HIS F 348 1.60 -46.45 12.96
C HIS F 348 2.66 -47.43 12.40
N LEU F 349 3.85 -47.46 13.01
CA LEU F 349 4.91 -48.37 12.61
C LEU F 349 4.54 -49.83 12.90
N SER F 350 3.57 -50.06 13.77
CA SER F 350 3.03 -51.40 13.94
C SER F 350 2.63 -52.06 12.58
N HIS F 351 2.15 -51.28 11.61
CA HIS F 351 1.75 -51.89 10.32
C HIS F 351 2.90 -52.59 9.61
N VAL F 352 4.12 -52.30 10.03
CA VAL F 352 5.31 -52.88 9.40
C VAL F 352 5.82 -54.17 10.08
N THR F 353 5.59 -54.28 11.37
CA THR F 353 6.03 -55.42 12.21
C THR F 353 5.16 -56.70 12.02
N GLY F 368 12.13 -56.26 27.24
CA GLY F 368 12.72 -54.95 27.04
C GLY F 368 13.98 -54.94 26.20
N THR F 369 14.08 -55.86 25.24
CA THR F 369 15.15 -55.90 24.28
C THR F 369 14.78 -54.97 23.09
N PRO F 370 15.56 -53.85 22.88
CA PRO F 370 15.37 -52.99 21.72
C PRO F 370 15.72 -53.68 20.38
N ASN F 371 14.70 -54.10 19.62
CA ASN F 371 14.90 -54.67 18.28
C ASN F 371 14.34 -53.69 17.21
N LEU F 372 15.23 -53.01 16.50
CA LEU F 372 14.77 -51.98 15.56
C LEU F 372 14.07 -52.50 14.33
N VAL F 373 14.25 -53.79 14.06
CA VAL F 373 13.57 -54.47 12.97
C VAL F 373 12.04 -54.34 13.05
N ASN F 374 11.52 -53.92 14.22
CA ASN F 374 10.12 -53.81 14.46
C ASN F 374 9.54 -52.62 13.77
N LYS F 375 10.36 -51.64 13.42
CA LYS F 375 9.89 -50.48 12.72
C LYS F 375 10.44 -50.42 11.28
N SER F 376 11.04 -51.51 10.80
CA SER F 376 11.75 -51.50 9.50
C SER F 376 11.02 -52.31 8.44
N ILE F 377 11.31 -52.07 7.15
CA ILE F 377 10.94 -53.06 6.10
C ILE F 377 12.18 -53.77 5.54
N GLN F 378 13.34 -53.50 6.13
CA GLN F 378 14.53 -54.25 5.78
C GLN F 378 14.68 -55.17 6.93
N THR F 379 15.38 -56.27 6.70
CA THR F 379 15.87 -57.09 7.79
C THR F 379 17.37 -56.81 8.07
N THR F 380 18.34 -57.59 7.60
CA THR F 380 19.77 -57.23 7.87
C THR F 380 19.96 -55.80 7.48
N ARG F 381 20.60 -55.00 8.31
CA ARG F 381 20.78 -53.58 7.95
C ARG F 381 22.04 -53.02 8.59
N ARG F 382 22.75 -52.23 7.87
CA ARG F 382 24.06 -51.76 8.30
C ARG F 382 23.96 -50.57 9.28
N PHE F 383 25.06 -50.30 9.95
CA PHE F 383 25.08 -49.25 10.98
C PHE F 383 25.27 -47.85 10.41
N ASP F 384 24.32 -47.42 9.58
CA ASP F 384 24.41 -46.12 8.87
C ASP F 384 24.29 -44.93 9.77
N ALA F 385 23.57 -45.09 10.86
CA ALA F 385 23.59 -44.11 11.94
C ALA F 385 24.97 -43.72 12.51
N LEU F 386 25.93 -44.61 12.55
CA LEU F 386 27.29 -44.24 13.02
C LEU F 386 27.91 -43.04 12.29
N LYS F 387 27.48 -42.83 11.05
CA LYS F 387 27.88 -41.69 10.27
C LYS F 387 27.49 -40.30 10.79
N MET F 388 26.20 -40.18 11.08
CA MET F 388 25.64 -38.99 11.65
C MET F 388 26.07 -38.85 13.12
N TRP F 389 26.26 -39.98 13.78
CA TRP F 389 26.72 -40.00 15.14
C TRP F 389 28.15 -39.43 15.22
N LEU F 390 29.10 -40.00 14.48
CA LEU F 390 30.45 -39.47 14.51
C LEU F 390 30.56 -38.05 13.98
N THR F 391 29.77 -37.70 12.97
CA THR F 391 29.80 -36.32 12.46
C THR F 391 29.48 -35.33 13.56
N LEU F 392 28.42 -35.63 14.29
CA LEU F 392 27.94 -34.72 15.31
C LEU F 392 28.89 -34.74 16.47
N ARG F 393 29.39 -35.89 16.86
CA ARG F 393 30.37 -35.90 17.93
C ARG F 393 31.70 -35.14 17.62
N VAL F 394 32.21 -35.29 16.41
CA VAL F 394 33.48 -34.65 16.02
C VAL F 394 33.31 -33.16 15.62
N SER F 395 32.50 -32.91 14.60
CA SER F 395 32.36 -31.60 14.01
C SER F 395 31.11 -31.04 14.64
N GLY F 396 30.97 -29.76 14.85
CA GLY F 396 29.57 -29.35 15.32
C GLY F 396 28.39 -29.83 14.44
N PRO F 397 27.14 -29.94 14.98
CA PRO F 397 25.92 -29.69 14.16
C PRO F 397 25.87 -28.27 13.57
N MET F 398 26.48 -27.33 14.30
CA MET F 398 26.64 -25.97 13.82
C MET F 398 27.64 -25.91 12.64
N ALA F 399 28.61 -26.85 12.60
CA ALA F 399 29.47 -27.02 11.43
C ALA F 399 28.74 -27.52 10.17
N LEU F 400 27.69 -28.34 10.30
CA LEU F 400 26.82 -28.66 9.17
C LEU F 400 25.97 -27.49 8.70
N GLY F 401 25.42 -26.73 9.65
CA GLY F 401 24.67 -25.54 9.27
C GLY F 401 25.52 -24.47 8.62
N ASN F 402 26.79 -24.36 9.00
CA ASN F 402 27.65 -23.34 8.39
C ASN F 402 27.83 -23.60 6.89
N ALA F 403 28.15 -24.85 6.57
CA ALA F 403 28.30 -25.34 5.19
C ALA F 403 26.99 -25.20 4.46
N PHE F 404 25.90 -25.65 5.04
CA PHE F 404 24.63 -25.52 4.32
C PHE F 404 24.27 -24.05 4.02
N ASP F 405 24.43 -23.18 5.02
CA ASP F 405 24.36 -21.71 4.82
C ASP F 405 25.18 -21.11 3.69
N ASP F 406 26.47 -21.44 3.63
CA ASP F 406 27.32 -20.91 2.57
C ASP F 406 26.87 -21.44 1.20
N ILE F 407 26.29 -22.64 1.15
CA ILE F 407 25.78 -23.19 -0.13
C ILE F 407 24.42 -22.51 -0.53
N LEU F 408 23.59 -22.19 0.45
CA LEU F 408 22.44 -21.30 0.19
C LEU F 408 22.89 -19.97 -0.40
N ALA F 409 23.92 -19.38 0.22
CA ALA F 409 24.39 -18.05 -0.18
C ALA F 409 25.07 -18.15 -1.54
N LEU F 410 25.90 -19.18 -1.76
CA LEU F 410 26.49 -19.40 -3.07
C LEU F 410 25.40 -19.45 -4.16
N THR F 411 24.27 -20.08 -3.84
CA THR F 411 23.17 -20.27 -4.81
C THR F 411 22.46 -18.96 -5.20
N GLN F 412 22.37 -18.03 -4.24
CA GLN F 412 21.87 -16.67 -4.47
C GLN F 412 22.78 -15.89 -5.43
N ILE F 413 24.08 -16.06 -5.30
CA ILE F 413 25.08 -15.48 -6.23
C ILE F 413 25.04 -16.14 -7.62
N ALA F 414 24.75 -17.44 -7.68
CA ALA F 414 24.59 -18.11 -8.97
C ALA F 414 23.39 -17.54 -9.71
N HIS F 415 22.27 -17.43 -9.00
CA HIS F 415 21.09 -16.80 -9.54
C HIS F 415 21.35 -15.41 -10.09
N GLN F 416 22.11 -14.58 -9.37
CA GLN F 416 22.43 -13.20 -9.83
C GLN F 416 23.15 -13.27 -11.12
N LEU F 417 24.16 -14.14 -11.19
CA LEU F 417 24.98 -14.26 -12.38
C LEU F 417 24.14 -14.77 -13.54
N LEU F 418 23.38 -15.83 -13.30
CA LEU F 418 22.52 -16.38 -14.35
C LEU F 418 21.55 -15.31 -14.89
N ASN F 419 20.89 -14.58 -13.98
CA ASN F 419 19.91 -13.52 -14.29
C ASN F 419 20.57 -12.40 -15.13
N ALA F 420 21.67 -11.87 -14.64
CA ALA F 420 22.39 -10.81 -15.33
C ALA F 420 22.80 -11.25 -16.76
N HIS F 421 23.05 -12.53 -16.99
CA HIS F 421 23.40 -12.99 -18.33
C HIS F 421 22.21 -12.91 -19.33
N PRO F 422 22.25 -11.96 -20.31
CA PRO F 422 21.14 -11.86 -21.29
C PRO F 422 20.86 -13.08 -22.17
N ALA F 423 21.83 -14.00 -22.32
CA ALA F 423 21.57 -15.28 -23.01
C ALA F 423 20.96 -16.41 -22.17
N ILE F 424 20.87 -16.18 -20.85
CA ILE F 424 20.34 -17.15 -19.89
C ILE F 424 18.97 -16.72 -19.34
N GLU F 425 18.03 -17.64 -19.38
CA GLU F 425 16.70 -17.40 -18.86
C GLU F 425 16.58 -18.22 -17.60
N VAL F 426 16.22 -17.54 -16.53
CA VAL F 426 16.17 -18.12 -15.19
C VAL F 426 14.70 -18.23 -14.79
N LEU F 427 14.32 -19.32 -14.13
CA LEU F 427 12.94 -19.59 -13.76
C LEU F 427 12.53 -19.10 -12.38
N HIS F 428 13.44 -19.06 -11.43
CA HIS F 428 13.06 -18.76 -10.08
C HIS F 428 14.23 -18.16 -9.33
N VAL F 429 13.89 -17.59 -8.20
CA VAL F 429 14.83 -17.23 -7.19
C VAL F 429 14.98 -18.46 -6.30
N PRO F 430 16.23 -18.83 -6.01
CA PRO F 430 16.44 -20.14 -5.43
C PRO F 430 15.90 -20.20 -4.02
N GLU F 431 15.13 -21.23 -3.76
CA GLU F 431 14.59 -21.44 -2.44
C GLU F 431 15.57 -22.25 -1.61
N LEU F 432 16.38 -23.05 -2.30
CA LEU F 432 17.38 -23.87 -1.64
C LEU F 432 18.70 -23.76 -2.43
N THR F 433 19.20 -24.87 -2.94
CA THR F 433 20.52 -24.88 -3.47
C THR F 433 20.49 -25.13 -4.99
N THR F 434 19.30 -25.11 -5.58
CA THR F 434 19.18 -25.42 -7.01
C THR F 434 18.69 -24.23 -7.87
N GLN F 435 19.02 -24.31 -9.14
CA GLN F 435 18.68 -23.28 -10.10
C GLN F 435 18.40 -23.92 -11.46
N ILE F 436 17.18 -23.67 -11.95
CA ILE F 436 16.71 -24.16 -13.21
C ILE F 436 16.80 -22.98 -14.18
N PHE F 437 17.46 -23.20 -15.29
CA PHE F 437 17.66 -22.15 -16.26
C PHE F 437 17.93 -22.76 -17.60
N ARG F 438 17.87 -21.93 -18.65
CA ARG F 438 18.23 -22.39 -19.98
C ARG F 438 18.90 -21.32 -20.82
N TYR F 439 19.62 -21.80 -21.84
CA TYR F 439 20.22 -20.97 -22.83
C TYR F 439 19.18 -20.66 -23.93
N VAL F 440 18.96 -19.38 -24.20
CA VAL F 440 17.97 -18.92 -25.17
C VAL F 440 18.76 -17.92 -26.07
N PRO F 441 19.14 -18.35 -27.27
CA PRO F 441 20.02 -17.51 -28.11
C PRO F 441 19.41 -16.23 -28.68
N ALA F 448 11.13 -26.88 -29.75
CA ALA F 448 11.90 -27.97 -30.35
C ALA F 448 13.35 -27.56 -30.62
N LEU F 449 13.58 -26.37 -31.20
CA LEU F 449 14.97 -25.96 -31.51
C LEU F 449 15.68 -25.58 -30.24
N THR F 450 15.07 -24.72 -29.45
CA THR F 450 15.78 -24.29 -28.24
C THR F 450 15.91 -25.40 -27.20
N ASP F 451 15.05 -26.41 -27.27
CA ASP F 451 15.22 -27.63 -26.50
C ASP F 451 16.40 -28.48 -26.97
N GLU F 452 16.62 -28.61 -28.28
CA GLU F 452 17.76 -29.41 -28.75
C GLU F 452 19.11 -28.72 -28.52
N ILE F 453 19.11 -27.39 -28.54
CA ILE F 453 20.31 -26.60 -28.23
C ILE F 453 20.69 -26.88 -26.77
N ASN F 454 19.73 -26.96 -25.85
CA ASN F 454 20.08 -27.09 -24.45
C ASN F 454 20.48 -28.48 -24.04
N THR F 455 19.80 -29.45 -24.62
CA THR F 455 20.14 -30.85 -24.48
C THR F 455 21.54 -31.07 -25.04
N ASN F 456 21.85 -30.46 -26.19
CA ASN F 456 23.20 -30.58 -26.73
C ASN F 456 24.26 -29.87 -25.90
N ILE F 457 23.97 -28.73 -25.29
CA ILE F 457 24.91 -28.13 -24.31
C ILE F 457 25.30 -29.06 -23.16
N ARG F 458 24.29 -29.61 -22.50
CA ARG F 458 24.55 -30.50 -21.37
C ARG F 458 25.56 -31.65 -21.75
N LYS F 459 25.32 -32.24 -22.90
CA LYS F 459 26.14 -33.34 -23.37
C LYS F 459 27.51 -32.87 -23.74
N ALA F 460 27.60 -31.70 -24.38
CA ALA F 460 28.92 -31.12 -24.69
C ALA F 460 29.73 -30.85 -23.43
N VAL F 461 29.10 -30.28 -22.41
CA VAL F 461 29.79 -29.98 -21.18
C VAL F 461 30.33 -31.27 -20.56
N PHE F 462 29.47 -32.28 -20.47
CA PHE F 462 29.83 -33.62 -19.92
C PHE F 462 31.02 -34.27 -20.62
N ARG F 463 31.01 -34.22 -21.96
CA ARG F 463 32.04 -34.83 -22.84
C ARG F 463 33.38 -34.17 -22.64
N SER F 464 33.35 -32.87 -22.35
CA SER F 464 34.60 -32.11 -22.11
C SER F 464 35.10 -32.37 -20.74
N GLY F 465 34.24 -32.89 -19.87
CA GLY F 465 34.64 -33.15 -18.49
C GLY F 465 34.92 -31.92 -17.63
N ASN F 466 34.77 -30.71 -18.17
CA ASN F 466 35.30 -29.51 -17.48
C ASN F 466 34.36 -29.06 -16.37
N ALA F 467 33.12 -29.47 -16.50
CA ALA F 467 32.13 -29.33 -15.48
C ALA F 467 31.13 -30.46 -15.66
N VAL F 468 30.24 -30.58 -14.68
CA VAL F 468 29.10 -31.47 -14.78
C VAL F 468 27.84 -30.72 -14.37
N ILE F 469 26.98 -30.59 -15.37
CA ILE F 469 25.74 -29.88 -15.38
C ILE F 469 24.59 -30.92 -15.37
N ALA F 470 23.42 -30.52 -14.86
CA ALA F 470 22.26 -31.35 -15.04
C ALA F 470 21.14 -30.70 -15.84
N GLY F 471 20.05 -31.43 -15.94
CA GLY F 471 18.91 -30.90 -16.65
C GLY F 471 17.64 -31.54 -16.27
N THR F 472 16.57 -30.93 -16.71
CA THR F 472 15.24 -31.41 -16.44
C THR F 472 14.28 -30.92 -17.51
N LYS F 473 13.08 -31.50 -17.52
CA LYS F 473 11.98 -31.00 -18.35
C LYS F 473 11.09 -30.18 -17.47
N VAL F 474 10.63 -29.02 -17.95
CA VAL F 474 9.56 -28.23 -17.26
C VAL F 474 8.48 -27.92 -18.28
N ASN F 475 7.28 -28.45 -18.03
CA ASN F 475 6.16 -28.35 -18.95
C ASN F 475 6.58 -28.69 -20.37
N GLY F 476 7.15 -29.87 -20.52
CA GLY F 476 7.62 -30.31 -21.82
C GLY F 476 8.74 -29.54 -22.51
N ARG F 477 9.48 -28.66 -21.82
CA ARG F 477 10.63 -27.97 -22.38
C ARG F 477 11.91 -28.42 -21.69
N GLN F 478 13.04 -28.37 -22.41
CA GLN F 478 14.32 -28.78 -21.84
C GLN F 478 15.07 -27.61 -21.19
N TYR F 479 15.28 -27.74 -19.88
CA TYR F 479 16.04 -26.79 -19.10
C TYR F 479 17.34 -27.41 -18.62
N LEU F 480 18.31 -26.56 -18.35
CA LEU F 480 19.52 -26.97 -17.66
C LEU F 480 19.33 -26.79 -16.18
N LYS F 481 20.20 -27.42 -15.38
CA LYS F 481 20.07 -27.33 -13.93
C LYS F 481 21.43 -27.26 -13.25
N PHE F 482 21.55 -26.31 -12.33
CA PHE F 482 22.63 -26.30 -11.35
C PHE F 482 22.10 -26.81 -10.04
N THR F 483 22.88 -27.65 -9.39
CA THR F 483 22.72 -27.85 -7.96
C THR F 483 24.06 -27.80 -7.24
N LEU F 484 24.07 -26.94 -6.23
CA LEU F 484 25.26 -26.57 -5.45
C LEU F 484 25.20 -27.20 -4.07
N LEU F 485 25.98 -28.25 -3.87
CA LEU F 485 26.11 -28.85 -2.54
C LEU F 485 27.52 -28.67 -1.97
N ASN F 486 28.39 -27.94 -2.67
CA ASN F 486 29.82 -27.85 -2.28
C ASN F 486 30.16 -26.41 -1.74
N PRO F 487 30.42 -26.29 -0.44
CA PRO F 487 30.63 -24.97 0.22
C PRO F 487 31.98 -24.29 -0.06
N ASN F 488 32.84 -24.90 -0.86
CA ASN F 488 34.10 -24.33 -1.31
C ASN F 488 34.08 -23.96 -2.77
N THR F 489 32.99 -24.24 -3.49
CA THR F 489 32.75 -23.65 -4.82
C THR F 489 32.62 -22.14 -4.65
N THR F 490 33.31 -21.39 -5.50
CA THR F 490 33.31 -19.93 -5.50
C THR F 490 32.45 -19.41 -6.63
N ALA F 491 32.23 -18.09 -6.63
CA ALA F 491 31.57 -17.40 -7.75
C ALA F 491 32.31 -17.64 -9.05
N ALA F 492 33.63 -17.57 -9.01
CA ALA F 492 34.47 -17.80 -10.19
C ALA F 492 34.38 -19.22 -10.79
N ASP F 493 34.10 -20.23 -9.98
CA ASP F 493 33.75 -21.56 -10.49
C ASP F 493 32.41 -21.48 -11.20
N ILE F 494 31.47 -20.80 -10.57
CA ILE F 494 30.16 -20.61 -11.22
C ILE F 494 30.31 -19.86 -12.55
N GLU F 495 31.10 -18.80 -12.58
CA GLU F 495 31.20 -17.99 -13.82
C GLU F 495 31.78 -18.84 -14.95
N ASP F 496 32.81 -19.62 -14.65
CA ASP F 496 33.39 -20.49 -15.69
C ASP F 496 32.39 -21.52 -16.24
N VAL F 497 31.51 -22.07 -15.37
CA VAL F 497 30.55 -23.08 -15.83
C VAL F 497 29.50 -22.42 -16.73
N ILE F 498 29.13 -21.19 -16.37
CA ILE F 498 28.26 -20.36 -17.20
C ILE F 498 28.93 -20.09 -18.55
N ALA F 499 30.20 -19.71 -18.53
CA ALA F 499 30.96 -19.53 -19.77
C ALA F 499 31.01 -20.80 -20.63
N LEU F 500 31.18 -21.96 -20.00
CA LEU F 500 31.15 -23.20 -20.74
C LEU F 500 29.81 -23.38 -21.42
N ILE F 501 28.75 -23.21 -20.63
CA ILE F 501 27.42 -23.32 -21.13
C ILE F 501 27.23 -22.40 -22.35
N VAL F 502 27.55 -21.14 -22.18
CA VAL F 502 27.33 -20.12 -23.20
C VAL F 502 28.18 -20.39 -24.46
N HIS F 503 29.46 -20.76 -24.24
CA HIS F 503 30.35 -21.28 -25.28
C HIS F 503 29.82 -22.46 -26.09
N TYR F 504 29.29 -23.51 -25.45
CA TYR F 504 28.73 -24.61 -26.26
C TYR F 504 27.43 -24.17 -26.90
N GLY F 505 26.66 -23.35 -26.18
CA GLY F 505 25.43 -22.76 -26.68
C GLY F 505 25.71 -21.99 -27.95
N ARG F 506 26.61 -20.99 -27.89
CA ARG F 506 27.00 -20.24 -29.07
C ARG F 506 27.45 -21.16 -30.21
N GLU F 507 28.34 -22.13 -29.90
CA GLU F 507 28.78 -23.15 -30.83
C GLU F 507 27.64 -23.80 -31.61
N GLN F 508 26.54 -24.17 -30.93
CA GLN F 508 25.33 -24.70 -31.61
C GLN F 508 24.71 -23.74 -32.61
N VAL F 509 24.78 -22.46 -32.30
CA VAL F 509 24.10 -21.46 -33.10
C VAL F 509 24.92 -21.09 -34.32
N ARG F 510 26.21 -20.85 -34.09
CA ARG F 510 27.16 -20.33 -35.07
C ARG F 510 27.92 -21.50 -35.69
N GLY F 511 27.80 -22.71 -35.15
CA GLY F 511 28.56 -23.83 -35.63
C GLY F 511 30.01 -23.74 -35.20
N PRO F 512 30.73 -24.88 -35.29
CA PRO F 512 32.18 -24.93 -35.37
C PRO F 512 32.62 -25.32 -36.78
N1 PLP G . -45.89 5.40 -37.72
C2 PLP G . -47.15 4.98 -38.00
C2A PLP G . -47.72 5.08 -39.39
C3 PLP G . -47.98 4.37 -36.96
O3 PLP G . -49.25 3.96 -37.27
C4 PLP G . -47.40 4.27 -35.60
C4A PLP G . -48.16 3.66 -34.49
C5 PLP G . -46.00 4.77 -35.41
C6 PLP G . -45.32 5.31 -36.51
C5A PLP G . -45.33 4.67 -34.05
O4P PLP G . -45.08 3.30 -33.74
P PLP G . -45.16 2.74 -32.22
O1P PLP G . -44.94 1.26 -32.44
O2P PLP G . -44.01 3.45 -31.55
O3P PLP G . -46.53 3.07 -31.73
N1 PLP H . -26.21 3.30 -16.82
C2 PLP H . -25.44 2.43 -16.12
C2A PLP H . -24.79 2.86 -14.84
C3 PLP H . -25.26 1.07 -16.64
O3 PLP H . -24.50 0.14 -15.98
C4 PLP H . -25.98 0.76 -17.90
C4A PLP H . -25.82 -0.56 -18.57
C5 PLP H . -26.78 1.78 -18.57
C6 PLP H . -26.83 3.04 -17.98
C5A PLP H . -27.49 1.47 -19.86
O4P PLP H . -28.55 0.59 -19.47
P PLP H . -29.51 -0.27 -20.44
O1P PLP H . -28.64 -1.36 -20.97
O2P PLP H . -30.56 -0.83 -19.51
O3P PLP H . -30.09 0.60 -21.51
N1 PLP I . 42.87 40.95 -0.41
C2 PLP I . 43.31 42.14 -0.84
C2A PLP I . 44.67 42.21 -1.50
C3 PLP I . 42.46 43.34 -0.69
O3 PLP I . 42.85 44.56 -1.11
C4 PLP I . 41.13 43.16 -0.04
C4A PLP I . 40.21 44.30 0.17
C5 PLP I . 40.77 41.78 0.37
C6 PLP I . 41.68 40.75 0.16
C5A PLP I . 39.45 41.51 1.03
O4P PLP I . 38.36 41.74 0.13
P PLP I . 36.91 42.16 0.66
O1P PLP I . 36.06 42.19 -0.61
O2P PLP I . 36.51 41.10 1.64
O3P PLP I . 37.02 43.49 1.31
N1 PLP J . 19.23 27.83 9.38
C2 PLP J . 17.99 27.42 9.04
C2A PLP J . 17.00 26.92 10.06
C3 PLP J . 17.61 27.52 7.61
O3 PLP J . 16.36 27.13 7.25
C4 PLP J . 18.63 28.04 6.67
C4A PLP J . 18.38 28.12 5.20
C5 PLP J . 19.94 28.44 7.17
C6 PLP J . 20.16 28.31 8.54
C5A PLP J . 20.96 29.00 6.21
O4P PLP J . 20.46 30.29 5.78
P PLP J . 20.96 31.08 4.45
O1P PLP J . 20.35 30.37 3.25
O2P PLP J . 22.46 30.98 4.51
O3P PLP J . 20.43 32.49 4.63
N1 PLP K . -2.61 -39.18 49.28
C2 PLP K . -1.94 -40.04 50.07
C2A PLP K . -2.02 -41.51 49.82
C3 PLP K . -1.11 -39.54 51.18
O3 PLP K . -0.44 -40.41 52.00
C4 PLP K . -1.05 -38.06 51.36
C4A PLP K . -0.26 -37.47 52.47
C5 PLP K . -1.85 -37.23 50.41
C6 PLP K . -2.60 -37.87 49.42
C5A PLP K . -1.89 -35.73 50.53
O4P PLP K . -0.62 -35.15 50.27
P PLP K . -0.25 -33.70 50.86
O1P PLP K . 1.13 -33.48 50.30
O2P PLP K . -0.29 -33.89 52.35
O3P PLP K . -1.26 -32.75 50.30
N1 PLP L . 12.36 -37.05 -2.61
C2 PLP L . 13.07 -35.98 -3.06
C2A PLP L . 12.46 -34.60 -3.03
C3 PLP L . 14.43 -36.20 -3.57
O3 PLP L . 15.22 -35.19 -4.01
C4 PLP L . 14.93 -37.60 -3.54
C4A PLP L . 16.26 -37.96 -4.02
C5 PLP L . 14.06 -38.66 -3.04
C6 PLP L . 12.80 -38.32 -2.59
C5A PLP L . 14.57 -40.10 -3.04
O4P PLP L . 15.75 -40.25 -2.26
P PLP L . 16.80 -41.44 -2.48
O1P PLP L . 17.50 -41.14 -3.76
O2P PLP L . 16.08 -42.77 -2.50
O3P PLP L . 17.71 -41.31 -1.27
#